data_4LNV
#
_entry.id   4LNV
#
_cell.length_a   196.472
_cell.length_b   196.472
_cell.length_c   225.267
_cell.angle_alpha   90.00
_cell.angle_beta   90.00
_cell.angle_gamma   90.00
#
_symmetry.space_group_name_H-M   'P 43'
#
loop_
_entity.id
_entity.type
_entity.pdbx_description
1 polymer 'Thioester-containing protein I'
2 branched 2-acetamido-2-deoxy-beta-D-glucopyranose-(1-4)-2-acetamido-2-deoxy-beta-D-glucopyranose
3 non-polymer 2-acetamido-2-deoxy-beta-D-glucopyranose
#
_entity_poly.entity_id   1
_entity_poly.type   'polypeptide(L)'
_entity_poly.pdbx_seq_one_letter_code
;LLVVGPKFIRANQEYTLVISNFNSQLSKVDLLLKLEGETDNGLSVLNVTKMVDVRRNMNRMINFNMPEELTAGNYKITID
GQRGFSFHKEAELVYLSKSISGLIQVDKPVFKPGDTVNFRVILLDTELKPPARVKSVYVTIRDPQRNVIRKWSTAKLYAG
VFESDLQIVPTPMLGVWNISVEVEGEELVSKTFEVKEYVLSTFDVQVMPSVIPLEEHQAVNLTIEANYHFGKPVQGVAKV
ELYLDDDKLNQKKELTVYGKGQVELRFDNFAMDADQQDVRVKVSFIEQYTNRTVVKQSQITVYRYAYRVELIKESPQFRP
GLPFKCALQFTHHDGTPAKGITGKVEVSDVGFETTTTSDNDGLIKLELQPSEGTEQLGINFNAVDGFFFYEDVNKVETVT
DAYIKLELKSPIKRNKLMRFMVTCTERMTFFVYYVMSKGNIIDAGFMRPNKQTKYLLQLNATEKMIPKAKILIATVAGRT
VVYDYADLDFQELRNNFDLSIDEQEIKPGRQIELSMSGRPGAYVGLAAYDKALLLFNKNHDLFWEDIGQVFDGFHAINEN
EFDIFHSLGLFARTLDDILFDSANEKTGRNALQSGKPIGKLVSYRTNFQESWLWKNVSIGRSGSRKLIEVVPDTTTSWYL
TGFSIDPVYGLGIIKKPIQFTTVQPFYIVENLPYSIKRGEAVVLQFTLFNNLGAEYIADVTLYNVANQTEFVGRPDTDLS
YTKSVSVPPKVGVPISFLIKARKLGEMAVRVKASIMLGHETDALEKVIRVMPESLAQPKMDTSFFCFDDYKNQTFPFNLD
INKKADNGSKKIEFRLNPNLLTMVIKNLDNLLAVPTGCGEQNMVKFVPNILVLDYLYATGSKEQHLIDKATNLLRQGYQN
QMRYRQTDGSFGVWEKSGSSVFLTAFVATSMQTASKYMNDIDAAMVEKALDWLASKQHSSGRFDETGKVWHKDMQGGLRN
GVALTSYVLTALLENDIAKVKHAVVIQNGMNYLSNQLAFINNPYDLSIATYAMMLNGHTMKKEALDKLIDMSISDNNKKE
RYWGTTNQIETTAYALLSFVMAEKYLDGIPVMNWLVNQRYVTGSFPRTQDTFVGLKALTKLAEKISPSRNDYTVQLKYKK
NTKYFNINSEQIDVQNFLEIPEDTKKLEINVGGIGFGLLEVIYQFDLNLVNFEHRFKLDLEKQNTGSDYELRLRVCANYI
PELTDSQSNMALIEVTLPSGYVVDRNPISEQTTVNPIQNMEIRYGGTSVVLYYYKMGTERNCFTVTAYRRFKVALKRPAY
VVVYDYYNTNLNAIKVYEVDKQNVCEICEEEDCPAECHHHHHH
;
_entity_poly.pdbx_strand_id   A,B,C
#
# COMPACT_ATOMS: atom_id res chain seq x y z
N LEU A 1 3.66 31.96 -11.29
CA LEU A 1 3.77 31.07 -10.10
C LEU A 1 3.30 29.64 -10.38
N LEU A 2 4.00 28.68 -9.76
CA LEU A 2 3.55 27.28 -9.69
C LEU A 2 3.47 26.84 -8.23
N VAL A 3 2.25 26.67 -7.74
CA VAL A 3 1.97 26.32 -6.35
C VAL A 3 1.60 24.84 -6.26
N VAL A 4 2.38 24.08 -5.51
CA VAL A 4 2.21 22.63 -5.42
C VAL A 4 2.42 22.13 -3.98
N GLY A 5 1.44 21.38 -3.48
CA GLY A 5 1.53 20.74 -2.17
C GLY A 5 0.68 19.49 -2.11
N PRO A 6 0.66 18.79 -0.96
CA PRO A 6 -0.18 17.59 -0.82
C PRO A 6 -1.68 17.93 -0.86
N LYS A 7 -2.51 16.97 -1.28
CA LYS A 7 -3.97 17.17 -1.24
C LYS A 7 -4.62 16.52 0.00
N PHE A 8 -3.78 15.88 0.81
CA PHE A 8 -4.23 15.21 2.04
C PHE A 8 -3.56 15.76 3.29
N ILE A 9 -4.32 15.79 4.39
CA ILE A 9 -3.80 16.19 5.69
C ILE A 9 -4.00 15.06 6.70
N ARG A 10 -3.09 14.96 7.67
CA ARG A 10 -3.20 13.97 8.73
C ARG A 10 -3.04 14.62 10.10
N ALA A 11 -3.62 13.98 11.12
CA ALA A 11 -3.58 14.46 12.51
C ALA A 11 -2.25 15.10 12.90
N ASN A 12 -1.19 14.30 12.96
CA ASN A 12 0.14 14.84 13.27
C ASN A 12 1.10 14.78 12.09
N GLN A 13 0.64 15.24 10.93
CA GLN A 13 1.46 15.29 9.73
C GLN A 13 1.94 16.71 9.44
N GLU A 14 3.21 16.83 9.02
CA GLU A 14 3.69 18.08 8.45
C GLU A 14 3.08 18.27 7.06
N TYR A 15 2.94 19.53 6.67
CA TYR A 15 2.40 19.88 5.36
C TYR A 15 3.35 20.90 4.74
N THR A 16 4.17 20.44 3.81
CA THR A 16 5.14 21.31 3.14
C THR A 16 4.67 21.70 1.74
N LEU A 17 4.24 22.95 1.60
CA LEU A 17 3.75 23.49 0.34
C LEU A 17 4.86 24.25 -0.35
N VAL A 18 5.15 23.90 -1.60
CA VAL A 18 6.29 24.46 -2.34
C VAL A 18 5.84 25.41 -3.45
N ILE A 19 6.28 26.67 -3.34
CA ILE A 19 5.95 27.72 -4.33
C ILE A 19 7.17 28.07 -5.19
N SER A 20 6.97 28.13 -6.51
CA SER A 20 8.04 28.45 -7.46
C SER A 20 7.70 29.70 -8.29
N ASN A 21 8.52 30.75 -8.18
CA ASN A 21 8.30 31.97 -8.96
C ASN A 21 9.19 32.09 -10.18
N PHE A 22 8.58 31.80 -11.33
CA PHE A 22 9.23 31.94 -12.63
C PHE A 22 8.70 33.19 -13.35
N ASN A 23 7.69 33.83 -12.76
CA ASN A 23 7.13 35.08 -13.28
C ASN A 23 8.17 36.20 -13.19
N SER A 24 8.63 36.67 -14.36
CA SER A 24 9.77 37.58 -14.46
C SER A 24 9.40 39.05 -14.63
N GLN A 25 8.09 39.35 -14.62
CA GLN A 25 7.60 40.73 -14.60
C GLN A 25 8.11 41.47 -13.34
N LEU A 26 7.89 40.86 -12.17
CA LEU A 26 8.34 41.40 -10.89
C LEU A 26 9.61 40.71 -10.37
N SER A 27 10.35 41.43 -9.52
CA SER A 27 11.59 40.94 -8.94
C SER A 27 11.37 40.14 -7.66
N LYS A 28 10.13 40.15 -7.18
CA LYS A 28 9.71 39.34 -6.03
C LYS A 28 8.20 39.17 -6.11
N VAL A 29 7.66 38.20 -5.39
CA VAL A 29 6.20 38.05 -5.25
C VAL A 29 5.80 37.86 -3.80
N ASP A 30 4.95 38.76 -3.30
CA ASP A 30 4.45 38.68 -1.93
C ASP A 30 3.14 37.88 -1.87
N LEU A 31 3.08 36.93 -0.94
CA LEU A 31 1.95 36.02 -0.84
C LEU A 31 1.40 35.88 0.57
N LEU A 32 0.09 35.73 0.66
CA LEU A 32 -0.61 35.43 1.90
C LEU A 32 -1.25 34.06 1.78
N LEU A 33 -1.00 33.20 2.77
CA LEU A 33 -1.50 31.84 2.79
C LEU A 33 -2.43 31.62 3.98
N LYS A 34 -3.60 31.06 3.73
CA LYS A 34 -4.55 30.69 4.79
C LYS A 34 -4.99 29.25 4.58
N LEU A 35 -4.84 28.45 5.63
CA LEU A 35 -5.19 27.03 5.58
C LEU A 35 -6.31 26.71 6.58
N GLU A 36 -7.55 27.05 6.22
CA GLU A 36 -8.69 26.97 7.14
C GLU A 36 -9.37 25.60 7.18
N GLY A 37 -10.01 25.30 8.31
CA GLY A 37 -10.67 24.01 8.51
C GLY A 37 -11.86 24.07 9.45
N GLU A 38 -12.87 23.23 9.18
CA GLU A 38 -14.09 23.18 9.98
C GLU A 38 -14.63 21.75 10.05
N THR A 39 -14.93 21.29 11.27
CA THR A 39 -15.48 19.94 11.47
C THR A 39 -16.88 19.78 10.85
N ASP A 40 -17.38 18.55 10.88
CA ASP A 40 -18.73 18.23 10.40
C ASP A 40 -19.81 18.83 11.31
N ASN A 41 -19.47 19.02 12.58
CA ASN A 41 -20.32 19.77 13.52
C ASN A 41 -20.55 21.18 13.01
N GLY A 42 -19.47 21.89 12.74
CA GLY A 42 -19.52 23.30 12.36
C GLY A 42 -18.49 24.10 13.12
N LEU A 43 -17.71 23.42 13.96
CA LEU A 43 -16.62 24.02 14.75
C LEU A 43 -15.42 24.36 13.88
N SER A 44 -14.90 25.57 14.04
CA SER A 44 -13.69 25.98 13.35
C SER A 44 -12.48 25.29 13.97
N VAL A 45 -11.66 24.66 13.14
CA VAL A 45 -10.49 23.92 13.61
C VAL A 45 -9.17 24.56 13.21
N LEU A 46 -9.10 25.07 11.98
CA LEU A 46 -7.85 25.62 11.43
C LEU A 46 -7.95 27.07 10.96
N ASN A 47 -6.97 27.87 11.36
CA ASN A 47 -6.83 29.26 10.91
C ASN A 47 -5.36 29.66 10.85
N VAL A 48 -4.51 28.72 10.41
CA VAL A 48 -3.08 28.98 10.21
C VAL A 48 -2.87 29.87 8.98
N THR A 49 -2.66 31.17 9.23
CA THR A 49 -2.41 32.16 8.19
C THR A 49 -0.95 32.63 8.21
N LYS A 50 -0.24 32.45 7.10
CA LYS A 50 1.17 32.87 6.98
C LYS A 50 1.40 33.80 5.79
N MET A 51 2.39 34.69 5.92
CA MET A 51 2.78 35.59 4.83
C MET A 51 4.25 35.37 4.47
N VAL A 52 4.53 35.22 3.17
CA VAL A 52 5.90 35.05 2.67
C VAL A 52 6.14 35.70 1.33
N ASP A 53 7.41 36.00 1.05
CA ASP A 53 7.84 36.50 -0.25
C ASP A 53 8.65 35.44 -1.01
N VAL A 54 8.28 35.22 -2.26
CA VAL A 54 9.01 34.30 -3.12
C VAL A 54 9.71 35.10 -4.23
N ARG A 55 11.02 35.21 -4.11
CA ARG A 55 11.83 35.99 -5.04
C ARG A 55 11.74 35.39 -6.45
N ARG A 56 12.25 36.12 -7.44
CA ARG A 56 12.28 35.63 -8.81
C ARG A 56 13.23 34.46 -8.92
N ASN A 57 12.89 33.51 -9.80
CA ASN A 57 13.72 32.36 -10.13
C ASN A 57 14.25 31.57 -8.91
N MET A 58 13.38 31.36 -7.92
CA MET A 58 13.67 30.47 -6.79
C MET A 58 12.41 29.84 -6.17
N ASN A 59 12.63 28.85 -5.31
CA ASN A 59 11.56 28.17 -4.59
C ASN A 59 11.48 28.65 -3.14
N ARG A 60 10.28 28.65 -2.57
CA ARG A 60 10.18 28.68 -1.11
C ARG A 60 9.30 27.54 -0.60
N MET A 61 9.86 26.80 0.36
CA MET A 61 9.19 25.66 0.97
C MET A 61 8.57 26.10 2.29
N ILE A 62 7.26 25.93 2.38
CA ILE A 62 6.49 26.38 3.54
C ILE A 62 6.01 25.17 4.33
N ASN A 63 6.21 25.20 5.64
CA ASN A 63 5.72 24.15 6.53
C ASN A 63 4.51 24.58 7.34
N PHE A 64 3.45 23.79 7.26
CA PHE A 64 2.30 23.95 8.13
C PHE A 64 2.23 22.75 9.06
N ASN A 65 2.48 22.97 10.35
CA ASN A 65 2.36 21.90 11.32
C ASN A 65 0.91 21.75 11.75
N MET A 66 0.40 20.53 11.66
CA MET A 66 -1.01 20.26 11.93
C MET A 66 -1.31 19.93 13.40
N PRO A 67 -2.39 20.52 13.94
CA PRO A 67 -2.81 20.25 15.32
C PRO A 67 -3.25 18.79 15.49
N GLU A 68 -2.70 18.13 16.52
CA GLU A 68 -3.01 16.75 16.87
C GLU A 68 -4.52 16.49 16.88
N GLU A 69 -5.27 17.56 17.13
CA GLU A 69 -6.72 17.53 17.28
C GLU A 69 -7.47 17.87 15.99
N LEU A 70 -7.18 17.15 14.91
CA LEU A 70 -7.92 17.31 13.65
C LEU A 70 -9.01 16.24 13.53
N THR A 71 -10.23 16.66 13.23
CA THR A 71 -11.32 15.72 12.93
C THR A 71 -11.99 16.06 11.61
N ALA A 72 -12.53 15.06 10.93
CA ALA A 72 -13.02 15.18 9.56
C ALA A 72 -14.04 16.30 9.38
N GLY A 73 -13.94 17.01 8.26
CA GLY A 73 -14.86 18.09 7.96
C GLY A 73 -14.61 18.72 6.62
N ASN A 74 -14.13 19.96 6.64
CA ASN A 74 -13.95 20.75 5.43
C ASN A 74 -12.69 21.62 5.52
N TYR A 75 -11.70 21.30 4.68
CA TYR A 75 -10.40 21.96 4.73
C TYR A 75 -10.01 22.51 3.34
N LYS A 76 -9.35 23.66 3.31
CA LYS A 76 -8.72 24.16 2.07
C LYS A 76 -7.57 25.17 2.24
N ILE A 77 -6.58 25.08 1.35
CA ILE A 77 -5.46 26.03 1.27
C ILE A 77 -5.79 27.14 0.27
N THR A 78 -5.50 28.38 0.66
CA THR A 78 -5.76 29.54 -0.20
C THR A 78 -4.51 30.44 -0.32
N ILE A 79 -3.93 30.44 -1.52
CA ILE A 79 -2.80 31.32 -1.85
C ILE A 79 -3.31 32.58 -2.57
N ASP A 80 -3.52 33.64 -1.79
CA ASP A 80 -3.91 34.94 -2.32
C ASP A 80 -2.68 35.85 -2.37
N GLY A 81 -2.56 36.63 -3.45
CA GLY A 81 -1.38 37.47 -3.68
C GLY A 81 -1.54 38.91 -3.24
N GLN A 82 -0.70 39.32 -2.28
CA GLN A 82 -0.71 40.69 -1.74
C GLN A 82 0.17 41.65 -2.55
N ARG A 83 0.43 42.85 -2.01
CA ARG A 83 1.18 43.92 -2.69
C ARG A 83 0.70 44.17 -4.13
N GLY A 84 1.63 44.34 -5.06
CA GLY A 84 1.27 44.67 -6.45
C GLY A 84 0.88 43.53 -7.37
N PHE A 85 0.71 42.32 -6.82
CA PHE A 85 0.48 41.12 -7.64
C PHE A 85 -0.94 40.57 -7.52
N SER A 86 -1.67 40.63 -8.63
CA SER A 86 -3.03 40.10 -8.70
C SER A 86 -2.97 38.60 -8.95
N PHE A 87 -3.22 37.83 -7.89
CA PHE A 87 -3.21 36.38 -7.94
C PHE A 87 -4.02 35.81 -6.77
N HIS A 88 -4.91 34.87 -7.07
CA HIS A 88 -5.71 34.21 -6.05
C HIS A 88 -6.27 32.90 -6.55
N LYS A 89 -5.66 31.80 -6.10
CA LYS A 89 -6.15 30.45 -6.40
C LYS A 89 -6.21 29.61 -5.13
N GLU A 90 -7.17 28.68 -5.08
CA GLU A 90 -7.43 27.88 -3.89
C GLU A 90 -7.67 26.42 -4.24
N ALA A 91 -7.40 25.54 -3.28
CA ALA A 91 -7.53 24.09 -3.49
C ALA A 91 -7.97 23.36 -2.24
N GLU A 92 -9.01 22.55 -2.39
CA GLU A 92 -9.62 21.85 -1.27
C GLU A 92 -8.84 20.60 -0.86
N LEU A 93 -8.69 20.41 0.46
CA LEU A 93 -7.91 19.31 1.02
C LEU A 93 -8.75 18.26 1.76
N VAL A 94 -8.35 16.99 1.62
CA VAL A 94 -9.06 15.89 2.25
C VAL A 94 -8.35 15.45 3.54
N TYR A 95 -9.13 14.92 4.48
CA TYR A 95 -8.60 14.35 5.72
C TYR A 95 -8.46 12.83 5.60
N LEU A 96 -7.28 12.32 5.96
CA LEU A 96 -7.07 10.88 6.09
C LEU A 96 -6.96 10.52 7.57
N SER A 97 -7.99 9.87 8.11
CA SER A 97 -8.04 9.50 9.53
C SER A 97 -6.94 8.51 9.92
N LYS A 98 -6.80 7.44 9.15
CA LYS A 98 -5.84 6.39 9.46
C LYS A 98 -4.51 6.57 8.73
N SER A 99 -3.42 6.16 9.39
CA SER A 99 -2.12 6.04 8.76
C SER A 99 -1.92 4.62 8.20
N ILE A 100 -3.01 3.85 8.20
CA ILE A 100 -3.03 2.48 7.69
C ILE A 100 -4.17 2.26 6.68
N SER A 101 -3.94 1.41 5.69
CA SER A 101 -5.02 0.95 4.80
C SER A 101 -5.08 -0.59 4.78
N GLY A 102 -6.25 -1.10 4.44
CA GLY A 102 -6.53 -2.53 4.52
C GLY A 102 -7.10 -3.18 3.28
N LEU A 103 -6.91 -4.49 3.17
CA LEU A 103 -7.37 -5.25 2.03
C LEU A 103 -8.07 -6.52 2.46
N ILE A 104 -9.22 -6.82 1.85
CA ILE A 104 -9.94 -8.05 2.10
C ILE A 104 -9.88 -8.93 0.85
N GLN A 105 -9.17 -10.06 0.95
CA GLN A 105 -9.10 -11.03 -0.13
C GLN A 105 -10.11 -12.14 0.12
N VAL A 106 -10.89 -12.49 -0.91
CA VAL A 106 -11.87 -13.57 -0.81
C VAL A 106 -11.64 -14.57 -1.95
N ASP A 107 -11.68 -15.86 -1.65
CA ASP A 107 -11.29 -16.90 -2.62
C ASP A 107 -12.21 -17.01 -3.85
N LYS A 108 -13.47 -16.63 -3.70
CA LYS A 108 -14.38 -16.59 -4.82
C LYS A 108 -15.14 -15.27 -4.80
N PRO A 109 -15.88 -14.94 -5.88
CA PRO A 109 -16.80 -13.82 -5.84
C PRO A 109 -18.24 -14.22 -5.49
N VAL A 110 -18.64 -15.43 -5.87
CA VAL A 110 -19.98 -15.97 -5.61
C VAL A 110 -19.91 -17.39 -5.04
N PHE A 111 -20.87 -17.74 -4.19
CA PHE A 111 -20.89 -19.05 -3.51
C PHE A 111 -22.20 -19.83 -3.64
N LYS A 112 -22.07 -21.12 -3.94
CA LYS A 112 -23.17 -22.07 -3.91
C LYS A 112 -23.48 -22.40 -2.45
N PRO A 113 -24.73 -22.80 -2.14
CA PRO A 113 -25.16 -23.07 -0.76
C PRO A 113 -24.11 -23.68 0.17
N GLY A 114 -23.72 -24.93 -0.05
CA GLY A 114 -22.88 -25.63 0.92
C GLY A 114 -21.40 -25.28 0.91
N ASP A 115 -21.06 -24.05 0.57
CA ASP A 115 -19.66 -23.64 0.43
C ASP A 115 -19.01 -23.08 1.70
N THR A 116 -17.70 -22.92 1.66
CA THR A 116 -16.93 -22.25 2.72
C THR A 116 -16.21 -21.01 2.18
N VAL A 117 -16.75 -19.84 2.52
CA VAL A 117 -16.15 -18.55 2.17
C VAL A 117 -14.79 -18.40 2.86
N ASN A 118 -13.75 -18.21 2.06
CA ASN A 118 -12.41 -18.00 2.59
C ASN A 118 -11.92 -16.58 2.39
N PHE A 119 -11.46 -15.96 3.48
CA PHE A 119 -11.02 -14.59 3.40
C PHE A 119 -9.72 -14.32 4.14
N ARG A 120 -8.90 -13.46 3.56
CA ARG A 120 -7.73 -12.91 4.23
C ARG A 120 -7.95 -11.42 4.43
N VAL A 121 -7.47 -10.90 5.56
CA VAL A 121 -7.47 -9.46 5.83
C VAL A 121 -6.01 -9.02 5.95
N ILE A 122 -5.66 -7.99 5.17
CA ILE A 122 -4.28 -7.53 5.10
C ILE A 122 -4.20 -6.06 5.51
N LEU A 123 -3.47 -5.79 6.60
CA LEU A 123 -3.23 -4.42 7.07
C LEU A 123 -1.83 -3.92 6.67
N LEU A 124 -1.79 -2.72 6.11
CA LEU A 124 -0.54 -2.13 5.68
C LEU A 124 -0.47 -0.66 6.08
N ASP A 125 0.67 -0.27 6.64
CA ASP A 125 0.91 1.14 6.97
C ASP A 125 1.40 1.94 5.75
N THR A 126 1.80 3.18 5.99
CA THR A 126 2.22 4.09 4.91
C THR A 126 3.57 3.72 4.26
N GLU A 127 4.29 2.77 4.86
CA GLU A 127 5.55 2.28 4.28
C GLU A 127 5.42 0.88 3.65
N LEU A 128 4.18 0.39 3.57
CA LEU A 128 3.85 -0.96 3.06
C LEU A 128 4.38 -2.13 3.92
N LYS A 129 4.75 -1.83 5.16
CA LYS A 129 5.06 -2.84 6.18
C LYS A 129 3.79 -3.15 7.02
N PRO A 130 3.82 -4.23 7.82
CA PRO A 130 2.70 -4.46 8.75
C PRO A 130 2.75 -3.46 9.92
N PRO A 131 1.63 -2.78 10.21
CA PRO A 131 1.61 -1.67 11.19
C PRO A 131 2.07 -2.10 12.57
N ALA A 132 3.10 -1.43 13.10
CA ALA A 132 3.64 -1.76 14.41
C ALA A 132 2.70 -1.34 15.55
N ARG A 133 1.78 -0.43 15.23
CA ARG A 133 0.76 0.00 16.18
C ARG A 133 -0.30 -1.09 16.39
N VAL A 134 -0.93 -1.53 15.28
CA VAL A 134 -2.06 -2.47 15.32
C VAL A 134 -1.62 -3.93 15.47
N LYS A 135 -2.21 -4.62 16.46
CA LYS A 135 -1.90 -6.02 16.74
C LYS A 135 -3.05 -6.96 16.35
N SER A 136 -4.28 -6.46 16.41
CA SER A 136 -5.47 -7.24 16.03
C SER A 136 -6.55 -6.34 15.42
N VAL A 137 -7.60 -6.96 14.87
CA VAL A 137 -8.69 -6.20 14.25
C VAL A 137 -10.09 -6.63 14.77
N TYR A 138 -11.15 -6.26 14.05
CA TYR A 138 -12.51 -6.59 14.46
C TYR A 138 -13.39 -6.91 13.24
N VAL A 139 -13.31 -8.16 12.78
CA VAL A 139 -13.98 -8.60 11.55
C VAL A 139 -15.36 -9.15 11.82
N THR A 140 -16.36 -8.58 11.17
CA THR A 140 -17.72 -9.14 11.24
C THR A 140 -18.22 -9.41 9.82
N ILE A 141 -19.01 -10.46 9.67
CA ILE A 141 -19.66 -10.77 8.39
C ILE A 141 -21.17 -10.71 8.61
N ARG A 142 -21.87 -10.00 7.73
CA ARG A 142 -23.33 -9.88 7.81
C ARG A 142 -24.02 -10.51 6.62
N ASP A 143 -25.19 -11.10 6.85
CA ASP A 143 -25.98 -11.68 5.77
C ASP A 143 -26.81 -10.61 5.03
N PRO A 144 -27.45 -10.97 3.91
CA PRO A 144 -28.19 -10.00 3.08
C PRO A 144 -29.28 -9.19 3.81
N GLN A 145 -29.50 -9.49 5.09
CA GLN A 145 -30.44 -8.73 5.90
C GLN A 145 -29.72 -7.97 7.01
N ARG A 146 -28.39 -7.90 6.89
CA ARG A 146 -27.53 -7.18 7.84
C ARG A 146 -27.32 -7.84 9.21
N ASN A 147 -27.82 -9.07 9.38
CA ASN A 147 -27.64 -9.84 10.64
C ASN A 147 -26.18 -10.23 10.83
N VAL A 148 -25.67 -10.14 12.06
CA VAL A 148 -24.28 -10.48 12.35
C VAL A 148 -24.09 -11.98 12.46
N ILE A 149 -23.76 -12.62 11.34
CA ILE A 149 -23.65 -14.07 11.28
C ILE A 149 -22.35 -14.58 11.91
N ARG A 150 -21.23 -13.92 11.64
CA ARG A 150 -20.02 -14.22 12.40
C ARG A 150 -19.31 -12.97 12.88
N LYS A 151 -18.34 -13.14 13.76
CA LYS A 151 -17.69 -12.04 14.45
C LYS A 151 -16.36 -12.49 15.01
N TRP A 152 -15.33 -11.70 14.78
CA TRP A 152 -14.02 -11.93 15.38
C TRP A 152 -13.65 -10.73 16.19
N SER A 153 -14.09 -10.73 17.45
CA SER A 153 -13.93 -9.59 18.36
C SER A 153 -12.48 -9.14 18.50
N THR A 154 -11.55 -10.10 18.50
CA THR A 154 -10.14 -9.81 18.64
C THR A 154 -9.31 -10.72 17.71
N ALA A 155 -9.33 -10.38 16.42
CA ALA A 155 -8.67 -11.17 15.39
C ALA A 155 -7.20 -10.80 15.27
N LYS A 156 -6.34 -11.60 15.92
CA LYS A 156 -4.90 -11.32 15.94
C LYS A 156 -4.28 -11.37 14.55
N LEU A 157 -3.45 -10.39 14.24
CA LEU A 157 -2.74 -10.35 12.97
C LEU A 157 -1.40 -11.06 13.09
N TYR A 158 -1.01 -11.77 12.03
CA TYR A 158 0.35 -12.25 11.88
C TYR A 158 0.93 -11.69 10.58
N ALA A 159 2.06 -11.00 10.70
CA ALA A 159 2.67 -10.22 9.60
C ALA A 159 1.61 -9.35 8.91
N GLY A 160 0.76 -8.74 9.72
CA GLY A 160 -0.33 -7.91 9.24
C GLY A 160 -1.42 -8.64 8.47
N VAL A 161 -1.49 -9.96 8.65
CA VAL A 161 -2.49 -10.77 7.96
C VAL A 161 -3.39 -11.50 8.94
N PHE A 162 -4.69 -11.53 8.65
CA PHE A 162 -5.63 -12.37 9.39
C PHE A 162 -6.34 -13.30 8.42
N GLU A 163 -6.21 -14.59 8.65
CA GLU A 163 -6.81 -15.60 7.79
C GLU A 163 -7.93 -16.33 8.54
N SER A 164 -9.08 -16.50 7.88
CA SER A 164 -10.21 -17.21 8.48
C SER A 164 -11.20 -17.74 7.46
N ASP A 165 -12.33 -18.25 7.93
CA ASP A 165 -13.33 -18.88 7.06
C ASP A 165 -14.74 -18.78 7.63
N LEU A 166 -15.72 -19.01 6.77
CA LEU A 166 -17.13 -19.04 7.15
C LEU A 166 -17.90 -20.02 6.27
N GLN A 167 -18.57 -20.98 6.90
CA GLN A 167 -19.38 -21.97 6.18
C GLN A 167 -20.78 -21.45 5.93
N ILE A 168 -21.21 -21.49 4.68
CA ILE A 168 -22.56 -21.14 4.32
C ILE A 168 -23.41 -22.41 4.46
N VAL A 169 -24.50 -22.32 5.21
CA VAL A 169 -25.29 -23.51 5.56
C VAL A 169 -26.10 -24.07 4.38
N PRO A 170 -26.43 -25.38 4.44
CA PRO A 170 -27.25 -26.14 3.48
C PRO A 170 -28.40 -25.37 2.80
N THR A 171 -29.19 -24.64 3.59
CA THR A 171 -30.25 -23.79 3.03
C THR A 171 -30.15 -22.36 3.58
N PRO A 172 -29.34 -21.51 2.92
CA PRO A 172 -28.91 -20.25 3.48
C PRO A 172 -29.70 -19.07 2.96
N MET A 173 -29.40 -17.90 3.50
CA MET A 173 -29.98 -16.65 3.04
C MET A 173 -29.22 -16.19 1.80
N LEU A 174 -29.95 -16.04 0.69
CA LEU A 174 -29.34 -15.68 -0.60
C LEU A 174 -29.25 -14.15 -0.81
N GLY A 175 -28.22 -13.74 -1.54
CA GLY A 175 -27.99 -12.32 -1.83
C GLY A 175 -26.57 -11.87 -1.55
N VAL A 176 -26.43 -10.61 -1.14
CA VAL A 176 -25.12 -9.99 -0.95
C VAL A 176 -24.74 -9.98 0.52
N TRP A 177 -23.58 -10.56 0.82
CA TRP A 177 -23.05 -10.57 2.18
C TRP A 177 -21.98 -9.51 2.32
N ASN A 178 -21.61 -9.17 3.54
CA ASN A 178 -20.71 -8.05 3.77
C ASN A 178 -19.63 -8.29 4.84
N ILE A 179 -18.45 -8.72 4.41
CA ILE A 179 -17.27 -8.74 5.29
C ILE A 179 -16.86 -7.30 5.56
N SER A 180 -16.67 -6.95 6.83
CA SER A 180 -16.18 -5.61 7.17
C SER A 180 -15.22 -5.64 8.36
N VAL A 181 -14.05 -5.04 8.15
CA VAL A 181 -13.01 -4.97 9.17
C VAL A 181 -13.10 -3.62 9.86
N GLU A 182 -12.75 -3.59 11.14
CA GLU A 182 -12.71 -2.35 11.93
C GLU A 182 -11.44 -2.30 12.77
N VAL A 183 -10.78 -1.14 12.78
CA VAL A 183 -9.59 -0.91 13.62
C VAL A 183 -9.83 0.25 14.58
N GLU A 184 -9.44 0.04 15.84
CA GLU A 184 -9.55 1.05 16.90
C GLU A 184 -10.93 1.70 16.95
N GLY A 185 -11.94 1.01 16.42
CA GLY A 185 -13.32 1.50 16.41
C GLY A 185 -13.77 2.12 15.11
N GLU A 186 -12.83 2.36 14.20
CA GLU A 186 -13.13 2.95 12.90
C GLU A 186 -13.03 1.90 11.79
N GLU A 187 -14.01 1.86 10.89
CA GLU A 187 -14.01 0.88 9.81
C GLU A 187 -12.88 1.15 8.83
N LEU A 188 -12.04 0.14 8.61
CA LEU A 188 -10.87 0.25 7.72
C LEU A 188 -11.14 -0.21 6.29
N VAL A 189 -11.88 -1.30 6.13
CA VAL A 189 -12.12 -1.88 4.81
C VAL A 189 -13.35 -2.79 4.81
N SER A 190 -13.97 -2.95 3.65
CA SER A 190 -15.20 -3.71 3.53
C SER A 190 -15.34 -4.33 2.15
N LYS A 191 -15.56 -5.65 2.10
CA LYS A 191 -15.80 -6.33 0.82
C LYS A 191 -17.09 -7.13 0.82
N THR A 192 -17.74 -7.20 -0.34
CA THR A 192 -18.98 -7.97 -0.47
C THR A 192 -18.71 -9.32 -1.14
N PHE A 193 -19.55 -10.31 -0.83
CA PHE A 193 -19.56 -11.59 -1.54
C PHE A 193 -20.99 -12.06 -1.71
N GLU A 194 -21.27 -12.76 -2.81
CA GLU A 194 -22.64 -13.15 -3.12
C GLU A 194 -22.90 -14.64 -2.92
N VAL A 195 -24.15 -14.97 -2.60
CA VAL A 195 -24.60 -16.35 -2.45
C VAL A 195 -25.85 -16.57 -3.33
N LYS A 196 -25.70 -17.42 -4.35
CA LYS A 196 -26.80 -17.74 -5.26
C LYS A 196 -27.04 -19.25 -5.34
N GLU A 197 -28.32 -19.63 -5.47
CA GLU A 197 -28.71 -21.03 -5.65
C GLU A 197 -28.84 -21.32 -7.13
N TYR A 198 -28.03 -22.25 -7.64
CA TYR A 198 -28.00 -22.57 -9.07
C TYR A 198 -28.81 -23.84 -9.38
N VAL A 199 -30.11 -23.79 -9.08
CA VAL A 199 -31.02 -24.90 -9.36
C VAL A 199 -31.79 -24.68 -10.67
N LEU A 200 -33.00 -25.24 -10.75
CA LEU A 200 -33.89 -25.16 -11.92
C LEU A 200 -33.47 -26.14 -13.06
N SER A 201 -34.45 -26.48 -13.91
CA SER A 201 -34.22 -27.36 -15.06
C SER A 201 -33.74 -26.53 -16.26
N THR A 202 -33.08 -25.41 -15.98
CA THR A 202 -32.68 -24.43 -16.98
C THR A 202 -31.26 -24.69 -17.54
N PHE A 203 -31.16 -24.79 -18.87
CA PHE A 203 -29.90 -25.12 -19.54
C PHE A 203 -29.46 -24.13 -20.62
N ASP A 204 -28.15 -24.10 -20.86
CA ASP A 204 -27.52 -23.20 -21.81
C ASP A 204 -26.97 -23.94 -23.04
N VAL A 205 -27.10 -23.33 -24.22
CA VAL A 205 -26.55 -23.88 -25.46
C VAL A 205 -25.49 -22.94 -26.02
N GLN A 206 -24.42 -23.52 -26.57
CA GLN A 206 -23.40 -22.75 -27.30
C GLN A 206 -23.05 -23.40 -28.63
N VAL A 207 -22.84 -22.55 -29.64
CA VAL A 207 -22.54 -23.00 -30.99
C VAL A 207 -21.28 -22.29 -31.45
N MET A 208 -20.31 -23.04 -31.93
CA MET A 208 -19.06 -22.49 -32.45
C MET A 208 -18.47 -23.33 -33.57
N PRO A 209 -17.77 -22.69 -34.52
CA PRO A 209 -17.13 -23.44 -35.58
C PRO A 209 -15.99 -24.30 -35.06
N SER A 210 -16.09 -25.61 -35.24
CA SER A 210 -15.04 -26.54 -34.81
C SER A 210 -13.71 -26.26 -35.53
N VAL A 211 -13.81 -25.67 -36.71
CA VAL A 211 -12.64 -25.12 -37.42
C VAL A 211 -13.10 -23.86 -38.18
N ILE A 212 -12.33 -22.78 -38.04
CA ILE A 212 -12.67 -21.52 -38.70
C ILE A 212 -12.84 -21.79 -40.20
N PRO A 213 -14.03 -21.45 -40.74
CA PRO A 213 -14.39 -21.82 -42.11
C PRO A 213 -13.68 -20.97 -43.16
N LEU A 214 -13.21 -21.64 -44.20
CA LEU A 214 -12.68 -20.95 -45.38
C LEU A 214 -13.69 -20.95 -46.52
N GLU A 215 -13.58 -19.94 -47.38
CA GLU A 215 -14.34 -19.89 -48.62
C GLU A 215 -14.04 -21.16 -49.41
N GLU A 216 -12.76 -21.54 -49.43
CA GLU A 216 -12.27 -22.75 -50.10
C GLU A 216 -12.94 -24.03 -49.64
N HIS A 217 -13.41 -24.05 -48.40
CA HIS A 217 -14.06 -25.24 -47.82
C HIS A 217 -15.38 -25.53 -48.44
N GLN A 218 -16.13 -24.47 -48.76
CA GLN A 218 -17.52 -24.60 -49.22
C GLN A 218 -18.36 -25.42 -48.21
N ALA A 219 -18.04 -25.24 -46.93
CA ALA A 219 -18.66 -26.00 -45.85
C ALA A 219 -18.41 -25.36 -44.48
N VAL A 220 -19.36 -25.56 -43.56
CA VAL A 220 -19.21 -25.10 -42.19
C VAL A 220 -19.29 -26.29 -41.23
N ASN A 221 -18.26 -26.43 -40.39
CA ASN A 221 -18.19 -27.45 -39.35
C ASN A 221 -18.51 -26.86 -37.99
N LEU A 222 -19.37 -27.51 -37.22
CA LEU A 222 -19.78 -26.95 -35.94
C LEU A 222 -19.66 -27.88 -34.74
N THR A 223 -19.37 -27.28 -33.59
CA THR A 223 -19.46 -27.93 -32.29
C THR A 223 -20.70 -27.41 -31.59
N ILE A 224 -21.64 -28.31 -31.31
CA ILE A 224 -22.82 -27.94 -30.52
C ILE A 224 -22.66 -28.48 -29.11
N GLU A 225 -22.94 -27.64 -28.12
CA GLU A 225 -22.68 -28.00 -26.71
C GLU A 225 -23.78 -27.46 -25.79
N ALA A 226 -24.48 -28.37 -25.11
CA ALA A 226 -25.56 -27.98 -24.21
C ALA A 226 -25.38 -28.56 -22.81
N ASN A 227 -25.17 -27.68 -21.84
CA ASN A 227 -25.01 -28.08 -20.44
C ASN A 227 -26.02 -27.40 -19.52
N TYR A 228 -26.39 -28.09 -18.43
CA TYR A 228 -27.23 -27.51 -17.39
C TYR A 228 -26.41 -26.58 -16.50
N HIS A 229 -27.09 -25.63 -15.87
CA HIS A 229 -26.48 -24.70 -14.91
C HIS A 229 -25.80 -25.44 -13.77
N PHE A 230 -26.26 -26.67 -13.52
CA PHE A 230 -25.63 -27.60 -12.56
C PHE A 230 -24.21 -27.95 -12.99
N GLY A 231 -24.01 -28.17 -14.29
CA GLY A 231 -22.70 -28.57 -14.84
C GLY A 231 -22.77 -29.84 -15.67
N LYS A 232 -23.86 -30.60 -15.50
CA LYS A 232 -24.08 -31.86 -16.22
C LYS A 232 -24.53 -31.63 -17.67
N PRO A 233 -24.03 -32.45 -18.61
CA PRO A 233 -24.40 -32.34 -20.03
C PRO A 233 -25.88 -32.64 -20.27
N VAL A 234 -26.46 -31.95 -21.25
CA VAL A 234 -27.86 -32.13 -21.63
C VAL A 234 -28.00 -33.12 -22.78
N GLN A 235 -28.91 -34.07 -22.64
CA GLN A 235 -29.29 -34.93 -23.75
C GLN A 235 -30.48 -34.31 -24.45
N GLY A 236 -30.48 -34.38 -25.78
CA GLY A 236 -31.59 -33.88 -26.58
C GLY A 236 -31.33 -33.97 -28.07
N VAL A 237 -32.18 -33.30 -28.84
CA VAL A 237 -32.01 -33.24 -30.30
C VAL A 237 -31.77 -31.79 -30.73
N ALA A 238 -30.73 -31.59 -31.54
CA ALA A 238 -30.37 -30.28 -32.04
C ALA A 238 -30.88 -30.09 -33.46
N LYS A 239 -31.73 -29.07 -33.64
CA LYS A 239 -32.28 -28.72 -34.94
C LYS A 239 -31.44 -27.59 -35.54
N VAL A 240 -30.64 -27.93 -36.55
CA VAL A 240 -29.70 -26.98 -37.17
C VAL A 240 -30.31 -26.32 -38.43
N GLU A 241 -30.21 -25.00 -38.49
CA GLU A 241 -30.63 -24.24 -39.66
C GLU A 241 -29.52 -23.28 -40.08
N LEU A 242 -29.08 -23.41 -41.33
CA LEU A 242 -28.02 -22.55 -41.87
C LEU A 242 -28.57 -21.55 -42.89
N TYR A 243 -28.16 -20.29 -42.75
CA TYR A 243 -28.58 -19.24 -43.66
C TYR A 243 -27.39 -18.59 -44.38
N LEU A 244 -27.20 -18.99 -45.64
CA LEU A 244 -26.11 -18.45 -46.46
C LEU A 244 -26.42 -17.07 -47.02
N ASP A 245 -27.62 -16.91 -47.59
CA ASP A 245 -28.04 -15.62 -48.16
C ASP A 245 -29.24 -15.04 -47.39
N ASP A 246 -28.94 -14.06 -46.55
CA ASP A 246 -29.92 -13.39 -45.69
C ASP A 246 -30.86 -14.38 -44.97
N ASP A 247 -32.16 -14.08 -44.98
CA ASP A 247 -33.15 -14.88 -44.25
C ASP A 247 -33.72 -16.03 -45.10
N LYS A 248 -32.94 -16.48 -46.08
CA LYS A 248 -33.34 -17.60 -46.95
C LYS A 248 -32.71 -18.92 -46.51
N LEU A 249 -33.57 -19.92 -46.25
CA LEU A 249 -33.14 -21.20 -45.67
C LEU A 249 -32.35 -22.08 -46.63
N ASN A 250 -31.10 -22.34 -46.28
CA ASN A 250 -30.16 -23.05 -47.15
C ASN A 250 -30.06 -24.55 -46.84
N GLN A 251 -30.27 -24.92 -45.58
CA GLN A 251 -30.07 -26.30 -45.14
C GLN A 251 -30.70 -26.58 -43.77
N LYS A 252 -31.04 -27.84 -43.52
CA LYS A 252 -31.52 -28.30 -42.21
C LYS A 252 -31.01 -29.71 -41.86
N LYS A 253 -30.11 -29.78 -40.88
CA LYS A 253 -29.65 -31.05 -40.33
C LYS A 253 -30.14 -31.20 -38.88
N GLU A 254 -30.34 -32.45 -38.46
CA GLU A 254 -30.75 -32.76 -37.08
C GLU A 254 -29.87 -33.86 -36.51
N LEU A 255 -29.44 -33.68 -35.27
CA LEU A 255 -28.58 -34.66 -34.62
C LEU A 255 -28.88 -34.80 -33.14
N THR A 256 -28.84 -36.03 -32.65
CA THR A 256 -28.94 -36.30 -31.22
C THR A 256 -27.62 -35.92 -30.57
N VAL A 257 -27.67 -35.01 -29.61
CA VAL A 257 -26.46 -34.54 -28.94
C VAL A 257 -26.46 -34.98 -27.47
N TYR A 258 -25.34 -35.53 -27.02
CA TYR A 258 -25.17 -35.92 -25.64
C TYR A 258 -24.23 -34.97 -24.93
N GLY A 259 -24.59 -33.70 -24.93
CA GLY A 259 -23.78 -32.67 -24.30
C GLY A 259 -22.88 -31.96 -25.29
N LYS A 260 -22.20 -32.73 -26.14
CA LYS A 260 -21.29 -32.18 -27.13
C LYS A 260 -21.45 -32.95 -28.43
N GLY A 261 -21.60 -32.22 -29.54
CA GLY A 261 -21.83 -32.85 -30.84
C GLY A 261 -21.14 -32.16 -32.00
N GLN A 262 -20.84 -32.93 -33.04
CA GLN A 262 -20.26 -32.38 -34.27
C GLN A 262 -21.27 -32.44 -35.40
N VAL A 263 -21.31 -31.37 -36.20
CA VAL A 263 -22.15 -31.32 -37.39
C VAL A 263 -21.40 -30.66 -38.56
N GLU A 264 -21.55 -31.27 -39.73
CA GLU A 264 -20.99 -30.75 -40.96
C GLU A 264 -22.13 -30.20 -41.82
N LEU A 265 -21.97 -28.98 -42.30
CA LEU A 265 -22.96 -28.37 -43.18
C LEU A 265 -22.30 -27.95 -44.49
N ARG A 266 -22.52 -28.75 -45.53
CA ARG A 266 -21.92 -28.54 -46.85
C ARG A 266 -22.69 -27.52 -47.68
N PHE A 267 -21.98 -26.79 -48.55
CA PHE A 267 -22.61 -25.86 -49.46
C PHE A 267 -22.60 -26.37 -50.91
N ASP A 268 -23.41 -25.72 -51.73
CA ASP A 268 -23.38 -25.91 -53.17
C ASP A 268 -22.35 -24.92 -53.73
N ASN A 269 -22.78 -23.66 -53.83
CA ASN A 269 -21.90 -22.59 -54.29
C ASN A 269 -22.00 -21.37 -53.38
N PHE A 270 -20.85 -20.95 -52.86
CA PHE A 270 -20.76 -19.76 -52.02
C PHE A 270 -19.56 -18.91 -52.44
N ALA A 271 -19.82 -17.95 -53.32
CA ALA A 271 -18.82 -16.96 -53.71
C ALA A 271 -19.10 -15.67 -52.94
N MET A 272 -18.11 -15.23 -52.18
CA MET A 272 -18.25 -14.03 -51.33
C MET A 272 -18.02 -12.75 -52.13
N ASP A 273 -18.57 -11.66 -51.64
CA ASP A 273 -18.35 -10.33 -52.24
C ASP A 273 -17.01 -9.75 -51.76
N ALA A 274 -16.82 -9.71 -50.45
CA ALA A 274 -15.56 -9.28 -49.85
C ALA A 274 -14.67 -10.48 -49.53
N ASP A 275 -13.71 -10.31 -48.63
CA ASP A 275 -12.88 -11.43 -48.17
C ASP A 275 -13.42 -12.07 -46.88
N GLN A 276 -14.46 -11.45 -46.32
CA GLN A 276 -15.15 -11.97 -45.15
C GLN A 276 -16.65 -11.85 -45.34
N GLN A 277 -17.37 -12.95 -45.18
CA GLN A 277 -18.82 -12.91 -45.21
C GLN A 277 -19.38 -13.70 -44.03
N ASP A 278 -20.37 -13.13 -43.36
CA ASP A 278 -21.03 -13.76 -42.22
C ASP A 278 -22.10 -14.78 -42.65
N VAL A 279 -22.33 -15.78 -41.79
CA VAL A 279 -23.36 -16.78 -42.01
C VAL A 279 -24.14 -16.94 -40.71
N ARG A 280 -25.45 -16.74 -40.77
CA ARG A 280 -26.29 -16.96 -39.61
C ARG A 280 -26.63 -18.42 -39.50
N VAL A 281 -26.40 -18.99 -38.32
CA VAL A 281 -26.76 -20.37 -38.03
C VAL A 281 -27.63 -20.39 -36.77
N LYS A 282 -28.84 -20.91 -36.94
CA LYS A 282 -29.77 -21.11 -35.83
C LYS A 282 -29.71 -22.56 -35.38
N VAL A 283 -29.58 -22.76 -34.07
CA VAL A 283 -29.66 -24.09 -33.48
C VAL A 283 -30.81 -24.12 -32.46
N SER A 284 -31.64 -25.14 -32.55
CA SER A 284 -32.72 -25.34 -31.60
C SER A 284 -32.50 -26.65 -30.86
N PHE A 285 -32.26 -26.56 -29.56
CA PHE A 285 -31.98 -27.73 -28.74
C PHE A 285 -33.23 -28.16 -27.98
N ILE A 286 -33.67 -29.39 -28.21
CA ILE A 286 -34.88 -29.91 -27.57
C ILE A 286 -34.54 -30.96 -26.50
N GLU A 287 -34.64 -30.54 -25.23
CA GLU A 287 -34.34 -31.40 -24.06
C GLU A 287 -35.04 -32.76 -24.14
N GLN A 288 -34.27 -33.81 -23.88
CA GLN A 288 -34.67 -35.18 -24.23
C GLN A 288 -36.13 -35.57 -23.94
N TYR A 289 -36.56 -35.50 -22.68
CA TYR A 289 -37.88 -36.01 -22.32
C TYR A 289 -38.96 -34.96 -22.19
N THR A 290 -38.59 -33.78 -21.70
CA THR A 290 -39.56 -32.72 -21.48
C THR A 290 -40.01 -32.10 -22.79
N ASN A 291 -39.07 -31.95 -23.73
CA ASN A 291 -39.26 -31.23 -24.99
C ASN A 291 -39.00 -29.72 -24.84
N ARG A 292 -38.61 -29.30 -23.64
CA ARG A 292 -38.20 -27.92 -23.38
C ARG A 292 -37.11 -27.51 -24.36
N THR A 293 -37.36 -26.44 -25.10
CA THR A 293 -36.45 -26.02 -26.18
C THR A 293 -35.73 -24.71 -25.86
N VAL A 294 -34.45 -24.66 -26.21
CA VAL A 294 -33.68 -23.42 -26.14
C VAL A 294 -33.04 -23.17 -27.51
N VAL A 295 -33.32 -21.99 -28.07
CA VAL A 295 -32.85 -21.60 -29.40
C VAL A 295 -31.64 -20.69 -29.28
N LYS A 296 -30.58 -20.99 -30.02
CA LYS A 296 -29.39 -20.17 -30.04
C LYS A 296 -28.99 -19.82 -31.46
N GLN A 297 -28.78 -18.53 -31.70
CA GLN A 297 -28.39 -18.03 -33.01
C GLN A 297 -27.04 -17.35 -32.92
N SER A 298 -26.26 -17.49 -33.98
CA SER A 298 -24.93 -16.89 -34.04
C SER A 298 -24.50 -16.62 -35.47
N GLN A 299 -23.68 -15.60 -35.66
CA GLN A 299 -23.12 -15.26 -36.97
C GLN A 299 -21.71 -15.83 -37.06
N ILE A 300 -21.55 -16.86 -37.89
CA ILE A 300 -20.27 -17.57 -38.07
C ILE A 300 -19.53 -17.01 -39.30
N THR A 301 -18.39 -16.37 -39.06
CA THR A 301 -17.66 -15.69 -40.13
C THR A 301 -16.85 -16.65 -41.00
N VAL A 302 -16.98 -16.49 -42.32
CA VAL A 302 -16.21 -17.25 -43.31
C VAL A 302 -15.15 -16.34 -43.92
N TYR A 303 -13.97 -16.90 -44.18
CA TYR A 303 -12.82 -16.11 -44.65
C TYR A 303 -12.29 -16.58 -45.99
N ARG A 304 -11.77 -15.63 -46.77
CA ARG A 304 -11.11 -15.93 -48.03
C ARG A 304 -9.77 -16.60 -47.76
N TYR A 305 -8.92 -15.87 -47.05
CA TYR A 305 -7.53 -16.24 -46.83
C TYR A 305 -7.34 -17.09 -45.57
N ALA A 306 -6.25 -17.85 -45.55
CA ALA A 306 -5.91 -18.74 -44.44
C ALA A 306 -5.17 -18.02 -43.30
N TYR A 307 -5.09 -16.69 -43.38
CA TYR A 307 -4.45 -15.89 -42.33
C TYR A 307 -5.17 -14.56 -42.06
N ARG A 308 -4.95 -14.02 -40.86
CA ARG A 308 -5.43 -12.69 -40.49
C ARG A 308 -4.23 -11.86 -40.03
N VAL A 309 -4.37 -10.53 -40.06
CA VAL A 309 -3.26 -9.63 -39.68
C VAL A 309 -3.69 -8.52 -38.73
N GLU A 310 -2.91 -8.34 -37.67
CA GLU A 310 -3.10 -7.24 -36.72
C GLU A 310 -1.82 -6.42 -36.58
N LEU A 311 -1.97 -5.20 -36.09
CA LEU A 311 -0.84 -4.28 -35.94
C LEU A 311 -0.39 -4.14 -34.49
N ILE A 312 0.79 -4.70 -34.18
CA ILE A 312 1.38 -4.60 -32.85
C ILE A 312 2.13 -3.27 -32.67
N LYS A 313 1.41 -2.24 -32.25
CA LYS A 313 1.97 -0.91 -31.99
C LYS A 313 2.73 -0.91 -30.67
N GLU A 314 3.90 -0.25 -30.63
CA GLU A 314 4.65 -0.10 -29.38
C GLU A 314 3.85 0.73 -28.36
N SER A 315 3.07 1.66 -28.86
CA SER A 315 2.18 2.48 -28.05
C SER A 315 0.96 2.84 -28.90
N PRO A 316 -0.22 3.00 -28.26
CA PRO A 316 -1.48 3.26 -28.97
C PRO A 316 -1.47 4.52 -29.85
N GLN A 317 -0.58 5.46 -29.54
CA GLN A 317 -0.43 6.67 -30.33
C GLN A 317 1.04 7.01 -30.51
N PHE A 318 1.39 7.62 -31.64
CA PHE A 318 2.77 8.01 -31.91
C PHE A 318 3.06 9.46 -31.51
N ARG A 319 4.26 9.69 -30.99
CA ARG A 319 4.74 11.05 -30.70
C ARG A 319 5.46 11.61 -31.92
N PRO A 320 4.90 12.67 -32.54
CA PRO A 320 5.37 13.17 -33.83
C PRO A 320 6.76 13.81 -33.75
N GLY A 321 7.74 13.18 -34.39
CA GLY A 321 9.12 13.64 -34.35
C GLY A 321 10.05 12.58 -33.78
N LEU A 322 9.50 11.75 -32.90
CA LEU A 322 10.24 10.66 -32.29
C LEU A 322 9.91 9.32 -32.97
N PRO A 323 10.94 8.50 -33.25
CA PRO A 323 10.76 7.17 -33.86
C PRO A 323 9.61 6.39 -33.24
N PHE A 324 8.69 5.94 -34.09
CA PHE A 324 7.58 5.08 -33.68
C PHE A 324 7.74 3.70 -34.29
N LYS A 325 8.13 2.73 -33.46
CA LYS A 325 8.29 1.35 -33.91
C LYS A 325 6.96 0.59 -33.81
N CYS A 326 6.78 -0.38 -34.70
CA CYS A 326 5.59 -1.25 -34.69
C CYS A 326 5.85 -2.48 -35.57
N ALA A 327 4.85 -3.36 -35.66
CA ALA A 327 4.97 -4.56 -36.50
C ALA A 327 3.62 -5.11 -36.94
N LEU A 328 3.65 -5.99 -37.94
CA LEU A 328 2.46 -6.70 -38.41
C LEU A 328 2.53 -8.16 -37.95
N GLN A 329 1.53 -8.57 -37.19
CA GLN A 329 1.46 -9.96 -36.70
C GLN A 329 0.55 -10.80 -37.59
N PHE A 330 1.13 -11.81 -38.22
CA PHE A 330 0.41 -12.69 -39.13
C PHE A 330 0.00 -13.95 -38.40
N THR A 331 -1.28 -14.03 -38.04
CA THR A 331 -1.82 -15.17 -37.32
C THR A 331 -2.56 -16.11 -38.28
N HIS A 332 -2.19 -17.39 -38.27
CA HIS A 332 -2.96 -18.43 -38.95
C HIS A 332 -4.32 -18.51 -38.30
N HIS A 333 -5.32 -18.92 -39.06
CA HIS A 333 -6.67 -19.07 -38.51
C HIS A 333 -6.69 -20.10 -37.43
N ASP A 334 -6.85 -19.63 -36.19
CA ASP A 334 -6.67 -20.44 -34.99
C ASP A 334 -5.29 -21.11 -34.95
N GLY A 335 -4.33 -20.41 -34.35
CA GLY A 335 -3.04 -21.01 -34.06
C GLY A 335 -1.82 -20.21 -34.44
N THR A 336 -0.93 -20.90 -35.15
CA THR A 336 0.45 -20.47 -35.41
C THR A 336 0.62 -19.05 -35.99
N PRO A 337 1.88 -18.55 -36.00
CA PRO A 337 2.19 -17.38 -36.83
C PRO A 337 2.38 -17.78 -38.30
N ALA A 338 1.84 -16.98 -39.22
CA ALA A 338 1.98 -17.26 -40.65
C ALA A 338 3.41 -16.98 -41.09
N LYS A 339 4.20 -18.04 -41.16
CA LYS A 339 5.62 -17.95 -41.42
C LYS A 339 5.92 -17.90 -42.92
N GLY A 340 5.86 -16.71 -43.50
CA GLY A 340 6.30 -16.50 -44.87
C GLY A 340 5.25 -15.96 -45.83
N ILE A 341 4.52 -14.93 -45.40
CA ILE A 341 3.59 -14.23 -46.29
C ILE A 341 4.30 -13.01 -46.90
N THR A 342 4.45 -13.03 -48.22
CA THR A 342 5.10 -11.94 -48.97
C THR A 342 4.10 -10.84 -49.31
N GLY A 343 4.53 -9.59 -49.15
CA GLY A 343 3.70 -8.44 -49.47
C GLY A 343 4.48 -7.13 -49.38
N LYS A 344 3.81 -6.03 -49.72
CA LYS A 344 4.40 -4.71 -49.65
C LYS A 344 3.65 -3.84 -48.65
N VAL A 345 4.39 -3.29 -47.68
CA VAL A 345 3.84 -2.38 -46.70
C VAL A 345 4.16 -0.95 -47.14
N GLU A 346 3.13 -0.11 -47.17
CA GLU A 346 3.29 1.26 -47.62
C GLU A 346 2.74 2.27 -46.61
N VAL A 347 3.64 3.14 -46.13
CA VAL A 347 3.26 4.27 -45.29
C VAL A 347 3.62 5.55 -46.03
N SER A 348 2.62 6.13 -46.69
CA SER A 348 2.81 7.30 -47.55
C SER A 348 3.22 8.54 -46.78
N ASP A 349 2.71 8.67 -45.56
CA ASP A 349 2.90 9.86 -44.74
C ASP A 349 4.34 10.05 -44.25
N VAL A 350 5.15 9.00 -44.36
CA VAL A 350 6.60 9.09 -44.10
C VAL A 350 7.35 8.77 -45.39
N GLY A 351 6.61 8.29 -46.38
CA GLY A 351 7.19 7.88 -47.66
C GLY A 351 7.98 6.60 -47.49
N PHE A 352 7.42 5.68 -46.71
CA PHE A 352 8.08 4.41 -46.43
C PHE A 352 7.40 3.28 -47.19
N GLU A 353 8.19 2.55 -47.98
CA GLU A 353 7.71 1.44 -48.78
C GLU A 353 8.68 0.27 -48.70
N THR A 354 8.23 -0.84 -48.14
CA THR A 354 9.03 -2.06 -48.07
C THR A 354 8.28 -3.27 -48.61
N THR A 355 8.97 -4.08 -49.41
CA THR A 355 8.44 -5.36 -49.88
C THR A 355 9.24 -6.47 -49.23
N THR A 356 8.60 -7.16 -48.27
CA THR A 356 9.27 -8.20 -47.50
C THR A 356 8.32 -9.38 -47.28
N THR A 357 8.81 -10.41 -46.62
CA THR A 357 8.00 -11.57 -46.24
C THR A 357 7.96 -11.68 -44.70
N SER A 358 6.84 -12.14 -44.17
CA SER A 358 6.73 -12.38 -42.73
C SER A 358 7.75 -13.44 -42.30
N ASP A 359 8.40 -13.21 -41.16
CA ASP A 359 9.50 -14.04 -40.68
C ASP A 359 9.01 -15.32 -39.99
N ASN A 360 9.95 -16.03 -39.34
CA ASN A 360 9.64 -17.26 -38.59
C ASN A 360 8.55 -17.02 -37.54
N ASP A 361 8.67 -15.91 -36.82
CA ASP A 361 7.70 -15.51 -35.80
C ASP A 361 6.42 -14.89 -36.39
N GLY A 362 6.36 -14.80 -37.72
CA GLY A 362 5.18 -14.31 -38.42
C GLY A 362 4.95 -12.82 -38.24
N LEU A 363 5.97 -12.03 -38.53
CA LEU A 363 5.92 -10.60 -38.31
C LEU A 363 6.67 -9.82 -39.39
N ILE A 364 6.16 -8.64 -39.68
CA ILE A 364 6.88 -7.66 -40.49
C ILE A 364 7.04 -6.41 -39.62
N LYS A 365 8.29 -6.07 -39.32
CA LYS A 365 8.58 -4.97 -38.40
C LYS A 365 8.77 -3.63 -39.08
N LEU A 366 7.99 -2.65 -38.66
CA LEU A 366 8.10 -1.28 -39.17
C LEU A 366 8.71 -0.36 -38.10
N GLU A 367 9.78 0.34 -38.48
CA GLU A 367 10.42 1.31 -37.58
C GLU A 367 10.33 2.71 -38.17
N LEU A 368 9.10 3.18 -38.32
CA LEU A 368 8.79 4.44 -38.98
C LEU A 368 9.41 5.66 -38.30
N GLN A 369 9.55 6.75 -39.04
CA GLN A 369 10.04 8.01 -38.49
C GLN A 369 9.20 9.20 -38.96
N PRO A 370 8.04 9.44 -38.31
CA PRO A 370 7.20 10.60 -38.61
C PRO A 370 7.90 11.90 -38.20
N SER A 371 7.72 12.96 -39.00
CA SER A 371 8.36 14.24 -38.74
C SER A 371 7.51 15.15 -37.84
N GLU A 372 8.03 16.35 -37.57
CA GLU A 372 7.34 17.33 -36.73
C GLU A 372 5.87 17.52 -37.14
N GLY A 373 5.64 17.63 -38.45
CA GLY A 373 4.28 17.75 -38.98
C GLY A 373 3.77 16.48 -39.65
N THR A 374 3.21 15.58 -38.84
CA THR A 374 2.59 14.35 -39.34
C THR A 374 1.28 14.10 -38.60
N GLU A 375 0.17 14.13 -39.34
CA GLU A 375 -1.16 14.01 -38.75
C GLU A 375 -1.52 12.57 -38.41
N GLN A 376 -1.67 11.74 -39.44
CA GLN A 376 -1.97 10.32 -39.27
C GLN A 376 -0.92 9.48 -39.99
N LEU A 377 -0.79 8.23 -39.57
CA LEU A 377 0.08 7.27 -40.27
C LEU A 377 -0.76 6.19 -40.94
N GLY A 378 -0.71 6.17 -42.27
CA GLY A 378 -1.46 5.19 -43.05
C GLY A 378 -0.64 3.96 -43.34
N ILE A 379 -0.65 3.01 -42.42
CA ILE A 379 0.05 1.74 -42.60
C ILE A 379 -0.77 0.83 -43.52
N ASN A 380 -0.38 0.80 -44.79
CA ASN A 380 -1.08 0.06 -45.82
C ASN A 380 -0.27 -1.14 -46.29
N PHE A 381 -0.90 -2.32 -46.24
CA PHE A 381 -0.26 -3.56 -46.65
C PHE A 381 -1.08 -4.28 -47.72
N ASN A 382 -0.44 -4.53 -48.87
CA ASN A 382 -1.04 -5.30 -49.95
C ASN A 382 -0.16 -6.49 -50.31
N ALA A 383 -0.77 -7.68 -50.31
CA ALA A 383 -0.03 -8.93 -50.46
C ALA A 383 -0.03 -9.45 -51.89
N VAL A 384 0.91 -10.36 -52.18
CA VAL A 384 1.05 -10.97 -53.51
C VAL A 384 -0.15 -11.85 -53.88
N ASP A 385 -0.84 -12.41 -52.87
CA ASP A 385 -2.06 -13.17 -53.12
C ASP A 385 -3.34 -12.30 -53.04
N GLY A 386 -3.15 -10.99 -52.94
CA GLY A 386 -4.24 -10.03 -52.99
C GLY A 386 -4.78 -9.56 -51.63
N PHE A 387 -4.26 -10.15 -50.55
CA PHE A 387 -4.67 -9.77 -49.19
C PHE A 387 -4.46 -8.27 -48.96
N PHE A 388 -5.46 -7.64 -48.35
CA PHE A 388 -5.44 -6.20 -48.10
C PHE A 388 -5.61 -5.88 -46.62
N PHE A 389 -4.80 -4.95 -46.12
CA PHE A 389 -4.89 -4.48 -44.72
C PHE A 389 -4.39 -3.04 -44.54
N TYR A 390 -5.24 -2.20 -43.97
CA TYR A 390 -4.89 -0.82 -43.60
C TYR A 390 -5.52 -0.40 -42.27
N GLU A 391 -4.66 -0.06 -41.31
CA GLU A 391 -5.07 0.51 -40.03
C GLU A 391 -4.30 1.81 -39.76
N ASP A 392 -5.02 2.86 -39.38
CA ASP A 392 -4.41 4.19 -39.19
C ASP A 392 -3.91 4.39 -37.75
N VAL A 393 -2.73 5.00 -37.62
CA VAL A 393 -2.15 5.35 -36.32
C VAL A 393 -2.15 6.87 -36.14
N ASN A 394 -2.64 7.33 -35.00
CA ASN A 394 -2.79 8.76 -34.75
C ASN A 394 -1.80 9.33 -33.73
N LYS A 395 -1.57 10.63 -33.81
CA LYS A 395 -0.63 11.32 -32.92
C LYS A 395 -1.14 11.44 -31.49
N VAL A 396 -0.21 11.59 -30.54
CA VAL A 396 -0.54 11.81 -29.13
C VAL A 396 -1.40 13.07 -29.01
N GLU A 397 -2.41 13.04 -28.14
CA GLU A 397 -3.31 14.20 -27.91
C GLU A 397 -2.56 15.43 -27.41
N THR A 398 -2.00 16.17 -28.36
CA THR A 398 -1.06 17.26 -28.09
C THR A 398 -1.74 18.43 -27.39
N VAL A 399 -1.55 18.50 -26.07
CA VAL A 399 -1.99 19.65 -25.30
C VAL A 399 -0.94 20.75 -25.42
N THR A 400 0.29 20.35 -25.76
CA THR A 400 1.41 21.28 -25.96
C THR A 400 2.26 20.92 -27.20
N ASP A 401 2.49 19.61 -27.38
CA ASP A 401 3.44 19.06 -28.36
C ASP A 401 4.90 19.50 -28.09
N ALA A 402 5.17 19.85 -26.84
CA ALA A 402 6.52 20.21 -26.38
C ALA A 402 6.69 19.64 -24.97
N TYR A 403 7.50 18.60 -24.85
CA TYR A 403 7.55 17.78 -23.63
C TYR A 403 8.80 17.97 -22.78
N ILE A 404 8.83 17.26 -21.65
CA ILE A 404 10.02 17.11 -20.81
C ILE A 404 10.11 15.67 -20.30
N LYS A 405 11.22 15.00 -20.58
CA LYS A 405 11.39 13.60 -20.20
C LYS A 405 12.45 13.45 -19.12
N LEU A 406 12.09 12.76 -18.05
CA LEU A 406 13.01 12.42 -16.95
C LEU A 406 13.42 10.96 -17.02
N GLU A 407 14.73 10.69 -16.94
CA GLU A 407 15.25 9.32 -17.01
C GLU A 407 16.28 9.05 -15.91
N LEU A 408 15.92 8.17 -14.97
CA LEU A 408 16.80 7.77 -13.86
C LEU A 408 18.01 7.00 -14.40
N LYS A 409 19.18 7.61 -14.30
CA LYS A 409 20.38 7.10 -14.99
C LYS A 409 21.21 6.06 -14.26
N SER A 410 20.83 5.70 -13.02
CA SER A 410 21.52 4.66 -12.23
C SER A 410 20.62 4.09 -11.11
N PRO A 411 21.00 2.92 -10.53
CA PRO A 411 20.17 2.32 -9.47
C PRO A 411 20.13 3.14 -8.18
N ILE A 412 18.93 3.22 -7.59
CA ILE A 412 18.69 4.09 -6.44
C ILE A 412 19.12 3.41 -5.13
N LYS A 413 20.38 3.57 -4.76
CA LYS A 413 20.86 3.07 -3.48
C LYS A 413 20.65 4.13 -2.40
N ARG A 414 20.35 3.67 -1.19
CA ARG A 414 20.21 4.53 -0.01
C ARG A 414 21.53 5.24 0.29
N ASN A 415 21.43 6.52 0.69
CA ASN A 415 22.59 7.38 0.98
C ASN A 415 23.43 7.78 -0.23
N LYS A 416 23.63 6.85 -1.16
CA LYS A 416 24.36 7.11 -2.41
C LYS A 416 23.66 8.16 -3.28
N LEU A 417 24.40 8.75 -4.20
CA LEU A 417 23.87 9.77 -5.09
C LEU A 417 22.82 9.19 -6.05
N MET A 418 21.83 10.00 -6.37
CA MET A 418 20.85 9.64 -7.39
C MET A 418 21.11 10.50 -8.62
N ARG A 419 21.29 9.84 -9.76
CA ARG A 419 21.54 10.53 -11.02
C ARG A 419 20.34 10.41 -11.97
N PHE A 420 20.00 11.53 -12.59
CA PHE A 420 18.85 11.62 -13.49
C PHE A 420 19.25 12.32 -14.78
N MET A 421 18.53 12.00 -15.87
CA MET A 421 18.79 12.64 -17.14
C MET A 421 17.52 13.32 -17.63
N VAL A 422 17.54 14.66 -17.65
CA VAL A 422 16.40 15.45 -18.07
C VAL A 422 16.55 15.86 -19.52
N THR A 423 15.56 15.51 -20.35
CA THR A 423 15.55 15.90 -21.75
C THR A 423 14.30 16.71 -22.03
N CYS A 424 14.48 17.84 -22.71
CA CYS A 424 13.40 18.80 -22.93
C CYS A 424 13.42 19.40 -24.34
N THR A 425 12.24 19.58 -24.91
CA THR A 425 12.10 20.16 -26.26
C THR A 425 12.76 21.53 -26.38
N GLU A 426 12.39 22.45 -25.49
CA GLU A 426 12.96 23.80 -25.48
C GLU A 426 14.33 23.86 -24.78
N ARG A 427 15.12 24.88 -25.09
CA ARG A 427 16.35 25.18 -24.37
C ARG A 427 15.97 25.85 -23.04
N MET A 428 16.14 25.11 -21.94
CA MET A 428 15.55 25.47 -20.64
C MET A 428 16.24 26.60 -19.88
N THR A 429 15.43 27.52 -19.35
CA THR A 429 15.91 28.53 -18.42
C THR A 429 15.89 27.95 -17.00
N PHE A 430 14.89 27.10 -16.74
CA PHE A 430 14.59 26.57 -15.40
C PHE A 430 13.78 25.28 -15.45
N PHE A 431 13.94 24.47 -14.41
CA PHE A 431 12.98 23.40 -14.08
C PHE A 431 12.83 23.20 -12.57
N VAL A 432 11.65 22.73 -12.17
CA VAL A 432 11.37 22.42 -10.78
C VAL A 432 11.38 20.90 -10.59
N TYR A 433 11.78 20.46 -9.41
CA TYR A 433 11.59 19.08 -9.01
C TYR A 433 10.94 19.01 -7.63
N TYR A 434 10.18 17.94 -7.41
CA TYR A 434 9.53 17.67 -6.13
C TYR A 434 9.70 16.19 -5.79
N VAL A 435 9.88 15.87 -4.51
CA VAL A 435 10.06 14.48 -4.09
C VAL A 435 9.03 14.08 -3.01
N MET A 436 8.11 13.18 -3.38
CA MET A 436 7.08 12.67 -2.46
C MET A 436 7.47 11.36 -1.81
N SER A 437 7.27 11.29 -0.50
CA SER A 437 7.34 10.03 0.24
C SER A 437 6.39 10.09 1.43
N LYS A 438 5.67 9.00 1.66
CA LYS A 438 4.66 8.88 2.72
C LYS A 438 3.57 9.97 2.65
N GLY A 439 3.29 10.43 1.43
CA GLY A 439 2.19 11.36 1.18
C GLY A 439 2.48 12.84 1.37
N ASN A 440 3.74 13.18 1.63
CA ASN A 440 4.15 14.57 1.77
C ASN A 440 5.38 14.87 0.89
N ILE A 441 5.55 16.15 0.53
CA ILE A 441 6.75 16.61 -0.18
C ILE A 441 7.98 16.61 0.74
N ILE A 442 8.94 15.75 0.41
CA ILE A 442 10.15 15.57 1.20
C ILE A 442 11.24 16.56 0.79
N ASP A 443 11.37 16.81 -0.51
CA ASP A 443 12.40 17.68 -1.04
C ASP A 443 11.96 18.31 -2.36
N ALA A 444 12.35 19.56 -2.56
CA ALA A 444 12.08 20.31 -3.80
C ALA A 444 13.29 21.13 -4.21
N GLY A 445 13.23 21.77 -5.38
CA GLY A 445 14.33 22.61 -5.84
C GLY A 445 14.08 23.32 -7.15
N PHE A 446 14.63 24.53 -7.27
CA PHE A 446 14.54 25.32 -8.49
C PHE A 446 15.87 25.23 -9.22
N MET A 447 15.94 24.33 -10.20
CA MET A 447 17.16 24.13 -10.99
C MET A 447 17.17 25.05 -12.20
N ARG A 448 18.34 25.62 -12.49
CA ARG A 448 18.49 26.55 -13.62
C ARG A 448 19.52 26.08 -14.63
N PRO A 449 19.07 25.44 -15.73
CA PRO A 449 19.94 25.06 -16.84
C PRO A 449 20.36 26.28 -17.63
N ASN A 450 21.57 26.25 -18.19
CA ASN A 450 22.12 27.37 -18.95
C ASN A 450 21.64 27.33 -20.41
N LYS A 451 20.36 27.66 -20.62
CA LYS A 451 19.69 27.53 -21.93
C LYS A 451 19.96 26.18 -22.62
N GLN A 452 19.88 25.11 -21.84
CA GLN A 452 20.18 23.74 -22.30
C GLN A 452 18.89 22.94 -22.57
N THR A 453 19.02 21.85 -23.32
CA THR A 453 17.92 20.90 -23.49
C THR A 453 18.15 19.66 -22.61
N LYS A 454 19.41 19.47 -22.21
CA LYS A 454 19.81 18.36 -21.34
C LYS A 454 20.38 18.85 -20.01
N TYR A 455 20.10 18.11 -18.94
CA TYR A 455 20.60 18.42 -17.59
C TYR A 455 20.80 17.13 -16.81
N LEU A 456 21.97 16.98 -16.17
CA LEU A 456 22.22 15.82 -15.31
C LEU A 456 21.95 16.17 -13.84
N LEU A 457 20.72 15.88 -13.40
CA LEU A 457 20.25 16.20 -12.06
C LEU A 457 20.76 15.22 -11.00
N GLN A 458 21.49 15.74 -10.01
CA GLN A 458 22.11 14.90 -8.97
C GLN A 458 21.56 15.24 -7.58
N LEU A 459 20.99 14.24 -6.91
CA LEU A 459 20.40 14.43 -5.59
C LEU A 459 20.84 13.34 -4.61
N ASN A 460 20.95 13.70 -3.33
CA ASN A 460 21.27 12.74 -2.26
C ASN A 460 20.02 12.01 -1.77
N ALA A 461 20.09 10.68 -1.76
CA ALA A 461 18.98 9.87 -1.26
C ALA A 461 18.91 9.96 0.26
N THR A 462 18.01 10.79 0.76
CA THR A 462 17.87 11.01 2.20
C THR A 462 17.03 9.92 2.87
N GLU A 463 17.10 9.85 4.19
CA GLU A 463 16.39 8.85 4.99
C GLU A 463 14.86 9.01 4.95
N LYS A 464 14.40 10.22 4.68
CA LYS A 464 12.97 10.52 4.58
C LYS A 464 12.35 10.01 3.26
N MET A 465 13.18 9.42 2.40
CA MET A 465 12.73 8.86 1.11
C MET A 465 12.55 7.33 1.15
N ILE A 466 13.09 6.69 2.19
CA ILE A 466 13.03 5.23 2.38
C ILE A 466 11.61 4.77 2.72
N PRO A 467 11.14 3.67 2.10
CA PRO A 467 11.76 2.89 1.04
C PRO A 467 11.14 3.09 -0.34
N LYS A 468 9.94 3.67 -0.38
CA LYS A 468 9.29 4.00 -1.64
C LYS A 468 9.08 5.52 -1.73
N ALA A 469 9.65 6.13 -2.76
CA ALA A 469 9.50 7.56 -3.00
C ALA A 469 9.17 7.80 -4.48
N LYS A 470 8.70 9.01 -4.79
CA LYS A 470 8.38 9.37 -6.17
C LYS A 470 8.78 10.82 -6.47
N ILE A 471 9.56 11.02 -7.53
CA ILE A 471 10.02 12.36 -7.95
C ILE A 471 9.26 12.89 -9.16
N LEU A 472 9.03 14.20 -9.16
CA LEU A 472 8.26 14.85 -10.20
C LEU A 472 8.97 16.11 -10.71
N ILE A 473 9.10 16.20 -12.03
CA ILE A 473 9.76 17.33 -12.68
C ILE A 473 8.74 18.16 -13.45
N ALA A 474 8.95 19.47 -13.45
CA ALA A 474 8.07 20.38 -14.21
C ALA A 474 8.81 21.61 -14.73
N THR A 475 8.30 22.15 -15.83
CA THR A 475 8.79 23.39 -16.42
C THR A 475 7.71 24.03 -17.31
N VAL A 476 8.02 25.19 -17.88
CA VAL A 476 7.09 25.87 -18.76
C VAL A 476 7.66 25.98 -20.18
N ALA A 477 6.85 25.62 -21.15
CA ALA A 477 7.09 25.95 -22.55
C ALA A 477 5.84 26.64 -23.08
N GLY A 478 6.02 27.84 -23.64
CA GLY A 478 4.90 28.68 -24.04
C GLY A 478 4.17 29.19 -22.81
N ARG A 479 2.85 29.00 -22.79
CA ARG A 479 2.06 29.28 -21.60
C ARG A 479 1.37 28.00 -21.14
N THR A 480 2.11 26.90 -21.21
CA THR A 480 1.64 25.59 -20.72
C THR A 480 2.73 24.87 -19.91
N VAL A 481 2.29 24.15 -18.88
CA VAL A 481 3.19 23.43 -17.96
C VAL A 481 3.36 21.98 -18.39
N VAL A 482 4.62 21.57 -18.51
CA VAL A 482 4.96 20.19 -18.87
C VAL A 482 5.67 19.50 -17.70
N TYR A 483 5.44 18.21 -17.54
CA TYR A 483 5.91 17.50 -16.35
C TYR A 483 6.24 16.02 -16.62
N ASP A 484 7.01 15.41 -15.74
CA ASP A 484 7.28 13.97 -15.80
C ASP A 484 7.58 13.36 -14.43
N TYR A 485 7.08 12.15 -14.20
CA TYR A 485 7.27 11.41 -12.95
C TYR A 485 8.35 10.34 -13.09
N ALA A 486 8.88 9.88 -11.96
CA ALA A 486 9.80 8.76 -11.93
C ALA A 486 9.75 8.04 -10.58
N ASP A 487 9.75 6.70 -10.63
CA ASP A 487 9.69 5.88 -9.43
C ASP A 487 11.04 5.76 -8.72
N LEU A 488 11.03 6.03 -7.42
CA LEU A 488 12.23 5.92 -6.59
C LEU A 488 12.01 4.84 -5.52
N ASP A 489 12.25 3.60 -5.91
CA ASP A 489 12.04 2.46 -5.01
C ASP A 489 13.37 1.80 -4.66
N PHE A 490 13.75 1.88 -3.38
CA PHE A 490 14.97 1.25 -2.89
C PHE A 490 14.81 -0.26 -2.81
N GLN A 491 15.11 -0.93 -3.93
CA GLN A 491 14.98 -2.39 -4.03
C GLN A 491 15.71 -3.11 -2.92
N GLU A 492 16.92 -2.63 -2.61
CA GLU A 492 17.76 -3.14 -1.52
C GLU A 492 17.08 -3.11 -0.14
N LEU A 493 15.97 -2.39 -0.05
CA LEU A 493 15.22 -2.27 1.20
C LEU A 493 13.72 -2.56 1.02
N ARG A 494 13.40 -3.48 0.10
CA ARG A 494 12.00 -3.86 -0.13
C ARG A 494 11.84 -5.36 -0.40
N ASN A 495 10.63 -5.87 -0.19
CA ASN A 495 10.29 -7.29 -0.38
C ASN A 495 10.32 -7.71 -1.85
N ASN A 496 11.36 -8.46 -2.22
CA ASN A 496 11.60 -8.86 -3.61
C ASN A 496 11.01 -10.23 -3.95
N PHE A 497 9.75 -10.44 -3.57
CA PHE A 497 9.08 -11.72 -3.75
C PHE A 497 8.84 -12.08 -5.22
N ASP A 498 9.08 -13.33 -5.58
CA ASP A 498 8.78 -13.84 -6.92
C ASP A 498 8.32 -15.29 -6.90
N LEU A 499 7.40 -15.62 -7.82
CA LEU A 499 6.78 -16.94 -7.91
C LEU A 499 6.87 -17.47 -9.34
N SER A 500 7.20 -18.76 -9.46
CA SER A 500 7.46 -19.37 -10.77
C SER A 500 6.87 -20.78 -10.92
N ILE A 501 6.68 -21.18 -12.18
CA ILE A 501 6.30 -22.54 -12.54
C ILE A 501 7.49 -23.27 -13.16
N ASP A 502 7.52 -24.59 -13.00
CA ASP A 502 8.56 -25.47 -13.56
C ASP A 502 8.71 -25.35 -15.09
N GLU A 503 9.81 -25.88 -15.61
CA GLU A 503 10.06 -25.90 -17.05
C GLU A 503 9.26 -26.99 -17.80
N GLN A 504 8.29 -27.60 -17.10
CA GLN A 504 7.44 -28.67 -17.65
C GLN A 504 6.00 -28.20 -17.93
N GLU A 505 5.31 -28.93 -18.82
CA GLU A 505 3.91 -28.66 -19.15
C GLU A 505 2.96 -29.19 -18.06
N ILE A 506 1.80 -28.55 -17.93
CA ILE A 506 0.91 -28.77 -16.79
C ILE A 506 -0.21 -29.74 -17.14
N LYS A 507 -0.16 -30.94 -16.56
CA LYS A 507 -1.14 -32.00 -16.82
C LYS A 507 -2.16 -32.12 -15.68
N PRO A 508 -3.46 -32.01 -16.01
CA PRO A 508 -4.55 -32.04 -15.02
C PRO A 508 -4.67 -33.37 -14.31
N GLY A 509 -4.45 -33.37 -13.00
CA GLY A 509 -4.40 -34.61 -12.22
C GLY A 509 -2.99 -34.89 -11.74
N ARG A 510 -2.00 -34.49 -12.54
CA ARG A 510 -0.59 -34.62 -12.17
C ARG A 510 -0.16 -33.49 -11.22
N GLN A 511 1.05 -33.58 -10.67
CA GLN A 511 1.54 -32.56 -9.74
C GLN A 511 2.53 -31.58 -10.39
N ILE A 512 2.53 -30.34 -9.90
CA ILE A 512 3.44 -29.29 -10.38
C ILE A 512 4.32 -28.73 -9.28
N GLU A 513 5.54 -28.32 -9.64
CA GLU A 513 6.46 -27.71 -8.68
C GLU A 513 6.36 -26.19 -8.73
N LEU A 514 5.96 -25.60 -7.60
CA LEU A 514 5.93 -24.14 -7.45
C LEU A 514 7.22 -23.65 -6.83
N SER A 515 7.99 -22.86 -7.58
CA SER A 515 9.24 -22.30 -7.09
C SER A 515 9.06 -20.82 -6.80
N MET A 516 9.22 -20.46 -5.54
CA MET A 516 9.10 -19.06 -5.16
C MET A 516 10.29 -18.60 -4.32
N SER A 517 10.69 -17.34 -4.52
CA SER A 517 11.82 -16.76 -3.80
C SER A 517 11.49 -15.36 -3.29
N GLY A 518 12.13 -14.96 -2.21
CA GLY A 518 11.90 -13.65 -1.58
C GLY A 518 12.56 -13.53 -0.22
N ARG A 519 11.97 -12.69 0.64
CA ARG A 519 12.53 -12.44 1.96
C ARG A 519 12.38 -13.62 2.92
N PRO A 520 13.50 -14.08 3.50
CA PRO A 520 13.50 -15.19 4.47
C PRO A 520 12.56 -14.90 5.65
N GLY A 521 11.70 -15.86 5.94
CA GLY A 521 10.76 -15.74 7.07
C GLY A 521 9.52 -14.91 6.78
N ALA A 522 9.39 -14.43 5.55
CA ALA A 522 8.23 -13.64 5.14
C ALA A 522 6.99 -14.51 4.98
N TYR A 523 5.82 -13.89 5.16
CA TYR A 523 4.54 -14.52 4.88
C TYR A 523 4.29 -14.51 3.38
N VAL A 524 3.72 -15.60 2.86
CA VAL A 524 3.32 -15.69 1.45
C VAL A 524 1.85 -16.12 1.42
N GLY A 525 1.07 -15.50 0.53
CA GLY A 525 -0.36 -15.78 0.43
C GLY A 525 -0.79 -16.16 -0.96
N LEU A 526 -0.84 -17.46 -1.22
CA LEU A 526 -1.18 -17.98 -2.54
C LEU A 526 -2.69 -18.17 -2.71
N ALA A 527 -3.16 -18.00 -3.94
CA ALA A 527 -4.55 -18.23 -4.30
C ALA A 527 -4.66 -18.52 -5.79
N ALA A 528 -5.52 -19.46 -6.16
CA ALA A 528 -5.76 -19.75 -7.58
C ALA A 528 -7.24 -19.74 -7.94
N TYR A 529 -7.61 -18.84 -8.84
CA TYR A 529 -8.99 -18.70 -9.27
C TYR A 529 -9.17 -19.33 -10.64
N ASP A 530 -10.37 -19.86 -10.86
CA ASP A 530 -10.84 -20.24 -12.18
C ASP A 530 -11.04 -18.93 -12.95
N LYS A 531 -10.39 -18.82 -14.11
CA LYS A 531 -10.48 -17.60 -14.94
C LYS A 531 -11.94 -17.32 -15.36
N ALA A 532 -12.71 -18.39 -15.58
CA ALA A 532 -14.14 -18.28 -15.87
C ALA A 532 -14.94 -17.80 -14.66
N LEU A 533 -14.40 -18.02 -13.46
CA LEU A 533 -15.01 -17.56 -12.21
C LEU A 533 -14.85 -16.05 -12.07
N LEU A 534 -13.74 -15.52 -12.59
CA LEU A 534 -13.52 -14.07 -12.67
C LEU A 534 -14.24 -13.52 -13.89
N LEU A 535 -15.46 -13.98 -14.13
CA LEU A 535 -16.23 -13.53 -15.28
C LEU A 535 -17.08 -12.33 -14.88
N PHE A 536 -18.40 -12.48 -14.98
CA PHE A 536 -19.35 -11.39 -14.73
C PHE A 536 -19.27 -10.77 -13.33
N ASN A 537 -18.58 -11.47 -12.43
CA ASN A 537 -18.54 -11.11 -11.02
C ASN A 537 -17.41 -10.15 -10.63
N LYS A 538 -16.18 -10.48 -11.02
CA LYS A 538 -15.05 -9.58 -10.83
C LYS A 538 -15.02 -8.52 -11.95
N ASN A 539 -15.05 -8.97 -13.20
CA ASN A 539 -15.03 -8.07 -14.36
C ASN A 539 -16.37 -7.37 -14.58
N LEU A 542 -12.34 -7.95 -8.65
CA LEU A 542 -11.02 -8.57 -8.57
C LEU A 542 -10.08 -7.83 -7.59
N PHE A 543 -9.64 -8.57 -6.58
CA PHE A 543 -8.78 -8.06 -5.50
C PHE A 543 -7.38 -7.63 -5.99
N TRP A 544 -6.86 -8.34 -6.99
CA TRP A 544 -5.47 -8.20 -7.40
C TRP A 544 -5.08 -6.82 -7.85
N GLU A 545 -6.00 -6.11 -8.50
CA GLU A 545 -5.75 -4.75 -8.97
C GLU A 545 -5.59 -3.77 -7.80
N ASP A 546 -6.35 -4.01 -6.73
CA ASP A 546 -6.33 -3.17 -5.54
C ASP A 546 -4.99 -3.22 -4.83
N ILE A 547 -4.43 -4.43 -4.72
CA ILE A 547 -3.12 -4.62 -4.11
C ILE A 547 -2.00 -4.24 -5.09
N GLY A 548 -2.29 -4.35 -6.39
CA GLY A 548 -1.38 -3.86 -7.43
C GLY A 548 -1.28 -2.35 -7.39
N GLN A 549 -2.43 -1.69 -7.25
CA GLN A 549 -2.51 -0.24 -7.05
C GLN A 549 -1.82 0.19 -5.75
N VAL A 550 -1.93 -0.64 -4.71
CA VAL A 550 -1.36 -0.33 -3.39
C VAL A 550 0.17 -0.52 -3.34
N PHE A 551 0.70 -1.30 -4.29
CA PHE A 551 2.16 -1.50 -4.40
C PHE A 551 2.88 -0.18 -4.70
N ASP A 552 2.26 0.69 -5.50
CA ASP A 552 2.78 2.04 -5.76
C ASP A 552 1.70 3.06 -6.13
N GLY A 553 1.59 4.13 -5.35
CA GLY A 553 0.71 5.26 -5.64
C GLY A 553 -0.77 4.95 -5.69
N PHE A 562 -6.79 12.01 -16.46
CA PHE A 562 -5.47 11.59 -15.98
C PHE A 562 -4.69 12.77 -15.40
N ASP A 563 -4.70 12.87 -14.07
CA ASP A 563 -4.00 13.92 -13.33
C ASP A 563 -2.80 13.34 -12.57
N ILE A 564 -1.60 13.53 -13.14
CA ILE A 564 -0.37 12.96 -12.57
C ILE A 564 0.04 13.61 -11.24
N PHE A 565 -0.69 14.65 -10.84
CA PHE A 565 -0.51 15.27 -9.53
C PHE A 565 -1.41 14.60 -8.50
N HIS A 566 -2.72 14.55 -8.79
CA HIS A 566 -3.70 13.92 -7.90
C HIS A 566 -3.44 12.44 -7.76
N SER A 567 -2.61 11.90 -8.66
CA SER A 567 -2.17 10.52 -8.56
C SER A 567 -0.90 10.41 -7.71
N LEU A 568 -0.05 11.44 -7.77
CA LEU A 568 1.15 11.53 -6.93
C LEU A 568 0.80 12.04 -5.52
N GLY A 569 -0.49 12.33 -5.31
CA GLY A 569 -1.01 12.76 -4.00
C GLY A 569 -0.88 14.25 -3.76
N LEU A 570 -0.92 15.04 -4.84
CA LEU A 570 -0.66 16.47 -4.76
C LEU A 570 -1.82 17.29 -5.35
N PHE A 571 -1.72 18.61 -5.24
CA PHE A 571 -2.57 19.52 -6.00
C PHE A 571 -1.67 20.57 -6.64
N ALA A 572 -2.10 21.10 -7.78
CA ALA A 572 -1.28 22.07 -8.52
C ALA A 572 -2.11 23.25 -9.00
N ARG A 573 -1.61 24.45 -8.76
CA ARG A 573 -2.23 25.65 -9.26
C ARG A 573 -1.22 26.53 -9.99
N THR A 574 -1.72 27.26 -10.98
CA THR A 574 -0.90 28.17 -11.77
C THR A 574 -1.72 29.40 -12.19
N LEU A 575 -1.07 30.33 -12.89
CA LEU A 575 -1.69 31.59 -13.35
C LEU A 575 -2.89 31.34 -14.27
N ASP A 576 -3.72 32.37 -14.43
CA ASP A 576 -4.98 32.25 -15.17
C ASP A 576 -4.82 31.92 -16.65
N ASP A 577 -3.67 32.27 -17.24
CA ASP A 577 -3.41 32.04 -18.67
C ASP A 577 -2.56 30.79 -18.95
N ILE A 578 -1.91 30.27 -17.92
CA ILE A 578 -1.11 29.06 -18.01
C ILE A 578 -2.02 27.82 -17.96
N LEU A 579 -1.74 26.84 -18.82
CA LEU A 579 -2.51 25.58 -18.83
C LEU A 579 -1.63 24.38 -18.50
N PHE A 580 -2.24 23.22 -18.27
CA PHE A 580 -1.51 22.00 -17.96
C PHE A 580 -1.48 21.01 -19.13
N ASP A 581 -0.46 20.16 -19.17
CA ASP A 581 -0.32 19.14 -20.20
C ASP A 581 -0.95 17.81 -19.72
N SER A 582 -1.06 16.85 -20.64
CA SER A 582 -1.40 15.46 -20.29
C SER A 582 -0.90 14.52 -21.38
N ALA A 583 0.19 13.80 -21.10
CA ALA A 583 0.86 12.96 -22.10
C ALA A 583 0.52 11.46 -22.04
N ASN A 584 -0.45 11.12 -21.18
CA ASN A 584 -0.93 9.74 -20.97
C ASN A 584 0.18 8.72 -20.66
N PHE A 608 -18.96 -27.82 -14.62
CA PHE A 608 -18.39 -27.78 -13.28
C PHE A 608 -17.25 -26.75 -13.17
N GLN A 609 -17.04 -26.22 -11.96
CA GLN A 609 -15.96 -25.27 -11.65
C GLN A 609 -15.38 -25.52 -10.25
N GLU A 610 -14.47 -24.64 -9.80
CA GLU A 610 -13.81 -24.83 -8.50
C GLU A 610 -13.01 -23.60 -8.01
N SER A 611 -12.38 -23.76 -6.86
CA SER A 611 -11.37 -22.83 -6.33
C SER A 611 -10.34 -23.64 -5.54
N TRP A 612 -9.06 -23.43 -5.88
CA TRP A 612 -7.96 -24.29 -5.46
C TRP A 612 -6.75 -23.48 -5.03
N LEU A 613 -5.84 -24.12 -4.29
CA LEU A 613 -4.57 -23.52 -3.86
C LEU A 613 -4.68 -22.30 -2.93
N TRP A 614 -5.54 -22.41 -1.92
CA TRP A 614 -5.64 -21.37 -0.90
C TRP A 614 -4.63 -21.64 0.19
N LYS A 615 -3.36 -21.69 -0.21
CA LYS A 615 -2.27 -21.94 0.74
C LYS A 615 -1.66 -20.64 1.26
N ASN A 616 -0.94 -20.74 2.37
CA ASN A 616 -0.07 -19.67 2.83
C ASN A 616 1.20 -20.24 3.43
N VAL A 617 2.34 -19.89 2.84
CA VAL A 617 3.61 -20.51 3.20
C VAL A 617 4.65 -19.47 3.66
N SER A 618 5.73 -19.92 4.27
CA SER A 618 6.86 -19.06 4.62
C SER A 618 8.07 -19.36 3.73
N ILE A 619 8.86 -18.32 3.44
CA ILE A 619 10.05 -18.44 2.58
C ILE A 619 11.20 -19.15 3.31
N GLY A 620 11.19 -19.06 4.65
CA GLY A 620 12.01 -19.90 5.53
C GLY A 620 13.50 -20.02 5.26
N ARG A 621 14.01 -21.24 5.44
CA ARG A 621 15.44 -21.59 5.36
C ARG A 621 16.35 -20.49 4.81
N SER A 622 16.58 -20.50 3.49
CA SER A 622 17.41 -19.49 2.84
C SER A 622 16.52 -18.43 2.17
N GLY A 623 16.64 -18.30 0.85
CA GLY A 623 15.92 -17.27 0.11
C GLY A 623 14.82 -17.77 -0.82
N SER A 624 14.45 -19.05 -0.70
CA SER A 624 13.38 -19.64 -1.53
C SER A 624 12.77 -20.92 -0.95
N ARG A 625 11.44 -21.02 -0.99
CA ARG A 625 10.72 -22.23 -0.57
C ARG A 625 9.94 -22.77 -1.76
N LYS A 626 10.22 -24.02 -2.13
CA LYS A 626 9.53 -24.64 -3.26
C LYS A 626 8.44 -25.60 -2.77
N LEU A 627 7.18 -25.15 -2.85
CA LEU A 627 6.04 -25.97 -2.49
C LEU A 627 5.57 -26.80 -3.71
N ILE A 628 5.15 -28.05 -3.44
CA ILE A 628 4.67 -28.95 -4.50
C ILE A 628 3.18 -29.24 -4.33
N GLU A 629 2.44 -29.18 -5.44
CA GLU A 629 0.98 -29.23 -5.41
C GLU A 629 0.37 -30.05 -6.55
N VAL A 630 -0.83 -30.58 -6.31
CA VAL A 630 -1.57 -31.41 -7.28
C VAL A 630 -2.59 -30.57 -8.06
N VAL A 631 -2.46 -30.57 -9.40
CA VAL A 631 -3.40 -29.85 -10.28
C VAL A 631 -4.74 -30.59 -10.36
N PRO A 632 -5.86 -29.88 -10.17
CA PRO A 632 -7.18 -30.49 -10.26
C PRO A 632 -7.43 -31.16 -11.60
N ASP A 633 -8.05 -32.35 -11.53
CA ASP A 633 -8.39 -33.13 -12.72
C ASP A 633 -9.67 -32.57 -13.33
N THR A 634 -9.50 -31.53 -14.15
CA THR A 634 -10.62 -30.80 -14.72
C THR A 634 -10.22 -29.87 -15.87
N THR A 635 -11.10 -29.76 -16.87
CA THR A 635 -10.94 -28.85 -18.00
C THR A 635 -11.28 -27.42 -17.59
N THR A 636 -10.26 -26.61 -17.34
CA THR A 636 -10.43 -25.27 -16.78
C THR A 636 -9.22 -24.37 -17.01
N SER A 637 -9.48 -23.07 -17.18
CA SER A 637 -8.43 -22.06 -17.32
C SER A 637 -8.08 -21.47 -15.95
N TRP A 638 -6.82 -21.59 -15.56
CA TRP A 638 -6.40 -21.17 -14.23
C TRP A 638 -5.80 -19.79 -14.18
N TYR A 639 -5.64 -19.27 -12.96
CA TYR A 639 -5.20 -17.90 -12.72
C TYR A 639 -4.58 -17.84 -11.34
N LEU A 640 -3.25 -17.86 -11.29
CA LEU A 640 -2.53 -18.09 -10.02
C LEU A 640 -1.81 -16.84 -9.49
N THR A 641 -2.32 -16.31 -8.38
CA THR A 641 -1.76 -15.11 -7.73
C THR A 641 -0.93 -15.47 -6.50
N GLY A 642 -0.24 -14.49 -5.93
CA GLY A 642 0.52 -14.69 -4.71
C GLY A 642 1.23 -13.42 -4.27
N PHE A 643 0.98 -13.01 -3.03
CA PHE A 643 1.66 -11.85 -2.43
C PHE A 643 2.52 -12.29 -1.25
N SER A 644 3.32 -11.37 -0.72
CA SER A 644 4.22 -11.67 0.38
C SER A 644 4.36 -10.46 1.31
N ILE A 645 4.33 -10.71 2.62
CA ILE A 645 4.49 -9.64 3.60
C ILE A 645 5.56 -9.99 4.66
N ASP A 646 6.67 -9.26 4.63
CA ASP A 646 7.70 -9.36 5.67
C ASP A 646 7.49 -8.28 6.73
N PRO A 647 7.65 -8.64 8.03
CA PRO A 647 7.51 -7.65 9.10
C PRO A 647 8.47 -6.46 8.98
N VAL A 648 9.68 -6.72 8.46
CA VAL A 648 10.69 -5.68 8.28
C VAL A 648 10.59 -5.02 6.88
N TYR A 649 10.59 -5.85 5.85
CA TYR A 649 10.74 -5.40 4.47
C TYR A 649 9.44 -4.96 3.80
N GLY A 650 8.31 -5.29 4.42
CA GLY A 650 7.01 -4.88 3.90
C GLY A 650 6.46 -5.77 2.80
N LEU A 651 5.63 -5.19 1.94
CA LEU A 651 4.89 -5.93 0.93
C LEU A 651 5.74 -6.32 -0.28
N GLY A 652 5.47 -7.51 -0.80
CA GLY A 652 5.99 -8.00 -2.08
C GLY A 652 4.85 -8.55 -2.94
N ILE A 653 5.03 -8.54 -4.26
CA ILE A 653 3.99 -8.95 -5.20
C ILE A 653 4.58 -9.47 -6.50
N ILE A 654 3.91 -10.44 -7.12
CA ILE A 654 4.26 -10.87 -8.49
C ILE A 654 3.58 -9.98 -9.52
N LYS A 655 4.28 -9.73 -10.63
CA LYS A 655 3.79 -8.83 -11.69
C LYS A 655 2.43 -9.24 -12.29
N LYS A 656 2.46 -10.17 -13.24
CA LYS A 656 1.25 -10.75 -13.82
C LYS A 656 0.97 -12.07 -13.14
N PRO A 657 -0.31 -12.33 -12.80
CA PRO A 657 -0.65 -13.64 -12.23
C PRO A 657 -0.34 -14.75 -13.24
N ILE A 658 0.31 -15.80 -12.78
CA ILE A 658 0.58 -16.98 -13.59
C ILE A 658 -0.71 -17.59 -14.11
N GLN A 659 -0.76 -17.78 -15.43
CA GLN A 659 -1.98 -18.18 -16.11
C GLN A 659 -1.72 -19.35 -17.05
N PHE A 660 -2.53 -20.40 -16.91
CA PHE A 660 -2.48 -21.55 -17.80
C PHE A 660 -3.89 -22.12 -17.93
N THR A 661 -4.04 -23.17 -18.72
CA THR A 661 -5.32 -23.90 -18.79
C THR A 661 -5.05 -25.39 -18.77
N THR A 662 -6.01 -26.16 -18.28
CA THR A 662 -5.91 -27.62 -18.25
C THR A 662 -7.08 -28.22 -19.01
N VAL A 663 -6.80 -29.16 -19.90
CA VAL A 663 -7.85 -29.93 -20.58
C VAL A 663 -7.71 -31.41 -20.21
N GLN A 664 -8.66 -31.90 -19.41
CA GLN A 664 -8.65 -33.31 -19.02
C GLN A 664 -8.89 -34.18 -20.25
N PRO A 665 -8.00 -35.16 -20.48
CA PRO A 665 -8.00 -35.98 -21.69
C PRO A 665 -9.29 -36.77 -21.88
N PHE A 666 -9.82 -37.31 -20.78
CA PHE A 666 -10.95 -38.22 -20.85
C PHE A 666 -11.68 -38.25 -19.52
N TYR A 667 -13.01 -38.24 -19.57
CA TYR A 667 -13.84 -38.32 -18.37
C TYR A 667 -15.24 -38.87 -18.64
N ILE A 668 -15.81 -39.53 -17.63
CA ILE A 668 -17.17 -40.07 -17.70
C ILE A 668 -18.08 -39.21 -16.82
N VAL A 669 -19.35 -39.06 -17.20
CA VAL A 669 -20.32 -38.28 -16.41
C VAL A 669 -21.62 -39.04 -16.20
N GLU A 670 -22.04 -39.17 -14.94
CA GLU A 670 -23.25 -39.93 -14.60
C GLU A 670 -24.58 -39.17 -14.80
N ASN A 671 -25.65 -39.93 -14.93
CA ASN A 671 -27.00 -39.41 -14.98
C ASN A 671 -27.90 -40.44 -14.31
N LEU A 672 -28.02 -40.30 -12.99
CA LEU A 672 -28.65 -41.32 -12.15
C LEU A 672 -29.84 -40.77 -11.38
N PRO A 673 -30.88 -41.60 -11.19
CA PRO A 673 -31.98 -41.21 -10.32
C PRO A 673 -31.46 -41.09 -8.89
N TYR A 674 -32.06 -40.22 -8.09
CA TYR A 674 -31.64 -40.11 -6.70
C TYR A 674 -32.05 -41.33 -5.87
N SER A 675 -33.27 -41.83 -6.12
CA SER A 675 -33.76 -42.99 -5.39
C SER A 675 -34.41 -44.02 -6.30
N ILE A 676 -34.14 -45.28 -5.99
CA ILE A 676 -34.83 -46.41 -6.64
C ILE A 676 -35.31 -47.36 -5.55
N LYS A 677 -36.29 -48.20 -5.88
CA LYS A 677 -36.80 -49.18 -4.92
C LYS A 677 -36.27 -50.59 -5.21
N ARG A 678 -36.42 -51.49 -4.23
CA ARG A 678 -36.01 -52.87 -4.40
C ARG A 678 -36.79 -53.48 -5.54
N GLY A 679 -36.10 -54.20 -6.42
CA GLY A 679 -36.77 -55.00 -7.46
C GLY A 679 -37.27 -54.26 -8.69
N GLU A 680 -37.02 -52.96 -8.75
CA GLU A 680 -37.25 -52.19 -9.95
C GLU A 680 -36.01 -52.31 -10.84
N ALA A 681 -36.22 -52.37 -12.15
CA ALA A 681 -35.12 -52.44 -13.11
C ALA A 681 -34.74 -51.02 -13.52
N VAL A 682 -33.47 -50.66 -13.31
CA VAL A 682 -33.01 -49.28 -13.52
C VAL A 682 -31.89 -49.16 -14.56
N VAL A 683 -32.04 -48.20 -15.48
CA VAL A 683 -31.01 -47.87 -16.45
C VAL A 683 -30.09 -46.79 -15.91
N LEU A 684 -28.85 -47.15 -15.66
CA LEU A 684 -27.86 -46.19 -15.22
C LEU A 684 -27.15 -45.68 -16.46
N GLN A 685 -27.46 -44.44 -16.84
CA GLN A 685 -26.87 -43.81 -18.03
C GLN A 685 -25.58 -43.09 -17.68
N PHE A 686 -24.65 -43.08 -18.63
CA PHE A 686 -23.37 -42.39 -18.47
C PHE A 686 -22.99 -41.69 -19.79
N THR A 687 -21.99 -40.81 -19.75
CA THR A 687 -21.50 -40.14 -20.95
C THR A 687 -19.98 -39.98 -20.96
N LEU A 688 -19.35 -40.57 -21.96
CA LEU A 688 -17.91 -40.51 -22.11
C LEU A 688 -17.52 -39.34 -23.00
N PHE A 689 -16.50 -38.60 -22.59
CA PHE A 689 -15.93 -37.53 -23.41
C PHE A 689 -14.47 -37.81 -23.66
N ASN A 690 -14.09 -37.86 -24.93
CA ASN A 690 -12.71 -38.07 -25.31
C ASN A 690 -12.14 -36.79 -25.94
N ASN A 691 -11.10 -36.26 -25.30
CA ASN A 691 -10.49 -35.03 -25.77
C ASN A 691 -9.14 -35.26 -26.43
N LEU A 692 -8.80 -36.52 -26.65
CA LEU A 692 -7.55 -36.86 -27.33
C LEU A 692 -7.61 -36.58 -28.82
N GLY A 693 -6.45 -36.69 -29.48
CA GLY A 693 -6.34 -36.47 -30.92
C GLY A 693 -7.21 -37.38 -31.76
N ALA A 694 -7.28 -38.65 -31.38
CA ALA A 694 -7.96 -39.66 -32.18
C ALA A 694 -9.20 -40.27 -31.52
N GLU A 695 -9.87 -41.16 -32.24
CA GLU A 695 -10.98 -41.95 -31.72
C GLU A 695 -10.47 -43.26 -31.13
N TYR A 696 -10.76 -43.47 -29.85
CA TYR A 696 -10.30 -44.68 -29.17
C TYR A 696 -11.44 -45.38 -28.44
N ILE A 697 -11.36 -46.71 -28.38
CA ILE A 697 -12.35 -47.52 -27.70
C ILE A 697 -12.22 -47.32 -26.20
N ALA A 698 -13.35 -47.11 -25.54
CA ALA A 698 -13.38 -46.92 -24.10
C ALA A 698 -13.98 -48.14 -23.44
N ASP A 699 -13.42 -48.52 -22.30
CA ASP A 699 -14.03 -49.54 -21.47
C ASP A 699 -14.61 -48.86 -20.23
N VAL A 700 -15.86 -49.17 -19.94
CA VAL A 700 -16.51 -48.67 -18.74
C VAL A 700 -16.90 -49.91 -17.94
N THR A 701 -16.57 -49.91 -16.66
CA THR A 701 -16.87 -51.08 -15.83
C THR A 701 -17.66 -50.72 -14.58
N LEU A 702 -18.89 -51.22 -14.51
CA LEU A 702 -19.75 -51.02 -13.35
C LEU A 702 -19.56 -52.16 -12.35
N TYR A 703 -19.21 -51.80 -11.12
CA TYR A 703 -18.79 -52.74 -10.08
C TYR A 703 -19.93 -53.10 -9.13
N ASN A 704 -20.00 -54.37 -8.76
CA ASN A 704 -20.94 -54.84 -7.76
C ASN A 704 -20.31 -54.75 -6.38
N VAL A 705 -20.59 -53.65 -5.69
CA VAL A 705 -20.04 -53.42 -4.37
C VAL A 705 -20.93 -54.09 -3.33
N ALA A 706 -20.32 -54.92 -2.48
CA ALA A 706 -21.02 -55.58 -1.38
C ALA A 706 -22.44 -56.04 -1.74
N ASN A 707 -22.54 -56.91 -2.75
CA ASN A 707 -23.80 -57.58 -3.12
C ASN A 707 -24.98 -56.62 -3.41
N GLN A 708 -24.68 -55.33 -3.50
CA GLN A 708 -25.71 -54.29 -3.72
C GLN A 708 -26.40 -54.43 -5.07
N THR A 709 -25.60 -54.70 -6.10
CA THR A 709 -26.01 -54.54 -7.49
C THR A 709 -26.17 -55.87 -8.21
N GLU A 710 -27.36 -56.11 -8.75
CA GLU A 710 -27.60 -57.23 -9.65
C GLU A 710 -27.71 -56.72 -11.08
N PHE A 711 -26.79 -57.16 -11.94
CA PHE A 711 -26.87 -56.83 -13.35
C PHE A 711 -27.92 -57.71 -14.00
N VAL A 712 -28.88 -57.08 -14.67
CA VAL A 712 -29.99 -57.81 -15.28
C VAL A 712 -29.47 -58.77 -16.35
N GLY A 713 -29.84 -60.03 -16.22
CA GLY A 713 -29.51 -61.06 -17.19
C GLY A 713 -28.15 -61.71 -17.01
N ARG A 714 -27.45 -61.35 -15.94
CA ARG A 714 -26.13 -61.93 -15.64
C ARG A 714 -26.19 -62.75 -14.34
N PRO A 715 -25.23 -63.68 -14.16
CA PRO A 715 -25.14 -64.42 -12.89
C PRO A 715 -25.02 -63.51 -11.67
N ASP A 716 -25.78 -63.80 -10.62
CA ASP A 716 -25.81 -62.97 -9.40
C ASP A 716 -24.46 -62.85 -8.71
N THR A 717 -23.58 -63.81 -8.98
CA THR A 717 -22.26 -63.85 -8.37
C THR A 717 -21.26 -62.96 -9.09
N ASP A 718 -21.72 -62.31 -10.16
CA ASP A 718 -20.87 -61.39 -10.94
C ASP A 718 -20.44 -60.17 -10.13
N LEU A 719 -19.13 -59.95 -10.07
CA LEU A 719 -18.56 -58.86 -9.27
C LEU A 719 -18.46 -57.55 -10.05
N SER A 720 -18.41 -57.65 -11.37
CA SER A 720 -18.36 -56.47 -12.22
C SER A 720 -19.15 -56.69 -13.50
N TYR A 721 -19.04 -55.73 -14.43
CA TYR A 721 -19.65 -55.81 -15.75
C TYR A 721 -19.04 -54.71 -16.62
N THR A 722 -18.38 -55.12 -17.69
CA THR A 722 -17.68 -54.18 -18.58
C THR A 722 -18.34 -54.08 -19.95
N LYS A 723 -18.54 -52.86 -20.41
CA LYS A 723 -18.94 -52.62 -21.79
C LYS A 723 -17.90 -51.73 -22.45
N SER A 724 -17.82 -51.81 -23.77
CA SER A 724 -16.83 -51.04 -24.51
C SER A 724 -17.47 -50.31 -25.67
N VAL A 725 -17.14 -49.03 -25.81
CA VAL A 725 -17.73 -48.19 -26.84
C VAL A 725 -16.66 -47.35 -27.51
N SER A 726 -16.80 -47.16 -28.81
CA SER A 726 -15.91 -46.27 -29.55
C SER A 726 -16.29 -44.82 -29.28
N VAL A 727 -15.29 -44.00 -28.94
CA VAL A 727 -15.53 -42.60 -28.58
C VAL A 727 -14.72 -41.64 -29.47
N PRO A 728 -15.42 -40.89 -30.35
CA PRO A 728 -14.77 -39.88 -31.19
C PRO A 728 -14.34 -38.67 -30.37
N PRO A 729 -13.31 -37.94 -30.85
CA PRO A 729 -12.89 -36.72 -30.18
C PRO A 729 -14.00 -35.68 -30.10
N LYS A 730 -14.01 -34.89 -29.03
CA LYS A 730 -14.92 -33.76 -28.86
C LYS A 730 -16.40 -34.12 -29.08
N VAL A 731 -16.75 -35.39 -28.87
CA VAL A 731 -18.15 -35.83 -28.98
C VAL A 731 -18.56 -36.67 -27.77
N GLY A 732 -19.77 -36.42 -27.28
CA GLY A 732 -20.33 -37.18 -26.15
C GLY A 732 -20.98 -38.47 -26.62
N VAL A 733 -20.58 -39.58 -26.01
CA VAL A 733 -21.11 -40.88 -26.37
C VAL A 733 -21.70 -41.55 -25.14
N PRO A 734 -22.98 -41.98 -25.24
CA PRO A 734 -23.65 -42.63 -24.13
C PRO A 734 -23.21 -44.07 -23.92
N ILE A 735 -23.26 -44.50 -22.66
CA ILE A 735 -23.05 -45.90 -22.27
C ILE A 735 -23.91 -46.15 -21.03
N SER A 736 -24.67 -47.24 -21.06
CA SER A 736 -25.62 -47.56 -19.97
C SER A 736 -25.49 -48.98 -19.43
N PHE A 737 -25.98 -49.19 -18.21
CA PHE A 737 -26.05 -50.53 -17.61
C PHE A 737 -27.43 -50.74 -17.02
N LEU A 738 -27.94 -51.96 -17.13
CA LEU A 738 -29.27 -52.28 -16.60
C LEU A 738 -29.12 -53.09 -15.32
N ILE A 739 -29.62 -52.52 -14.23
CA ILE A 739 -29.48 -53.15 -12.91
C ILE A 739 -30.80 -53.17 -12.12
N LYS A 740 -30.81 -53.94 -11.05
CA LYS A 740 -31.86 -53.89 -10.05
C LYS A 740 -31.15 -53.91 -8.71
N ALA A 741 -31.69 -53.18 -7.74
CA ALA A 741 -31.07 -53.07 -6.41
C ALA A 741 -31.45 -54.24 -5.51
N ARG A 742 -30.49 -54.70 -4.72
CA ARG A 742 -30.71 -55.83 -3.82
C ARG A 742 -30.97 -55.42 -2.36
N LYS A 743 -29.95 -54.88 -1.71
CA LYS A 743 -30.06 -54.43 -0.33
C LYS A 743 -30.59 -52.98 -0.26
N LEU A 744 -31.39 -52.68 0.76
CA LEU A 744 -31.84 -51.31 1.03
C LEU A 744 -30.67 -50.39 1.43
N GLY A 745 -30.97 -49.13 1.70
CA GLY A 745 -29.95 -48.19 2.18
C GLY A 745 -29.29 -47.43 1.04
N GLU A 746 -27.96 -47.39 1.03
CA GLU A 746 -27.24 -46.68 0.00
C GLU A 746 -26.53 -47.62 -0.96
N MET A 747 -26.91 -47.58 -2.23
CA MET A 747 -26.19 -48.31 -3.27
C MET A 747 -25.04 -47.48 -3.80
N ALA A 748 -23.82 -48.00 -3.65
CA ALA A 748 -22.67 -47.35 -4.22
C ALA A 748 -22.60 -47.71 -5.70
N VAL A 749 -22.59 -46.67 -6.53
CA VAL A 749 -22.52 -46.83 -7.97
C VAL A 749 -21.07 -46.62 -8.36
N ARG A 750 -20.30 -47.70 -8.43
CA ARG A 750 -18.86 -47.57 -8.65
C ARG A 750 -18.46 -47.94 -10.09
N VAL A 751 -17.87 -46.98 -10.79
CA VAL A 751 -17.53 -47.14 -12.20
C VAL A 751 -16.10 -46.71 -12.46
N LYS A 752 -15.34 -47.58 -13.12
CA LYS A 752 -14.01 -47.23 -13.64
C LYS A 752 -14.07 -47.20 -15.18
N ALA A 753 -13.37 -46.24 -15.78
CA ALA A 753 -13.37 -46.08 -17.24
C ALA A 753 -11.97 -45.83 -17.75
N SER A 754 -11.74 -46.09 -19.04
CA SER A 754 -10.43 -45.86 -19.66
C SER A 754 -10.48 -45.95 -21.18
N ILE A 755 -9.84 -45.00 -21.86
CA ILE A 755 -9.65 -45.12 -23.31
C ILE A 755 -8.18 -45.39 -23.58
N MET A 756 -7.85 -45.48 -24.87
CA MET A 756 -6.48 -45.58 -25.38
C MET A 756 -5.62 -46.60 -24.63
N LEU A 757 -6.14 -47.83 -24.56
CA LEU A 757 -5.47 -48.98 -23.94
C LEU A 757 -5.25 -48.87 -22.41
N GLY A 758 -5.81 -47.84 -21.79
CA GLY A 758 -5.65 -47.63 -20.35
C GLY A 758 -4.80 -46.42 -20.02
N HIS A 759 -4.26 -45.76 -21.04
CA HIS A 759 -3.45 -44.53 -20.86
C HIS A 759 -4.21 -43.43 -20.16
N GLU A 760 -5.50 -43.32 -20.47
CA GLU A 760 -6.34 -42.33 -19.85
C GLU A 760 -7.48 -43.00 -19.12
N THR A 761 -7.52 -42.80 -17.81
CA THR A 761 -8.55 -43.38 -16.98
C THR A 761 -9.39 -42.31 -16.29
N ASP A 762 -10.58 -42.71 -15.88
CA ASP A 762 -11.46 -41.88 -15.06
C ASP A 762 -12.38 -42.81 -14.28
N ALA A 763 -12.71 -42.43 -13.05
CA ALA A 763 -13.63 -43.20 -12.24
C ALA A 763 -14.55 -42.27 -11.47
N LEU A 764 -15.74 -42.77 -11.14
CA LEU A 764 -16.65 -42.01 -10.27
C LEU A 764 -17.30 -42.90 -9.19
N GLU A 765 -17.50 -42.31 -8.02
CA GLU A 765 -18.09 -42.98 -6.88
C GLU A 765 -19.39 -42.25 -6.50
N LYS A 766 -20.44 -42.50 -7.27
CA LYS A 766 -21.74 -41.88 -7.01
C LYS A 766 -22.62 -42.81 -6.17
N VAL A 767 -23.77 -42.30 -5.71
CA VAL A 767 -24.69 -43.07 -4.84
C VAL A 767 -26.17 -42.87 -5.14
N ILE A 768 -26.87 -43.96 -5.42
CA ILE A 768 -28.32 -43.96 -5.50
C ILE A 768 -28.84 -44.52 -4.19
N ARG A 769 -29.89 -43.91 -3.64
CA ARG A 769 -30.45 -44.37 -2.37
C ARG A 769 -31.62 -45.33 -2.60
N VAL A 770 -31.52 -46.53 -2.02
CA VAL A 770 -32.54 -47.56 -2.16
C VAL A 770 -33.60 -47.44 -1.06
N MET A 771 -34.79 -47.00 -1.45
CA MET A 771 -35.89 -46.76 -0.52
C MET A 771 -36.75 -48.00 -0.34
N PRO A 772 -37.36 -48.18 0.85
CA PRO A 772 -38.37 -49.23 1.03
C PRO A 772 -39.65 -48.86 0.27
N GLU A 773 -40.56 -49.82 0.12
CA GLU A 773 -41.82 -49.56 -0.60
C GLU A 773 -42.79 -48.68 0.21
N SER A 774 -42.87 -48.93 1.52
CA SER A 774 -43.76 -48.21 2.41
C SER A 774 -43.01 -47.15 3.24
N LEU A 775 -43.78 -46.20 3.76
CA LEU A 775 -43.27 -45.24 4.74
C LEU A 775 -42.98 -45.95 6.06
N ALA A 776 -41.70 -46.26 6.29
CA ALA A 776 -41.29 -47.03 7.46
C ALA A 776 -41.08 -46.14 8.68
N GLN A 777 -41.51 -46.61 9.85
CA GLN A 777 -41.33 -45.88 11.10
C GLN A 777 -40.89 -46.84 12.21
N PRO A 778 -39.68 -46.66 12.75
CA PRO A 778 -39.17 -47.57 13.77
C PRO A 778 -39.69 -47.24 15.17
N LYS A 779 -40.00 -48.25 15.96
CA LYS A 779 -40.39 -48.06 17.36
C LYS A 779 -39.20 -48.41 18.28
N MET A 780 -39.12 -47.76 19.44
CA MET A 780 -38.03 -48.03 20.38
C MET A 780 -38.50 -48.08 21.83
N ASP A 781 -38.44 -49.27 22.43
CA ASP A 781 -38.74 -49.45 23.85
C ASP A 781 -37.49 -49.22 24.68
N THR A 782 -37.62 -48.46 25.76
CA THR A 782 -36.47 -48.10 26.58
C THR A 782 -36.69 -48.39 28.05
N SER A 783 -35.63 -48.85 28.70
CA SER A 783 -35.58 -48.96 30.15
C SER A 783 -34.34 -48.26 30.65
N PHE A 784 -34.45 -47.61 31.80
CA PHE A 784 -33.26 -47.02 32.39
C PHE A 784 -33.09 -47.48 33.83
N PHE A 785 -31.83 -47.62 34.24
CA PHE A 785 -31.50 -47.98 35.61
C PHE A 785 -30.62 -46.91 36.24
N CYS A 786 -30.80 -46.70 37.54
CA CYS A 786 -29.92 -45.83 38.29
C CYS A 786 -29.61 -46.49 39.62
N PHE A 787 -28.41 -47.06 39.72
CA PHE A 787 -27.99 -47.75 40.94
C PHE A 787 -26.86 -47.01 41.64
N ASP A 788 -27.12 -46.51 42.84
CA ASP A 788 -26.07 -45.90 43.65
C ASP A 788 -25.30 -46.92 44.49
N ASP A 789 -25.99 -47.96 44.94
CA ASP A 789 -25.40 -49.09 45.66
C ASP A 789 -25.54 -50.34 44.83
N TYR A 790 -24.52 -51.20 44.89
CA TYR A 790 -24.48 -52.44 44.09
C TYR A 790 -25.84 -53.14 44.09
N LYS A 791 -26.45 -53.24 42.91
CA LYS A 791 -27.77 -53.86 42.78
C LYS A 791 -27.87 -54.74 41.54
N ASN A 792 -28.27 -55.99 41.75
CA ASN A 792 -28.66 -56.91 40.70
C ASN A 792 -30.11 -56.62 40.35
N GLN A 793 -30.46 -56.74 39.08
CA GLN A 793 -31.86 -56.66 38.63
C GLN A 793 -32.03 -57.29 37.26
N THR A 794 -33.24 -57.77 36.98
CA THR A 794 -33.50 -58.41 35.70
C THR A 794 -34.63 -57.69 34.94
N PHE A 795 -34.25 -57.08 33.82
CA PHE A 795 -35.21 -56.39 32.97
C PHE A 795 -35.65 -57.33 31.87
N PRO A 796 -36.97 -57.63 31.80
CA PRO A 796 -37.48 -58.44 30.71
C PRO A 796 -37.84 -57.57 29.51
N PHE A 797 -37.85 -58.18 28.33
CA PHE A 797 -38.19 -57.49 27.10
C PHE A 797 -38.96 -58.42 26.17
N ASN A 798 -40.29 -58.33 26.22
CA ASN A 798 -41.13 -59.07 25.31
C ASN A 798 -41.05 -58.44 23.91
N LEU A 799 -40.48 -59.19 22.97
CA LEU A 799 -40.32 -58.69 21.60
C LEU A 799 -41.55 -58.99 20.75
N ASP A 800 -42.37 -59.94 21.21
CA ASP A 800 -43.71 -60.18 20.65
C ASP A 800 -43.72 -60.32 19.13
N SER A 809 -41.74 -58.55 7.42
CA SER A 809 -41.50 -58.60 8.88
C SER A 809 -40.32 -57.72 9.34
N LYS A 810 -40.10 -57.71 10.65
CA LYS A 810 -39.20 -56.76 11.31
C LYS A 810 -37.75 -57.24 11.45
N LYS A 811 -36.88 -56.29 11.81
CA LYS A 811 -35.51 -56.55 12.27
C LYS A 811 -35.33 -55.84 13.60
N ILE A 812 -34.62 -56.47 14.53
CA ILE A 812 -34.40 -55.87 15.85
C ILE A 812 -32.91 -55.54 16.06
N GLU A 813 -32.66 -54.50 16.86
CA GLU A 813 -31.32 -54.16 17.34
C GLU A 813 -31.41 -53.82 18.84
N PHE A 814 -30.46 -54.31 19.63
CA PHE A 814 -30.37 -53.94 21.04
C PHE A 814 -29.24 -52.94 21.25
N ARG A 815 -29.54 -51.89 22.01
CA ARG A 815 -28.54 -50.90 22.37
C ARG A 815 -28.47 -50.68 23.87
N LEU A 816 -27.26 -50.69 24.42
CA LEU A 816 -27.01 -50.15 25.75
C LEU A 816 -26.24 -48.83 25.59
N ASN A 817 -26.70 -47.80 26.29
CA ASN A 817 -26.11 -46.47 26.17
C ASN A 817 -25.93 -45.85 27.54
N PRO A 818 -24.68 -45.49 27.88
CA PRO A 818 -24.32 -45.08 29.24
C PRO A 818 -24.70 -43.64 29.56
N ASN A 819 -25.21 -42.91 28.56
CA ASN A 819 -25.71 -41.55 28.78
C ASN A 819 -26.88 -41.21 27.87
N LEU A 820 -27.81 -40.44 28.42
CA LEU A 820 -28.96 -39.91 27.68
C LEU A 820 -28.60 -39.29 26.34
N LEU A 821 -27.39 -38.72 26.29
CA LEU A 821 -26.98 -37.89 25.18
C LEU A 821 -26.06 -38.57 24.19
N THR A 822 -25.57 -39.77 24.51
CA THR A 822 -24.65 -40.47 23.60
C THR A 822 -25.32 -40.72 22.25
N MET A 823 -26.55 -41.23 22.27
CA MET A 823 -27.33 -41.38 21.04
C MET A 823 -27.61 -40.02 20.40
N VAL A 824 -27.95 -39.03 21.23
CA VAL A 824 -28.27 -37.66 20.78
C VAL A 824 -27.08 -37.01 20.07
N ILE A 825 -25.92 -37.00 20.71
CA ILE A 825 -24.77 -36.32 20.13
C ILE A 825 -24.29 -37.03 18.85
N LYS A 826 -24.28 -38.36 18.89
CA LYS A 826 -23.89 -39.13 17.68
C LYS A 826 -25.00 -39.07 16.64
N ASN A 827 -25.86 -38.07 16.75
CA ASN A 827 -26.93 -37.82 15.77
C ASN A 827 -27.23 -36.34 15.56
N LEU A 828 -26.66 -35.48 16.40
CA LEU A 828 -27.02 -34.05 16.44
C LEU A 828 -27.47 -33.46 15.11
N ASP A 829 -26.58 -33.50 14.11
CA ASP A 829 -26.83 -32.87 12.81
C ASP A 829 -28.15 -33.28 12.15
N ASN A 830 -28.75 -34.38 12.60
CA ASN A 830 -30.07 -34.84 12.12
C ASN A 830 -30.78 -35.72 13.15
N LEU A 831 -31.77 -35.15 13.82
CA LEU A 831 -32.41 -35.84 14.95
C LEU A 831 -33.84 -36.28 14.70
N LEU A 832 -34.49 -35.71 13.69
CA LEU A 832 -35.90 -35.98 13.48
C LEU A 832 -36.20 -36.66 12.16
N ALA A 833 -37.21 -37.54 12.19
CA ALA A 833 -37.67 -38.23 11.00
C ALA A 833 -38.57 -37.34 10.12
N VAL A 834 -38.85 -36.14 10.61
CA VAL A 834 -39.76 -35.24 9.93
C VAL A 834 -38.98 -34.06 9.31
N PRO A 835 -39.50 -33.46 8.22
CA PRO A 835 -38.96 -32.18 7.73
C PRO A 835 -39.03 -31.07 8.79
N THR A 836 -38.14 -30.07 8.67
CA THR A 836 -38.09 -28.97 9.63
C THR A 836 -37.96 -27.57 8.99
N GLY A 837 -38.69 -27.34 7.91
CA GLY A 837 -38.64 -26.07 7.18
C GLY A 837 -39.62 -25.02 7.68
N CYS A 838 -39.62 -24.79 8.99
CA CYS A 838 -40.39 -23.70 9.58
C CYS A 838 -39.64 -23.13 10.75
N GLY A 839 -40.00 -21.89 11.11
CA GLY A 839 -39.31 -21.15 12.17
C GLY A 839 -39.14 -21.91 13.47
N GLU A 840 -40.18 -22.63 13.87
CA GLU A 840 -40.14 -23.40 15.11
C GLU A 840 -39.30 -24.67 14.92
N GLN A 841 -39.61 -25.41 13.87
CA GLN A 841 -38.94 -26.68 13.59
C GLN A 841 -37.43 -26.54 13.34
N ASN A 842 -37.06 -25.51 12.58
CA ASN A 842 -35.67 -25.29 12.21
C ASN A 842 -34.76 -25.05 13.42
N MET A 843 -35.35 -25.06 14.61
CA MET A 843 -34.60 -24.88 15.83
C MET A 843 -33.95 -26.17 16.32
N VAL A 844 -34.29 -27.29 15.68
CA VAL A 844 -33.65 -28.58 15.97
C VAL A 844 -32.18 -28.51 15.61
N LYS A 845 -31.84 -27.57 14.74
CA LYS A 845 -30.44 -27.36 14.34
C LYS A 845 -29.73 -26.50 15.37
N PHE A 846 -30.52 -25.89 16.25
CA PHE A 846 -30.01 -24.92 17.22
C PHE A 846 -30.10 -25.40 18.67
N VAL A 847 -31.34 -25.56 19.16
CA VAL A 847 -31.62 -25.85 20.58
C VAL A 847 -30.91 -27.10 21.15
N PRO A 848 -31.06 -28.28 20.49
CA PRO A 848 -30.41 -29.50 20.99
C PRO A 848 -28.93 -29.30 21.26
N ASN A 849 -28.31 -28.39 20.53
CA ASN A 849 -26.90 -28.09 20.73
C ASN A 849 -26.63 -27.32 22.01
N ILE A 850 -27.51 -26.38 22.35
CA ILE A 850 -27.39 -25.63 23.60
C ILE A 850 -27.46 -26.59 24.78
N LEU A 851 -28.46 -27.46 24.76
CA LEU A 851 -28.72 -28.44 25.83
C LEU A 851 -27.58 -29.45 25.98
N VAL A 852 -26.98 -29.86 24.86
CA VAL A 852 -25.83 -30.75 24.89
C VAL A 852 -24.60 -30.02 25.41
N LEU A 853 -24.49 -28.74 25.08
CA LEU A 853 -23.42 -27.90 25.62
C LEU A 853 -23.66 -27.61 27.11
N ASP A 854 -24.91 -27.29 27.45
CA ASP A 854 -25.34 -27.12 28.84
C ASP A 854 -24.79 -28.26 29.70
N TYR A 855 -25.17 -29.49 29.36
CA TYR A 855 -24.84 -30.69 30.13
C TYR A 855 -23.35 -30.97 30.24
N LEU A 856 -22.65 -30.87 29.11
CA LEU A 856 -21.23 -31.23 29.07
C LEU A 856 -20.40 -30.33 29.98
N TYR A 857 -20.74 -29.04 30.02
CA TYR A 857 -20.04 -28.11 30.90
C TYR A 857 -20.41 -28.33 32.36
N ALA A 858 -21.70 -28.49 32.63
CA ALA A 858 -22.19 -28.80 33.97
C ALA A 858 -21.42 -29.96 34.60
N THR A 859 -21.44 -31.13 33.94
CA THR A 859 -20.76 -32.30 34.48
C THR A 859 -19.23 -32.18 34.37
N GLY A 860 -18.77 -31.12 33.71
CA GLY A 860 -17.35 -30.86 33.51
C GLY A 860 -16.70 -31.94 32.66
N SER A 861 -17.25 -32.15 31.47
CA SER A 861 -16.79 -33.19 30.56
C SER A 861 -15.36 -32.95 30.09
N LYS A 862 -14.53 -33.99 30.18
CA LYS A 862 -13.17 -33.95 29.68
C LYS A 862 -13.12 -34.41 28.22
N GLU A 863 -14.31 -34.56 27.62
CA GLU A 863 -14.42 -34.91 26.20
C GLU A 863 -14.59 -33.66 25.37
N GLN A 864 -13.53 -32.87 25.28
CA GLN A 864 -13.51 -31.64 24.46
C GLN A 864 -13.98 -31.96 23.03
N HIS A 865 -13.63 -33.16 22.58
CA HIS A 865 -14.00 -33.69 21.27
C HIS A 865 -15.46 -33.54 20.91
N LEU A 866 -16.34 -33.72 21.90
CA LEU A 866 -17.78 -33.55 21.72
C LEU A 866 -18.17 -32.08 21.73
N ILE A 867 -17.71 -31.37 22.75
CA ILE A 867 -17.97 -29.95 22.93
C ILE A 867 -17.72 -29.21 21.61
N ASP A 868 -16.63 -29.56 20.94
CA ASP A 868 -16.28 -29.00 19.64
C ASP A 868 -17.40 -29.19 18.61
N LYS A 869 -17.83 -30.43 18.40
CA LYS A 869 -18.92 -30.71 17.47
C LYS A 869 -20.17 -29.87 17.78
N ALA A 870 -20.55 -29.88 19.06
CA ALA A 870 -21.75 -29.18 19.53
C ALA A 870 -21.64 -27.67 19.37
N THR A 871 -20.46 -27.11 19.67
CA THR A 871 -20.21 -25.68 19.55
C THR A 871 -20.21 -25.24 18.08
N ASN A 872 -19.59 -26.05 17.23
CA ASN A 872 -19.58 -25.80 15.79
C ASN A 872 -21.00 -25.81 15.22
N LEU A 873 -21.79 -26.82 15.58
CA LEU A 873 -23.17 -26.92 15.12
C LEU A 873 -24.07 -25.82 15.69
N LEU A 874 -23.71 -25.28 16.84
CA LEU A 874 -24.44 -24.18 17.48
C LEU A 874 -24.36 -22.92 16.63
N ARG A 875 -23.16 -22.66 16.10
CA ARG A 875 -22.93 -21.50 15.25
C ARG A 875 -23.68 -21.60 13.92
N GLN A 876 -23.51 -22.72 13.25
CA GLN A 876 -24.21 -22.98 11.99
C GLN A 876 -25.72 -23.03 12.21
N GLY A 877 -26.13 -23.39 13.42
CA GLY A 877 -27.54 -23.35 13.79
C GLY A 877 -28.05 -21.94 13.92
N TYR A 878 -27.18 -21.06 14.43
CA TYR A 878 -27.50 -19.64 14.60
C TYR A 878 -27.75 -18.95 13.26
N GLN A 879 -26.81 -19.16 12.33
CA GLN A 879 -26.91 -18.63 10.96
C GLN A 879 -28.19 -19.10 10.27
N ASN A 880 -28.45 -20.40 10.32
CA ASN A 880 -29.63 -20.97 9.70
C ASN A 880 -30.92 -20.29 10.18
N GLN A 881 -30.98 -20.00 11.48
CA GLN A 881 -32.18 -19.46 12.11
C GLN A 881 -32.43 -17.97 11.81
N MET A 882 -31.37 -17.24 11.45
CA MET A 882 -31.52 -15.82 11.15
C MET A 882 -32.41 -15.56 9.95
N ARG A 883 -32.71 -16.61 9.20
CA ARG A 883 -33.56 -16.53 8.02
C ARG A 883 -35.00 -16.26 8.40
N TYR A 884 -35.34 -16.53 9.66
CA TYR A 884 -36.70 -16.34 10.16
C TYR A 884 -36.87 -15.03 10.95
N ARG A 885 -35.84 -14.19 10.92
CA ARG A 885 -35.94 -12.85 11.50
C ARG A 885 -36.76 -11.97 10.58
N GLN A 886 -37.72 -11.26 11.14
CA GLN A 886 -38.55 -10.32 10.40
C GLN A 886 -38.00 -8.89 10.51
N THR A 887 -38.60 -7.96 9.77
CA THR A 887 -38.12 -6.59 9.71
C THR A 887 -38.23 -5.89 11.06
N ASP A 888 -39.33 -6.13 11.78
CA ASP A 888 -39.59 -5.46 13.05
C ASP A 888 -38.83 -6.02 14.26
N GLY A 889 -37.87 -6.91 14.01
CA GLY A 889 -37.03 -7.47 15.08
C GLY A 889 -37.52 -8.80 15.64
N SER A 890 -38.76 -9.15 15.33
CA SER A 890 -39.38 -10.40 15.78
C SER A 890 -38.99 -11.58 14.89
N PHE A 891 -39.41 -12.78 15.28
CA PHE A 891 -39.20 -13.98 14.46
C PHE A 891 -40.53 -14.56 13.98
N GLY A 892 -40.51 -15.11 12.77
CA GLY A 892 -41.71 -15.70 12.18
C GLY A 892 -41.55 -17.15 11.77
N VAL A 893 -42.68 -17.85 11.65
CA VAL A 893 -42.69 -19.26 11.25
C VAL A 893 -42.16 -19.43 9.83
N TRP A 894 -42.36 -18.41 9.00
CA TRP A 894 -41.86 -18.45 7.63
C TRP A 894 -40.78 -17.44 7.36
N GLU A 895 -40.02 -17.70 6.29
CA GLU A 895 -38.87 -16.88 5.93
C GLU A 895 -39.27 -15.42 5.68
N LYS A 896 -40.26 -15.23 4.80
CA LYS A 896 -40.74 -13.91 4.42
C LYS A 896 -41.77 -13.33 5.41
N SER A 897 -42.78 -14.14 5.76
CA SER A 897 -43.91 -13.65 6.56
C SER A 897 -44.06 -14.42 7.88
N GLY A 898 -45.30 -14.48 8.37
CA GLY A 898 -45.68 -15.31 9.52
C GLY A 898 -45.06 -15.03 10.87
N SER A 899 -44.94 -13.74 11.23
CA SER A 899 -44.40 -13.35 12.54
C SER A 899 -45.19 -14.03 13.67
N SER A 900 -44.50 -14.32 14.77
CA SER A 900 -45.11 -15.06 15.89
C SER A 900 -44.59 -14.64 17.27
N VAL A 901 -45.50 -14.63 18.25
CA VAL A 901 -45.14 -14.30 19.64
C VAL A 901 -44.44 -15.48 20.29
N PHE A 902 -45.04 -16.66 20.15
CA PHE A 902 -44.50 -17.91 20.68
C PHE A 902 -43.05 -18.04 20.24
N LEU A 903 -42.86 -17.99 18.92
CA LEU A 903 -41.54 -18.17 18.32
C LEU A 903 -40.55 -17.11 18.76
N THR A 904 -41.00 -15.85 18.76
CA THR A 904 -40.12 -14.73 19.10
C THR A 904 -39.59 -14.87 20.52
N ALA A 905 -40.46 -15.26 21.45
CA ALA A 905 -40.04 -15.55 22.82
C ALA A 905 -38.95 -16.62 22.81
N PHE A 906 -39.24 -17.71 22.10
CA PHE A 906 -38.39 -18.91 22.02
C PHE A 906 -37.02 -18.60 21.43
N VAL A 907 -37.01 -18.11 20.19
CA VAL A 907 -35.77 -17.85 19.45
C VAL A 907 -34.90 -16.80 20.16
N ALA A 908 -35.55 -15.75 20.65
CA ALA A 908 -34.87 -14.64 21.33
C ALA A 908 -34.07 -15.13 22.53
N THR A 909 -34.79 -15.76 23.45
CA THR A 909 -34.21 -16.22 24.71
C THR A 909 -33.29 -17.40 24.48
N SER A 910 -33.64 -18.20 23.47
CA SER A 910 -32.82 -19.33 23.04
C SER A 910 -31.40 -18.89 22.72
N MET A 911 -31.30 -17.80 21.96
CA MET A 911 -30.01 -17.20 21.59
C MET A 911 -29.27 -16.60 22.77
N GLN A 912 -30.03 -15.92 23.64
CA GLN A 912 -29.48 -15.28 24.83
C GLN A 912 -28.69 -16.28 25.70
N THR A 913 -29.16 -17.53 25.73
CA THR A 913 -28.49 -18.62 26.44
C THR A 913 -27.22 -19.01 25.71
N ALA A 914 -27.36 -19.29 24.41
CA ALA A 914 -26.27 -19.75 23.54
C ALA A 914 -25.07 -18.80 23.54
N SER A 915 -25.31 -17.56 23.96
CA SER A 915 -24.29 -16.52 24.00
C SER A 915 -23.05 -16.93 24.79
N LYS A 916 -23.25 -17.69 25.87
CA LYS A 916 -22.13 -18.15 26.69
C LYS A 916 -21.29 -19.23 26.00
N TYR A 917 -21.74 -19.68 24.83
CA TYR A 917 -21.03 -20.72 24.06
C TYR A 917 -20.47 -20.25 22.71
N MET A 918 -20.90 -19.07 22.26
CA MET A 918 -20.38 -18.48 21.02
C MET A 918 -20.32 -16.96 21.08
N ASN A 919 -19.20 -16.41 20.61
CA ASN A 919 -18.98 -14.97 20.49
C ASN A 919 -19.94 -14.29 19.50
N ASP A 920 -20.23 -15.00 18.40
CA ASP A 920 -20.83 -14.41 17.19
C ASP A 920 -22.26 -13.88 17.29
N ILE A 921 -22.90 -14.03 18.46
CA ILE A 921 -24.32 -13.62 18.58
C ILE A 921 -24.50 -12.10 18.64
N ASP A 922 -25.40 -11.62 17.79
CA ASP A 922 -25.75 -10.21 17.70
C ASP A 922 -26.51 -9.75 18.94
N ALA A 923 -25.73 -9.32 19.95
CA ALA A 923 -26.25 -8.99 21.29
C ALA A 923 -27.41 -8.00 21.32
N ALA A 924 -27.40 -7.02 20.42
CA ALA A 924 -28.45 -6.01 20.35
C ALA A 924 -29.68 -6.54 19.62
N MET A 925 -29.45 -7.44 18.67
CA MET A 925 -30.52 -8.07 17.88
C MET A 925 -31.47 -8.89 18.75
N VAL A 926 -30.90 -9.50 19.79
CA VAL A 926 -31.67 -10.20 20.82
C VAL A 926 -32.51 -9.20 21.62
N GLU A 927 -31.86 -8.16 22.13
CA GLU A 927 -32.50 -7.11 22.91
C GLU A 927 -33.69 -6.50 22.16
N LYS A 928 -33.50 -6.23 20.86
CA LYS A 928 -34.54 -5.67 20.00
C LYS A 928 -35.67 -6.66 19.74
N ALA A 929 -35.38 -7.95 19.89
CA ALA A 929 -36.39 -9.00 19.74
C ALA A 929 -37.18 -9.15 21.03
N LEU A 930 -36.49 -9.02 22.17
CA LEU A 930 -37.14 -9.04 23.48
C LEU A 930 -38.03 -7.81 23.70
N ASP A 931 -37.66 -6.70 23.08
CA ASP A 931 -38.41 -5.46 23.19
C ASP A 931 -39.70 -5.49 22.35
N TRP A 932 -39.65 -6.13 21.19
CA TRP A 932 -40.84 -6.37 20.37
C TRP A 932 -41.82 -7.19 21.16
N LEU A 933 -41.27 -8.15 21.90
CA LEU A 933 -42.03 -9.06 22.75
C LEU A 933 -42.71 -8.30 23.88
N ALA A 934 -41.92 -7.55 24.65
CA ALA A 934 -42.38 -6.78 25.81
C ALA A 934 -43.60 -5.88 25.49
N SER A 935 -43.58 -5.26 24.32
CA SER A 935 -44.63 -4.35 23.89
C SER A 935 -45.94 -5.08 23.57
N LYS A 936 -45.84 -6.37 23.22
CA LYS A 936 -47.01 -7.16 22.82
C LYS A 936 -47.88 -7.64 24.00
N GLN A 937 -47.39 -7.44 25.23
CA GLN A 937 -48.13 -7.79 26.46
C GLN A 937 -49.40 -6.97 26.60
N HIS A 938 -50.43 -7.56 27.21
CA HIS A 938 -51.64 -6.83 27.58
C HIS A 938 -51.45 -6.15 28.91
N SER A 939 -52.43 -5.32 29.29
CA SER A 939 -52.40 -4.61 30.57
C SER A 939 -52.52 -5.55 31.77
N SER A 940 -53.21 -6.67 31.58
CA SER A 940 -53.39 -7.70 32.59
C SER A 940 -52.09 -8.44 32.94
N GLY A 941 -51.13 -8.42 32.01
CA GLY A 941 -49.90 -9.20 32.11
C GLY A 941 -49.95 -10.41 31.17
N ARG A 942 -51.05 -10.48 30.43
CA ARG A 942 -51.38 -11.59 29.53
C ARG A 942 -50.71 -11.43 28.17
N PHE A 943 -50.48 -12.54 27.47
CA PHE A 943 -49.96 -12.52 26.10
C PHE A 943 -50.89 -13.31 25.18
N ASP A 944 -51.16 -12.77 24.00
CA ASP A 944 -51.95 -13.47 22.98
C ASP A 944 -51.07 -13.72 21.76
N GLU A 945 -51.44 -14.70 20.93
CA GLU A 945 -50.68 -14.91 19.70
C GLU A 945 -51.23 -14.08 18.55
N THR A 946 -50.43 -13.11 18.11
CA THR A 946 -50.77 -12.28 16.97
C THR A 946 -50.29 -12.97 15.69
N GLY A 947 -51.24 -13.47 14.90
CA GLY A 947 -50.93 -14.31 13.74
C GLY A 947 -51.50 -15.70 13.90
N LYS A 948 -51.64 -16.42 12.79
CA LYS A 948 -52.33 -17.73 12.73
C LYS A 948 -51.92 -18.77 13.78
N VAL A 949 -52.81 -19.73 14.05
CA VAL A 949 -52.57 -20.79 15.02
C VAL A 949 -52.10 -22.09 14.36
N TRP A 950 -50.85 -22.47 14.67
CA TRP A 950 -50.21 -23.68 14.13
C TRP A 950 -49.81 -24.64 15.21
N HIS A 951 -49.70 -24.13 16.45
CA HIS A 951 -49.52 -24.96 17.64
C HIS A 951 -50.64 -24.61 18.59
N LYS A 952 -51.68 -25.43 18.60
CA LYS A 952 -52.96 -25.11 19.28
C LYS A 952 -52.85 -24.90 20.78
N ASP A 953 -52.37 -25.92 21.49
CA ASP A 953 -52.26 -25.87 22.95
C ASP A 953 -51.50 -24.64 23.43
N MET A 954 -50.48 -24.24 22.66
CA MET A 954 -49.64 -23.10 23.03
C MET A 954 -50.28 -21.77 22.65
N GLN A 955 -50.77 -21.68 21.42
CA GLN A 955 -51.26 -20.42 20.85
C GLN A 955 -52.78 -20.24 20.98
N GLY A 956 -53.43 -21.18 21.64
CA GLY A 956 -54.88 -21.12 21.85
C GLY A 956 -55.22 -20.05 22.87
N GLY A 957 -56.17 -19.20 22.51
CA GLY A 957 -56.67 -18.16 23.41
C GLY A 957 -57.96 -18.61 24.08
N LEU A 958 -58.45 -19.79 23.69
CA LEU A 958 -59.68 -20.35 24.23
C LEU A 958 -59.59 -20.70 25.72
N ARG A 959 -58.41 -20.54 26.32
CA ARG A 959 -58.22 -20.78 27.74
C ARG A 959 -57.36 -19.68 28.36
N ASN A 960 -57.92 -18.47 28.40
CA ASN A 960 -57.30 -17.29 29.04
C ASN A 960 -55.86 -16.98 28.62
N GLY A 961 -55.42 -17.60 27.53
CA GLY A 961 -54.03 -17.48 27.07
C GLY A 961 -53.04 -17.78 28.17
N VAL A 962 -53.39 -18.75 29.02
CA VAL A 962 -52.55 -19.20 30.14
C VAL A 962 -51.25 -19.81 29.62
N ALA A 963 -51.37 -20.64 28.57
CA ALA A 963 -50.22 -21.27 27.93
C ALA A 963 -49.17 -20.25 27.51
N LEU A 964 -49.53 -19.40 26.55
CA LEU A 964 -48.58 -18.45 25.97
C LEU A 964 -47.97 -17.53 27.02
N THR A 965 -48.79 -17.05 27.94
CA THR A 965 -48.34 -16.15 29.00
C THR A 965 -47.26 -16.80 29.84
N SER A 966 -47.54 -18.03 30.28
CA SER A 966 -46.61 -18.81 31.09
C SER A 966 -45.32 -19.07 30.33
N TYR A 967 -45.43 -19.34 29.03
CA TYR A 967 -44.26 -19.60 28.20
C TYR A 967 -43.36 -18.38 28.11
N VAL A 968 -43.95 -17.25 27.71
CA VAL A 968 -43.21 -15.99 27.54
C VAL A 968 -42.51 -15.60 28.85
N LEU A 969 -43.22 -15.78 29.97
CA LEU A 969 -42.64 -15.54 31.29
C LEU A 969 -41.49 -16.50 31.59
N THR A 970 -41.60 -17.72 31.08
CA THR A 970 -40.56 -18.74 31.24
C THR A 970 -39.29 -18.30 30.51
N ALA A 971 -39.48 -17.81 29.29
CA ALA A 971 -38.38 -17.40 28.42
C ALA A 971 -37.58 -16.25 29.02
N LEU A 972 -38.30 -15.25 29.53
CA LEU A 972 -37.70 -14.07 30.15
C LEU A 972 -36.90 -14.43 31.39
N LEU A 973 -37.43 -15.34 32.19
CA LEU A 973 -36.86 -15.69 33.49
C LEU A 973 -35.52 -16.44 33.45
N GLU A 974 -35.22 -17.10 32.34
CA GLU A 974 -34.02 -17.93 32.24
C GLU A 974 -32.73 -17.21 31.87
N ASN A 975 -32.81 -15.90 31.63
CA ASN A 975 -31.63 -15.09 31.27
C ASN A 975 -31.43 -13.91 32.21
N ASP A 976 -30.28 -13.88 32.88
CA ASP A 976 -29.97 -12.87 33.91
C ASP A 976 -30.06 -11.42 33.43
N ILE A 977 -29.60 -11.16 32.20
CA ILE A 977 -29.75 -9.86 31.59
C ILE A 977 -31.23 -9.56 31.36
N ALA A 978 -31.92 -10.49 30.69
CA ALA A 978 -33.34 -10.34 30.37
C ALA A 978 -34.24 -10.20 31.59
N LYS A 979 -33.89 -10.91 32.66
CA LYS A 979 -34.69 -10.90 33.90
C LYS A 979 -34.68 -9.53 34.57
N VAL A 980 -33.54 -8.84 34.51
CA VAL A 980 -33.40 -7.50 35.12
C VAL A 980 -33.95 -6.42 34.18
N LYS A 981 -33.53 -6.45 32.92
CA LYS A 981 -33.92 -5.44 31.93
C LYS A 981 -35.42 -5.38 31.68
N HIS A 982 -36.10 -6.51 31.83
CA HIS A 982 -37.54 -6.60 31.54
C HIS A 982 -38.38 -6.92 32.74
N ALA A 983 -37.82 -6.77 33.94
CA ALA A 983 -38.46 -7.16 35.21
C ALA A 983 -39.91 -6.68 35.41
N VAL A 984 -40.24 -5.51 34.87
CA VAL A 984 -41.58 -4.92 34.99
C VAL A 984 -42.62 -5.71 34.19
N VAL A 985 -42.22 -6.15 32.99
CA VAL A 985 -43.08 -6.95 32.11
C VAL A 985 -43.37 -8.31 32.74
N ILE A 986 -42.33 -8.92 33.30
CA ILE A 986 -42.42 -10.18 34.05
C ILE A 986 -43.41 -10.06 35.21
N GLN A 987 -43.21 -9.02 36.04
CA GLN A 987 -44.03 -8.80 37.24
C GLN A 987 -45.52 -8.75 36.93
N ASN A 988 -45.87 -8.14 35.79
CA ASN A 988 -47.25 -8.11 35.32
C ASN A 988 -47.78 -9.49 34.93
N GLY A 989 -46.92 -10.30 34.31
CA GLY A 989 -47.28 -11.64 33.89
C GLY A 989 -47.48 -12.58 35.06
N MET A 990 -46.51 -12.62 35.98
CA MET A 990 -46.58 -13.48 37.15
C MET A 990 -47.82 -13.23 37.99
N ASN A 991 -48.28 -11.98 37.99
CA ASN A 991 -49.51 -11.61 38.68
C ASN A 991 -50.74 -12.15 37.96
N TYR A 992 -50.72 -12.10 36.63
CA TYR A 992 -51.81 -12.62 35.82
C TYR A 992 -52.00 -14.12 36.04
N LEU A 993 -50.91 -14.84 36.18
CA LEU A 993 -50.95 -16.25 36.54
C LEU A 993 -51.51 -16.44 37.93
N SER A 994 -51.03 -15.64 38.89
CA SER A 994 -51.45 -15.74 40.29
C SER A 994 -52.97 -15.62 40.40
N ASN A 995 -53.52 -14.61 39.72
CA ASN A 995 -54.97 -14.40 39.66
C ASN A 995 -55.69 -15.51 38.92
N GLN A 996 -54.96 -16.23 38.07
CA GLN A 996 -55.53 -17.28 37.25
C GLN A 996 -55.38 -18.68 37.85
N LEU A 997 -54.53 -18.82 38.85
CA LEU A 997 -54.05 -20.13 39.30
C LEU A 997 -55.14 -21.14 39.65
N ALA A 998 -56.12 -20.72 40.44
CA ALA A 998 -57.22 -21.59 40.83
C ALA A 998 -58.14 -21.87 39.65
N PHE A 999 -57.98 -21.07 38.58
CA PHE A 999 -58.82 -21.20 37.39
C PHE A 999 -58.26 -22.11 36.30
N ILE A 1000 -56.95 -22.36 36.30
CA ILE A 1000 -56.32 -23.23 35.30
C ILE A 1000 -56.71 -24.69 35.52
N ASN A 1001 -57.32 -25.30 34.52
CA ASN A 1001 -57.78 -26.69 34.63
C ASN A 1001 -57.28 -27.62 33.52
N ASN A 1002 -56.45 -27.07 32.64
CA ASN A 1002 -55.83 -27.84 31.57
C ASN A 1002 -54.38 -28.20 31.93
N PRO A 1003 -54.00 -29.49 31.84
CA PRO A 1003 -52.68 -29.94 32.30
C PRO A 1003 -51.53 -29.28 31.56
N TYR A 1004 -51.66 -29.10 30.24
CA TYR A 1004 -50.66 -28.40 29.44
C TYR A 1004 -50.39 -27.03 30.05
N ASP A 1005 -51.42 -26.20 30.12
CA ASP A 1005 -51.28 -24.83 30.60
C ASP A 1005 -50.61 -24.80 31.96
N LEU A 1006 -51.19 -25.56 32.89
CA LEU A 1006 -50.72 -25.58 34.28
C LEU A 1006 -49.24 -25.98 34.41
N SER A 1007 -48.80 -26.92 33.59
CA SER A 1007 -47.43 -27.42 33.65
C SER A 1007 -46.40 -26.31 33.47
N ILE A 1008 -46.72 -25.38 32.57
CA ILE A 1008 -45.86 -24.24 32.24
C ILE A 1008 -46.01 -23.15 33.29
N ALA A 1009 -47.27 -22.86 33.66
CA ALA A 1009 -47.57 -21.89 34.71
C ALA A 1009 -46.79 -22.22 35.97
N THR A 1010 -46.73 -23.51 36.28
CA THR A 1010 -45.98 -24.04 37.40
C THR A 1010 -44.48 -23.82 37.20
N TYR A 1011 -44.01 -24.14 36.00
CA TYR A 1011 -42.60 -23.95 35.63
C TYR A 1011 -42.20 -22.48 35.75
N ALA A 1012 -43.08 -21.60 35.26
CA ALA A 1012 -42.90 -20.15 35.37
C ALA A 1012 -42.68 -19.78 36.85
N MET A 1013 -43.66 -20.13 37.69
CA MET A 1013 -43.61 -19.84 39.12
C MET A 1013 -42.40 -20.46 39.81
N MET A 1014 -42.02 -21.66 39.36
CA MET A 1014 -40.87 -22.34 39.94
C MET A 1014 -39.57 -21.61 39.65
N LEU A 1015 -39.46 -21.08 38.43
CA LEU A 1015 -38.32 -20.25 38.00
C LEU A 1015 -38.37 -18.90 38.69
N ASN A 1016 -39.59 -18.34 38.76
CA ASN A 1016 -39.86 -17.02 39.35
C ASN A 1016 -39.55 -16.95 40.84
N GLY A 1017 -39.82 -18.05 41.54
CA GLY A 1017 -39.70 -18.08 43.00
C GLY A 1017 -40.94 -17.51 43.65
N HIS A 1018 -42.08 -17.65 42.94
CA HIS A 1018 -43.38 -17.14 43.36
C HIS A 1018 -43.82 -17.68 44.69
N THR A 1019 -44.77 -17.00 45.33
CA THR A 1019 -45.31 -17.49 46.60
C THR A 1019 -46.21 -18.70 46.36
N MET A 1020 -47.02 -18.61 45.32
CA MET A 1020 -47.96 -19.66 44.95
C MET A 1020 -47.34 -20.76 44.09
N LYS A 1021 -46.02 -20.95 44.20
CA LYS A 1021 -45.31 -21.99 43.43
C LYS A 1021 -45.69 -23.39 43.90
N LYS A 1022 -45.57 -23.63 45.21
CA LYS A 1022 -45.90 -24.92 45.80
C LYS A 1022 -47.34 -25.32 45.48
N GLU A 1023 -48.26 -24.39 45.66
CA GLU A 1023 -49.67 -24.60 45.32
C GLU A 1023 -49.82 -25.08 43.87
N ALA A 1024 -49.20 -24.35 42.95
CA ALA A 1024 -49.30 -24.63 41.52
C ALA A 1024 -48.83 -26.04 41.18
N LEU A 1025 -47.70 -26.44 41.79
CA LEU A 1025 -47.08 -27.75 41.55
C LEU A 1025 -47.94 -28.90 42.06
N ASP A 1026 -48.56 -28.70 43.22
CA ASP A 1026 -49.45 -29.69 43.81
C ASP A 1026 -50.69 -29.87 42.98
N LYS A 1027 -51.23 -28.76 42.45
CA LYS A 1027 -52.37 -28.81 41.56
C LYS A 1027 -52.02 -29.47 40.22
N LEU A 1028 -50.73 -29.46 39.88
CA LEU A 1028 -50.25 -30.20 38.72
C LEU A 1028 -50.14 -31.68 39.06
N ILE A 1029 -49.47 -31.99 40.18
CA ILE A 1029 -49.33 -33.37 40.64
C ILE A 1029 -50.68 -34.07 40.69
N ASP A 1030 -51.69 -33.34 41.17
CA ASP A 1030 -53.03 -33.89 41.34
C ASP A 1030 -53.67 -34.34 40.03
N MET A 1031 -53.12 -33.87 38.90
CA MET A 1031 -53.65 -34.20 37.57
C MET A 1031 -52.91 -35.38 36.92
N SER A 1032 -51.90 -35.90 37.61
CA SER A 1032 -50.98 -36.88 37.02
C SER A 1032 -51.58 -38.29 36.87
N ILE A 1033 -51.36 -38.88 35.71
CA ILE A 1033 -51.76 -40.26 35.45
C ILE A 1033 -50.67 -41.18 35.99
N SER A 1034 -51.06 -42.08 36.90
CA SER A 1034 -50.11 -43.01 37.52
C SER A 1034 -50.35 -44.45 37.09
N ASP A 1035 -49.25 -45.14 36.82
CA ASP A 1035 -49.26 -46.56 36.52
C ASP A 1035 -48.20 -47.22 37.40
N ASN A 1036 -48.62 -47.69 38.57
CA ASN A 1036 -47.71 -48.27 39.55
C ASN A 1036 -47.23 -49.68 39.17
N ASN A 1037 -48.00 -50.37 38.34
CA ASN A 1037 -47.59 -51.65 37.76
C ASN A 1037 -46.65 -51.44 36.56
N LYS A 1038 -45.94 -50.30 36.54
CA LYS A 1038 -44.98 -49.94 35.50
C LYS A 1038 -43.94 -48.92 35.97
N LYS A 1039 -44.16 -48.37 37.16
CA LYS A 1039 -43.37 -47.24 37.72
C LYS A 1039 -43.28 -46.03 36.77
N GLU A 1040 -44.45 -45.61 36.27
CA GLU A 1040 -44.58 -44.52 35.28
C GLU A 1040 -45.59 -43.46 35.72
N ARG A 1041 -45.21 -42.19 35.55
CA ARG A 1041 -46.12 -41.06 35.80
C ARG A 1041 -46.06 -39.99 34.70
N TYR A 1042 -47.19 -39.76 34.04
CA TYR A 1042 -47.26 -38.75 32.97
C TYR A 1042 -48.43 -37.77 33.11
N TRP A 1043 -48.47 -36.77 32.23
CA TRP A 1043 -49.54 -35.79 32.21
C TRP A 1043 -50.15 -35.75 30.83
N GLY A 1044 -51.48 -35.83 30.77
CA GLY A 1044 -52.17 -36.44 29.62
C GLY A 1044 -52.77 -35.59 28.54
N THR A 1045 -53.82 -36.15 27.91
CA THR A 1045 -54.49 -35.64 26.69
C THR A 1045 -53.58 -35.48 25.45
N THR A 1046 -53.59 -34.29 24.84
CA THR A 1046 -52.98 -34.07 23.53
C THR A 1046 -51.45 -34.03 23.51
N ASN A 1047 -50.84 -33.06 24.19
CA ASN A 1047 -49.39 -32.89 24.06
C ASN A 1047 -48.58 -33.46 25.21
N GLN A 1048 -48.69 -34.77 25.36
CA GLN A 1048 -48.21 -35.46 26.56
C GLN A 1048 -46.73 -35.26 26.83
N ILE A 1049 -45.93 -35.52 25.80
CA ILE A 1049 -44.47 -35.47 25.89
C ILE A 1049 -44.00 -34.11 26.39
N GLU A 1050 -44.63 -33.05 25.88
CA GLU A 1050 -44.35 -31.67 26.33
C GLU A 1050 -44.77 -31.45 27.79
N THR A 1051 -46.06 -31.62 28.05
CA THR A 1051 -46.64 -31.39 29.38
C THR A 1051 -45.80 -32.06 30.46
N THR A 1052 -45.46 -33.33 30.22
CA THR A 1052 -44.71 -34.16 31.16
C THR A 1052 -43.31 -33.61 31.37
N ALA A 1053 -42.71 -33.09 30.30
CA ALA A 1053 -41.39 -32.51 30.38
C ALA A 1053 -41.40 -31.28 31.28
N TYR A 1054 -42.33 -30.35 31.02
CA TYR A 1054 -42.47 -29.16 31.85
C TYR A 1054 -42.63 -29.57 33.31
N ALA A 1055 -43.53 -30.53 33.53
CA ALA A 1055 -43.81 -31.08 34.86
C ALA A 1055 -42.54 -31.54 35.55
N LEU A 1056 -41.76 -32.40 34.88
CA LEU A 1056 -40.50 -32.91 35.45
C LEU A 1056 -39.54 -31.77 35.79
N LEU A 1057 -39.47 -30.77 34.91
CA LEU A 1057 -38.59 -29.62 35.13
C LEU A 1057 -38.89 -28.97 36.47
N SER A 1058 -40.18 -28.74 36.72
CA SER A 1058 -40.65 -28.19 37.99
C SER A 1058 -40.31 -29.12 39.17
N PHE A 1059 -40.39 -30.43 38.95
CA PHE A 1059 -40.02 -31.41 39.98
C PHE A 1059 -38.57 -31.18 40.37
N VAL A 1060 -37.69 -31.22 39.36
CA VAL A 1060 -36.24 -31.12 39.58
C VAL A 1060 -35.90 -29.78 40.23
N MET A 1061 -36.66 -28.76 39.85
CA MET A 1061 -36.59 -27.46 40.46
C MET A 1061 -36.89 -27.56 41.96
N ALA A 1062 -38.01 -28.20 42.29
CA ALA A 1062 -38.46 -28.37 43.66
C ALA A 1062 -37.78 -29.56 44.39
N GLU A 1063 -36.70 -30.05 43.80
CA GLU A 1063 -35.88 -31.13 44.40
C GLU A 1063 -36.60 -32.47 44.64
N LYS A 1064 -37.78 -32.63 44.01
CA LYS A 1064 -38.52 -33.90 44.08
C LYS A 1064 -37.89 -34.91 43.12
N TYR A 1065 -36.62 -35.22 43.35
CA TYR A 1065 -35.85 -36.09 42.46
C TYR A 1065 -36.40 -37.52 42.45
N LEU A 1066 -36.59 -38.09 43.65
CA LEU A 1066 -37.06 -39.46 43.76
C LEU A 1066 -38.42 -39.63 43.09
N ASP A 1067 -39.33 -38.70 43.35
CA ASP A 1067 -40.64 -38.75 42.72
C ASP A 1067 -40.57 -38.48 41.22
N GLY A 1068 -39.44 -37.97 40.76
CA GLY A 1068 -39.23 -37.70 39.34
C GLY A 1068 -38.89 -38.95 38.55
N ILE A 1069 -38.39 -39.97 39.25
CA ILE A 1069 -37.93 -41.22 38.61
C ILE A 1069 -39.03 -41.98 37.85
N PRO A 1070 -40.23 -42.13 38.45
CA PRO A 1070 -41.32 -42.68 37.64
C PRO A 1070 -41.73 -41.77 36.47
N VAL A 1071 -41.51 -40.46 36.61
CA VAL A 1071 -41.79 -39.52 35.54
C VAL A 1071 -40.85 -39.79 34.36
N MET A 1072 -39.55 -39.82 34.66
CA MET A 1072 -38.51 -40.10 33.66
C MET A 1072 -38.77 -41.42 32.93
N ASN A 1073 -39.08 -42.46 33.69
CA ASN A 1073 -39.38 -43.78 33.14
C ASN A 1073 -40.35 -43.77 31.98
N TRP A 1074 -41.33 -42.88 32.06
CA TRP A 1074 -42.28 -42.72 30.98
C TRP A 1074 -41.66 -41.96 29.85
N LEU A 1075 -40.98 -40.85 30.18
CA LEU A 1075 -40.40 -39.98 29.16
C LEU A 1075 -39.37 -40.71 28.30
N VAL A 1076 -38.45 -41.41 28.96
CA VAL A 1076 -37.40 -42.15 28.28
C VAL A 1076 -37.98 -43.16 27.31
N ASN A 1077 -39.14 -43.71 27.66
CA ASN A 1077 -39.79 -44.70 26.83
C ASN A 1077 -40.56 -44.12 25.64
N GLN A 1078 -40.66 -42.79 25.61
CA GLN A 1078 -41.32 -42.10 24.50
C GLN A 1078 -40.34 -41.58 23.46
N ARG A 1079 -39.05 -41.75 23.73
CA ARG A 1079 -37.98 -41.28 22.84
C ARG A 1079 -38.02 -41.91 21.46
N TYR A 1080 -37.63 -41.13 20.48
CA TYR A 1080 -37.40 -41.60 19.12
C TYR A 1080 -36.02 -42.25 19.07
N VAL A 1081 -35.81 -43.08 18.05
CA VAL A 1081 -34.60 -43.90 17.91
C VAL A 1081 -33.26 -43.13 17.96
N THR A 1082 -33.28 -41.86 17.57
CA THR A 1082 -32.08 -41.00 17.57
C THR A 1082 -31.59 -40.58 18.96
N GLY A 1083 -32.43 -40.76 19.98
CA GLY A 1083 -32.13 -40.27 21.33
C GLY A 1083 -32.97 -39.05 21.68
N SER A 1084 -33.48 -38.40 20.64
CA SER A 1084 -34.38 -37.26 20.77
C SER A 1084 -35.81 -37.76 20.87
N PHE A 1085 -36.76 -36.82 20.83
CA PHE A 1085 -38.19 -37.14 20.78
C PHE A 1085 -38.74 -37.00 19.36
N PRO A 1086 -39.96 -37.53 19.11
CA PRO A 1086 -40.52 -37.60 17.75
C PRO A 1086 -40.63 -36.26 17.03
N ARG A 1087 -40.89 -35.19 17.76
CA ARG A 1087 -41.03 -33.88 17.12
C ARG A 1087 -40.09 -32.83 17.68
N THR A 1088 -40.37 -31.58 17.33
CA THR A 1088 -39.51 -30.46 17.69
C THR A 1088 -39.60 -30.07 19.17
N GLN A 1089 -40.75 -29.52 19.59
CA GLN A 1089 -40.89 -28.94 20.92
C GLN A 1089 -40.65 -29.96 22.04
N ASP A 1090 -41.28 -31.12 21.93
CA ASP A 1090 -41.08 -32.24 22.86
C ASP A 1090 -39.61 -32.58 23.05
N THR A 1091 -38.87 -32.70 21.95
CA THR A 1091 -37.41 -32.80 22.03
C THR A 1091 -36.86 -31.68 22.91
N PHE A 1092 -37.24 -30.45 22.60
CA PHE A 1092 -36.65 -29.27 23.25
C PHE A 1092 -36.88 -29.22 24.76
N VAL A 1093 -38.14 -29.40 25.17
CA VAL A 1093 -38.45 -29.40 26.59
C VAL A 1093 -38.06 -30.74 27.23
N GLY A 1094 -38.24 -31.82 26.47
CA GLY A 1094 -37.99 -33.18 26.94
C GLY A 1094 -36.56 -33.47 27.31
N LEU A 1095 -35.65 -33.33 26.35
CA LEU A 1095 -34.22 -33.51 26.59
C LEU A 1095 -33.76 -32.63 27.73
N LYS A 1096 -34.28 -31.41 27.78
CA LYS A 1096 -33.96 -30.48 28.86
C LYS A 1096 -34.33 -31.09 30.21
N ALA A 1097 -35.56 -31.59 30.32
CA ALA A 1097 -36.07 -32.21 31.54
C ALA A 1097 -35.21 -33.42 31.94
N LEU A 1098 -34.96 -34.31 30.99
CA LEU A 1098 -34.21 -35.53 31.24
C LEU A 1098 -32.78 -35.30 31.75
N THR A 1099 -32.02 -34.47 31.04
CA THR A 1099 -30.66 -34.11 31.48
C THR A 1099 -30.67 -33.47 32.86
N LYS A 1100 -31.68 -32.66 33.14
CA LYS A 1100 -31.79 -31.92 34.40
C LYS A 1100 -31.94 -32.85 35.59
N LEU A 1101 -32.79 -33.87 35.45
CA LEU A 1101 -32.98 -34.86 36.51
C LEU A 1101 -31.77 -35.79 36.63
N ALA A 1102 -31.26 -36.24 35.48
CA ALA A 1102 -30.14 -37.18 35.43
C ALA A 1102 -28.83 -36.55 35.91
N GLU A 1103 -28.79 -35.23 35.94
CA GLU A 1103 -27.70 -34.49 36.57
C GLU A 1103 -27.68 -34.79 38.07
N LYS A 1104 -28.88 -34.84 38.65
CA LYS A 1104 -29.04 -34.90 40.10
C LYS A 1104 -29.30 -36.31 40.62
N ILE A 1105 -29.44 -37.30 39.73
CA ILE A 1105 -29.68 -38.68 40.17
C ILE A 1105 -28.60 -39.70 39.80
N SER A 1106 -27.87 -39.46 38.71
CA SER A 1106 -26.82 -40.37 38.24
C SER A 1106 -25.61 -40.39 39.19
N PRO A 1107 -25.12 -41.59 39.55
CA PRO A 1107 -23.98 -41.77 40.46
C PRO A 1107 -22.69 -41.17 39.90
N SER A 1108 -21.76 -40.83 40.79
CA SER A 1108 -20.50 -40.21 40.39
C SER A 1108 -19.64 -41.10 39.51
N ARG A 1109 -19.78 -42.41 39.68
CA ARG A 1109 -19.00 -43.39 38.92
C ARG A 1109 -19.84 -44.56 38.43
N ASN A 1110 -19.67 -44.90 37.15
CA ASN A 1110 -20.29 -46.08 36.55
C ASN A 1110 -19.35 -47.28 36.64
N ASP A 1111 -19.80 -48.34 37.30
CA ASP A 1111 -19.09 -49.60 37.35
C ASP A 1111 -20.11 -50.72 37.41
N TYR A 1112 -20.46 -51.26 36.24
CA TYR A 1112 -21.48 -52.32 36.17
C TYR A 1112 -21.31 -53.22 34.96
N THR A 1113 -22.00 -54.36 34.99
CA THR A 1113 -21.98 -55.31 33.89
C THR A 1113 -23.39 -55.61 33.44
N VAL A 1114 -23.59 -55.63 32.13
CA VAL A 1114 -24.90 -55.91 31.56
C VAL A 1114 -24.85 -57.27 30.86
N GLN A 1115 -25.63 -58.22 31.38
CA GLN A 1115 -25.73 -59.56 30.79
C GLN A 1115 -27.00 -59.68 29.94
N LEU A 1116 -26.83 -60.14 28.71
CA LEU A 1116 -27.91 -60.24 27.74
C LEU A 1116 -28.19 -61.70 27.37
N LYS A 1117 -29.25 -62.27 27.93
CA LYS A 1117 -29.63 -63.66 27.62
C LYS A 1117 -30.78 -63.72 26.63
N TYR A 1118 -30.59 -64.48 25.55
CA TYR A 1118 -31.60 -64.66 24.50
C TYR A 1118 -31.36 -65.93 23.67
N LYS A 1119 -32.44 -66.48 23.09
CA LYS A 1119 -32.41 -67.68 22.24
C LYS A 1119 -31.50 -68.81 22.78
N LYS A 1120 -30.21 -68.76 22.42
CA LYS A 1120 -29.21 -69.67 22.97
C LYS A 1120 -28.07 -68.89 23.63
N ASN A 1121 -27.69 -67.77 23.00
CA ASN A 1121 -26.50 -67.01 23.39
C ASN A 1121 -26.68 -66.14 24.63
N THR A 1122 -25.56 -65.77 25.24
CA THR A 1122 -25.53 -64.73 26.26
C THR A 1122 -24.36 -63.77 25.98
N LYS A 1123 -24.67 -62.50 25.71
CA LYS A 1123 -23.65 -61.48 25.44
C LYS A 1123 -23.38 -60.59 26.66
N TYR A 1124 -22.16 -60.08 26.75
CA TYR A 1124 -21.72 -59.33 27.93
C TYR A 1124 -21.22 -57.94 27.59
N PHE A 1125 -21.71 -56.93 28.31
CA PHE A 1125 -21.25 -55.55 28.14
C PHE A 1125 -20.73 -54.98 29.46
N ASN A 1126 -19.60 -54.26 29.38
CA ASN A 1126 -18.98 -53.69 30.56
C ASN A 1126 -18.80 -52.18 30.48
N ILE A 1127 -19.27 -51.51 31.52
CA ILE A 1127 -19.08 -50.06 31.68
C ILE A 1127 -18.33 -49.81 32.97
N ASN A 1128 -17.18 -49.13 32.85
CA ASN A 1128 -16.35 -48.81 33.99
C ASN A 1128 -15.86 -47.36 34.01
N SER A 1129 -16.06 -46.66 32.91
CA SER A 1129 -15.78 -45.23 32.86
C SER A 1129 -17.04 -44.45 32.56
N GLU A 1130 -17.65 -43.93 33.63
CA GLU A 1130 -18.79 -43.02 33.55
C GLU A 1130 -18.44 -41.83 32.68
N GLN A 1131 -17.14 -41.53 32.61
CA GLN A 1131 -16.64 -40.41 31.84
C GLN A 1131 -17.13 -40.48 30.39
N ILE A 1132 -16.60 -41.45 29.65
CA ILE A 1132 -16.76 -41.53 28.21
C ILE A 1132 -18.24 -41.49 27.73
N ASP A 1133 -18.49 -40.69 26.70
CA ASP A 1133 -19.80 -40.56 26.04
C ASP A 1133 -19.88 -41.30 24.72
N VAL A 1134 -19.07 -40.91 23.72
CA VAL A 1134 -19.01 -41.65 22.45
C VAL A 1134 -18.51 -43.05 22.78
N GLN A 1135 -19.46 -43.98 22.90
CA GLN A 1135 -19.19 -45.31 23.41
C GLN A 1135 -20.35 -46.18 22.99
N ASN A 1136 -20.14 -46.94 21.91
CA ASN A 1136 -21.22 -47.66 21.26
C ASN A 1136 -21.30 -49.14 21.65
N PHE A 1137 -22.52 -49.59 21.95
CA PHE A 1137 -22.78 -51.00 22.26
C PHE A 1137 -24.00 -51.54 21.53
N LEU A 1138 -23.77 -52.15 20.37
CA LEU A 1138 -24.82 -52.76 19.57
C LEU A 1138 -24.95 -54.24 19.92
N GLU A 1139 -25.65 -54.96 19.05
CA GLU A 1139 -25.90 -56.40 19.11
C GLU A 1139 -27.21 -56.55 18.39
N ILE A 1140 -27.23 -57.37 17.34
CA ILE A 1140 -28.42 -57.54 16.52
C ILE A 1140 -29.13 -58.85 16.91
N PRO A 1141 -30.15 -58.79 17.79
CA PRO A 1141 -30.93 -60.01 18.02
C PRO A 1141 -31.68 -60.40 16.76
N GLU A 1142 -31.62 -61.68 16.40
CA GLU A 1142 -32.42 -62.20 15.29
C GLU A 1142 -33.87 -62.23 15.76
N ASP A 1143 -34.80 -62.42 14.83
CA ASP A 1143 -36.24 -62.48 15.15
C ASP A 1143 -36.56 -63.58 16.18
N THR A 1144 -36.41 -63.21 17.46
CA THR A 1144 -36.56 -64.15 18.57
C THR A 1144 -37.90 -63.97 19.28
N LYS A 1145 -37.93 -64.21 20.59
CA LYS A 1145 -39.16 -64.18 21.37
C LYS A 1145 -39.05 -63.24 22.57
N LYS A 1146 -38.59 -63.79 23.69
CA LYS A 1146 -38.34 -63.02 24.91
C LYS A 1146 -36.88 -62.54 24.89
N LEU A 1147 -36.57 -61.61 25.80
CA LEU A 1147 -35.23 -61.05 25.91
C LEU A 1147 -35.03 -60.65 27.37
N GLU A 1148 -33.90 -61.07 27.94
CA GLU A 1148 -33.69 -60.96 29.39
C GLU A 1148 -32.34 -60.33 29.73
N ILE A 1149 -32.40 -59.13 30.29
CA ILE A 1149 -31.20 -58.35 30.58
C ILE A 1149 -30.93 -58.23 32.08
N ASN A 1150 -29.70 -58.54 32.47
CA ASN A 1150 -29.31 -58.55 33.88
C ASN A 1150 -28.23 -57.53 34.19
N VAL A 1151 -28.63 -56.48 34.88
CA VAL A 1151 -27.71 -55.39 35.21
C VAL A 1151 -27.23 -55.54 36.64
N GLY A 1152 -25.91 -55.54 36.82
CA GLY A 1152 -25.33 -55.71 38.13
C GLY A 1152 -24.25 -54.69 38.43
N GLY A 1153 -24.47 -53.87 39.45
CA GLY A 1153 -23.46 -52.91 39.89
C GLY A 1153 -23.98 -51.52 40.21
N ILE A 1154 -23.11 -50.53 40.04
CA ILE A 1154 -23.40 -49.14 40.34
C ILE A 1154 -23.28 -48.30 39.07
N GLY A 1155 -24.29 -47.46 38.81
CA GLY A 1155 -24.21 -46.51 37.70
C GLY A 1155 -25.52 -46.14 37.01
N PHE A 1156 -25.36 -45.42 35.89
CA PHE A 1156 -26.48 -45.01 35.05
C PHE A 1156 -26.42 -45.73 33.71
N GLY A 1157 -27.60 -45.97 33.13
CA GLY A 1157 -27.68 -46.61 31.82
C GLY A 1157 -29.07 -46.64 31.23
N LEU A 1158 -29.11 -46.78 29.91
CA LEU A 1158 -30.34 -46.93 29.16
C LEU A 1158 -30.26 -48.23 28.36
N LEU A 1159 -31.28 -49.07 28.50
CA LEU A 1159 -31.37 -50.30 27.71
C LEU A 1159 -32.43 -50.14 26.62
N GLU A 1160 -31.96 -49.82 25.42
CA GLU A 1160 -32.83 -49.58 24.27
C GLU A 1160 -32.99 -50.85 23.41
N VAL A 1161 -34.21 -51.09 22.94
CA VAL A 1161 -34.48 -52.19 22.00
C VAL A 1161 -35.25 -51.61 20.80
N ILE A 1162 -34.58 -51.57 19.65
CA ILE A 1162 -35.10 -50.84 18.48
C ILE A 1162 -35.70 -51.76 17.41
N TYR A 1163 -37.02 -51.80 17.31
CA TYR A 1163 -37.70 -52.56 16.26
C TYR A 1163 -37.82 -51.69 15.01
N GLN A 1164 -37.33 -52.22 13.89
CA GLN A 1164 -37.44 -51.52 12.61
C GLN A 1164 -38.34 -52.30 11.67
N PHE A 1165 -39.20 -51.57 10.97
CA PHE A 1165 -40.24 -52.20 10.18
C PHE A 1165 -40.17 -51.94 8.69
N ASP A 1166 -40.21 -53.03 7.93
CA ASP A 1166 -40.56 -52.99 6.53
C ASP A 1166 -41.95 -53.60 6.46
N LEU A 1167 -42.94 -52.75 6.22
CA LEU A 1167 -44.33 -53.19 6.13
C LEU A 1167 -44.86 -53.04 4.70
N ASN A 1168 -46.04 -53.58 4.45
CA ASN A 1168 -46.69 -53.40 3.16
C ASN A 1168 -47.29 -52.00 3.06
N LEU A 1169 -47.10 -51.36 1.92
CA LEU A 1169 -47.64 -50.03 1.68
C LEU A 1169 -49.13 -50.11 1.37
N VAL A 1170 -49.95 -49.55 2.25
CA VAL A 1170 -51.40 -49.62 2.11
C VAL A 1170 -52.06 -48.32 2.58
N ASN A 1171 -53.24 -48.02 2.05
CA ASN A 1171 -53.98 -46.81 2.40
C ASN A 1171 -54.44 -46.77 3.85
N PHE A 1172 -54.31 -45.62 4.47
CA PHE A 1172 -54.73 -45.43 5.85
C PHE A 1172 -55.24 -44.00 6.01
N GLU A 1173 -56.33 -43.85 6.76
CA GLU A 1173 -56.85 -42.54 7.10
C GLU A 1173 -57.19 -42.46 8.58
N HIS A 1174 -56.74 -41.41 9.24
CA HIS A 1174 -57.09 -41.15 10.62
C HIS A 1174 -57.18 -39.67 10.87
N ARG A 1175 -58.40 -39.17 10.89
CA ARG A 1175 -58.71 -37.75 11.17
C ARG A 1175 -58.20 -36.76 10.11
N PHE A 1176 -57.71 -37.30 9.00
CA PHE A 1176 -57.44 -36.52 7.79
C PHE A 1176 -58.08 -37.29 6.65
N LYS A 1177 -58.60 -36.57 5.66
CA LYS A 1177 -59.09 -37.22 4.45
C LYS A 1177 -58.30 -36.75 3.25
N LEU A 1178 -57.52 -37.66 2.70
CA LEU A 1178 -56.65 -37.37 1.56
C LEU A 1178 -57.12 -38.14 0.34
N ASP A 1179 -57.09 -37.50 -0.82
CA ASP A 1179 -57.51 -38.12 -2.07
C ASP A 1179 -56.59 -37.76 -3.22
N LEU A 1180 -56.36 -38.73 -4.10
CA LEU A 1180 -55.44 -38.57 -5.22
C LEU A 1180 -56.13 -38.79 -6.56
N GLU A 1181 -55.76 -38.00 -7.56
CA GLU A 1181 -56.27 -38.17 -8.91
C GLU A 1181 -55.24 -37.77 -9.96
N LYS A 1182 -54.77 -38.76 -10.72
CA LYS A 1182 -53.81 -38.52 -11.79
C LYS A 1182 -54.52 -38.05 -13.05
N GLN A 1183 -54.53 -36.74 -13.27
CA GLN A 1183 -55.15 -36.12 -14.45
C GLN A 1183 -54.39 -36.51 -15.71
N ASN A 1184 -55.08 -36.49 -16.85
CA ASN A 1184 -54.46 -36.78 -18.15
C ASN A 1184 -53.59 -35.61 -18.65
N THR A 1185 -52.41 -35.92 -19.19
CA THR A 1185 -51.52 -34.91 -19.77
C THR A 1185 -51.36 -35.08 -21.28
N GLY A 1186 -51.53 -36.32 -21.75
CA GLY A 1186 -51.32 -36.64 -23.16
C GLY A 1186 -49.84 -36.84 -23.48
N SER A 1187 -49.07 -37.23 -22.46
CA SER A 1187 -47.65 -37.58 -22.61
C SER A 1187 -47.22 -38.58 -21.55
N ASP A 1188 -46.59 -39.68 -21.98
CA ASP A 1188 -46.07 -40.70 -21.07
C ASP A 1188 -45.03 -40.14 -20.10
N TYR A 1189 -44.35 -39.09 -20.54
CA TYR A 1189 -43.20 -38.52 -19.84
C TYR A 1189 -43.59 -37.35 -18.94
N GLU A 1190 -44.86 -37.30 -18.54
CA GLU A 1190 -45.34 -36.24 -17.67
C GLU A 1190 -46.44 -36.77 -16.75
N LEU A 1191 -46.21 -36.65 -15.46
CA LEU A 1191 -47.22 -36.98 -14.45
C LEU A 1191 -47.72 -35.70 -13.80
N ARG A 1192 -49.03 -35.54 -13.81
CA ARG A 1192 -49.68 -34.50 -13.02
C ARG A 1192 -50.65 -35.15 -12.06
N LEU A 1193 -50.45 -34.88 -10.77
CA LEU A 1193 -51.26 -35.51 -9.74
C LEU A 1193 -52.06 -34.46 -8.97
N ARG A 1194 -53.39 -34.62 -8.94
CA ARG A 1194 -54.25 -33.76 -8.13
C ARG A 1194 -54.41 -34.38 -6.76
N VAL A 1195 -54.08 -33.59 -5.74
CA VAL A 1195 -54.07 -34.03 -4.35
C VAL A 1195 -55.12 -33.23 -3.58
N CYS A 1196 -55.91 -33.91 -2.75
CA CYS A 1196 -56.92 -33.23 -1.95
C CYS A 1196 -56.97 -33.67 -0.48
N ALA A 1197 -56.71 -32.73 0.42
CA ALA A 1197 -56.59 -33.03 1.84
C ALA A 1197 -57.37 -32.07 2.73
N ASN A 1198 -58.15 -32.65 3.65
CA ASN A 1198 -58.91 -31.90 4.64
C ASN A 1198 -59.00 -32.63 5.98
N TYR A 1199 -59.10 -31.86 7.06
CA TYR A 1199 -59.16 -32.38 8.41
C TYR A 1199 -60.55 -32.92 8.74
N ILE A 1200 -60.60 -34.09 9.37
CA ILE A 1200 -61.85 -34.63 9.90
C ILE A 1200 -62.02 -34.18 11.35
N PRO A 1201 -62.92 -33.21 11.58
CA PRO A 1201 -63.07 -32.63 12.92
C PRO A 1201 -63.74 -33.60 13.90
N GLU A 1202 -63.61 -33.31 15.19
CA GLU A 1202 -64.27 -34.07 16.24
C GLU A 1202 -64.55 -33.22 17.47
N LEU A 1203 -65.84 -33.03 17.75
CA LEU A 1203 -66.33 -32.31 18.93
C LEU A 1203 -65.81 -30.86 18.92
N THR A 1204 -65.07 -30.48 19.96
CA THR A 1204 -64.46 -29.14 20.04
C THR A 1204 -63.29 -28.95 19.06
N ASP A 1205 -62.65 -30.06 18.69
CA ASP A 1205 -61.47 -30.07 17.82
C ASP A 1205 -61.88 -30.11 16.35
N SER A 1206 -62.01 -28.94 15.72
CA SER A 1206 -62.49 -28.88 14.34
C SER A 1206 -61.42 -28.39 13.37
N GLN A 1207 -60.20 -28.28 13.87
CA GLN A 1207 -59.08 -27.71 13.13
C GLN A 1207 -57.77 -28.35 13.63
N SER A 1208 -56.83 -28.61 12.71
CA SER A 1208 -55.56 -29.24 13.08
C SER A 1208 -54.45 -28.23 13.45
N ASN A 1209 -53.31 -28.77 13.86
CA ASN A 1209 -52.07 -27.99 14.05
C ASN A 1209 -51.39 -27.75 12.69
N MET A 1210 -50.18 -27.17 12.71
CA MET A 1210 -49.42 -26.95 11.49
C MET A 1210 -49.29 -28.26 10.71
N ALA A 1211 -50.00 -28.37 9.59
CA ALA A 1211 -50.06 -29.61 8.82
C ALA A 1211 -49.12 -29.59 7.61
N LEU A 1212 -48.47 -30.72 7.34
CA LEU A 1212 -47.63 -30.87 6.15
C LEU A 1212 -48.16 -31.93 5.21
N ILE A 1213 -47.88 -31.77 3.92
CA ILE A 1213 -48.12 -32.82 2.94
C ILE A 1213 -46.81 -33.15 2.23
N GLU A 1214 -46.44 -34.44 2.23
CA GLU A 1214 -45.32 -34.92 1.44
C GLU A 1214 -45.80 -35.69 0.22
N VAL A 1215 -45.18 -35.39 -0.91
CA VAL A 1215 -45.47 -36.08 -2.14
C VAL A 1215 -44.22 -36.84 -2.56
N THR A 1216 -44.36 -38.16 -2.63
CA THR A 1216 -43.28 -39.00 -3.14
C THR A 1216 -43.60 -39.38 -4.58
N LEU A 1217 -42.59 -39.38 -5.43
CA LEU A 1217 -42.77 -39.72 -6.85
C LEU A 1217 -42.30 -41.13 -7.15
N PRO A 1218 -42.91 -41.80 -8.15
CA PRO A 1218 -42.46 -43.12 -8.55
C PRO A 1218 -41.04 -43.04 -9.09
N SER A 1219 -40.22 -44.05 -8.78
CA SER A 1219 -38.81 -44.03 -9.16
C SER A 1219 -38.58 -43.61 -10.60
N GLY A 1220 -37.67 -42.67 -10.80
CA GLY A 1220 -37.36 -42.16 -12.13
C GLY A 1220 -37.93 -40.79 -12.44
N TYR A 1221 -39.06 -40.47 -11.81
CA TYR A 1221 -39.72 -39.17 -12.01
C TYR A 1221 -38.98 -38.08 -11.26
N VAL A 1222 -39.09 -36.86 -11.75
CA VAL A 1222 -38.44 -35.71 -11.13
C VAL A 1222 -39.34 -34.48 -11.28
N VAL A 1223 -39.52 -33.72 -10.19
CA VAL A 1223 -40.28 -32.47 -10.24
C VAL A 1223 -39.45 -31.32 -10.80
N ASP A 1224 -40.10 -30.44 -11.55
CA ASP A 1224 -39.43 -29.31 -12.20
C ASP A 1224 -39.11 -28.20 -11.17
N ARG A 1225 -38.96 -26.97 -11.65
CA ARG A 1225 -38.68 -25.83 -10.79
C ARG A 1225 -39.84 -25.55 -9.80
N ASN A 1226 -40.98 -25.13 -10.34
CA ASN A 1226 -42.19 -24.83 -9.55
C ASN A 1226 -43.30 -25.79 -9.94
N PRO A 1227 -43.28 -27.02 -9.39
CA PRO A 1227 -44.15 -28.09 -9.87
C PRO A 1227 -45.61 -28.01 -9.42
N ILE A 1228 -45.92 -27.05 -8.53
CA ILE A 1228 -47.25 -26.92 -7.93
C ILE A 1228 -48.15 -25.94 -8.69
N SER A 1229 -49.41 -26.33 -8.87
CA SER A 1229 -50.43 -25.50 -9.52
C SER A 1229 -51.82 -25.84 -8.98
N GLU A 1230 -52.86 -25.15 -9.48
CA GLU A 1230 -54.25 -25.34 -9.04
C GLU A 1230 -54.45 -25.05 -7.54
N GLN A 1231 -53.47 -24.41 -6.92
CA GLN A 1231 -53.49 -24.21 -5.46
C GLN A 1231 -54.75 -23.51 -4.97
N THR A 1232 -55.43 -24.11 -3.99
CA THR A 1232 -56.63 -23.52 -3.39
C THR A 1232 -56.24 -22.35 -2.47
N THR A 1233 -57.13 -21.36 -2.37
CA THR A 1233 -56.89 -20.17 -1.54
C THR A 1233 -57.66 -20.23 -0.22
N VAL A 1234 -58.33 -21.36 0.02
CA VAL A 1234 -58.99 -21.62 1.31
C VAL A 1234 -57.92 -21.64 2.42
N ASN A 1235 -57.00 -22.60 2.36
CA ASN A 1235 -55.75 -22.57 3.14
C ASN A 1235 -54.53 -22.65 2.22
N PRO A 1236 -53.75 -21.56 2.16
CA PRO A 1236 -52.61 -21.43 1.25
C PRO A 1236 -51.32 -22.07 1.77
N ILE A 1237 -50.61 -22.75 0.87
CA ILE A 1237 -49.31 -23.34 1.16
C ILE A 1237 -48.30 -22.27 1.58
N GLN A 1238 -48.02 -22.22 2.87
CA GLN A 1238 -47.12 -21.22 3.44
C GLN A 1238 -45.67 -21.44 3.04
N ASN A 1239 -45.34 -22.67 2.68
CA ASN A 1239 -43.97 -23.02 2.34
C ASN A 1239 -43.86 -24.29 1.51
N MET A 1240 -42.91 -24.27 0.57
CA MET A 1240 -42.62 -25.41 -0.27
C MET A 1240 -41.18 -25.86 -0.07
N GLU A 1241 -40.97 -27.17 -0.17
CA GLU A 1241 -39.65 -27.75 -0.05
C GLU A 1241 -39.55 -28.86 -1.08
N ILE A 1242 -38.66 -28.66 -2.05
CA ILE A 1242 -38.31 -29.73 -3.00
C ILE A 1242 -36.97 -30.28 -2.55
N ARG A 1243 -37.01 -31.50 -2.05
CA ARG A 1243 -35.83 -32.13 -1.49
C ARG A 1243 -35.60 -33.46 -2.18
N TYR A 1244 -34.48 -34.12 -1.85
CA TYR A 1244 -34.15 -35.43 -2.38
C TYR A 1244 -34.09 -35.46 -3.90
N GLY A 1245 -33.26 -34.59 -4.48
CA GLY A 1245 -33.16 -34.47 -5.93
C GLY A 1245 -34.49 -34.62 -6.66
N GLY A 1246 -35.47 -33.82 -6.25
CA GLY A 1246 -36.78 -33.83 -6.87
C GLY A 1246 -37.52 -35.15 -6.82
N THR A 1247 -37.38 -35.88 -5.71
CA THR A 1247 -38.19 -37.08 -5.48
C THR A 1247 -39.38 -36.73 -4.59
N SER A 1248 -39.17 -35.74 -3.73
CA SER A 1248 -40.08 -35.44 -2.65
C SER A 1248 -40.40 -33.96 -2.63
N VAL A 1249 -41.70 -33.66 -2.56
CA VAL A 1249 -42.15 -32.29 -2.33
C VAL A 1249 -42.86 -32.20 -0.98
N VAL A 1250 -42.39 -31.29 -0.13
CA VAL A 1250 -42.99 -31.07 1.18
C VAL A 1250 -43.76 -29.73 1.17
N LEU A 1251 -44.95 -29.73 1.77
CA LEU A 1251 -45.84 -28.57 1.67
C LEU A 1251 -46.43 -28.15 3.02
N TYR A 1252 -45.85 -27.10 3.60
CA TYR A 1252 -46.24 -26.61 4.91
C TYR A 1252 -47.50 -25.74 4.85
N TYR A 1253 -48.56 -26.19 5.54
CA TYR A 1253 -49.75 -25.36 5.76
C TYR A 1253 -49.80 -24.80 7.18
N TYR A 1254 -50.69 -23.82 7.41
CA TYR A 1254 -50.90 -23.23 8.73
C TYR A 1254 -51.70 -24.16 9.63
N LYS A 1255 -52.67 -24.84 9.02
CA LYS A 1255 -53.67 -25.66 9.72
C LYS A 1255 -54.62 -26.20 8.64
N MET A 1256 -55.45 -27.17 9.00
CA MET A 1256 -56.48 -27.64 8.07
C MET A 1256 -57.84 -27.78 8.75
N GLY A 1257 -58.88 -27.33 8.05
CA GLY A 1257 -60.26 -27.46 8.52
C GLY A 1257 -60.97 -28.53 7.70
N THR A 1258 -62.29 -28.45 7.65
CA THR A 1258 -63.09 -29.38 6.86
C THR A 1258 -63.03 -28.99 5.38
N GLU A 1259 -62.81 -27.70 5.14
CA GLU A 1259 -62.67 -27.18 3.79
C GLU A 1259 -61.47 -27.83 3.10
N ARG A 1260 -61.72 -28.45 1.94
CA ARG A 1260 -60.69 -29.17 1.18
C ARG A 1260 -59.54 -28.27 0.74
N ASN A 1261 -58.32 -28.66 1.10
CA ASN A 1261 -57.12 -27.98 0.63
C ASN A 1261 -56.44 -28.80 -0.45
N CYS A 1262 -56.35 -28.25 -1.66
CA CYS A 1262 -55.86 -29.00 -2.82
C CYS A 1262 -54.74 -28.30 -3.59
N PHE A 1263 -54.14 -29.06 -4.51
CA PHE A 1263 -53.07 -28.59 -5.41
C PHE A 1263 -52.82 -29.63 -6.51
N THR A 1264 -51.90 -29.33 -7.42
CA THR A 1264 -51.54 -30.26 -8.49
C THR A 1264 -50.02 -30.24 -8.76
N VAL A 1265 -49.40 -31.43 -8.68
CA VAL A 1265 -47.96 -31.58 -8.89
C VAL A 1265 -47.68 -31.94 -10.34
N THR A 1266 -46.58 -31.40 -10.88
CA THR A 1266 -46.14 -31.71 -12.24
C THR A 1266 -44.73 -32.31 -12.25
N ALA A 1267 -44.67 -33.62 -12.50
CA ALA A 1267 -43.39 -34.34 -12.55
C ALA A 1267 -43.13 -34.88 -13.95
N TYR A 1268 -41.86 -35.17 -14.24
CA TYR A 1268 -41.46 -35.72 -15.54
C TYR A 1268 -40.66 -36.99 -15.37
N ARG A 1269 -41.00 -38.03 -16.12
CA ARG A 1269 -40.22 -39.26 -16.16
C ARG A 1269 -38.86 -38.99 -16.85
N ARG A 1270 -37.81 -38.94 -16.04
CA ARG A 1270 -36.50 -38.54 -16.55
C ARG A 1270 -35.45 -39.64 -16.54
N PHE A 1271 -35.81 -40.79 -15.98
CA PHE A 1271 -34.92 -41.95 -15.98
C PHE A 1271 -35.70 -43.20 -16.36
N LYS A 1272 -35.03 -44.11 -17.08
CA LYS A 1272 -35.66 -45.35 -17.50
C LYS A 1272 -35.70 -46.35 -16.35
N VAL A 1273 -36.87 -46.50 -15.73
CA VAL A 1273 -37.05 -47.47 -14.64
C VAL A 1273 -38.23 -48.39 -14.92
N ALA A 1274 -37.98 -49.70 -14.88
CA ALA A 1274 -38.98 -50.71 -15.21
C ALA A 1274 -39.39 -51.56 -14.00
N LEU A 1275 -40.61 -52.11 -14.08
CA LEU A 1275 -41.25 -52.88 -13.01
C LEU A 1275 -41.48 -52.01 -11.77
N LYS A 1276 -41.92 -50.77 -12.02
CA LYS A 1276 -42.00 -49.74 -10.99
C LYS A 1276 -43.00 -50.09 -9.87
N ARG A 1277 -42.51 -50.04 -8.63
CA ARG A 1277 -43.37 -50.20 -7.46
C ARG A 1277 -44.05 -48.87 -7.12
N PRO A 1278 -45.28 -48.93 -6.57
CA PRO A 1278 -46.14 -47.75 -6.36
C PRO A 1278 -45.56 -46.72 -5.39
N ALA A 1279 -45.93 -45.47 -5.59
CA ALA A 1279 -45.55 -44.37 -4.70
C ALA A 1279 -46.72 -44.00 -3.79
N TYR A 1280 -46.53 -42.98 -2.94
CA TYR A 1280 -47.57 -42.53 -2.01
C TYR A 1280 -47.56 -41.02 -1.73
N VAL A 1281 -48.65 -40.52 -1.17
CA VAL A 1281 -48.73 -39.15 -0.67
C VAL A 1281 -49.16 -39.22 0.78
N VAL A 1282 -48.61 -38.35 1.62
CA VAL A 1282 -48.96 -38.32 3.04
C VAL A 1282 -49.38 -36.93 3.51
N VAL A 1283 -50.39 -36.89 4.39
CA VAL A 1283 -50.77 -35.67 5.07
C VAL A 1283 -50.64 -35.96 6.55
N TYR A 1284 -50.18 -35.00 7.32
CA TYR A 1284 -50.15 -35.16 8.77
C TYR A 1284 -50.18 -33.86 9.56
N ASP A 1285 -50.74 -33.95 10.77
CA ASP A 1285 -50.54 -32.93 11.78
C ASP A 1285 -49.08 -33.03 12.18
N TYR A 1286 -48.44 -31.89 12.43
CA TYR A 1286 -47.04 -31.90 12.84
C TYR A 1286 -46.85 -32.37 14.27
N TYR A 1287 -47.54 -31.71 15.21
CA TYR A 1287 -47.33 -31.92 16.64
C TYR A 1287 -48.22 -33.03 17.23
N ASN A 1288 -48.98 -33.69 16.38
CA ASN A 1288 -49.79 -34.84 16.80
C ASN A 1288 -49.51 -36.05 15.93
N THR A 1289 -48.75 -37.00 16.46
CA THR A 1289 -48.37 -38.21 15.73
C THR A 1289 -49.57 -38.94 15.11
N ASN A 1290 -50.57 -39.21 15.94
CA ASN A 1290 -51.70 -40.06 15.56
C ASN A 1290 -52.57 -39.60 14.39
N LEU A 1291 -52.61 -38.30 14.12
CA LEU A 1291 -53.44 -37.77 13.06
C LEU A 1291 -52.67 -37.68 11.74
N ASN A 1292 -52.96 -38.61 10.83
CA ASN A 1292 -52.30 -38.66 9.53
C ASN A 1292 -53.06 -39.52 8.52
N ALA A 1293 -52.75 -39.32 7.24
CA ALA A 1293 -53.37 -40.07 6.16
C ALA A 1293 -52.36 -40.34 5.06
N ILE A 1294 -52.33 -41.60 4.61
CA ILE A 1294 -51.45 -42.01 3.52
C ILE A 1294 -52.26 -42.65 2.38
N LYS A 1295 -51.92 -42.30 1.15
CA LYS A 1295 -52.64 -42.78 -0.03
C LYS A 1295 -51.68 -43.21 -1.14
N VAL A 1296 -51.84 -44.44 -1.62
CA VAL A 1296 -50.94 -44.99 -2.66
C VAL A 1296 -51.42 -44.66 -4.07
N TYR A 1297 -50.48 -44.54 -5.00
CA TYR A 1297 -50.83 -44.30 -6.40
C TYR A 1297 -49.81 -44.96 -7.35
N GLU A 1298 -50.32 -45.52 -8.43
CA GLU A 1298 -49.49 -46.23 -9.40
C GLU A 1298 -49.38 -45.47 -10.71
N VAL A 1299 -48.17 -45.42 -11.23
CA VAL A 1299 -47.91 -44.95 -12.58
C VAL A 1299 -47.69 -46.20 -13.43
N ASP A 1300 -47.79 -46.05 -14.75
CA ASP A 1300 -47.50 -47.12 -15.70
C ASP A 1300 -46.18 -47.85 -15.39
N LYS A 1301 -46.29 -48.96 -14.67
CA LYS A 1301 -45.14 -49.78 -14.30
C LYS A 1301 -44.58 -50.44 -15.56
N GLN A 1302 -43.49 -49.90 -16.07
CA GLN A 1302 -42.94 -50.34 -17.37
C GLN A 1302 -42.27 -51.71 -17.32
N ASN A 1303 -42.08 -52.32 -18.49
CA ASN A 1303 -41.45 -53.65 -18.58
C ASN A 1303 -39.98 -53.61 -19.04
N VAL A 1304 -39.25 -54.69 -18.75
CA VAL A 1304 -37.81 -54.75 -19.06
C VAL A 1304 -37.47 -54.54 -20.53
N CYS A 1305 -38.33 -55.02 -21.42
CA CYS A 1305 -38.08 -54.92 -22.88
C CYS A 1305 -38.27 -53.51 -23.39
N GLU A 1306 -39.06 -52.73 -22.65
CA GLU A 1306 -39.37 -51.36 -23.01
C GLU A 1306 -38.19 -50.42 -22.72
N ILE A 1307 -37.11 -50.98 -22.20
CA ILE A 1307 -36.08 -50.20 -21.56
C ILE A 1307 -34.63 -50.62 -21.85
N CYS A 1308 -34.41 -51.92 -22.02
CA CYS A 1308 -33.06 -52.48 -22.15
C CYS A 1308 -32.37 -52.17 -23.49
N GLU A 1309 -31.05 -52.04 -23.46
CA GLU A 1309 -30.25 -51.98 -24.68
C GLU A 1309 -30.04 -53.42 -25.15
N GLU A 1310 -30.09 -53.62 -26.46
CA GLU A 1310 -30.06 -54.96 -27.09
C GLU A 1310 -29.19 -56.03 -26.40
N GLU A 1311 -27.99 -55.65 -25.96
CA GLU A 1311 -27.07 -56.56 -25.30
C GLU A 1311 -27.62 -57.14 -24.00
N ASP A 1312 -28.23 -56.29 -23.17
CA ASP A 1312 -28.70 -56.66 -21.83
C ASP A 1312 -30.10 -57.29 -21.80
N CYS A 1313 -30.77 -57.34 -22.95
CA CYS A 1313 -32.17 -57.76 -23.01
C CYS A 1313 -32.37 -59.26 -22.79
N PRO A 1314 -33.43 -59.62 -22.03
CA PRO A 1314 -33.81 -61.03 -21.89
C PRO A 1314 -34.32 -61.61 -23.21
N ALA A 1315 -34.39 -62.94 -23.27
CA ALA A 1315 -34.82 -63.65 -24.48
C ALA A 1315 -36.23 -63.24 -24.90
N GLU A 1316 -37.10 -63.02 -23.91
CA GLU A 1316 -38.51 -62.70 -24.13
C GLU A 1316 -38.75 -61.43 -24.96
N CYS A 1317 -37.68 -60.74 -25.36
CA CYS A 1317 -37.79 -59.55 -26.21
C CYS A 1317 -37.38 -59.90 -27.63
N GLY B 5 -82.77 -13.82 10.81
CA GLY B 5 -82.00 -13.47 12.04
C GLY B 5 -81.38 -12.07 11.99
N PRO B 6 -80.85 -11.60 13.14
CA PRO B 6 -80.13 -10.32 13.21
C PRO B 6 -78.86 -10.32 12.36
N LYS B 7 -78.46 -9.14 11.87
CA LYS B 7 -77.24 -9.00 11.06
C LYS B 7 -75.95 -9.15 11.89
N PHE B 8 -76.06 -8.82 13.17
CA PHE B 8 -74.94 -8.94 14.10
C PHE B 8 -75.17 -10.05 15.13
N ILE B 9 -74.08 -10.68 15.56
CA ILE B 9 -74.15 -11.73 16.59
C ILE B 9 -73.37 -11.31 17.83
N ARG B 10 -73.88 -11.69 19.00
CA ARG B 10 -73.24 -11.38 20.28
C ARG B 10 -72.60 -12.61 20.87
N ALA B 11 -71.69 -12.39 21.83
CA ALA B 11 -70.93 -13.47 22.47
C ALA B 11 -71.84 -14.54 23.10
N ASN B 12 -72.50 -14.20 24.20
CA ASN B 12 -73.38 -15.14 24.90
C ASN B 12 -74.87 -14.77 24.77
N GLN B 13 -75.40 -14.92 23.56
CA GLN B 13 -76.79 -14.53 23.28
C GLN B 13 -77.53 -15.59 22.45
N GLU B 14 -78.86 -15.49 22.42
CA GLU B 14 -79.70 -16.37 21.62
C GLU B 14 -80.03 -15.73 20.26
N TYR B 15 -79.24 -16.10 19.25
CA TYR B 15 -79.46 -15.66 17.88
C TYR B 15 -80.67 -16.39 17.29
N THR B 16 -81.82 -15.71 17.26
CA THR B 16 -83.06 -16.32 16.77
C THR B 16 -83.30 -15.98 15.29
N LEU B 17 -83.56 -17.00 14.48
CA LEU B 17 -83.76 -16.86 13.03
C LEU B 17 -85.19 -17.23 12.61
N VAL B 18 -85.91 -16.24 12.08
CA VAL B 18 -87.27 -16.43 11.58
C VAL B 18 -87.31 -16.39 10.05
N LEU B 32 -82.00 -27.79 5.93
CA LEU B 32 -80.59 -27.75 6.31
C LEU B 32 -80.13 -26.32 6.58
N LEU B 33 -79.52 -26.11 7.73
CA LEU B 33 -79.04 -24.79 8.15
C LEU B 33 -77.73 -24.89 8.96
N LYS B 34 -76.72 -24.13 8.56
CA LYS B 34 -75.43 -24.10 9.25
C LYS B 34 -74.90 -22.67 9.38
N LEU B 35 -74.70 -22.24 10.62
CA LEU B 35 -74.16 -20.91 10.91
C LEU B 35 -72.68 -20.99 11.33
N GLU B 36 -71.80 -20.66 10.39
CA GLU B 36 -70.34 -20.77 10.59
C GLU B 36 -69.81 -19.87 11.70
N THR B 39 -62.56 -17.70 13.23
CA THR B 39 -61.92 -16.57 13.92
C THR B 39 -60.67 -16.06 13.17
N ASP B 40 -60.01 -15.05 13.75
CA ASP B 40 -58.86 -14.41 13.11
C ASP B 40 -57.58 -15.23 13.21
N ASN B 41 -57.37 -15.88 14.36
CA ASN B 41 -56.26 -16.83 14.54
C ASN B 41 -56.39 -18.02 13.61
N GLY B 42 -57.61 -18.26 13.13
CA GLY B 42 -57.92 -19.37 12.23
C GLY B 42 -59.07 -20.23 12.73
N LEU B 43 -59.13 -20.43 14.04
CA LEU B 43 -60.08 -21.35 14.70
C LEU B 43 -61.55 -21.11 14.37
N VAL B 48 -73.47 -24.13 14.78
CA VAL B 48 -74.24 -25.37 14.82
C VAL B 48 -74.81 -25.73 13.44
N THR B 49 -75.14 -27.01 13.26
CA THR B 49 -75.83 -27.49 12.05
C THR B 49 -77.21 -28.05 12.43
N LYS B 50 -78.23 -27.64 11.68
CA LYS B 50 -79.62 -28.05 11.96
C LYS B 50 -80.49 -28.19 10.70
N MET B 51 -81.57 -28.96 10.80
CA MET B 51 -82.55 -29.11 9.72
C MET B 51 -83.97 -29.11 10.28
N VAL B 52 -84.95 -28.78 9.43
CA VAL B 52 -86.37 -28.77 9.81
C VAL B 52 -87.30 -28.83 8.58
N ASP B 53 -88.56 -28.44 8.76
CA ASP B 53 -89.53 -28.30 7.67
C ASP B 53 -90.66 -27.36 8.07
N VAL B 54 -90.84 -26.29 7.31
CA VAL B 54 -91.86 -25.28 7.60
C VAL B 54 -93.22 -25.67 7.01
N ARG B 55 -94.26 -25.53 7.83
CA ARG B 55 -95.63 -25.79 7.39
C ARG B 55 -96.16 -24.65 6.53
N ARG B 56 -97.15 -24.95 5.68
CA ARG B 56 -97.76 -23.96 4.80
C ARG B 56 -98.58 -22.92 5.58
N ASN B 57 -98.47 -21.66 5.16
CA ASN B 57 -99.11 -20.51 5.83
C ASN B 57 -98.72 -20.35 7.31
N MET B 58 -97.43 -20.59 7.58
CA MET B 58 -96.86 -20.49 8.92
C MET B 58 -95.35 -20.22 8.85
N ASN B 59 -94.89 -19.27 9.66
CA ASN B 59 -93.45 -18.96 9.76
C ASN B 59 -92.71 -19.99 10.62
N ARG B 60 -91.38 -20.01 10.51
CA ARG B 60 -90.55 -20.95 11.30
C ARG B 60 -89.51 -20.20 12.13
N MET B 61 -89.69 -20.23 13.46
CA MET B 61 -88.83 -19.49 14.38
C MET B 61 -87.80 -20.37 15.06
N ILE B 62 -86.53 -20.16 14.71
CA ILE B 62 -85.39 -20.89 15.28
C ILE B 62 -84.76 -20.14 16.45
N ASN B 63 -83.79 -20.77 17.11
CA ASN B 63 -83.09 -20.15 18.25
C ASN B 63 -81.64 -20.66 18.45
N PHE B 64 -80.81 -20.49 17.42
CA PHE B 64 -79.42 -20.94 17.44
C PHE B 64 -78.58 -20.19 18.49
N ASN B 65 -78.12 -20.92 19.50
CA ASN B 65 -77.37 -20.35 20.62
C ASN B 65 -75.90 -20.07 20.30
N MET B 66 -75.40 -18.93 20.78
CA MET B 66 -74.02 -18.51 20.53
C MET B 66 -73.07 -18.84 21.69
N PRO B 67 -71.90 -19.45 21.38
CA PRO B 67 -70.92 -19.79 22.41
C PRO B 67 -70.23 -18.55 22.96
N GLU B 68 -70.00 -18.52 24.27
CA GLU B 68 -69.41 -17.37 24.96
C GLU B 68 -68.00 -17.01 24.46
N GLU B 69 -67.26 -18.00 24.00
CA GLU B 69 -65.88 -17.83 23.54
C GLU B 69 -65.77 -17.15 22.17
N LEU B 70 -66.91 -16.94 21.50
CA LEU B 70 -66.96 -16.38 20.15
C LEU B 70 -66.36 -14.97 20.06
N THR B 71 -65.04 -14.92 19.85
CA THR B 71 -64.34 -13.65 19.66
C THR B 71 -64.48 -13.15 18.21
N ALA B 72 -63.74 -12.11 17.86
CA ALA B 72 -63.86 -11.48 16.52
C ALA B 72 -63.43 -12.41 15.39
N GLY B 73 -64.41 -12.93 14.64
CA GLY B 73 -64.13 -13.87 13.54
C GLY B 73 -64.77 -13.49 12.22
N ASN B 74 -65.18 -14.50 11.46
CA ASN B 74 -65.81 -14.31 10.16
C ASN B 74 -67.00 -15.25 9.98
N TYR B 75 -68.15 -14.83 10.49
CA TYR B 75 -69.34 -15.69 10.60
C TYR B 75 -70.33 -15.54 9.42
N LYS B 76 -71.08 -16.60 9.14
CA LYS B 76 -72.05 -16.62 8.04
C LYS B 76 -73.17 -17.65 8.24
N ILE B 77 -74.41 -17.17 8.25
CA ILE B 77 -75.58 -18.04 8.32
C ILE B 77 -75.95 -18.56 6.92
N THR B 78 -75.93 -19.88 6.75
CA THR B 78 -76.24 -20.52 5.47
C THR B 78 -77.37 -21.55 5.61
N ILE B 79 -78.60 -21.10 5.40
CA ILE B 79 -79.78 -21.96 5.41
C ILE B 79 -79.98 -22.58 4.02
N ASP B 80 -79.28 -23.67 3.76
CA ASP B 80 -79.26 -24.32 2.45
C ASP B 80 -80.58 -25.03 2.09
N HIS B 88 -81.73 -22.19 -1.27
CA HIS B 88 -80.30 -21.96 -1.10
C HIS B 88 -79.94 -20.50 -1.20
N LYS B 89 -79.58 -19.91 -0.07
CA LYS B 89 -79.14 -18.50 0.02
C LYS B 89 -78.35 -18.27 1.32
N GLU B 90 -77.15 -17.70 1.18
CA GLU B 90 -76.26 -17.46 2.32
C GLU B 90 -76.66 -16.21 3.12
N GLU B 92 -73.92 -14.16 5.53
CA GLU B 92 -72.77 -13.52 6.16
C GLU B 92 -73.20 -12.57 7.28
N LEU B 93 -72.93 -12.98 8.52
CA LEU B 93 -73.34 -12.21 9.71
C LEU B 93 -72.18 -11.47 10.39
N VAL B 94 -72.43 -10.21 10.74
CA VAL B 94 -71.43 -9.37 11.39
C VAL B 94 -71.26 -9.73 12.86
N TYR B 95 -70.29 -9.11 13.53
CA TYR B 95 -70.01 -9.41 14.92
C TYR B 95 -69.80 -8.16 15.79
N LEU B 96 -70.60 -8.05 16.85
CA LEU B 96 -70.41 -7.03 17.88
C LEU B 96 -69.77 -7.65 19.11
N SER B 97 -68.76 -6.98 19.67
CA SER B 97 -68.00 -7.49 20.80
C SER B 97 -68.40 -6.85 22.14
N LYS B 98 -68.97 -5.65 22.06
CA LYS B 98 -69.31 -4.89 23.26
C LYS B 98 -70.81 -4.70 23.42
N SER B 99 -71.27 -4.74 24.67
CA SER B 99 -72.67 -4.47 25.03
C SER B 99 -72.93 -2.98 25.27
N ILE B 100 -71.88 -2.16 25.16
CA ILE B 100 -71.98 -0.72 25.36
C ILE B 100 -71.66 0.06 24.08
N SER B 101 -72.29 1.22 23.94
CA SER B 101 -71.95 2.16 22.85
C SER B 101 -71.76 3.57 23.40
N GLY B 102 -70.80 4.31 22.84
CA GLY B 102 -70.47 5.64 23.34
C GLY B 102 -70.12 6.65 22.26
N LEU B 103 -70.33 7.93 22.58
CA LEU B 103 -69.93 9.04 21.70
C LEU B 103 -69.22 10.13 22.49
N ILE B 104 -68.47 10.97 21.78
CA ILE B 104 -67.72 12.05 22.42
C ILE B 104 -68.06 13.42 21.80
N GLN B 105 -68.53 14.33 22.65
CA GLN B 105 -68.93 15.69 22.26
C GLN B 105 -67.76 16.66 22.46
N VAL B 106 -67.62 17.60 21.52
CA VAL B 106 -66.57 18.63 21.58
C VAL B 106 -67.11 20.00 21.17
N ASP B 107 -66.77 21.03 21.93
CA ASP B 107 -67.32 22.39 21.77
C ASP B 107 -66.75 23.21 20.61
N LYS B 108 -66.29 22.56 19.56
CA LYS B 108 -65.77 23.24 18.37
C LYS B 108 -65.11 22.28 17.39
N PRO B 109 -65.20 22.56 16.07
CA PRO B 109 -64.41 21.80 15.10
C PRO B 109 -62.97 22.30 15.05
N VAL B 110 -62.83 23.61 14.99
CA VAL B 110 -61.51 24.26 14.89
C VAL B 110 -61.10 24.86 16.24
N PHE B 111 -59.81 25.14 16.41
CA PHE B 111 -59.30 25.82 17.60
C PHE B 111 -58.19 26.82 17.30
N LYS B 112 -58.30 28.00 17.91
CA LYS B 112 -57.30 29.06 17.83
C LYS B 112 -56.12 28.72 18.75
N PRO B 113 -54.93 29.31 18.51
CA PRO B 113 -53.72 29.10 19.29
C PRO B 113 -53.94 28.76 20.76
N GLY B 114 -54.38 29.72 21.56
CA GLY B 114 -54.44 29.54 23.01
C GLY B 114 -55.75 29.03 23.58
N ASP B 115 -56.53 28.36 22.74
CA ASP B 115 -57.87 27.89 23.12
C ASP B 115 -57.87 26.78 24.18
N THR B 116 -59.08 26.46 24.67
CA THR B 116 -59.30 25.31 25.53
C THR B 116 -60.30 24.37 24.84
N VAL B 117 -59.95 23.09 24.78
CA VAL B 117 -60.83 22.09 24.18
C VAL B 117 -61.64 21.38 25.26
N ASN B 118 -62.97 21.52 25.18
CA ASN B 118 -63.89 20.81 26.06
C ASN B 118 -64.51 19.60 25.38
N PHE B 119 -64.59 18.50 26.12
CA PHE B 119 -65.18 17.26 25.62
C PHE B 119 -66.01 16.58 26.70
N ARG B 120 -67.02 15.83 26.26
CA ARG B 120 -67.81 15.00 27.17
C ARG B 120 -67.76 13.55 26.71
N VAL B 121 -67.65 12.63 27.67
CA VAL B 121 -67.60 11.21 27.37
C VAL B 121 -68.93 10.53 27.75
N ILE B 122 -69.79 10.37 26.74
CA ILE B 122 -71.13 9.79 26.94
C ILE B 122 -71.12 8.27 26.72
N LEU B 123 -71.48 7.52 27.77
CA LEU B 123 -71.52 6.06 27.70
C LEU B 123 -72.92 5.48 27.95
N LEU B 124 -73.39 4.68 26.98
CA LEU B 124 -74.70 4.05 27.05
C LEU B 124 -74.60 2.57 26.67
N ASP B 125 -75.72 1.85 26.73
CA ASP B 125 -75.79 0.46 26.26
C ASP B 125 -76.83 0.28 25.13
N THR B 126 -77.26 -0.96 24.89
CA THR B 126 -78.30 -1.26 23.90
C THR B 126 -79.67 -0.70 24.32
N GLU B 127 -79.89 -0.58 25.63
CA GLU B 127 -81.11 0.00 26.19
C GLU B 127 -80.92 1.46 26.62
N LEU B 128 -80.08 2.17 25.85
CA LEU B 128 -79.76 3.61 26.06
C LEU B 128 -79.69 4.07 27.53
N LYS B 129 -78.98 3.31 28.35
CA LYS B 129 -78.81 3.59 29.79
C LYS B 129 -77.32 3.47 30.18
N PRO B 130 -76.92 4.01 31.35
CA PRO B 130 -75.53 3.88 31.77
C PRO B 130 -75.25 2.52 32.39
N PRO B 131 -74.33 1.73 31.80
CA PRO B 131 -74.04 0.37 32.30
C PRO B 131 -73.35 0.39 33.66
N ALA B 132 -73.54 -0.69 34.42
CA ALA B 132 -72.97 -0.81 35.77
C ALA B 132 -71.94 -1.92 35.85
N LYS B 135 -67.93 1.77 34.68
CA LYS B 135 -67.43 2.49 35.85
C LYS B 135 -66.44 3.61 35.47
N SER B 136 -65.48 3.30 34.60
CA SER B 136 -64.43 4.24 34.21
C SER B 136 -64.00 4.07 32.74
N VAL B 137 -63.31 5.09 32.21
CA VAL B 137 -62.70 5.03 30.87
C VAL B 137 -61.27 5.56 30.83
N TYR B 138 -60.45 4.98 29.96
CA TYR B 138 -59.12 5.48 29.69
C TYR B 138 -59.18 6.42 28.48
N VAL B 139 -58.87 7.70 28.72
CA VAL B 139 -58.96 8.73 27.68
C VAL B 139 -57.60 9.36 27.42
N THR B 140 -57.19 9.37 26.15
CA THR B 140 -55.93 9.99 25.73
C THR B 140 -56.14 10.89 24.51
N ILE B 141 -55.39 11.98 24.45
CA ILE B 141 -55.49 12.93 23.34
C ILE B 141 -54.16 13.06 22.58
N ARG B 142 -54.13 12.54 21.35
CA ARG B 142 -52.93 12.55 20.52
C ARG B 142 -52.88 13.77 19.60
N ASP B 143 -51.68 14.32 19.42
CA ASP B 143 -51.48 15.46 18.53
C ASP B 143 -51.34 15.01 17.06
N PRO B 144 -51.03 15.94 16.13
CA PRO B 144 -50.84 15.55 14.73
C PRO B 144 -49.74 14.51 14.51
N GLN B 145 -48.68 14.57 15.31
CA GLN B 145 -47.62 13.57 15.25
C GLN B 145 -47.85 12.43 16.27
N ARG B 146 -49.13 12.12 16.51
CA ARG B 146 -49.56 11.00 17.36
C ARG B 146 -48.85 10.91 18.73
N ASN B 147 -48.63 12.04 19.37
CA ASN B 147 -48.03 12.07 20.71
C ASN B 147 -49.09 12.11 21.81
N VAL B 148 -48.91 11.28 22.83
CA VAL B 148 -49.84 11.21 23.96
C VAL B 148 -49.70 12.45 24.85
N ILE B 149 -50.50 13.46 24.56
CA ILE B 149 -50.47 14.73 25.28
C ILE B 149 -51.06 14.58 26.69
N ARG B 150 -52.32 14.16 26.79
CA ARG B 150 -52.94 13.88 28.08
C ARG B 150 -53.52 12.46 28.14
N LYS B 151 -53.50 11.87 29.33
CA LYS B 151 -53.95 10.49 29.53
C LYS B 151 -54.70 10.35 30.86
N TRP B 152 -55.99 10.05 30.76
CA TRP B 152 -56.82 9.84 31.93
C TRP B 152 -56.77 8.41 32.37
N SER B 153 -56.21 8.20 33.56
CA SER B 153 -55.90 6.87 34.09
C SER B 153 -57.16 6.11 34.53
N THR B 154 -57.87 6.68 35.50
CA THR B 154 -59.03 6.02 36.11
C THR B 154 -60.36 6.69 35.75
N LEU B 157 -66.93 8.16 35.92
CA LEU B 157 -68.19 8.50 35.27
C LEU B 157 -69.25 8.99 36.26
N TYR B 158 -70.08 9.92 35.80
CA TYR B 158 -71.26 10.38 36.55
C TYR B 158 -72.48 10.23 35.64
N ALA B 159 -73.38 9.32 36.00
CA ALA B 159 -74.54 8.93 35.19
C ALA B 159 -74.15 8.55 33.75
N GLY B 160 -73.04 7.83 33.63
CA GLY B 160 -72.55 7.36 32.34
C GLY B 160 -71.86 8.41 31.50
N VAL B 161 -71.60 9.58 32.10
CA VAL B 161 -70.93 10.66 31.38
C VAL B 161 -69.64 11.05 32.10
N PHE B 162 -68.64 11.50 31.33
CA PHE B 162 -67.38 11.96 31.89
C PHE B 162 -66.93 13.26 31.23
N GLU B 163 -66.62 14.26 32.06
CA GLU B 163 -66.32 15.61 31.55
C GLU B 163 -65.00 16.15 32.08
N SER B 164 -64.10 16.48 31.15
CA SER B 164 -62.80 17.09 31.45
C SER B 164 -62.34 17.95 30.26
N ASP B 165 -61.16 18.57 30.38
CA ASP B 165 -60.66 19.46 29.31
C ASP B 165 -59.14 19.41 29.08
N LEU B 166 -58.71 20.08 28.00
CA LEU B 166 -57.32 20.11 27.58
C LEU B 166 -56.97 21.50 27.05
N GLN B 167 -55.91 22.08 27.59
CA GLN B 167 -55.47 23.42 27.19
C GLN B 167 -54.51 23.35 26.00
N ILE B 168 -54.91 23.96 24.89
CA ILE B 168 -54.03 24.10 23.73
C ILE B 168 -53.11 25.30 24.01
N VAL B 169 -51.80 25.08 23.80
CA VAL B 169 -50.76 26.05 24.20
C VAL B 169 -50.56 27.21 23.20
N PRO B 170 -50.06 28.37 23.69
CA PRO B 170 -49.84 29.60 22.91
C PRO B 170 -49.30 29.40 21.48
N THR B 171 -48.21 28.65 21.34
CA THR B 171 -47.66 28.29 20.02
C THR B 171 -47.78 26.78 19.80
N PRO B 172 -48.91 26.33 19.25
CA PRO B 172 -49.27 24.92 19.23
C PRO B 172 -48.84 24.19 17.97
N MET B 173 -49.11 22.88 17.93
CA MET B 173 -48.88 22.05 16.75
C MET B 173 -50.07 22.18 15.81
N LEU B 174 -49.86 22.82 14.67
CA LEU B 174 -50.94 23.15 13.72
C LEU B 174 -51.35 21.98 12.82
N GLY B 175 -52.45 21.31 13.17
CA GLY B 175 -52.95 20.18 12.39
C GLY B 175 -54.27 19.59 12.88
N VAL B 176 -54.27 18.28 13.10
CA VAL B 176 -55.47 17.53 13.48
C VAL B 176 -55.18 16.59 14.65
N TRP B 177 -55.88 16.79 15.75
CA TRP B 177 -55.66 16.01 16.98
C TRP B 177 -56.62 14.84 17.08
N ASN B 178 -56.50 14.05 18.15
CA ASN B 178 -57.32 12.84 18.31
C ASN B 178 -57.56 12.41 19.77
N ILE B 179 -58.82 12.43 20.19
CA ILE B 179 -59.25 11.95 21.51
C ILE B 179 -59.65 10.49 21.39
N SER B 180 -59.20 9.65 22.34
CA SER B 180 -59.50 8.21 22.28
C SER B 180 -59.99 7.58 23.60
N VAL B 181 -61.16 6.96 23.53
CA VAL B 181 -61.83 6.35 24.68
C VAL B 181 -61.93 4.83 24.52
N GLU B 182 -61.61 4.11 25.59
CA GLU B 182 -61.71 2.65 25.59
C GLU B 182 -62.12 2.13 26.96
N VAL B 183 -62.76 0.96 26.97
CA VAL B 183 -63.06 0.24 28.21
C VAL B 183 -62.65 -1.21 28.02
N GLU B 184 -61.99 -1.76 29.04
CA GLU B 184 -61.45 -3.14 29.00
C GLU B 184 -60.37 -3.36 27.92
N GLY B 185 -60.54 -2.73 26.76
CA GLY B 185 -59.50 -2.73 25.71
C GLY B 185 -59.92 -2.57 24.26
N GLU B 186 -61.08 -1.95 24.02
CA GLU B 186 -61.56 -1.76 22.64
C GLU B 186 -61.72 -0.28 22.29
N VAL B 189 -64.38 4.26 19.71
CA VAL B 189 -64.84 5.64 19.85
C VAL B 189 -63.67 6.62 19.96
N SER B 190 -63.56 7.51 18.98
CA SER B 190 -62.43 8.42 18.88
C SER B 190 -62.79 9.68 18.07
N LYS B 191 -62.81 10.83 18.73
CA LYS B 191 -63.17 12.09 18.08
C LYS B 191 -61.96 13.00 17.83
N THR B 192 -61.92 13.61 16.64
CA THR B 192 -60.81 14.47 16.22
C THR B 192 -61.22 15.96 16.14
N PHE B 193 -60.23 16.85 16.24
CA PHE B 193 -60.45 18.30 16.04
C PHE B 193 -59.28 18.99 15.36
N GLU B 194 -59.59 19.89 14.44
CA GLU B 194 -58.57 20.66 13.73
C GLU B 194 -58.15 21.90 14.53
N VAL B 195 -56.84 22.15 14.58
CA VAL B 195 -56.28 23.32 15.25
C VAL B 195 -55.50 24.13 14.21
N LYS B 196 -55.62 25.45 14.29
CA LYS B 196 -54.93 26.34 13.36
C LYS B 196 -54.67 27.74 13.93
N GLU B 197 -53.76 28.47 13.27
CA GLU B 197 -53.53 29.89 13.51
C GLU B 197 -53.65 30.61 12.17
N TYR B 198 -54.11 31.86 12.22
CA TYR B 198 -54.27 32.65 10.99
C TYR B 198 -53.99 34.13 11.24
N VAL B 199 -52.88 34.60 10.69
CA VAL B 199 -52.49 36.01 10.79
C VAL B 199 -52.36 36.60 9.38
N LEU B 200 -51.20 37.21 9.09
CA LEU B 200 -50.88 37.80 7.79
C LEU B 200 -51.77 39.00 7.41
N SER B 201 -51.44 39.62 6.27
CA SER B 201 -52.13 40.82 5.80
C SER B 201 -53.33 40.48 4.91
N THR B 202 -53.55 39.19 4.67
CA THR B 202 -54.64 38.74 3.81
C THR B 202 -56.02 38.94 4.45
N PHE B 203 -56.91 39.57 3.69
CA PHE B 203 -58.24 39.94 4.18
C PHE B 203 -59.37 39.55 3.25
N ASP B 204 -60.56 39.35 3.81
CA ASP B 204 -61.76 38.97 3.06
C ASP B 204 -62.62 40.20 2.70
N VAL B 205 -63.18 40.18 1.49
CA VAL B 205 -64.10 41.23 1.03
C VAL B 205 -65.40 40.57 0.56
N GLN B 206 -66.46 40.72 1.35
CA GLN B 206 -67.77 40.17 0.99
C GLN B 206 -68.76 41.26 0.60
N VAL B 207 -68.97 41.43 -0.70
CA VAL B 207 -69.84 42.47 -1.25
C VAL B 207 -71.23 41.92 -1.57
N MET B 208 -72.26 42.57 -1.03
CA MET B 208 -73.65 42.13 -1.18
C MET B 208 -74.57 43.32 -1.42
N PRO B 209 -75.76 43.08 -2.00
CA PRO B 209 -76.74 44.16 -2.07
C PRO B 209 -77.38 44.44 -0.71
N SER B 210 -77.51 45.72 -0.36
CA SER B 210 -78.10 46.14 0.91
C SER B 210 -79.56 45.69 1.07
N VAL B 211 -80.27 45.64 -0.06
CA VAL B 211 -81.61 45.05 -0.17
C VAL B 211 -81.83 44.66 -1.64
N ILE B 212 -82.38 43.47 -1.86
CA ILE B 212 -82.55 42.90 -3.22
C ILE B 212 -83.09 43.97 -4.19
N PRO B 213 -82.32 44.28 -5.25
CA PRO B 213 -82.63 45.39 -6.16
C PRO B 213 -83.84 45.10 -7.06
N LEU B 214 -84.66 46.11 -7.31
CA LEU B 214 -85.89 45.96 -8.10
C LEU B 214 -85.71 46.39 -9.55
N GLU B 215 -86.52 45.82 -10.44
CA GLU B 215 -86.55 46.20 -11.85
C GLU B 215 -86.94 47.67 -12.01
N GLU B 216 -87.96 48.10 -11.25
CA GLU B 216 -88.43 49.47 -11.27
C GLU B 216 -87.50 50.42 -10.49
N HIS B 217 -86.61 49.85 -9.68
CA HIS B 217 -85.70 50.64 -8.82
C HIS B 217 -84.63 51.38 -9.58
N GLN B 218 -84.22 50.83 -10.73
CA GLN B 218 -83.22 51.45 -11.62
C GLN B 218 -81.90 51.83 -10.93
N ALA B 219 -81.57 51.11 -9.86
CA ALA B 219 -80.37 51.35 -9.06
C ALA B 219 -80.02 50.17 -8.15
N VAL B 220 -78.73 49.93 -7.95
CA VAL B 220 -78.24 48.89 -7.05
C VAL B 220 -77.47 49.52 -5.87
N ASN B 221 -77.94 49.26 -4.66
CA ASN B 221 -77.25 49.72 -3.45
C ASN B 221 -76.42 48.60 -2.82
N LEU B 222 -75.18 48.92 -2.45
CA LEU B 222 -74.23 47.89 -2.03
C LEU B 222 -73.63 48.09 -0.64
N THR B 223 -73.37 46.97 0.03
CA THR B 223 -72.75 46.96 1.36
C THR B 223 -71.41 46.19 1.29
N ILE B 224 -70.34 46.92 0.95
CA ILE B 224 -68.99 46.33 0.92
C ILE B 224 -68.44 46.20 2.33
N GLU B 225 -68.10 44.98 2.73
CA GLU B 225 -67.68 44.69 4.10
C GLU B 225 -66.33 43.98 4.14
N ALA B 226 -65.27 44.76 4.34
CA ALA B 226 -63.90 44.21 4.38
C ALA B 226 -63.45 43.89 5.80
N ASN B 227 -63.10 42.63 6.03
CA ASN B 227 -62.65 42.15 7.33
C ASN B 227 -61.41 41.27 7.25
N TYR B 228 -60.50 41.47 8.20
CA TYR B 228 -59.42 40.50 8.42
C TYR B 228 -60.06 39.28 9.07
N HIS B 229 -59.53 38.10 8.78
CA HIS B 229 -59.97 36.87 9.43
C HIS B 229 -59.82 36.96 10.93
N PHE B 230 -59.00 37.92 11.36
CA PHE B 230 -58.68 38.17 12.77
C PHE B 230 -59.87 38.62 13.61
N GLY B 231 -60.81 39.32 12.97
CA GLY B 231 -61.94 39.92 13.68
C GLY B 231 -62.00 41.43 13.45
N LYS B 232 -60.82 42.05 13.34
CA LYS B 232 -60.71 43.47 13.06
C LYS B 232 -61.02 43.79 11.60
N PRO B 233 -61.79 44.86 11.34
CA PRO B 233 -62.13 45.31 9.98
C PRO B 233 -60.93 45.92 9.26
N VAL B 234 -61.08 46.14 7.96
CA VAL B 234 -60.00 46.66 7.11
C VAL B 234 -60.24 48.11 6.74
N GLN B 235 -59.22 48.93 6.87
CA GLN B 235 -59.28 50.30 6.39
C GLN B 235 -58.67 50.37 4.99
N GLY B 236 -59.31 51.13 4.10
CA GLY B 236 -58.83 51.27 2.72
C GLY B 236 -59.84 51.87 1.75
N VAL B 237 -59.56 51.72 0.46
CA VAL B 237 -60.39 52.28 -0.60
C VAL B 237 -60.90 51.19 -1.54
N ALA B 238 -62.22 51.18 -1.79
CA ALA B 238 -62.83 50.22 -2.70
C ALA B 238 -62.85 50.73 -4.14
N LYS B 239 -62.85 49.80 -5.09
CA LYS B 239 -62.94 50.13 -6.51
C LYS B 239 -64.17 49.44 -7.11
N VAL B 240 -65.27 50.19 -7.22
CA VAL B 240 -66.54 49.65 -7.68
C VAL B 240 -66.70 49.75 -9.20
N GLU B 241 -67.00 48.61 -9.81
CA GLU B 241 -67.30 48.51 -11.24
C GLU B 241 -68.60 47.74 -11.44
N LEU B 242 -69.43 48.21 -12.38
CA LEU B 242 -70.74 47.60 -12.67
C LEU B 242 -71.00 47.45 -14.18
N TYR B 243 -71.54 46.30 -14.58
CA TYR B 243 -71.83 46.01 -15.98
C TYR B 243 -73.24 46.48 -16.39
N ASN B 250 -70.04 51.27 -17.48
CA ASN B 250 -71.32 51.76 -16.98
C ASN B 250 -71.21 52.50 -15.65
N GLN B 251 -70.31 52.02 -14.78
CA GLN B 251 -70.07 52.63 -13.47
C GLN B 251 -68.63 52.39 -12.98
N LYS B 252 -68.03 53.45 -12.42
CA LYS B 252 -66.70 53.37 -11.82
C LYS B 252 -66.55 54.38 -10.67
N LYS B 253 -67.01 53.98 -9.48
CA LYS B 253 -66.98 54.83 -8.28
C LYS B 253 -66.07 54.25 -7.20
N GLU B 254 -65.31 55.13 -6.55
CA GLU B 254 -64.42 54.74 -5.45
C GLU B 254 -64.88 55.33 -4.13
N LEU B 255 -64.75 54.55 -3.06
CA LEU B 255 -65.11 55.03 -1.72
C LEU B 255 -64.18 54.47 -0.65
N THR B 256 -63.94 55.28 0.39
CA THR B 256 -63.07 54.89 1.50
C THR B 256 -63.87 54.14 2.57
N VAL B 257 -63.74 52.82 2.58
CA VAL B 257 -64.53 51.97 3.46
C VAL B 257 -63.76 51.58 4.71
N TYR B 258 -64.42 51.72 5.87
CA TYR B 258 -63.82 51.33 7.15
C TYR B 258 -64.40 50.02 7.65
N GLY B 259 -64.41 49.01 6.79
CA GLY B 259 -64.93 47.69 7.15
C GLY B 259 -66.40 47.49 6.81
N LYS B 260 -67.09 48.60 6.54
CA LYS B 260 -68.50 48.60 6.14
C LYS B 260 -68.80 49.96 5.53
N GLY B 261 -69.64 49.96 4.48
CA GLY B 261 -69.96 51.20 3.76
C GLY B 261 -71.00 51.03 2.67
N GLN B 262 -71.75 52.09 2.41
CA GLN B 262 -72.81 52.07 1.40
C GLN B 262 -72.42 52.85 0.15
N VAL B 263 -72.77 52.29 -1.01
CA VAL B 263 -72.62 53.00 -2.28
C VAL B 263 -73.87 52.77 -3.15
N GLU B 264 -74.44 53.88 -3.63
CA GLU B 264 -75.61 53.84 -4.49
C GLU B 264 -75.17 53.95 -5.96
N LEU B 265 -75.63 53.01 -6.79
CA LEU B 265 -75.30 52.99 -8.22
C LEU B 265 -76.55 53.14 -9.10
N ARG B 266 -76.75 54.35 -9.64
CA ARG B 266 -77.92 54.66 -10.46
C ARG B 266 -77.72 54.27 -11.92
N PHE B 267 -78.81 53.94 -12.60
CA PHE B 267 -78.78 53.51 -14.00
C PHE B 267 -79.30 54.58 -14.97
N ASP B 268 -78.87 54.48 -16.23
CA ASP B 268 -79.30 55.39 -17.29
C ASP B 268 -80.58 54.92 -17.99
N ASN B 269 -80.59 53.66 -18.45
CA ASN B 269 -81.75 53.13 -19.18
C ASN B 269 -81.98 51.63 -18.98
N PHE B 270 -81.99 51.20 -17.72
CA PHE B 270 -82.18 49.78 -17.37
C PHE B 270 -83.64 49.35 -17.55
N ASP B 275 -88.43 37.74 -15.78
CA ASP B 275 -88.57 37.37 -14.36
C ASP B 275 -87.36 37.82 -13.54
N GLN B 276 -86.17 37.70 -14.11
CA GLN B 276 -84.91 38.05 -13.44
C GLN B 276 -83.81 38.42 -14.43
N GLN B 277 -82.76 39.09 -13.93
CA GLN B 277 -81.59 39.46 -14.72
C GLN B 277 -80.37 39.66 -13.82
N ASP B 278 -79.20 39.24 -14.29
CA ASP B 278 -77.94 39.33 -13.52
C ASP B 278 -77.17 40.62 -13.76
N VAL B 279 -76.38 41.04 -12.76
CA VAL B 279 -75.54 42.23 -12.84
C VAL B 279 -74.13 41.90 -12.36
N ARG B 280 -73.13 42.16 -13.21
CA ARG B 280 -71.73 41.90 -12.87
C ARG B 280 -71.11 43.09 -12.13
N VAL B 281 -70.67 42.84 -10.89
CA VAL B 281 -70.03 43.85 -10.05
C VAL B 281 -68.64 43.38 -9.60
N LYS B 282 -67.62 44.18 -9.89
CA LYS B 282 -66.24 43.89 -9.48
C LYS B 282 -65.75 44.90 -8.44
N VAL B 283 -65.03 44.39 -7.44
CA VAL B 283 -64.56 45.21 -6.32
C VAL B 283 -63.09 44.95 -6.00
N SER B 284 -62.29 46.02 -6.03
CA SER B 284 -60.86 45.97 -5.67
C SER B 284 -60.54 46.84 -4.46
N PHE B 285 -60.04 46.21 -3.39
CA PHE B 285 -59.84 46.87 -2.11
C PHE B 285 -58.36 47.19 -1.82
N ILE B 286 -57.94 48.40 -2.14
CA ILE B 286 -56.58 48.87 -1.85
C ILE B 286 -56.45 49.24 -0.37
N GLU B 287 -55.66 48.45 0.37
CA GLU B 287 -55.51 48.59 1.83
C GLU B 287 -54.82 49.91 2.24
N GLN B 288 -55.18 50.40 3.43
CA GLN B 288 -54.83 51.74 3.89
C GLN B 288 -53.40 52.20 3.57
N TYR B 289 -52.40 51.44 4.02
CA TYR B 289 -51.01 51.86 3.89
C TYR B 289 -50.15 51.01 2.95
N THR B 290 -50.31 49.69 3.03
CA THR B 290 -49.50 48.75 2.24
C THR B 290 -49.90 48.73 0.77
N ASN B 291 -51.08 49.29 0.47
CA ASN B 291 -51.65 49.32 -0.87
C ASN B 291 -52.08 47.93 -1.40
N ARG B 292 -52.03 46.92 -0.54
CA ARG B 292 -52.41 45.54 -0.86
C ARG B 292 -53.88 45.41 -1.24
N THR B 293 -54.17 44.58 -2.25
CA THR B 293 -55.51 44.48 -2.81
C THR B 293 -56.05 43.05 -2.82
N VAL B 294 -57.37 42.95 -2.62
CA VAL B 294 -58.11 41.71 -2.82
C VAL B 294 -59.27 42.01 -3.78
N VAL B 295 -59.45 41.12 -4.76
CA VAL B 295 -60.49 41.28 -5.77
C VAL B 295 -61.63 40.31 -5.54
N LYS B 296 -62.82 40.86 -5.31
CA LYS B 296 -64.03 40.06 -5.18
C LYS B 296 -65.05 40.49 -6.22
N GLN B 297 -65.53 39.53 -7.01
CA GLN B 297 -66.55 39.78 -8.03
C GLN B 297 -67.61 38.67 -8.03
N SER B 298 -68.87 39.08 -8.15
CA SER B 298 -69.99 38.14 -8.22
C SER B 298 -71.20 38.76 -8.94
N GLN B 299 -72.14 37.91 -9.36
CA GLN B 299 -73.30 38.34 -10.14
C GLN B 299 -74.50 38.67 -9.25
N ILE B 300 -75.21 39.75 -9.59
CA ILE B 300 -76.32 40.26 -8.78
C ILE B 300 -77.68 40.19 -9.50
N THR B 301 -78.56 39.31 -9.02
CA THR B 301 -79.89 39.13 -9.60
C THR B 301 -80.85 40.26 -9.21
N VAL B 302 -81.44 40.91 -10.22
CA VAL B 302 -82.39 42.00 -10.01
C VAL B 302 -83.76 41.46 -9.60
N LEU B 408 -99.96 1.33 15.15
CA LEU B 408 -100.09 1.86 16.51
C LEU B 408 -101.32 2.78 16.62
N LYS B 409 -102.49 2.16 16.74
CA LYS B 409 -103.77 2.88 16.82
C LYS B 409 -104.07 3.39 18.24
N SER B 410 -103.11 3.20 19.15
CA SER B 410 -103.23 3.63 20.55
C SER B 410 -101.86 3.85 21.21
N PRO B 411 -101.81 4.56 22.36
CA PRO B 411 -100.55 4.70 23.11
C PRO B 411 -100.04 3.38 23.70
N ILE B 412 -98.80 3.03 23.35
CA ILE B 412 -98.16 1.77 23.76
C ILE B 412 -97.77 1.79 25.24
N LEU B 417 -103.84 -4.74 24.66
CA LEU B 417 -104.15 -4.61 23.25
C LEU B 417 -103.23 -3.59 22.59
N MET B 418 -102.56 -4.03 21.53
CA MET B 418 -101.66 -3.15 20.76
C MET B 418 -102.17 -2.98 19.33
N ARG B 419 -103.36 -2.40 19.19
CA ARG B 419 -104.01 -2.19 17.89
C ARG B 419 -103.09 -1.50 16.87
N PHE B 420 -103.02 -2.07 15.67
CA PHE B 420 -102.16 -1.55 14.60
C PHE B 420 -102.64 -2.03 13.24
N THR B 423 -104.64 -0.22 5.31
CA THR B 423 -104.74 -0.02 3.87
C THR B 423 -103.78 -0.92 3.10
N CYS B 424 -104.28 -1.51 2.00
CA CYS B 424 -103.48 -2.39 1.14
C CYS B 424 -104.04 -2.50 -0.29
N THR B 425 -103.14 -2.69 -1.26
CA THR B 425 -103.49 -2.77 -2.68
C THR B 425 -104.08 -4.15 -3.06
N GLU B 426 -103.38 -5.22 -2.68
CA GLU B 426 -103.85 -6.59 -2.90
C GLU B 426 -104.46 -7.16 -1.61
N ARG B 427 -105.76 -7.45 -1.65
CA ARG B 427 -106.49 -7.95 -0.48
C ARG B 427 -106.15 -9.41 -0.15
N MET B 428 -105.00 -9.63 0.49
CA MET B 428 -104.54 -10.96 0.86
C MET B 428 -104.51 -11.14 2.38
N TYR B 434 -92.88 -10.22 13.31
CA TYR B 434 -91.59 -10.24 14.00
C TYR B 434 -91.31 -8.90 14.69
N VAL B 435 -91.05 -8.97 16.00
CA VAL B 435 -90.67 -7.79 16.78
C VAL B 435 -89.17 -7.85 17.12
N MET B 436 -88.34 -7.34 16.21
CA MET B 436 -86.87 -7.39 16.34
C MET B 436 -86.37 -6.41 17.38
N GLY B 439 -81.83 -6.44 20.45
CA GLY B 439 -80.88 -7.55 20.36
C GLY B 439 -81.21 -8.54 19.26
N ASN B 440 -81.87 -9.63 19.64
CA ASN B 440 -82.29 -10.67 18.70
C ASN B 440 -83.82 -10.76 18.58
N ILE B 441 -84.29 -11.07 17.37
CA ILE B 441 -85.72 -11.07 17.03
C ILE B 441 -86.46 -12.28 17.61
N ASP B 443 -90.40 -11.66 18.62
CA ASP B 443 -91.45 -12.68 18.53
C ASP B 443 -92.17 -12.62 17.17
N ALA B 444 -92.28 -13.78 16.53
CA ALA B 444 -93.02 -13.92 15.26
C ALA B 444 -93.86 -15.20 15.25
N PHE B 446 -96.71 -15.28 11.75
CA PHE B 446 -97.65 -15.40 10.66
C PHE B 446 -99.07 -15.17 11.15
N MET B 447 -99.86 -14.44 10.37
CA MET B 447 -101.27 -14.20 10.68
C MET B 447 -102.09 -14.11 9.38
N ARG B 448 -102.69 -15.22 8.98
CA ARG B 448 -103.46 -15.32 7.73
C ARG B 448 -104.82 -14.61 7.82
N PRO B 449 -105.00 -13.52 7.06
CA PRO B 449 -106.20 -12.69 7.15
C PRO B 449 -107.35 -13.18 6.26
N ASN B 450 -108.50 -12.50 6.36
CA ASN B 450 -109.69 -12.86 5.59
C ASN B 450 -109.73 -12.19 4.21
N LYS B 451 -108.64 -12.30 3.45
CA LYS B 451 -108.50 -11.71 2.11
C LYS B 451 -109.02 -10.28 2.02
N GLN B 452 -108.51 -9.43 2.92
CA GLN B 452 -108.97 -8.04 3.03
C GLN B 452 -107.83 -7.03 2.97
N THR B 453 -108.18 -5.78 2.69
CA THR B 453 -107.23 -4.66 2.68
C THR B 453 -106.96 -4.10 4.09
N LYS B 454 -107.88 -4.41 5.02
CA LYS B 454 -107.77 -3.93 6.40
C LYS B 454 -107.80 -5.06 7.43
N TYR B 455 -106.86 -4.99 8.38
CA TYR B 455 -106.78 -5.93 9.52
C TYR B 455 -106.39 -5.16 10.78
N LEU B 456 -106.95 -5.55 11.92
CA LEU B 456 -106.72 -4.86 13.19
C LEU B 456 -105.97 -5.73 14.20
N LEU B 457 -104.65 -5.84 14.00
CA LEU B 457 -103.79 -6.67 14.85
C LEU B 457 -103.59 -6.07 16.23
N GLN B 458 -103.35 -6.94 17.22
CA GLN B 458 -103.09 -6.52 18.60
C GLN B 458 -102.24 -7.55 19.36
N LEU B 459 -100.93 -7.44 19.19
CA LEU B 459 -99.97 -8.36 19.81
C LEU B 459 -99.77 -8.07 21.30
N GLU B 463 -92.53 -7.75 28.51
CA GLU B 463 -91.38 -7.48 29.36
C GLU B 463 -90.14 -7.14 28.54
N LYS B 464 -89.84 -7.98 27.55
CA LYS B 464 -88.70 -7.78 26.66
C LYS B 464 -89.03 -6.90 25.46
N MET B 465 -90.22 -6.28 25.51
CA MET B 465 -90.63 -5.27 24.52
C MET B 465 -90.25 -3.86 24.98
N ILE B 466 -90.03 -3.71 26.28
CA ILE B 466 -89.61 -2.44 26.89
C ILE B 466 -88.09 -2.28 26.84
N PRO B 467 -87.58 -1.03 26.80
CA PRO B 467 -88.31 0.24 26.72
C PRO B 467 -88.29 0.89 25.32
N LYS B 468 -88.06 0.09 24.28
CA LYS B 468 -88.08 0.57 22.90
C LYS B 468 -88.47 -0.53 21.90
N LEU B 472 -91.44 -3.92 12.08
CA LEU B 472 -91.35 -4.37 10.71
C LEU B 472 -92.58 -5.20 10.30
N ILE B 473 -93.17 -4.83 9.16
CA ILE B 473 -94.43 -5.42 8.69
C ILE B 473 -94.23 -6.65 7.80
N ASP B 487 -92.09 2.13 15.67
CA ASP B 487 -91.36 2.04 16.92
C ASP B 487 -92.31 2.06 18.11
N LEU B 488 -92.36 0.94 18.83
CA LEU B 488 -93.24 0.80 19.99
C LEU B 488 -92.51 1.17 21.28
N ASP B 489 -91.92 2.37 21.28
CA ASP B 489 -91.08 2.85 22.38
C ASP B 489 -91.86 3.19 23.65
N PHE B 490 -91.53 2.49 24.73
CA PHE B 490 -92.21 2.62 26.02
C PHE B 490 -91.97 3.99 26.65
N GLN B 491 -92.99 4.84 26.59
CA GLN B 491 -92.94 6.16 27.22
C GLN B 491 -93.23 6.09 28.72
N GLU B 492 -93.36 4.87 29.23
CA GLU B 492 -93.69 4.63 30.64
C GLU B 492 -92.45 4.53 31.54
N LEU B 493 -91.28 4.31 30.94
CA LEU B 493 -90.04 4.15 31.70
C LEU B 493 -88.88 5.04 31.23
N ARG B 494 -89.01 5.58 30.02
CA ARG B 494 -87.96 6.41 29.40
C ARG B 494 -87.89 7.83 29.96
N ASN B 495 -86.88 8.58 29.50
CA ASN B 495 -86.66 9.98 29.91
C ASN B 495 -87.03 10.97 28.80
N ASN B 496 -87.60 12.11 29.19
CA ASN B 496 -88.03 13.14 28.23
C ASN B 496 -87.60 14.57 28.62
N PHE B 497 -86.34 14.88 28.34
CA PHE B 497 -85.77 16.20 28.62
C PHE B 497 -86.22 17.23 27.57
N ASP B 498 -86.79 18.33 28.04
CA ASP B 498 -87.29 19.37 27.13
C ASP B 498 -86.92 20.79 27.60
N LEU B 499 -85.84 21.32 27.04
CA LEU B 499 -85.37 22.67 27.37
C LEU B 499 -85.91 23.69 26.38
N SER B 500 -86.34 24.84 26.92
CA SER B 500 -86.91 25.92 26.11
C SER B 500 -86.64 27.30 26.73
N ILE B 501 -86.98 28.36 26.00
CA ILE B 501 -86.79 29.74 26.47
C ILE B 501 -88.06 30.58 26.28
N ILE B 506 -84.25 38.23 22.54
CA ILE B 506 -82.98 38.09 23.23
C ILE B 506 -81.90 38.94 22.56
N LYS B 507 -81.89 40.22 22.90
CA LYS B 507 -80.91 41.17 22.37
C LYS B 507 -79.54 40.95 23.01
N PRO B 508 -78.46 41.00 22.21
CA PRO B 508 -77.07 40.78 22.65
C PRO B 508 -76.66 41.55 23.90
N GLY B 509 -76.45 40.82 24.99
CA GLY B 509 -76.10 41.41 26.28
C GLY B 509 -77.08 41.03 27.38
N ARG B 510 -78.35 41.36 27.16
CA ARG B 510 -79.43 41.08 28.12
C ARG B 510 -79.68 39.58 28.29
N GLN B 511 -80.05 39.20 29.53
CA GLN B 511 -80.16 37.80 29.94
C GLN B 511 -81.13 36.95 29.12
N ILE B 512 -80.95 35.62 29.18
CA ILE B 512 -81.88 34.66 28.59
C ILE B 512 -82.11 33.50 29.56
N GLU B 513 -83.38 33.25 29.87
CA GLU B 513 -83.76 32.19 30.80
C GLU B 513 -84.08 30.89 30.06
N LEU B 514 -83.30 29.85 30.35
CA LEU B 514 -83.52 28.53 29.78
C LEU B 514 -84.42 27.73 30.73
N SER B 515 -85.52 27.19 30.19
CA SER B 515 -86.48 26.42 30.98
C SER B 515 -86.53 24.96 30.54
N MET B 516 -85.98 24.08 31.37
CA MET B 516 -85.87 22.66 31.05
C MET B 516 -86.66 21.77 32.02
N SER B 517 -87.16 20.64 31.53
CA SER B 517 -87.96 19.71 32.34
C SER B 517 -87.84 18.24 31.90
N GLY B 518 -87.39 17.40 32.82
CA GLY B 518 -87.25 15.96 32.60
C GLY B 518 -87.32 15.16 33.88
N ARG B 519 -86.74 13.96 33.86
CA ARG B 519 -86.76 13.06 35.03
C ARG B 519 -85.88 13.57 36.18
N PRO B 520 -86.38 13.47 37.43
CA PRO B 520 -85.64 13.91 38.63
C PRO B 520 -84.34 13.15 38.87
N GLY B 521 -83.23 13.89 38.87
CA GLY B 521 -81.90 13.32 39.05
C GLY B 521 -81.19 12.98 37.76
N ALA B 522 -81.29 13.87 36.77
CA ALA B 522 -80.71 13.65 35.45
C ALA B 522 -79.71 14.73 35.04
N TYR B 523 -78.65 14.32 34.35
CA TYR B 523 -77.59 15.23 33.92
C TYR B 523 -78.03 16.05 32.71
N VAL B 524 -78.32 17.32 32.94
CA VAL B 524 -78.71 18.23 31.88
C VAL B 524 -77.48 18.94 31.28
N GLY B 525 -76.82 18.24 30.36
CA GLY B 525 -75.62 18.77 29.69
C GLY B 525 -75.96 19.66 28.52
N LEU B 526 -75.80 20.96 28.72
CA LEU B 526 -76.10 21.96 27.70
C LEU B 526 -74.85 22.40 26.93
N ALA B 527 -75.06 22.78 25.67
CA ALA B 527 -73.99 23.28 24.80
C ALA B 527 -74.57 24.29 23.81
N ALA B 528 -73.77 25.30 23.45
CA ALA B 528 -74.20 26.31 22.47
C ALA B 528 -73.13 26.62 21.42
N TYR B 529 -73.31 26.05 20.24
CA TYR B 529 -72.35 26.21 19.13
C TYR B 529 -72.56 27.54 18.42
N ASP B 530 -71.45 28.17 18.05
CA ASP B 530 -71.49 29.32 17.15
C ASP B 530 -71.74 28.77 15.75
N LYS B 531 -73.02 28.71 15.37
CA LYS B 531 -73.45 28.12 14.09
C LYS B 531 -72.68 28.66 12.88
N ALA B 532 -72.16 29.88 13.00
CA ALA B 532 -71.31 30.46 11.97
C ALA B 532 -70.06 29.61 11.77
N LEU B 533 -69.48 29.12 12.87
CA LEU B 533 -68.25 28.31 12.85
C LEU B 533 -68.47 26.90 12.31
N LEU B 534 -69.66 26.35 12.56
CA LEU B 534 -70.02 25.06 11.99
C LEU B 534 -70.47 25.23 10.55
N LEU B 535 -69.56 25.73 9.70
CA LEU B 535 -69.84 25.97 8.29
C LEU B 535 -68.97 25.09 7.37
N PHE B 536 -68.12 24.27 7.97
CA PHE B 536 -67.24 23.35 7.24
C PHE B 536 -67.38 21.92 7.77
N PHE B 543 -72.12 16.90 15.71
CA PHE B 543 -72.33 15.89 16.75
C PHE B 543 -73.80 15.50 16.89
N TRP B 544 -74.69 16.47 16.68
CA TRP B 544 -76.13 16.29 16.94
C TRP B 544 -76.79 15.33 15.98
N GLU B 545 -76.29 15.30 14.75
CA GLU B 545 -76.76 14.36 13.73
C GLU B 545 -76.38 12.91 14.07
N ASP B 546 -75.47 12.76 15.02
CA ASP B 546 -74.96 11.45 15.42
C ASP B 546 -75.76 10.85 16.58
N ILE B 547 -76.07 11.68 17.57
CA ILE B 547 -76.87 11.24 18.72
C ILE B 547 -78.38 11.22 18.39
N GLY B 548 -78.73 11.86 17.27
CA GLY B 548 -80.10 11.84 16.74
C GLY B 548 -80.47 10.48 16.14
N GLN B 549 -79.47 9.80 15.58
CA GLN B 549 -79.62 8.43 15.09
C GLN B 549 -79.36 7.40 16.21
N VAL B 550 -79.09 7.89 17.42
CA VAL B 550 -78.88 7.05 18.60
C VAL B 550 -80.17 6.92 19.43
N PHE B 551 -80.80 8.07 19.74
CA PHE B 551 -81.99 8.10 20.59
C PHE B 551 -83.25 7.58 19.90
N ASP B 552 -83.48 8.05 18.67
CA ASP B 552 -84.66 7.67 17.87
C ASP B 552 -84.58 6.24 17.36
N SER B 567 -82.85 -2.16 7.25
CA SER B 567 -81.67 -1.66 7.94
C SER B 567 -81.77 -1.83 9.46
N LEU B 568 -82.97 -2.14 9.95
CA LEU B 568 -83.30 -2.16 11.38
C LEU B 568 -82.45 -3.12 12.23
N GLY B 569 -81.75 -4.05 11.60
CA GLY B 569 -80.88 -4.99 12.30
C GLY B 569 -81.12 -6.44 11.96
N LEU B 570 -81.28 -6.72 10.66
CA LEU B 570 -81.49 -8.08 10.15
C LEU B 570 -81.03 -8.18 8.69
N PHE B 571 -80.83 -9.40 8.19
CA PHE B 571 -80.42 -9.61 6.80
C PHE B 571 -81.61 -9.95 5.90
N PHE B 608 -65.09 38.98 15.54
CA PHE B 608 -64.92 38.11 16.70
C PHE B 608 -65.75 36.84 16.58
N GLN B 609 -65.33 35.78 17.26
CA GLN B 609 -66.08 34.53 17.36
C GLN B 609 -65.93 33.95 18.77
N GLU B 610 -66.95 33.21 19.22
CA GLU B 610 -66.97 32.69 20.60
C GLU B 610 -67.80 31.42 20.76
N SER B 611 -67.65 30.77 21.92
CA SER B 611 -68.43 29.59 22.28
C SER B 611 -68.81 29.66 23.77
N TRP B 612 -70.10 29.62 24.06
CA TRP B 612 -70.62 29.84 25.41
C TRP B 612 -71.57 28.76 25.90
N LEU B 613 -71.88 28.79 27.20
CA LEU B 613 -72.82 27.88 27.84
C LEU B 613 -72.40 26.42 27.71
N TRP B 614 -71.34 26.07 28.43
CA TRP B 614 -70.90 24.68 28.57
C TRP B 614 -71.30 24.20 29.94
N LYS B 615 -72.61 24.27 30.22
CA LYS B 615 -73.13 23.90 31.52
C LYS B 615 -73.66 22.46 31.53
N ASN B 616 -73.62 21.84 32.71
CA ASN B 616 -74.24 20.53 32.95
C ASN B 616 -74.79 20.43 34.37
N VAL B 617 -76.10 20.65 34.50
CA VAL B 617 -76.76 20.75 35.81
C VAL B 617 -77.65 19.55 36.10
N SER B 618 -78.05 19.40 37.37
CA SER B 618 -79.05 18.41 37.76
C SER B 618 -80.45 18.99 37.57
N ILE B 619 -81.48 18.13 37.62
CA ILE B 619 -82.86 18.53 37.33
C ILE B 619 -83.62 19.20 38.50
N GLY B 620 -83.01 19.20 39.69
CA GLY B 620 -83.56 19.92 40.85
C GLY B 620 -84.53 19.13 41.72
N ARG B 621 -85.30 19.86 42.52
CA ARG B 621 -86.24 19.26 43.48
C ARG B 621 -87.32 18.41 42.82
N SER B 622 -87.98 18.95 41.80
CA SER B 622 -89.06 18.25 41.09
C SER B 622 -88.60 17.61 39.79
N GLY B 623 -89.38 17.81 38.72
CA GLY B 623 -89.03 17.31 37.40
C GLY B 623 -88.70 18.42 36.41
N SER B 624 -88.10 19.50 36.92
CA SER B 624 -87.71 20.65 36.11
C SER B 624 -86.67 21.54 36.80
N ARG B 625 -85.68 22.02 36.03
CA ARG B 625 -84.67 22.96 36.51
C ARG B 625 -84.41 24.05 35.46
N LYS B 626 -84.89 25.25 35.74
CA LYS B 626 -84.72 26.39 34.85
C LYS B 626 -83.53 27.25 35.28
N LEU B 627 -82.70 27.62 34.30
CA LEU B 627 -81.51 28.44 34.55
C LEU B 627 -81.56 29.77 33.79
N ILE B 628 -80.81 30.76 34.29
CA ILE B 628 -80.67 32.05 33.63
C ILE B 628 -79.20 32.36 33.29
N GLU B 629 -78.96 32.63 32.00
CA GLU B 629 -77.60 32.89 31.50
C GLU B 629 -77.53 34.19 30.69
N VAL B 630 -76.31 34.58 30.34
CA VAL B 630 -76.06 35.83 29.60
C VAL B 630 -75.86 35.57 28.10
N VAL B 631 -76.69 36.20 27.27
CA VAL B 631 -76.48 36.21 25.83
C VAL B 631 -75.26 37.09 25.54
N PRO B 632 -74.28 36.55 24.78
CA PRO B 632 -73.05 37.28 24.44
C PRO B 632 -73.27 38.47 23.50
N ASP B 633 -72.64 39.58 23.83
CA ASP B 633 -72.78 40.83 23.07
C ASP B 633 -71.99 40.73 21.76
N THR B 634 -72.63 40.12 20.77
CA THR B 634 -72.02 39.91 19.46
C THR B 634 -73.08 39.70 18.39
N THR B 635 -72.76 40.14 17.17
CA THR B 635 -73.63 39.95 16.01
C THR B 635 -73.45 38.52 15.48
N THR B 636 -74.18 37.58 16.06
CA THR B 636 -73.97 36.15 15.80
C THR B 636 -75.27 35.35 15.71
N SER B 637 -75.25 34.31 14.88
CA SER B 637 -76.39 33.39 14.74
C SER B 637 -76.19 32.16 15.60
N TRP B 638 -77.01 32.02 16.64
CA TRP B 638 -76.84 30.94 17.63
C TRP B 638 -77.55 29.65 17.30
N TYR B 639 -77.23 28.61 18.08
CA TYR B 639 -77.65 27.24 17.80
C TYR B 639 -77.51 26.41 19.08
N LEU B 640 -78.59 26.27 19.85
CA LEU B 640 -78.54 25.63 21.16
C LEU B 640 -78.93 24.16 21.12
N THR B 641 -78.27 23.36 21.94
CA THR B 641 -78.55 21.93 22.08
C THR B 641 -78.53 21.52 23.55
N GLY B 642 -79.02 20.32 23.84
CA GLY B 642 -79.00 19.78 25.20
C GLY B 642 -79.36 18.30 25.28
N PHE B 643 -78.63 17.57 26.11
CA PHE B 643 -78.87 16.14 26.35
C PHE B 643 -79.05 15.84 27.85
N SER B 644 -79.80 14.77 28.15
CA SER B 644 -79.99 14.36 29.54
C SER B 644 -80.03 12.85 29.70
N ILE B 645 -79.20 12.34 30.61
CA ILE B 645 -79.16 10.91 30.93
C ILE B 645 -79.62 10.69 32.37
N ASP B 646 -80.52 9.73 32.55
CA ASP B 646 -80.94 9.29 33.88
C ASP B 646 -80.45 7.87 34.15
N PRO B 647 -79.94 7.61 35.37
CA PRO B 647 -79.54 6.25 35.76
C PRO B 647 -80.68 5.22 35.68
N VAL B 648 -81.91 5.65 35.94
CA VAL B 648 -83.08 4.77 35.89
C VAL B 648 -83.86 4.88 34.57
N TYR B 649 -84.14 6.10 34.13
CA TYR B 649 -84.95 6.34 32.93
C TYR B 649 -84.16 6.32 31.63
N GLY B 650 -82.87 6.63 31.70
CA GLY B 650 -81.99 6.59 30.53
C GLY B 650 -81.87 7.91 29.80
N LEU B 651 -81.48 7.82 28.53
CA LEU B 651 -81.21 8.98 27.68
C LEU B 651 -82.48 9.74 27.30
N GLY B 652 -82.34 11.05 27.13
CA GLY B 652 -83.46 11.93 26.77
C GLY B 652 -82.96 13.15 26.02
N ILE B 653 -83.34 13.25 24.75
CA ILE B 653 -82.80 14.27 23.86
C ILE B 653 -83.86 14.94 22.99
N ILE B 654 -83.70 16.27 22.82
CA ILE B 654 -84.58 17.08 21.98
C ILE B 654 -84.36 16.81 20.48
N LYS B 655 -85.41 17.03 19.68
CA LYS B 655 -85.34 16.76 18.24
C LYS B 655 -84.59 17.85 17.48
N LYS B 656 -85.21 19.02 17.36
CA LYS B 656 -84.61 20.16 16.68
C LYS B 656 -83.86 21.05 17.67
N PRO B 657 -82.63 21.46 17.31
CA PRO B 657 -81.88 22.42 18.12
C PRO B 657 -82.31 23.87 17.85
N ILE B 658 -82.48 24.63 18.94
CA ILE B 658 -82.94 26.03 18.88
C ILE B 658 -82.00 26.93 18.07
N GLN B 659 -82.52 27.46 16.97
CA GLN B 659 -81.73 28.35 16.11
C GLN B 659 -82.25 29.79 16.23
N PHE B 660 -81.41 30.67 16.77
CA PHE B 660 -81.79 32.06 17.06
C PHE B 660 -80.64 33.04 16.86
N THR B 661 -80.71 33.80 15.77
CA THR B 661 -79.71 34.84 15.46
C THR B 661 -79.83 36.04 16.42
N THR B 662 -78.76 36.84 16.52
CA THR B 662 -78.72 37.99 17.44
C THR B 662 -77.77 39.10 16.97
N VAL B 663 -78.34 40.22 16.51
CA VAL B 663 -77.55 41.35 16.01
C VAL B 663 -77.23 42.38 17.10
N GLN B 664 -75.94 42.69 17.23
CA GLN B 664 -75.45 43.68 18.23
C GLN B 664 -75.74 45.12 17.82
N PRO B 665 -76.26 45.94 18.77
CA PRO B 665 -76.82 47.25 18.44
C PRO B 665 -75.81 48.34 18.09
N PHE B 666 -74.63 48.29 18.72
CA PHE B 666 -73.62 49.34 18.57
C PHE B 666 -72.31 48.92 19.23
N TYR B 667 -71.21 49.02 18.48
CA TYR B 667 -69.88 48.79 19.04
C TYR B 667 -68.78 49.64 18.42
N ILE B 668 -67.68 49.80 19.16
CA ILE B 668 -66.49 50.52 18.69
C ILE B 668 -65.31 49.54 18.60
N VAL B 669 -64.55 49.62 17.50
CA VAL B 669 -63.44 48.68 17.27
C VAL B 669 -62.06 49.37 17.30
N GLU B 670 -61.19 48.81 18.12
CA GLU B 670 -59.82 49.34 18.31
C GLU B 670 -58.94 49.20 17.06
N ASN B 671 -57.91 50.05 16.98
CA ASN B 671 -56.85 49.94 15.97
C ASN B 671 -55.57 50.58 16.53
N LEU B 672 -55.02 49.94 17.56
CA LEU B 672 -53.94 50.53 18.34
C LEU B 672 -52.61 49.82 18.07
N PRO B 673 -51.50 50.59 18.01
CA PRO B 673 -50.17 49.99 17.96
C PRO B 673 -49.93 49.20 19.24
N TYR B 674 -49.09 48.18 19.19
CA TYR B 674 -48.85 47.37 20.38
C TYR B 674 -47.94 48.09 21.38
N SER B 675 -46.92 48.77 20.85
CA SER B 675 -45.94 49.42 21.71
C SER B 675 -45.51 50.79 21.21
N ILE B 676 -45.40 51.73 22.15
CA ILE B 676 -44.93 53.09 21.89
C ILE B 676 -43.91 53.48 22.96
N LYS B 677 -43.07 54.46 22.64
CA LYS B 677 -42.13 55.03 23.61
C LYS B 677 -42.73 56.33 24.15
N ARG B 678 -42.22 56.78 25.29
CA ARG B 678 -42.69 58.01 25.91
C ARG B 678 -42.13 59.20 25.13
N GLY B 679 -42.98 60.18 24.83
CA GLY B 679 -42.57 61.39 24.12
C GLY B 679 -42.93 61.41 22.65
N GLU B 680 -43.54 60.33 22.20
CA GLU B 680 -44.04 60.22 20.83
C GLU B 680 -45.53 60.58 20.80
N ALA B 681 -45.93 61.32 19.78
CA ALA B 681 -47.32 61.74 19.61
C ALA B 681 -48.08 60.64 18.88
N VAL B 682 -48.91 59.92 19.62
CA VAL B 682 -49.56 58.72 19.09
C VAL B 682 -51.04 58.92 18.77
N VAL B 683 -51.38 58.75 17.50
CA VAL B 683 -52.77 58.69 17.05
C VAL B 683 -53.40 57.39 17.52
N LEU B 684 -54.61 57.47 18.07
CA LEU B 684 -55.35 56.29 18.46
C LEU B 684 -56.62 56.20 17.62
N GLN B 685 -56.59 55.36 16.59
CA GLN B 685 -57.72 55.23 15.67
C GLN B 685 -58.75 54.25 16.20
N PHE B 686 -60.01 54.58 15.99
CA PHE B 686 -61.12 53.73 16.42
C PHE B 686 -62.22 53.78 15.36
N THR B 687 -62.99 52.71 15.26
CA THR B 687 -64.03 52.61 14.23
C THR B 687 -65.40 52.40 14.86
N LEU B 688 -66.35 53.26 14.52
CA LEU B 688 -67.69 53.22 15.09
C LEU B 688 -68.72 52.60 14.14
N PHE B 689 -69.48 51.63 14.64
CA PHE B 689 -70.49 50.94 13.85
C PHE B 689 -71.89 51.04 14.44
N ASN B 690 -72.73 51.80 13.75
CA ASN B 690 -74.11 52.01 14.16
C ASN B 690 -75.01 51.01 13.46
N ASN B 691 -75.60 50.10 14.23
CA ASN B 691 -76.50 49.10 13.68
C ASN B 691 -77.98 49.40 13.92
N LEU B 692 -78.27 50.67 14.16
CA LEU B 692 -79.66 51.11 14.38
C LEU B 692 -80.24 51.79 13.15
N GLY B 693 -81.53 52.11 13.23
CA GLY B 693 -82.27 52.66 12.09
C GLY B 693 -81.80 54.00 11.56
N ALA B 694 -81.54 54.95 12.47
CA ALA B 694 -81.26 56.34 12.09
C ALA B 694 -79.87 56.82 12.49
N GLU B 695 -79.36 57.76 11.70
CA GLU B 695 -78.05 58.37 11.89
C GLU B 695 -77.98 59.17 13.20
N TYR B 696 -77.48 58.54 14.26
CA TYR B 696 -77.29 59.20 15.55
C TYR B 696 -75.85 59.67 15.76
N ILE B 697 -75.69 60.78 16.49
CA ILE B 697 -74.36 61.27 16.88
C ILE B 697 -73.71 60.31 17.89
N ALA B 698 -72.39 60.14 17.79
CA ALA B 698 -71.65 59.31 18.72
C ALA B 698 -70.73 60.15 19.59
N ASP B 699 -70.68 59.82 20.87
CA ASP B 699 -69.74 60.42 21.80
C ASP B 699 -68.76 59.35 22.24
N VAL B 700 -67.47 59.61 22.06
CA VAL B 700 -66.44 58.68 22.50
C VAL B 700 -65.52 59.39 23.49
N THR B 701 -65.30 58.76 24.64
CA THR B 701 -64.46 59.34 25.69
C THR B 701 -63.25 58.46 25.93
N LEU B 702 -62.06 59.04 25.76
CA LEU B 702 -60.81 58.37 26.11
C LEU B 702 -60.41 58.78 27.52
N TYR B 703 -60.28 57.79 28.40
CA TYR B 703 -59.96 58.04 29.80
C TYR B 703 -58.47 57.97 30.08
N ASN B 704 -57.94 59.04 30.67
CA ASN B 704 -56.61 59.01 31.24
C ASN B 704 -56.66 58.30 32.60
N VAL B 705 -56.28 57.02 32.60
CA VAL B 705 -56.39 56.17 33.77
C VAL B 705 -55.09 56.17 34.60
N ALA B 706 -55.15 56.84 35.75
CA ALA B 706 -54.03 56.95 36.70
C ALA B 706 -52.82 57.66 36.11
N ASN B 707 -53.02 58.86 35.57
CA ASN B 707 -51.94 59.72 35.04
C ASN B 707 -51.20 59.13 33.83
N GLN B 708 -51.80 58.13 33.20
CA GLN B 708 -51.15 57.37 32.12
C GLN B 708 -50.92 58.16 30.84
N THR B 709 -51.88 59.03 30.52
CA THR B 709 -52.01 59.59 29.18
C THR B 709 -52.24 61.10 29.17
N GLU B 710 -51.36 61.81 28.47
CA GLU B 710 -51.57 63.22 28.16
C GLU B 710 -52.44 63.32 26.91
N PHE B 711 -53.16 64.44 26.75
CA PHE B 711 -53.86 64.71 25.51
C PHE B 711 -53.21 65.90 24.82
N VAL B 712 -52.50 65.64 23.73
CA VAL B 712 -51.87 66.69 22.94
C VAL B 712 -52.90 67.76 22.58
N GLY B 713 -52.61 69.00 22.94
CA GLY B 713 -53.58 70.09 22.83
C GLY B 713 -54.20 70.47 24.16
N ARG B 714 -54.85 69.50 24.80
CA ARG B 714 -55.48 69.69 26.11
C ARG B 714 -54.43 69.75 27.24
N PRO B 715 -54.71 70.53 28.32
CA PRO B 715 -53.82 70.53 29.48
C PRO B 715 -53.61 69.16 30.12
N ASP B 716 -52.45 68.95 30.73
CA ASP B 716 -52.07 67.65 31.30
C ASP B 716 -52.75 67.35 32.64
N THR B 717 -53.98 67.86 32.82
CA THR B 717 -54.72 67.70 34.08
C THR B 717 -56.13 67.14 33.85
N ASP B 718 -56.48 66.93 32.58
CA ASP B 718 -57.80 66.45 32.20
C ASP B 718 -57.89 64.95 32.45
N LEU B 719 -58.96 64.51 33.10
CA LEU B 719 -59.16 63.10 33.43
C LEU B 719 -59.79 62.33 32.28
N SER B 720 -60.22 63.04 31.25
CA SER B 720 -60.77 62.46 30.03
C SER B 720 -60.72 63.46 28.87
N TYR B 721 -61.68 63.34 27.95
CA TYR B 721 -61.74 64.13 26.72
C TYR B 721 -62.74 63.41 25.81
N THR B 722 -63.79 64.13 25.40
CA THR B 722 -64.88 63.50 24.67
C THR B 722 -65.15 64.16 23.32
N LYS B 723 -64.81 63.47 22.23
CA LYS B 723 -65.10 63.94 20.89
C LYS B 723 -66.42 63.35 20.37
N SER B 724 -67.05 64.05 19.44
CA SER B 724 -68.36 63.66 18.92
C SER B 724 -68.37 63.46 17.40
N VAL B 725 -69.09 62.42 16.96
CA VAL B 725 -69.05 61.97 15.57
C VAL B 725 -70.44 61.56 15.12
N SER B 726 -70.91 62.20 14.05
CA SER B 726 -72.15 61.78 13.40
C SER B 726 -71.92 60.45 12.70
N VAL B 727 -72.77 59.46 12.99
CA VAL B 727 -72.59 58.10 12.47
C VAL B 727 -73.79 57.63 11.66
N PRO B 728 -73.60 57.33 10.35
CA PRO B 728 -74.66 56.72 9.54
C PRO B 728 -74.88 55.24 9.89
N PRO B 729 -76.04 54.67 9.51
CA PRO B 729 -76.24 53.25 9.77
C PRO B 729 -75.48 52.38 8.77
N LYS B 730 -75.08 51.19 9.24
CA LYS B 730 -74.29 50.22 8.46
C LYS B 730 -73.14 50.86 7.65
N VAL B 731 -72.40 51.76 8.30
CA VAL B 731 -71.29 52.49 7.67
C VAL B 731 -70.15 52.71 8.68
N GLY B 732 -68.93 52.36 8.28
CA GLY B 732 -67.75 52.54 9.12
C GLY B 732 -67.29 53.98 9.23
N VAL B 733 -67.22 54.47 10.47
CA VAL B 733 -66.79 55.84 10.74
C VAL B 733 -65.61 55.85 11.73
N PRO B 734 -64.57 56.65 11.43
CA PRO B 734 -63.39 56.73 12.30
C PRO B 734 -63.49 57.83 13.37
N ILE B 735 -63.10 57.49 14.60
CA ILE B 735 -62.93 58.45 15.70
C ILE B 735 -61.49 58.33 16.21
N SER B 736 -60.84 59.48 16.42
CA SER B 736 -59.40 59.51 16.74
C SER B 736 -59.03 60.52 17.83
N PHE B 737 -57.97 60.19 18.58
CA PHE B 737 -57.42 61.09 19.60
C PHE B 737 -55.91 61.11 19.51
N LEU B 738 -55.32 62.28 19.76
CA LEU B 738 -53.88 62.44 19.71
C LEU B 738 -53.31 62.46 21.12
N ILE B 739 -52.61 61.40 21.50
CA ILE B 739 -52.10 61.27 22.86
C ILE B 739 -50.59 61.12 22.93
N LYS B 740 -50.05 61.35 24.14
CA LYS B 740 -48.65 61.11 24.47
C LYS B 740 -48.54 60.22 25.70
N ALA B 741 -47.41 59.52 25.81
CA ALA B 741 -47.17 58.61 26.94
C ALA B 741 -46.41 59.30 28.08
N ARG B 742 -46.90 59.09 29.30
CA ARG B 742 -46.23 59.60 30.49
C ARG B 742 -45.57 58.49 31.31
N LYS B 743 -46.37 57.65 31.94
CA LYS B 743 -45.85 56.53 32.74
C LYS B 743 -45.38 55.39 31.84
N LEU B 744 -44.19 54.89 32.12
CA LEU B 744 -43.61 53.77 31.37
C LEU B 744 -44.11 52.46 31.98
N GLY B 745 -44.66 51.59 31.14
CA GLY B 745 -45.26 50.34 31.61
C GLY B 745 -46.32 49.86 30.65
N GLU B 746 -47.44 49.39 31.19
CA GLU B 746 -48.58 49.01 30.36
C GLU B 746 -49.68 50.06 30.52
N MET B 747 -49.90 50.85 29.47
CA MET B 747 -50.87 51.94 29.53
C MET B 747 -52.30 51.43 29.35
N ALA B 748 -53.18 51.77 30.27
CA ALA B 748 -54.58 51.39 30.17
C ALA B 748 -55.27 52.23 29.10
N VAL B 749 -55.96 51.56 28.17
CA VAL B 749 -56.74 52.23 27.13
C VAL B 749 -58.23 52.04 27.41
N ARG B 750 -58.77 52.85 28.34
CA ARG B 750 -60.19 52.77 28.68
C ARG B 750 -60.97 53.77 27.85
N VAL B 751 -61.85 53.25 27.00
CA VAL B 751 -62.70 54.06 26.11
C VAL B 751 -64.16 53.67 26.28
N LYS B 752 -65.00 54.69 26.54
CA LYS B 752 -66.45 54.52 26.59
C LYS B 752 -67.13 55.27 25.44
N ALA B 753 -68.17 54.66 24.88
CA ALA B 753 -68.90 55.23 23.73
C ALA B 753 -70.41 55.00 23.81
N SER B 754 -71.19 55.93 23.27
CA SER B 754 -72.66 55.85 23.32
C SER B 754 -73.35 56.62 22.19
N ILE B 755 -74.41 56.02 21.65
CA ILE B 755 -75.29 56.67 20.66
C ILE B 755 -76.73 56.73 21.15
N MET B 756 -77.57 57.46 20.42
CA MET B 756 -79.02 57.52 20.65
C MET B 756 -79.35 58.10 22.03
N LEU B 757 -78.95 59.36 22.23
CA LEU B 757 -79.09 60.04 23.52
C LEU B 757 -78.60 59.19 24.71
N GLY B 758 -77.71 58.24 24.41
CA GLY B 758 -77.13 57.37 25.43
C GLY B 758 -77.86 56.05 25.67
N HIS B 759 -78.77 55.70 24.75
CA HIS B 759 -79.54 54.44 24.87
C HIS B 759 -78.74 53.20 24.57
N GLU B 760 -77.81 53.31 23.63
CA GLU B 760 -76.94 52.20 23.25
C GLU B 760 -75.47 52.57 23.44
N THR B 761 -74.80 51.81 24.32
CA THR B 761 -73.42 52.08 24.68
C THR B 761 -72.49 50.93 24.31
N ASP B 762 -71.21 51.25 24.26
CA ASP B 762 -70.15 50.26 24.14
C ASP B 762 -68.91 50.80 24.87
N ALA B 763 -68.10 49.89 25.41
CA ALA B 763 -66.83 50.26 26.04
C ALA B 763 -65.83 49.12 25.91
N LEU B 764 -64.66 49.44 25.37
CA LEU B 764 -63.60 48.44 25.22
C LEU B 764 -62.39 48.75 26.10
N GLU B 765 -61.75 47.71 26.61
CA GLU B 765 -60.55 47.83 27.43
C GLU B 765 -59.35 47.29 26.69
N LYS B 766 -58.41 48.17 26.35
CA LYS B 766 -57.24 47.81 25.58
C LYS B 766 -55.97 48.18 26.34
N VAL B 767 -54.83 47.66 25.88
CA VAL B 767 -53.52 47.94 26.50
C VAL B 767 -52.44 48.21 25.45
N ILE B 768 -51.87 49.41 25.50
CA ILE B 768 -50.72 49.75 24.67
C ILE B 768 -49.45 49.65 25.53
N ARG B 769 -48.51 48.81 25.12
CA ARG B 769 -47.27 48.62 25.85
C ARG B 769 -46.34 49.83 25.65
N VAL B 770 -46.01 50.50 26.75
CA VAL B 770 -45.15 51.69 26.70
C VAL B 770 -43.70 51.31 27.02
N MET B 771 -42.92 51.10 25.97
CA MET B 771 -41.54 50.61 26.09
C MET B 771 -40.58 51.73 26.47
N PRO B 772 -39.50 51.39 27.21
CA PRO B 772 -38.39 52.32 27.47
C PRO B 772 -37.40 52.34 26.31
N GLU B 773 -36.64 53.41 26.16
CA GLU B 773 -35.85 53.61 24.95
C GLU B 773 -34.59 52.76 24.85
N SER B 774 -34.04 52.35 26.00
CA SER B 774 -32.87 51.46 26.03
C SER B 774 -33.26 50.03 26.40
N LEU B 775 -32.44 49.08 25.96
CA LEU B 775 -32.53 47.71 26.45
C LEU B 775 -32.09 47.73 27.92
N ALA B 776 -32.98 47.31 28.80
CA ALA B 776 -32.83 47.54 30.25
C ALA B 776 -32.48 46.28 31.04
N GLN B 777 -31.19 46.09 31.30
CA GLN B 777 -30.71 44.97 32.11
C GLN B 777 -30.75 45.31 33.61
N PRO B 778 -31.60 44.59 34.38
CA PRO B 778 -31.80 44.91 35.79
C PRO B 778 -30.97 44.07 36.76
N LYS B 779 -29.70 44.44 36.95
CA LYS B 779 -28.78 43.72 37.84
C LYS B 779 -29.37 43.49 39.23
N MET B 780 -29.09 42.32 39.81
CA MET B 780 -29.59 41.98 41.16
C MET B 780 -28.49 41.44 42.09
N ASP B 781 -28.07 42.27 43.05
CA ASP B 781 -27.08 41.87 44.04
C ASP B 781 -27.77 41.07 45.15
N THR B 782 -27.16 39.96 45.53
CA THR B 782 -27.82 39.06 46.49
C THR B 782 -26.86 38.40 47.49
N SER B 783 -27.36 38.24 48.72
CA SER B 783 -26.65 37.56 49.78
C SER B 783 -27.64 36.62 50.47
N PHE B 784 -27.13 35.72 51.30
CA PHE B 784 -27.97 34.80 52.05
C PHE B 784 -27.37 34.46 53.41
N PHE B 785 -28.24 34.03 54.33
CA PHE B 785 -27.83 33.55 55.65
C PHE B 785 -28.45 32.18 55.89
N CYS B 786 -27.88 31.43 56.82
CA CYS B 786 -28.43 30.11 57.18
C CYS B 786 -28.22 29.81 58.66
N PHE B 787 -28.69 30.71 59.51
CA PHE B 787 -28.47 30.62 60.94
C PHE B 787 -29.25 29.49 61.60
N ASP B 788 -28.64 28.88 62.61
CA ASP B 788 -29.31 27.90 63.49
C ASP B 788 -29.30 28.34 64.95
N ASP B 789 -28.39 29.26 65.27
CA ASP B 789 -28.34 29.90 66.58
C ASP B 789 -28.43 31.41 66.39
N TYR B 790 -29.31 32.04 67.18
CA TYR B 790 -29.64 33.47 67.04
C TYR B 790 -28.41 34.39 66.99
N LYS B 791 -27.97 34.68 65.78
CA LYS B 791 -26.84 35.57 65.56
C LYS B 791 -27.30 36.84 64.84
N ASN B 792 -26.96 37.99 65.42
CA ASN B 792 -27.33 39.30 64.87
C ASN B 792 -26.34 39.79 63.82
N GLN B 793 -26.48 39.26 62.60
CA GLN B 793 -25.57 39.58 61.49
C GLN B 793 -25.68 41.04 61.02
N THR B 794 -24.79 41.40 60.10
CA THR B 794 -24.74 42.76 59.56
C THR B 794 -24.31 42.75 58.08
N PHE B 795 -25.27 42.93 57.19
CA PHE B 795 -25.03 42.91 55.75
C PHE B 795 -25.01 44.32 55.18
N PRO B 796 -23.86 44.74 54.63
CA PRO B 796 -23.77 46.03 53.95
C PRO B 796 -24.13 45.93 52.47
N PHE B 797 -24.63 47.03 51.91
CA PHE B 797 -25.01 47.10 50.50
C PHE B 797 -24.72 48.48 49.92
N ASN B 798 -23.50 48.69 49.41
CA ASN B 798 -23.16 49.94 48.73
C ASN B 798 -24.02 50.13 47.47
N LEU B 799 -24.64 51.29 47.34
CA LEU B 799 -25.51 51.54 46.19
C LEU B 799 -24.84 52.37 45.09
N ASP B 800 -23.51 52.53 45.20
CA ASP B 800 -22.68 53.18 44.17
C ASP B 800 -23.33 54.44 43.58
N SER B 809 -29.49 56.55 35.12
CA SER B 809 -29.92 56.69 36.51
C SER B 809 -30.66 55.45 37.02
N LYS B 810 -30.34 55.07 38.27
CA LYS B 810 -30.81 53.82 38.88
C LYS B 810 -32.18 53.91 39.56
N LYS B 811 -32.60 52.79 40.15
CA LYS B 811 -33.85 52.67 40.91
C LYS B 811 -33.80 51.40 41.78
N ILE B 812 -33.44 51.58 43.05
CA ILE B 812 -33.26 50.47 43.99
C ILE B 812 -34.58 49.88 44.46
N GLU B 813 -34.60 48.56 44.69
CA GLU B 813 -35.77 47.85 45.22
C GLU B 813 -35.36 46.60 46.02
N PHE B 814 -35.34 46.74 47.35
CA PHE B 814 -34.99 45.65 48.25
C PHE B 814 -36.11 44.61 48.34
N ARG B 815 -35.73 43.34 48.40
CA ARG B 815 -36.65 42.24 48.68
C ARG B 815 -36.13 41.36 49.82
N LEU B 816 -36.99 40.53 50.37
CA LEU B 816 -36.61 39.52 51.34
C LEU B 816 -37.46 38.26 51.11
N ASN B 817 -36.79 37.13 50.92
CA ASN B 817 -37.46 35.91 50.50
C ASN B 817 -37.14 34.71 51.38
N PRO B 818 -38.19 33.97 51.80
CA PRO B 818 -38.01 32.84 52.72
C PRO B 818 -37.49 31.57 52.05
N ASN B 819 -37.57 31.50 50.72
CA ASN B 819 -37.06 30.37 49.96
C ASN B 819 -36.61 30.73 48.55
N LEU B 820 -35.63 29.97 48.06
CA LEU B 820 -35.05 30.17 46.73
C LEU B 820 -36.08 30.12 45.61
N LEU B 821 -37.08 29.26 45.77
CA LEU B 821 -38.08 29.04 44.73
C LEU B 821 -39.24 30.05 44.77
N THR B 822 -39.31 30.87 45.82
CA THR B 822 -40.41 31.85 45.99
C THR B 822 -40.56 32.74 44.77
N MET B 823 -39.56 33.60 44.56
CA MET B 823 -39.52 34.48 43.39
C MET B 823 -39.72 33.71 42.08
N VAL B 824 -39.19 32.48 42.03
CA VAL B 824 -39.27 31.61 40.85
C VAL B 824 -40.69 31.11 40.59
N ILE B 825 -41.31 30.55 41.63
CA ILE B 825 -42.69 30.05 41.52
C ILE B 825 -43.60 31.22 41.15
N LYS B 826 -43.41 32.36 41.81
CA LYS B 826 -44.15 33.58 41.49
C LYS B 826 -43.92 34.04 40.04
N ASN B 827 -42.96 33.40 39.36
CA ASN B 827 -42.64 33.75 37.97
C ASN B 827 -42.65 32.60 36.96
N LEU B 828 -42.90 31.38 37.42
CA LEU B 828 -42.70 30.18 36.59
C LEU B 828 -42.89 30.39 35.09
N ASP B 829 -44.06 30.87 34.71
CA ASP B 829 -44.43 31.09 33.29
C ASP B 829 -43.43 31.93 32.48
N ASN B 830 -42.86 32.96 33.10
CA ASN B 830 -41.90 33.85 32.44
C ASN B 830 -40.68 34.07 33.33
N LEU B 831 -39.55 33.49 32.95
CA LEU B 831 -38.35 33.52 33.80
C LEU B 831 -37.14 34.22 33.20
N LEU B 832 -37.10 34.31 31.87
CA LEU B 832 -35.91 34.84 31.19
C LEU B 832 -36.26 36.02 30.29
N ALA B 833 -35.41 37.04 30.31
CA ALA B 833 -35.56 38.20 29.46
C ALA B 833 -35.36 37.81 28.00
N VAL B 834 -34.61 36.74 27.81
CA VAL B 834 -34.23 36.24 26.49
C VAL B 834 -35.33 35.34 25.90
N PRO B 835 -35.65 35.52 24.60
CA PRO B 835 -36.51 34.58 23.87
C PRO B 835 -36.00 33.16 24.02
N THR B 836 -36.87 32.18 23.80
CA THR B 836 -36.48 30.77 23.92
C THR B 836 -36.98 29.96 22.72
N GLY B 837 -36.93 30.57 21.53
CA GLY B 837 -37.49 29.97 20.31
C GLY B 837 -36.70 28.84 19.71
N CYS B 838 -36.18 27.95 20.56
CA CYS B 838 -35.48 26.75 20.11
C CYS B 838 -35.69 25.59 21.09
N GLY B 839 -35.41 24.38 20.62
CA GLY B 839 -35.57 23.15 21.39
C GLY B 839 -34.96 23.19 22.79
N GLU B 840 -33.65 23.39 22.88
CA GLU B 840 -32.95 23.41 24.16
C GLU B 840 -33.61 24.41 25.09
N GLN B 841 -33.82 25.61 24.57
CA GLN B 841 -34.33 26.71 25.39
C GLN B 841 -35.77 26.48 25.85
N ASN B 842 -36.64 26.08 24.91
CA ASN B 842 -38.07 25.84 25.15
C ASN B 842 -38.38 24.99 26.39
N MET B 843 -37.34 24.45 27.01
CA MET B 843 -37.48 23.66 28.22
C MET B 843 -37.55 24.51 29.49
N VAL B 844 -37.45 25.84 29.34
CA VAL B 844 -37.74 26.76 30.45
C VAL B 844 -39.22 26.73 30.75
N LYS B 845 -40.02 26.46 29.72
CA LYS B 845 -41.46 26.30 29.83
C LYS B 845 -41.80 24.91 30.38
N PHE B 846 -40.77 24.11 30.65
CA PHE B 846 -40.93 22.73 31.09
C PHE B 846 -40.09 22.37 32.33
N VAL B 847 -38.76 22.49 32.22
CA VAL B 847 -37.83 21.94 33.23
C VAL B 847 -37.91 22.57 34.64
N PRO B 848 -37.96 23.92 34.74
CA PRO B 848 -38.00 24.54 36.07
C PRO B 848 -39.11 23.99 36.95
N ASN B 849 -40.22 23.61 36.31
CA ASN B 849 -41.42 23.08 36.98
C ASN B 849 -41.16 21.81 37.78
N ILE B 850 -40.40 20.89 37.19
CA ILE B 850 -40.00 19.64 37.84
C ILE B 850 -39.13 19.88 39.08
N LEU B 851 -38.21 20.84 38.98
CA LEU B 851 -37.27 21.18 40.06
C LEU B 851 -37.96 21.80 41.27
N VAL B 852 -39.05 22.51 40.99
CA VAL B 852 -39.90 23.10 42.03
C VAL B 852 -40.69 21.99 42.72
N LEU B 853 -41.38 21.18 41.91
CA LEU B 853 -42.06 19.99 42.40
C LEU B 853 -41.13 19.13 43.27
N ASP B 854 -39.91 18.90 42.80
CA ASP B 854 -38.91 18.12 43.54
C ASP B 854 -38.66 18.67 44.94
N TYR B 855 -38.48 19.99 45.05
CA TYR B 855 -38.22 20.65 46.33
C TYR B 855 -39.41 20.57 47.27
N LEU B 856 -40.60 20.84 46.72
CA LEU B 856 -41.82 20.89 47.51
C LEU B 856 -42.17 19.52 48.10
N TYR B 857 -42.26 18.51 47.24
CA TYR B 857 -42.57 17.15 47.66
C TYR B 857 -41.56 16.59 48.67
N ALA B 858 -40.28 16.87 48.44
CA ALA B 858 -39.23 16.43 49.37
C ALA B 858 -39.45 17.01 50.76
N THR B 859 -39.63 18.33 50.84
CA THR B 859 -39.81 19.02 52.14
C THR B 859 -41.14 18.70 52.82
N GLY B 860 -42.07 18.10 52.08
CA GLY B 860 -43.43 17.87 52.57
C GLY B 860 -44.12 19.20 52.81
N SER B 861 -44.01 20.09 51.82
CA SER B 861 -44.58 21.43 51.90
C SER B 861 -46.10 21.41 51.97
N LYS B 862 -46.64 22.11 52.96
CA LYS B 862 -48.08 22.20 53.18
C LYS B 862 -48.81 22.96 52.07
N GLU B 863 -48.08 23.83 51.37
CA GLU B 863 -48.64 24.62 50.27
C GLU B 863 -49.00 23.80 49.04
N GLN B 864 -50.14 23.12 49.13
CA GLN B 864 -50.78 22.49 47.98
C GLN B 864 -51.09 23.57 46.96
N HIS B 865 -51.14 24.81 47.47
CA HIS B 865 -51.28 26.02 46.67
C HIS B 865 -50.22 26.16 45.60
N LEU B 866 -48.97 25.81 45.93
CA LEU B 866 -47.86 25.91 44.99
C LEU B 866 -47.78 24.76 44.00
N ILE B 867 -48.13 23.57 44.47
CA ILE B 867 -48.18 22.37 43.63
C ILE B 867 -49.22 22.55 42.52
N ASP B 868 -50.17 23.45 42.74
CA ASP B 868 -51.17 23.84 41.75
C ASP B 868 -50.55 24.21 40.41
N LYS B 869 -49.82 25.32 40.39
CA LYS B 869 -49.26 25.88 39.16
C LYS B 869 -48.28 24.91 38.47
N ALA B 870 -47.32 24.41 39.25
CA ALA B 870 -46.23 23.58 38.73
C ALA B 870 -46.71 22.34 37.98
N THR B 871 -47.67 21.61 38.55
CA THR B 871 -48.22 20.42 37.92
C THR B 871 -49.08 20.77 36.71
N ASN B 872 -49.60 21.99 36.68
CA ASN B 872 -50.30 22.49 35.51
C ASN B 872 -49.33 22.88 34.39
N LEU B 873 -48.35 23.72 34.73
CA LEU B 873 -47.35 24.17 33.77
C LEU B 873 -46.57 23.02 33.15
N LEU B 874 -46.19 22.05 33.99
CA LEU B 874 -45.49 20.85 33.54
C LEU B 874 -46.30 20.14 32.47
N ARG B 875 -47.60 20.04 32.71
CA ARG B 875 -48.51 19.41 31.76
C ARG B 875 -48.63 20.26 30.48
N GLN B 876 -48.45 21.57 30.63
CA GLN B 876 -48.63 22.48 29.51
C GLN B 876 -47.35 22.68 28.71
N GLY B 877 -46.21 22.72 29.41
CA GLY B 877 -44.91 22.83 28.75
C GLY B 877 -44.49 21.56 28.05
N TYR B 878 -45.03 20.43 28.51
CA TYR B 878 -44.79 19.14 27.88
C TYR B 878 -45.44 19.07 26.51
N GLN B 879 -46.65 19.64 26.39
CA GLN B 879 -47.37 19.71 25.12
C GLN B 879 -46.67 20.63 24.13
N ASN B 880 -45.88 21.55 24.66
CA ASN B 880 -45.13 22.50 23.85
C ASN B 880 -43.85 21.88 23.33
N GLN B 881 -43.30 20.92 24.06
CA GLN B 881 -42.00 20.35 23.73
C GLN B 881 -42.07 19.23 22.68
N MET B 882 -43.25 18.64 22.51
CA MET B 882 -43.43 17.56 21.53
C MET B 882 -43.37 18.07 20.07
N ARG B 883 -43.17 19.37 19.91
CA ARG B 883 -43.08 19.98 18.58
C ARG B 883 -41.74 19.71 17.91
N TYR B 884 -40.71 19.52 18.74
CA TYR B 884 -39.34 19.34 18.25
C TYR B 884 -38.98 17.87 18.01
N ARG B 885 -39.97 16.98 18.12
CA ARG B 885 -39.77 15.56 17.88
C ARG B 885 -39.59 15.28 16.39
N GLN B 886 -38.45 14.68 16.05
CA GLN B 886 -38.15 14.30 14.66
C GLN B 886 -38.64 12.89 14.38
N THR B 887 -38.92 12.61 13.10
CA THR B 887 -39.49 11.34 12.66
C THR B 887 -38.79 10.12 13.25
N ASP B 888 -37.47 10.22 13.44
CA ASP B 888 -36.68 9.12 14.00
C ASP B 888 -36.73 9.03 15.54
N GLY B 889 -37.71 9.68 16.14
CA GLY B 889 -37.92 9.60 17.58
C GLY B 889 -37.00 10.45 18.44
N SER B 890 -36.19 11.29 17.80
CA SER B 890 -35.25 12.17 18.52
C SER B 890 -35.74 13.63 18.53
N PHE B 891 -35.03 14.46 19.31
CA PHE B 891 -35.44 15.84 19.51
C PHE B 891 -34.41 16.85 19.00
N GLY B 892 -34.87 17.67 18.05
CA GLY B 892 -34.01 18.65 17.38
C GLY B 892 -34.17 20.09 17.82
N VAL B 893 -33.25 20.92 17.36
CA VAL B 893 -33.21 22.33 17.73
C VAL B 893 -34.45 23.03 17.23
N TRP B 894 -34.80 22.78 15.98
CA TRP B 894 -35.89 23.49 15.33
C TRP B 894 -37.08 22.59 15.13
N GLU B 895 -38.24 23.19 14.89
CA GLU B 895 -39.52 22.47 14.84
C GLU B 895 -39.53 21.24 13.93
N LYS B 896 -38.69 21.25 12.89
CA LYS B 896 -38.63 20.16 11.91
C LYS B 896 -37.22 19.65 11.55
N SER B 897 -36.19 20.31 12.07
CA SER B 897 -34.80 19.91 11.79
C SER B 897 -33.94 19.90 13.06
N GLY B 898 -32.63 19.76 12.88
CA GLY B 898 -31.68 19.91 13.98
C GLY B 898 -31.36 18.65 14.77
N SER B 899 -32.30 17.70 14.74
CA SER B 899 -32.13 16.37 15.34
C SER B 899 -30.79 16.20 16.07
N SER B 900 -30.77 16.49 17.37
CA SER B 900 -29.51 16.59 18.12
C SER B 900 -29.33 15.64 19.31
N VAL B 901 -28.10 15.13 19.46
CA VAL B 901 -27.74 14.17 20.52
C VAL B 901 -27.81 14.79 21.92
N PHE B 902 -27.27 15.99 22.08
CA PHE B 902 -27.31 16.69 23.36
C PHE B 902 -28.75 16.91 23.82
N LEU B 903 -29.59 17.32 22.88
CA LEU B 903 -30.99 17.62 23.18
C LEU B 903 -31.79 16.36 23.55
N THR B 904 -31.68 15.31 22.72
CA THR B 904 -32.47 14.09 22.92
C THR B 904 -32.10 13.42 24.23
N ALA B 905 -30.88 13.67 24.70
CA ALA B 905 -30.50 13.29 26.05
C ALA B 905 -31.28 14.12 27.06
N PHE B 906 -31.34 15.43 26.81
CA PHE B 906 -31.97 16.41 27.70
C PHE B 906 -33.48 16.19 27.82
N VAL B 907 -34.14 16.12 26.67
CA VAL B 907 -35.61 15.98 26.59
C VAL B 907 -36.13 14.73 27.29
N ALA B 908 -35.71 13.56 26.79
CA ALA B 908 -36.21 12.27 27.25
C ALA B 908 -36.00 12.05 28.75
N THR B 909 -34.78 12.26 29.22
CA THR B 909 -34.46 12.06 30.63
C THR B 909 -35.13 13.09 31.54
N SER B 910 -35.49 14.24 30.97
CA SER B 910 -36.26 15.23 31.68
C SER B 910 -37.68 14.70 31.87
N MET B 911 -38.31 14.31 30.76
CA MET B 911 -39.66 13.72 30.77
C MET B 911 -39.78 12.48 31.67
N GLN B 912 -38.70 11.70 31.75
CA GLN B 912 -38.64 10.54 32.62
C GLN B 912 -38.84 10.96 34.09
N THR B 913 -38.17 12.03 34.49
CA THR B 913 -38.32 12.57 35.85
C THR B 913 -39.73 13.12 36.03
N ALA B 914 -40.27 13.66 34.94
CA ALA B 914 -41.55 14.34 34.95
C ALA B 914 -42.75 13.39 35.09
N SER B 915 -42.56 12.12 34.74
CA SER B 915 -43.64 11.12 34.85
C SER B 915 -44.14 10.95 36.28
N LYS B 916 -43.23 11.08 37.24
CA LYS B 916 -43.57 11.00 38.67
C LYS B 916 -44.50 12.12 39.13
N TYR B 917 -44.78 13.07 38.23
CA TYR B 917 -45.62 14.24 38.51
C TYR B 917 -46.81 14.41 37.56
N MET B 918 -46.78 13.69 36.44
CA MET B 918 -47.90 13.66 35.49
C MET B 918 -47.99 12.32 34.76
N ASN B 919 -49.18 11.72 34.80
CA ASN B 919 -49.43 10.40 34.21
C ASN B 919 -49.41 10.42 32.68
N ASP B 920 -49.54 11.63 32.11
CA ASP B 920 -49.89 11.83 30.71
C ASP B 920 -48.80 11.51 29.68
N ILE B 921 -47.55 11.45 30.14
CA ILE B 921 -46.39 11.32 29.24
C ILE B 921 -46.30 9.93 28.58
N ASP B 922 -46.28 9.93 27.25
CA ASP B 922 -46.09 8.73 26.43
C ASP B 922 -44.91 7.87 26.92
N ALA B 923 -45.23 6.69 27.45
CA ALA B 923 -44.24 5.80 28.09
C ALA B 923 -43.19 5.22 27.13
N ALA B 924 -43.63 4.86 25.93
CA ALA B 924 -42.78 4.20 24.93
C ALA B 924 -42.13 5.16 23.93
N MET B 925 -42.57 6.42 23.94
CA MET B 925 -41.92 7.50 23.20
C MET B 925 -40.64 7.93 23.92
N VAL B 926 -40.68 7.91 25.26
CA VAL B 926 -39.51 8.12 26.11
C VAL B 926 -38.43 7.08 25.81
N GLU B 927 -38.82 5.81 25.77
CA GLU B 927 -37.89 4.74 25.44
C GLU B 927 -37.58 4.70 23.94
N LYS B 928 -38.37 5.40 23.13
CA LYS B 928 -38.12 5.52 21.69
C LYS B 928 -37.05 6.56 21.35
N ALA B 929 -37.05 7.68 22.07
CA ALA B 929 -35.98 8.67 21.99
C ALA B 929 -34.69 8.11 22.59
N LEU B 930 -34.83 7.39 23.71
CA LEU B 930 -33.70 6.76 24.38
C LEU B 930 -33.00 5.68 23.56
N ASP B 931 -33.75 5.05 22.66
CA ASP B 931 -33.16 4.11 21.69
C ASP B 931 -32.28 4.86 20.70
N TRP B 932 -32.82 5.94 20.15
CA TRP B 932 -32.11 6.79 19.22
C TRP B 932 -30.85 7.34 19.83
N LEU B 933 -30.94 7.76 21.09
CA LEU B 933 -29.78 8.20 21.85
C LEU B 933 -28.79 7.04 22.05
N ALA B 934 -29.31 5.88 22.43
CA ALA B 934 -28.48 4.69 22.72
C ALA B 934 -27.66 4.24 21.52
N SER B 935 -28.29 4.23 20.35
CA SER B 935 -27.66 3.75 19.12
C SER B 935 -26.48 4.62 18.67
N LYS B 936 -26.60 5.92 18.83
CA LYS B 936 -25.59 6.87 18.36
C LYS B 936 -24.28 6.84 19.17
N GLN B 937 -24.18 5.92 20.14
CA GLN B 937 -22.96 5.76 20.94
C GLN B 937 -21.81 5.20 20.11
N HIS B 938 -20.60 5.64 20.42
CA HIS B 938 -19.37 5.06 19.86
C HIS B 938 -18.99 3.82 20.63
N SER B 939 -18.18 2.99 19.99
CA SER B 939 -17.72 1.72 20.58
C SER B 939 -16.98 1.87 21.92
N SER B 940 -16.13 2.91 22.02
CA SER B 940 -15.34 3.16 23.23
C SER B 940 -16.19 3.59 24.42
N GLY B 941 -17.48 3.86 24.15
CA GLY B 941 -18.42 4.38 25.14
C GLY B 941 -18.72 5.85 24.91
N ARG B 942 -18.15 6.40 23.83
CA ARG B 942 -18.13 7.84 23.57
C ARG B 942 -19.38 8.34 22.85
N PHE B 943 -19.73 9.60 23.10
CA PHE B 943 -20.78 10.29 22.38
C PHE B 943 -20.22 11.55 21.75
N ASP B 944 -20.68 11.85 20.55
CA ASP B 944 -20.41 13.14 19.91
C ASP B 944 -21.67 13.67 19.26
N GLU B 945 -21.76 14.99 19.12
CA GLU B 945 -22.96 15.60 18.56
C GLU B 945 -23.02 15.44 17.04
N THR B 946 -23.80 14.48 16.58
CA THR B 946 -24.07 14.37 15.15
C THR B 946 -25.11 15.40 14.76
N GLY B 947 -24.62 16.57 14.37
CA GLY B 947 -25.46 17.73 14.11
C GLY B 947 -24.75 19.00 14.54
N LYS B 948 -25.04 20.10 13.86
CA LYS B 948 -24.29 21.36 14.02
C LYS B 948 -24.17 21.82 15.48
N VAL B 949 -23.03 22.45 15.80
CA VAL B 949 -22.77 22.92 17.16
C VAL B 949 -23.41 24.28 17.39
N TRP B 950 -24.26 24.34 18.42
CA TRP B 950 -24.94 25.56 18.85
C TRP B 950 -24.75 25.81 20.32
N HIS B 951 -24.09 24.86 20.98
CA HIS B 951 -23.59 25.02 22.34
C HIS B 951 -22.20 24.46 22.34
N LYS B 952 -21.20 25.34 22.24
CA LYS B 952 -19.80 24.95 22.03
C LYS B 952 -19.19 24.03 23.07
N ASP B 953 -19.24 24.40 24.34
CA ASP B 953 -18.57 23.59 25.36
C ASP B 953 -19.13 22.20 25.48
N MET B 954 -20.43 22.04 25.18
CA MET B 954 -21.10 20.76 25.29
C MET B 954 -20.89 19.88 24.06
N GLN B 955 -21.29 20.40 22.90
CA GLN B 955 -21.26 19.68 21.64
C GLN B 955 -19.88 19.67 20.99
N GLY B 956 -18.93 20.38 21.61
CA GLY B 956 -17.60 20.56 21.04
C GLY B 956 -16.86 19.26 20.86
N GLY B 957 -16.73 18.83 19.60
CA GLY B 957 -16.05 17.58 19.28
C GLY B 957 -14.54 17.74 19.17
N LEU B 958 -13.98 18.60 20.00
CA LEU B 958 -12.54 18.90 19.96
C LEU B 958 -11.83 18.53 21.27
N ARG B 959 -12.59 18.20 22.30
CA ARG B 959 -12.04 17.68 23.56
C ARG B 959 -12.54 16.25 23.86
N ASN B 960 -12.41 15.39 22.85
CA ASN B 960 -12.74 13.95 22.93
C ASN B 960 -14.22 13.59 23.13
N GLY B 961 -15.07 14.60 23.29
CA GLY B 961 -16.48 14.39 23.58
C GLY B 961 -16.72 14.03 25.03
N VAL B 962 -15.72 14.27 25.88
CA VAL B 962 -15.81 14.07 27.33
C VAL B 962 -17.01 14.83 27.89
N ALA B 963 -17.31 15.99 27.31
CA ALA B 963 -18.46 16.81 27.67
C ALA B 963 -19.77 16.06 27.47
N LEU B 964 -20.15 15.84 26.21
CA LEU B 964 -21.42 15.18 25.87
C LEU B 964 -21.57 13.75 26.41
N THR B 965 -20.44 13.04 26.56
CA THR B 965 -20.44 11.69 27.14
C THR B 965 -20.59 11.76 28.65
N SER B 966 -20.02 12.80 29.27
CA SER B 966 -20.28 13.06 30.67
C SER B 966 -21.75 13.37 30.86
N TYR B 967 -22.33 14.08 29.87
CA TYR B 967 -23.73 14.49 29.95
C TYR B 967 -24.71 13.34 29.74
N VAL B 968 -24.52 12.56 28.67
CA VAL B 968 -25.46 11.47 28.36
C VAL B 968 -25.41 10.36 29.41
N LEU B 969 -24.21 10.02 29.86
CA LEU B 969 -24.07 9.13 31.03
C LEU B 969 -24.86 9.69 32.23
N THR B 970 -24.67 10.98 32.50
CA THR B 970 -25.39 11.71 33.56
C THR B 970 -26.91 11.55 33.47
N ALA B 971 -27.47 11.89 32.31
CA ALA B 971 -28.91 12.00 32.09
C ALA B 971 -29.67 10.71 32.40
N LEU B 972 -29.12 9.60 31.92
CA LEU B 972 -29.71 8.28 32.14
C LEU B 972 -29.60 7.86 33.61
N LEU B 973 -28.49 8.26 34.25
CA LEU B 973 -28.23 7.95 35.66
C LEU B 973 -29.13 8.71 36.64
N GLU B 974 -30.08 9.49 36.14
CA GLU B 974 -30.96 10.26 37.01
C GLU B 974 -32.35 9.64 37.16
N ASN B 975 -32.64 8.63 36.33
CA ASN B 975 -33.95 7.96 36.34
C ASN B 975 -33.85 6.44 36.30
N ASP B 976 -34.45 5.80 37.30
CA ASP B 976 -34.41 4.33 37.47
C ASP B 976 -35.04 3.59 36.29
N ILE B 977 -35.99 4.24 35.61
CA ILE B 977 -36.64 3.76 34.39
C ILE B 977 -35.58 3.47 33.31
N ALA B 978 -34.68 4.42 33.12
CA ALA B 978 -33.63 4.32 32.12
C ALA B 978 -32.38 3.58 32.64
N LYS B 979 -32.06 3.78 33.92
CA LYS B 979 -30.87 3.20 34.55
C LYS B 979 -30.80 1.67 34.43
N VAL B 980 -31.95 1.03 34.68
CA VAL B 980 -32.06 -0.42 34.58
C VAL B 980 -32.09 -0.85 33.11
N LYS B 981 -32.91 -0.16 32.31
CA LYS B 981 -33.15 -0.51 30.92
C LYS B 981 -31.92 -0.37 30.00
N HIS B 982 -31.21 0.75 30.12
CA HIS B 982 -30.08 1.03 29.21
C HIS B 982 -28.72 0.81 29.81
N ALA B 983 -28.65 0.00 30.86
CA ALA B 983 -27.39 -0.30 31.55
C ALA B 983 -26.33 -0.91 30.62
N VAL B 984 -26.75 -1.27 29.40
CA VAL B 984 -25.87 -1.73 28.32
C VAL B 984 -24.96 -0.58 27.86
N VAL B 985 -25.57 0.56 27.55
CA VAL B 985 -24.87 1.77 27.05
C VAL B 985 -23.98 2.39 28.12
N ILE B 986 -24.47 2.40 29.35
CA ILE B 986 -23.83 3.03 30.49
C ILE B 986 -22.55 2.29 30.90
N GLN B 987 -22.67 0.97 31.05
CA GLN B 987 -21.55 0.10 31.45
C GLN B 987 -20.27 0.36 30.67
N ASN B 988 -20.42 0.76 29.40
CA ASN B 988 -19.29 1.10 28.53
C ASN B 988 -19.02 2.61 28.48
N GLY B 989 -20.03 3.40 28.83
CA GLY B 989 -19.89 4.86 28.93
C GLY B 989 -18.97 5.29 30.06
N MET B 990 -19.14 4.67 31.23
CA MET B 990 -18.33 4.99 32.41
C MET B 990 -16.87 4.58 32.24
N ASN B 991 -16.65 3.54 31.44
CA ASN B 991 -15.32 3.12 31.08
C ASN B 991 -14.55 4.26 30.42
N TYR B 992 -15.15 4.81 29.37
CA TYR B 992 -14.55 5.85 28.55
C TYR B 992 -14.14 7.09 29.35
N LEU B 993 -14.71 7.24 30.54
CA LEU B 993 -14.35 8.33 31.44
C LEU B 993 -13.34 7.89 32.48
N SER B 994 -13.42 6.62 32.89
CA SER B 994 -12.41 6.04 33.77
C SER B 994 -11.03 6.06 33.09
N ASN B 995 -11.02 5.77 31.79
CA ASN B 995 -9.83 5.87 30.93
C ASN B 995 -9.38 7.30 30.68
N GLN B 996 -10.33 8.23 30.69
CA GLN B 996 -10.09 9.62 30.29
C GLN B 996 -9.93 10.59 31.46
N LEU B 997 -10.03 10.09 32.69
CA LEU B 997 -10.05 10.96 33.87
C LEU B 997 -8.89 11.95 33.97
N ALA B 998 -7.70 11.48 34.33
CA ALA B 998 -6.54 12.35 34.52
C ALA B 998 -6.18 13.15 33.27
N PHE B 999 -6.75 12.74 32.14
CA PHE B 999 -6.62 13.45 30.86
C PHE B 999 -7.42 14.77 30.79
N ILE B 1000 -8.49 14.88 31.57
CA ILE B 1000 -9.43 16.02 31.49
C ILE B 1000 -8.91 17.24 32.26
N ASN B 1001 -8.67 18.34 31.54
CA ASN B 1001 -8.16 19.57 32.17
C ASN B 1001 -9.01 20.82 31.88
N ASN B 1002 -10.16 20.60 31.26
CA ASN B 1002 -11.16 21.63 31.02
C ASN B 1002 -12.25 21.55 32.11
N PRO B 1003 -12.34 22.57 32.99
CA PRO B 1003 -13.11 22.56 34.24
C PRO B 1003 -14.61 22.28 34.07
N TYR B 1004 -15.15 22.71 32.94
CA TYR B 1004 -16.53 22.42 32.53
C TYR B 1004 -16.74 20.91 32.39
N ASP B 1005 -15.86 20.25 31.62
CA ASP B 1005 -15.91 18.81 31.39
C ASP B 1005 -15.71 18.03 32.67
N LEU B 1006 -14.74 18.45 33.47
CA LEU B 1006 -14.46 17.81 34.75
C LEU B 1006 -15.64 17.92 35.72
N SER B 1007 -16.38 19.02 35.66
CA SER B 1007 -17.54 19.20 36.53
C SER B 1007 -18.65 18.22 36.18
N ILE B 1008 -18.96 18.11 34.88
CA ILE B 1008 -20.02 17.22 34.39
C ILE B 1008 -19.60 15.74 34.40
N ALA B 1009 -18.30 15.51 34.60
CA ALA B 1009 -17.76 14.14 34.69
C ALA B 1009 -17.69 13.67 36.14
N THR B 1010 -17.23 14.55 37.02
CA THR B 1010 -17.22 14.27 38.46
C THR B 1010 -18.63 13.92 38.90
N TYR B 1011 -19.59 14.68 38.40
CA TYR B 1011 -21.03 14.48 38.66
C TYR B 1011 -21.55 13.16 38.08
N ALA B 1012 -21.03 12.77 36.92
CA ALA B 1012 -21.33 11.46 36.35
C ALA B 1012 -20.77 10.36 37.24
N MET B 1013 -19.52 10.54 37.67
CA MET B 1013 -18.88 9.61 38.60
C MET B 1013 -19.47 9.67 40.02
N MET B 1014 -20.31 10.68 40.26
CA MET B 1014 -21.03 10.78 41.52
C MET B 1014 -22.35 10.01 41.47
N LEU B 1015 -23.12 10.24 40.40
CA LEU B 1015 -24.36 9.52 40.13
C LEU B 1015 -24.14 8.02 39.89
N ASN B 1016 -22.88 7.62 39.73
CA ASN B 1016 -22.54 6.23 39.42
C ASN B 1016 -22.01 5.45 40.62
N GLY B 1017 -21.20 6.11 41.43
CA GLY B 1017 -20.47 5.43 42.51
C GLY B 1017 -19.16 4.87 41.98
N HIS B 1018 -18.81 5.27 40.76
CA HIS B 1018 -17.59 4.82 40.05
C HIS B 1018 -16.39 4.99 40.91
N THR B 1019 -15.58 3.93 40.98
CA THR B 1019 -14.52 3.78 41.98
C THR B 1019 -13.47 4.90 42.07
N MET B 1020 -13.41 5.75 41.04
CA MET B 1020 -12.43 6.84 40.96
C MET B 1020 -12.93 8.17 41.58
N LYS B 1021 -14.24 8.25 41.79
CA LYS B 1021 -14.93 9.49 42.22
C LYS B 1021 -14.16 10.46 43.11
N LYS B 1022 -13.67 10.00 44.27
CA LYS B 1022 -12.98 10.87 45.24
C LYS B 1022 -11.85 11.70 44.60
N GLU B 1023 -11.07 11.05 43.73
CA GLU B 1023 -10.02 11.71 42.96
C GLU B 1023 -10.61 12.77 42.02
N ALA B 1024 -11.66 12.40 41.30
CA ALA B 1024 -12.33 13.27 40.33
C ALA B 1024 -12.95 14.50 40.99
N LEU B 1025 -13.42 14.36 42.23
CA LEU B 1025 -13.92 15.48 43.01
C LEU B 1025 -12.80 16.43 43.42
N ASP B 1026 -11.75 15.86 43.99
CA ASP B 1026 -10.58 16.64 44.40
C ASP B 1026 -9.90 17.29 43.22
N LYS B 1027 -9.84 16.58 42.09
CA LYS B 1027 -9.28 17.12 40.86
C LYS B 1027 -10.10 18.33 40.38
N LEU B 1028 -11.41 18.29 40.64
CA LEU B 1028 -12.28 19.42 40.38
C LEU B 1028 -12.03 20.53 41.39
N ILE B 1029 -12.05 20.19 42.68
CA ILE B 1029 -11.77 21.13 43.79
C ILE B 1029 -10.49 21.94 43.52
N ASP B 1030 -9.47 21.26 43.00
CA ASP B 1030 -8.21 21.89 42.63
C ASP B 1030 -8.39 23.10 41.72
N MET B 1031 -9.37 23.03 40.83
CA MET B 1031 -9.63 24.09 39.83
C MET B 1031 -10.52 25.23 40.37
N SER B 1032 -10.94 25.12 41.63
CA SER B 1032 -11.86 26.08 42.24
C SER B 1032 -11.22 27.44 42.52
N ILE B 1033 -11.89 28.50 42.06
CA ILE B 1033 -11.49 29.86 42.35
C ILE B 1033 -11.92 30.22 43.77
N SER B 1034 -11.03 30.90 44.50
CA SER B 1034 -11.30 31.28 45.90
C SER B 1034 -11.39 32.80 46.10
N ASP B 1035 -12.02 33.19 47.21
CA ASP B 1035 -12.23 34.60 47.58
C ASP B 1035 -12.74 34.70 49.03
N ASN B 1036 -11.82 34.58 49.99
CA ASN B 1036 -12.14 34.76 51.41
C ASN B 1036 -12.67 36.17 51.72
N ASN B 1037 -12.17 37.15 50.96
CA ASN B 1037 -12.66 38.53 51.02
C ASN B 1037 -14.15 38.65 50.61
N LYS B 1038 -14.72 37.58 50.06
CA LYS B 1038 -16.13 37.55 49.66
C LYS B 1038 -16.86 36.26 50.06
N LYS B 1039 -16.16 35.38 50.78
CA LYS B 1039 -16.70 34.07 51.19
C LYS B 1039 -17.39 33.28 50.06
N GLU B 1040 -16.80 33.33 48.86
CA GLU B 1040 -17.34 32.70 47.65
C GLU B 1040 -16.38 31.67 47.08
N ARG B 1041 -16.92 30.67 46.37
CA ARG B 1041 -16.11 29.70 45.60
C ARG B 1041 -16.79 29.34 44.29
N TYR B 1042 -16.06 29.43 43.18
CA TYR B 1042 -16.63 29.06 41.89
C TYR B 1042 -15.67 28.36 40.93
N TRP B 1043 -16.14 28.10 39.72
CA TRP B 1043 -15.34 27.48 38.66
C TRP B 1043 -15.46 28.29 37.41
N GLY B 1044 -14.38 28.40 36.63
CA GLY B 1044 -14.19 29.52 35.71
C GLY B 1044 -14.47 29.38 34.22
N THR B 1045 -13.83 30.25 33.44
CA THR B 1045 -13.98 30.39 31.96
C THR B 1045 -15.42 30.49 31.39
N THR B 1046 -15.72 29.70 30.35
CA THR B 1046 -16.85 29.96 29.45
C THR B 1046 -18.29 29.93 30.00
N ASN B 1047 -18.65 28.85 30.69
CA ASN B 1047 -20.00 28.75 31.26
C ASN B 1047 -19.94 28.48 32.75
N GLN B 1048 -19.59 29.53 33.49
CA GLN B 1048 -19.26 29.41 34.90
C GLN B 1048 -20.43 28.96 35.74
N ILE B 1049 -21.59 29.54 35.44
CA ILE B 1049 -22.84 29.19 36.12
C ILE B 1049 -23.05 27.68 36.07
N GLU B 1050 -23.00 27.11 34.86
CA GLU B 1050 -23.10 25.66 34.64
C GLU B 1050 -22.08 24.88 35.46
N THR B 1051 -20.81 25.22 35.27
CA THR B 1051 -19.69 24.51 35.88
C THR B 1051 -19.80 24.47 37.40
N THR B 1052 -20.04 25.64 38.00
CA THR B 1052 -20.17 25.76 39.45
C THR B 1052 -21.31 24.92 39.96
N ALA B 1053 -22.38 24.86 39.18
CA ALA B 1053 -23.56 24.08 39.53
C ALA B 1053 -23.23 22.57 39.56
N TYR B 1054 -22.76 22.03 38.43
CA TYR B 1054 -22.34 20.63 38.35
C TYR B 1054 -21.28 20.30 39.41
N ALA B 1055 -20.54 21.33 39.82
CA ALA B 1055 -19.56 21.22 40.90
C ALA B 1055 -20.27 21.14 42.25
N LEU B 1056 -21.25 22.00 42.46
CA LEU B 1056 -22.03 21.97 43.71
C LEU B 1056 -22.85 20.69 43.78
N LEU B 1057 -23.36 20.25 42.63
CA LEU B 1057 -24.11 19.02 42.57
C LEU B 1057 -23.29 17.86 43.13
N SER B 1058 -22.04 17.74 42.70
CA SER B 1058 -21.10 16.75 43.25
C SER B 1058 -20.90 16.97 44.75
N PHE B 1059 -20.65 18.23 45.14
CA PHE B 1059 -20.40 18.63 46.54
C PHE B 1059 -21.47 18.07 47.48
N VAL B 1060 -22.72 18.25 47.07
CA VAL B 1060 -23.88 17.81 47.84
C VAL B 1060 -23.94 16.29 47.85
N MET B 1061 -23.68 15.68 46.70
CA MET B 1061 -23.68 14.22 46.55
C MET B 1061 -22.65 13.53 47.48
N ALA B 1062 -21.61 14.28 47.85
CA ALA B 1062 -20.54 13.75 48.71
C ALA B 1062 -20.64 14.20 50.17
N GLU B 1063 -21.65 15.03 50.46
CA GLU B 1063 -21.88 15.59 51.80
C GLU B 1063 -20.87 16.69 52.17
N LYS B 1064 -20.41 17.43 51.17
CA LYS B 1064 -19.53 18.56 51.40
C LYS B 1064 -20.36 19.81 51.69
N TYR B 1065 -21.28 19.69 52.66
CA TYR B 1065 -22.31 20.72 52.90
C TYR B 1065 -21.79 22.06 53.43
N LEU B 1066 -20.82 22.04 54.34
CA LEU B 1066 -20.23 23.28 54.82
C LEU B 1066 -19.42 23.93 53.70
N ASP B 1067 -18.73 23.09 52.92
CA ASP B 1067 -17.95 23.54 51.77
C ASP B 1067 -18.82 23.94 50.56
N GLY B 1068 -20.11 23.63 50.64
CA GLY B 1068 -21.06 24.06 49.62
C GLY B 1068 -21.53 25.49 49.80
N ILE B 1069 -21.43 25.99 51.03
CA ILE B 1069 -21.92 27.34 51.38
C ILE B 1069 -21.20 28.47 50.60
N PRO B 1070 -19.85 28.51 50.61
CA PRO B 1070 -19.19 29.49 49.72
C PRO B 1070 -19.50 29.26 48.23
N VAL B 1071 -19.83 28.02 47.86
CA VAL B 1071 -20.28 27.71 46.50
C VAL B 1071 -21.64 28.35 46.26
N MET B 1072 -22.52 28.25 47.25
CA MET B 1072 -23.87 28.85 47.18
C MET B 1072 -23.82 30.40 47.15
N ASN B 1073 -23.00 30.99 48.02
CA ASN B 1073 -22.76 32.43 48.04
C ASN B 1073 -22.66 33.02 46.65
N TRP B 1074 -21.73 32.46 45.87
CA TRP B 1074 -21.44 32.91 44.53
C TRP B 1074 -22.65 32.76 43.64
N LEU B 1075 -23.21 31.56 43.62
CA LEU B 1075 -24.37 31.23 42.78
C LEU B 1075 -25.55 32.18 43.01
N VAL B 1076 -25.95 32.35 44.27
CA VAL B 1076 -27.07 33.21 44.66
C VAL B 1076 -26.91 34.59 44.05
N ASN B 1077 -25.70 35.15 44.18
CA ASN B 1077 -25.39 36.49 43.63
C ASN B 1077 -25.48 36.55 42.10
N GLN B 1078 -25.35 35.40 41.45
CA GLN B 1078 -25.38 35.33 39.99
C GLN B 1078 -26.80 35.23 39.42
N ARG B 1079 -27.78 35.07 40.32
CA ARG B 1079 -29.16 34.88 39.94
C ARG B 1079 -29.73 36.05 39.15
N TYR B 1080 -30.63 35.74 38.22
CA TYR B 1080 -31.38 36.76 37.51
C TYR B 1080 -32.45 37.34 38.43
N VAL B 1081 -33.02 38.48 38.03
CA VAL B 1081 -33.98 39.23 38.83
C VAL B 1081 -35.26 38.45 39.18
N THR B 1082 -35.67 37.56 38.29
CA THR B 1082 -36.87 36.72 38.51
C THR B 1082 -36.73 35.71 39.65
N GLY B 1083 -35.50 35.29 39.93
CA GLY B 1083 -35.22 34.24 40.92
C GLY B 1083 -34.45 33.09 40.29
N SER B 1084 -34.46 33.07 38.95
CA SER B 1084 -33.75 32.07 38.16
C SER B 1084 -32.34 32.58 37.78
N PHE B 1085 -31.85 32.14 36.63
CA PHE B 1085 -30.57 32.59 36.08
C PHE B 1085 -30.76 33.13 34.65
N PRO B 1086 -29.81 33.96 34.17
CA PRO B 1086 -29.95 34.68 32.89
C PRO B 1086 -30.27 33.80 31.68
N ARG B 1087 -29.70 32.60 31.62
CA ARG B 1087 -29.96 31.73 30.49
C ARG B 1087 -30.60 30.40 30.87
N THR B 1088 -31.04 29.69 29.83
CA THR B 1088 -31.73 28.42 29.97
C THR B 1088 -30.98 27.41 30.84
N GLN B 1089 -29.85 26.91 30.33
CA GLN B 1089 -29.01 25.92 31.01
C GLN B 1089 -28.42 26.44 32.31
N ASP B 1090 -27.99 27.71 32.29
CA ASP B 1090 -27.70 28.47 33.50
C ASP B 1090 -28.66 28.02 34.59
N THR B 1091 -29.94 28.25 34.29
CA THR B 1091 -31.05 28.03 35.21
C THR B 1091 -31.23 26.54 35.54
N PHE B 1092 -31.40 25.72 34.50
CA PHE B 1092 -31.71 24.31 34.68
C PHE B 1092 -30.80 23.66 35.71
N VAL B 1093 -29.50 23.70 35.45
CA VAL B 1093 -28.51 23.09 36.35
C VAL B 1093 -28.31 23.94 37.62
N GLY B 1094 -28.51 25.25 37.50
CA GLY B 1094 -28.33 26.18 38.61
C GLY B 1094 -29.33 25.99 39.73
N LEU B 1095 -30.61 26.11 39.39
CA LEU B 1095 -31.69 25.89 40.34
C LEU B 1095 -31.58 24.52 40.98
N LYS B 1096 -31.41 23.49 40.14
CA LYS B 1096 -31.26 22.12 40.60
C LYS B 1096 -30.18 22.01 41.67
N ALA B 1097 -29.05 22.68 41.45
CA ALA B 1097 -27.94 22.68 42.40
C ALA B 1097 -28.25 23.49 43.65
N LEU B 1098 -28.71 24.73 43.46
CA LEU B 1098 -29.03 25.62 44.58
C LEU B 1098 -30.07 25.04 45.53
N THR B 1099 -31.06 24.35 44.97
CA THR B 1099 -32.11 23.72 45.76
C THR B 1099 -31.57 22.55 46.60
N LYS B 1100 -30.83 21.64 45.95
CA LYS B 1100 -30.33 20.43 46.60
C LYS B 1100 -29.49 20.71 47.84
N LEU B 1101 -28.75 21.82 47.83
CA LEU B 1101 -27.93 22.21 48.98
C LEU B 1101 -28.78 22.76 50.12
N ALA B 1102 -29.80 23.54 49.76
CA ALA B 1102 -30.75 24.09 50.73
C ALA B 1102 -31.55 22.98 51.43
N GLU B 1103 -31.94 21.96 50.66
CA GLU B 1103 -32.57 20.75 51.21
C GLU B 1103 -31.83 20.22 52.45
N LYS B 1104 -30.53 20.51 52.54
CA LYS B 1104 -29.71 19.95 53.59
C LYS B 1104 -29.24 20.93 54.65
N ILE B 1105 -28.98 22.18 54.26
CA ILE B 1105 -28.41 23.16 55.20
C ILE B 1105 -29.44 24.04 55.95
N SER B 1106 -30.61 24.24 55.35
CA SER B 1106 -31.68 25.05 55.96
C SER B 1106 -32.18 24.45 57.29
N PRO B 1107 -32.55 25.31 58.27
CA PRO B 1107 -33.08 24.81 59.54
C PRO B 1107 -34.55 24.37 59.41
N SER B 1108 -35.09 23.74 60.45
CA SER B 1108 -36.49 23.30 60.45
C SER B 1108 -37.47 24.45 60.68
N ARG B 1109 -37.09 25.40 61.51
CA ARG B 1109 -37.95 26.55 61.82
C ARG B 1109 -37.29 27.89 61.47
N ASN B 1110 -38.09 28.78 60.88
CA ASN B 1110 -37.69 30.15 60.63
C ASN B 1110 -38.20 31.10 61.71
N ASP B 1111 -37.39 32.09 62.06
CA ASP B 1111 -37.77 33.12 63.05
C ASP B 1111 -36.69 34.21 63.12
N TYR B 1112 -36.79 35.22 62.26
CA TYR B 1112 -35.80 36.29 62.22
C TYR B 1112 -36.37 37.66 61.94
N THR B 1113 -35.79 38.68 62.58
CA THR B 1113 -36.13 40.07 62.31
C THR B 1113 -35.03 40.68 61.45
N VAL B 1114 -35.45 41.34 60.38
CA VAL B 1114 -34.52 41.99 59.48
C VAL B 1114 -34.67 43.51 59.64
N GLN B 1115 -33.63 44.15 60.17
CA GLN B 1115 -33.65 45.59 60.37
C GLN B 1115 -32.95 46.33 59.22
N LEU B 1116 -33.75 46.81 58.28
CA LEU B 1116 -33.27 47.67 57.21
C LEU B 1116 -32.96 49.04 57.80
N LYS B 1117 -31.90 49.69 57.32
CA LYS B 1117 -31.52 51.01 57.82
C LYS B 1117 -30.89 51.87 56.72
N TYR B 1118 -31.67 52.80 56.17
CA TYR B 1118 -31.20 53.68 55.10
C TYR B 1118 -31.75 55.12 55.23
N LYS B 1119 -30.98 56.07 54.70
CA LYS B 1119 -31.30 57.52 54.75
C LYS B 1119 -31.54 58.05 56.17
N LYS B 1120 -32.70 57.72 56.75
CA LYS B 1120 -33.04 58.10 58.13
C LYS B 1120 -33.90 57.04 58.82
N ASN B 1121 -34.95 56.60 58.13
CA ASN B 1121 -35.87 55.60 58.65
C ASN B 1121 -35.21 54.23 58.73
N THR B 1122 -35.65 53.40 59.66
CA THR B 1122 -35.19 52.02 59.73
C THR B 1122 -36.38 51.05 59.62
N LYS B 1123 -36.58 50.52 58.42
CA LYS B 1123 -37.69 49.59 58.13
C LYS B 1123 -37.51 48.23 58.81
N TYR B 1124 -38.62 47.58 59.11
CA TYR B 1124 -38.61 46.28 59.76
C TYR B 1124 -39.27 45.21 58.90
N PHE B 1125 -38.67 44.03 58.89
CA PHE B 1125 -39.23 42.87 58.19
C PHE B 1125 -39.28 41.67 59.12
N ASN B 1126 -40.47 41.08 59.23
CA ASN B 1126 -40.72 39.99 60.18
C ASN B 1126 -41.09 38.66 59.54
N ILE B 1127 -40.25 37.65 59.78
CA ILE B 1127 -40.53 36.29 59.33
C ILE B 1127 -40.29 35.27 60.46
N ASN B 1128 -41.37 34.64 60.89
CA ASN B 1128 -41.31 33.48 61.79
C ASN B 1128 -42.31 32.39 61.37
N SER B 1129 -42.16 31.93 60.14
CA SER B 1129 -43.00 30.90 59.56
C SER B 1129 -42.24 30.17 58.44
N GLU B 1130 -41.70 29.01 58.78
CA GLU B 1130 -40.95 28.18 57.84
C GLU B 1130 -41.87 27.45 56.85
N GLN B 1131 -43.16 27.37 57.18
CA GLN B 1131 -44.13 26.59 56.40
C GLN B 1131 -44.71 27.34 55.19
N ILE B 1132 -44.24 28.55 54.93
CA ILE B 1132 -44.81 29.36 53.84
C ILE B 1132 -43.78 29.81 52.79
N ASP B 1133 -44.25 29.91 51.54
CA ASP B 1133 -43.45 30.38 50.42
C ASP B 1133 -43.87 31.78 49.95
N VAL B 1134 -45.09 31.91 49.40
CA VAL B 1134 -45.54 33.16 48.79
C VAL B 1134 -45.74 34.28 49.82
N GLN B 1135 -44.69 34.56 50.58
CA GLN B 1135 -44.71 35.60 51.59
C GLN B 1135 -43.88 36.78 51.09
N ASN B 1136 -44.50 37.57 50.21
CA ASN B 1136 -43.81 38.64 49.48
C ASN B 1136 -43.39 39.80 50.38
N PHE B 1137 -42.27 40.45 50.04
CA PHE B 1137 -41.75 41.60 50.79
C PHE B 1137 -41.09 42.66 49.89
N LEU B 1138 -41.88 43.63 49.45
CA LEU B 1138 -41.39 44.76 48.68
C LEU B 1138 -40.72 45.79 49.58
N GLU B 1139 -40.21 46.86 48.96
CA GLU B 1139 -39.63 48.03 49.62
C GLU B 1139 -38.90 48.78 48.53
N ILE B 1140 -39.13 50.09 48.43
CA ILE B 1140 -38.59 50.86 47.31
C ILE B 1140 -37.67 52.02 47.78
N PRO B 1141 -36.43 51.70 48.21
CA PRO B 1141 -35.50 52.76 48.61
C PRO B 1141 -35.15 53.68 47.45
N GLU B 1142 -35.11 54.98 47.72
CA GLU B 1142 -34.70 55.96 46.72
C GLU B 1142 -33.18 55.94 46.60
N ASP B 1143 -32.66 56.68 45.61
CA ASP B 1143 -31.21 56.75 45.37
C ASP B 1143 -30.45 57.19 46.63
N THR B 1144 -30.13 56.21 47.47
CA THR B 1144 -29.45 56.47 48.74
C THR B 1144 -28.01 55.94 48.74
N LYS B 1145 -27.27 56.22 49.82
CA LYS B 1145 -25.87 55.84 49.93
C LYS B 1145 -25.72 54.37 50.33
N LYS B 1146 -25.35 54.14 51.59
CA LYS B 1146 -25.19 52.79 52.12
C LYS B 1146 -26.55 52.16 52.42
N LEU B 1147 -26.54 50.90 52.84
CA LEU B 1147 -27.75 50.18 53.20
C LEU B 1147 -27.39 49.06 54.18
N GLU B 1148 -27.45 49.37 55.47
CA GLU B 1148 -27.09 48.41 56.53
C GLU B 1148 -28.29 47.52 56.91
N ILE B 1149 -28.07 46.21 56.90
CA ILE B 1149 -29.11 45.23 57.20
C ILE B 1149 -28.73 44.33 58.38
N ASN B 1150 -29.61 44.27 59.37
CA ASN B 1150 -29.39 43.44 60.56
C ASN B 1150 -30.33 42.25 60.64
N VAL B 1151 -29.82 41.09 60.28
CA VAL B 1151 -30.58 39.84 60.39
C VAL B 1151 -30.25 39.16 61.71
N GLY B 1152 -31.20 39.20 62.63
CA GLY B 1152 -31.03 38.55 63.93
C GLY B 1152 -32.05 37.46 64.12
N GLY B 1153 -31.57 36.26 64.46
CA GLY B 1153 -32.46 35.13 64.76
C GLY B 1153 -32.03 33.79 64.18
N ILE B 1154 -33.02 32.92 63.92
CA ILE B 1154 -32.78 31.56 63.43
C ILE B 1154 -33.69 31.22 62.25
N GLY B 1155 -33.09 31.01 61.07
CA GLY B 1155 -33.82 30.64 59.85
C GLY B 1155 -33.03 30.74 58.55
N PHE B 1156 -33.68 30.37 57.45
CA PHE B 1156 -33.08 30.44 56.11
C PHE B 1156 -33.75 31.53 55.27
N GLY B 1157 -32.94 32.37 54.62
CA GLY B 1157 -33.48 33.44 53.78
C GLY B 1157 -32.52 34.11 52.80
N LEU B 1158 -33.09 34.91 51.91
CA LEU B 1158 -32.34 35.64 50.90
C LEU B 1158 -32.57 37.14 51.03
N LEU B 1159 -31.53 37.92 50.79
CA LEU B 1159 -31.57 39.37 50.92
C LEU B 1159 -31.22 40.03 49.59
N GLU B 1160 -32.27 40.36 48.82
CA GLU B 1160 -32.10 40.79 47.42
C GLU B 1160 -32.17 42.31 47.24
N VAL B 1161 -31.27 42.85 46.42
CA VAL B 1161 -31.28 44.28 46.09
C VAL B 1161 -31.34 44.47 44.57
N ILE B 1162 -32.50 44.86 44.08
CA ILE B 1162 -32.77 44.93 42.64
C ILE B 1162 -32.59 46.35 42.09
N TYR B 1163 -31.55 46.53 41.29
CA TYR B 1163 -31.34 47.78 40.57
C TYR B 1163 -32.03 47.69 39.20
N GLN B 1164 -32.45 48.83 38.67
CA GLN B 1164 -33.11 48.89 37.37
C GLN B 1164 -32.54 50.05 36.56
N PHE B 1165 -32.17 49.79 35.32
CA PHE B 1165 -31.45 50.78 34.53
C PHE B 1165 -31.99 50.98 33.11
N ASP B 1166 -32.71 52.09 32.91
CA ASP B 1166 -33.05 52.55 31.55
C ASP B 1166 -32.15 53.72 31.15
N LEU B 1167 -31.18 53.43 30.29
CA LEU B 1167 -30.07 54.34 30.00
C LEU B 1167 -30.17 54.95 28.60
N ASN B 1168 -29.03 55.45 28.11
CA ASN B 1168 -28.92 55.96 26.75
C ASN B 1168 -28.75 54.80 25.79
N LEU B 1169 -29.69 54.67 24.86
CA LEU B 1169 -29.59 53.65 23.82
C LEU B 1169 -28.47 54.06 22.87
N VAL B 1170 -27.23 53.72 23.25
CA VAL B 1170 -26.06 54.09 22.47
C VAL B 1170 -25.40 52.86 21.87
N ASN B 1171 -24.92 52.97 20.63
CA ASN B 1171 -24.21 51.89 19.94
C ASN B 1171 -23.19 51.20 20.83
N PHE B 1172 -23.20 49.87 20.83
CA PHE B 1172 -22.26 49.09 21.63
C PHE B 1172 -21.87 47.82 20.91
N GLU B 1173 -20.57 47.69 20.61
CA GLU B 1173 -20.02 46.48 20.01
C GLU B 1173 -19.14 45.75 21.02
N HIS B 1174 -19.40 44.47 21.21
CA HIS B 1174 -18.47 43.62 21.92
C HIS B 1174 -18.37 42.25 21.31
N ARG B 1175 -17.28 42.05 20.56
CA ARG B 1175 -16.95 40.76 19.90
C ARG B 1175 -18.02 40.26 18.91
N PHE B 1176 -18.87 41.19 18.48
CA PHE B 1176 -19.79 40.99 17.36
C PHE B 1176 -19.75 42.27 16.52
N LYS B 1177 -19.91 42.13 15.21
CA LYS B 1177 -19.96 43.29 14.34
C LYS B 1177 -21.30 43.40 13.61
N LEU B 1178 -22.25 44.10 14.23
CA LEU B 1178 -23.55 44.37 13.61
C LEU B 1178 -23.50 45.69 12.85
N ASP B 1179 -24.18 45.71 11.70
CA ASP B 1179 -24.26 46.90 10.84
C ASP B 1179 -25.61 47.01 10.15
N LEU B 1180 -26.14 48.23 10.13
CA LEU B 1180 -27.46 48.50 9.55
C LEU B 1180 -27.36 49.40 8.32
N GLU B 1181 -28.21 49.14 7.34
CA GLU B 1181 -28.27 49.93 6.11
C GLU B 1181 -29.72 50.12 5.67
N LYS B 1182 -30.22 51.34 5.82
CA LYS B 1182 -31.58 51.66 5.38
C LYS B 1182 -31.58 51.79 3.85
N GLN B 1183 -32.29 50.89 3.18
CA GLN B 1183 -32.35 50.86 1.71
C GLN B 1183 -33.54 51.66 1.15
N ASN B 1184 -33.36 52.21 -0.05
CA ASN B 1184 -34.40 53.01 -0.69
C ASN B 1184 -35.58 52.18 -1.18
N THR B 1185 -36.80 52.68 -0.94
CA THR B 1185 -38.03 52.01 -1.39
C THR B 1185 -38.93 52.92 -2.23
N GLY B 1186 -38.96 54.21 -1.88
CA GLY B 1186 -39.83 55.17 -2.56
C GLY B 1186 -41.15 55.43 -1.85
N SER B 1187 -41.64 54.40 -1.15
CA SER B 1187 -42.89 54.48 -0.38
C SER B 1187 -42.66 54.97 1.05
N ASP B 1188 -43.41 55.98 1.44
CA ASP B 1188 -43.27 56.59 2.77
C ASP B 1188 -43.63 55.64 3.90
N TYR B 1189 -44.31 54.54 3.57
CA TYR B 1189 -44.83 53.64 4.57
C TYR B 1189 -44.23 52.23 4.42
N GLU B 1190 -42.96 52.16 4.04
CA GLU B 1190 -42.25 50.90 3.85
C GLU B 1190 -40.76 51.02 4.21
N LEU B 1191 -40.37 50.39 5.31
CA LEU B 1191 -38.98 50.40 5.76
C LEU B 1191 -38.21 49.17 5.26
N ARG B 1192 -37.12 49.42 4.53
CA ARG B 1192 -36.21 48.35 4.11
C ARG B 1192 -34.89 48.47 4.86
N LEU B 1193 -34.59 47.46 5.67
CA LEU B 1193 -33.43 47.51 6.56
C LEU B 1193 -32.47 46.35 6.32
N ARG B 1194 -31.27 46.66 5.84
CA ARG B 1194 -30.23 45.66 5.58
C ARG B 1194 -29.36 45.47 6.81
N VAL B 1195 -29.49 44.30 7.46
CA VAL B 1195 -28.69 43.99 8.63
C VAL B 1195 -27.58 43.00 8.27
N CYS B 1196 -26.34 43.36 8.62
CA CYS B 1196 -25.20 42.46 8.42
C CYS B 1196 -24.47 42.24 9.73
N ALA B 1197 -24.27 40.97 10.08
CA ALA B 1197 -23.67 40.63 11.36
C ALA B 1197 -22.60 39.55 11.25
N ASN B 1198 -21.45 39.80 11.88
CA ASN B 1198 -20.41 38.79 11.99
C ASN B 1198 -19.85 38.68 13.41
N TYR B 1199 -19.30 37.51 13.71
CA TYR B 1199 -18.57 37.29 14.96
C TYR B 1199 -17.18 37.90 14.83
N ILE B 1200 -16.57 38.20 15.97
CA ILE B 1200 -15.19 38.68 15.99
C ILE B 1200 -14.33 37.68 16.77
N PRO B 1201 -13.57 36.82 16.04
CA PRO B 1201 -12.77 35.81 16.73
C PRO B 1201 -11.68 36.43 17.59
N GLU B 1202 -11.39 35.79 18.72
CA GLU B 1202 -10.29 36.16 19.58
C GLU B 1202 -9.55 34.91 20.00
N LEU B 1203 -8.44 34.63 19.29
CA LEU B 1203 -7.62 33.43 19.49
C LEU B 1203 -8.34 32.16 19.06
N THR B 1204 -8.26 31.13 19.90
CA THR B 1204 -8.95 29.83 19.73
C THR B 1204 -10.45 29.98 19.46
N ASP B 1205 -11.09 30.92 20.15
CA ASP B 1205 -12.51 31.21 20.02
C ASP B 1205 -12.76 31.95 18.71
N SER B 1206 -13.25 31.23 17.70
CA SER B 1206 -13.47 31.84 16.38
C SER B 1206 -14.89 31.68 15.83
N GLN B 1207 -15.80 31.26 16.71
CA GLN B 1207 -17.19 31.03 16.35
C GLN B 1207 -18.08 31.10 17.58
N SER B 1208 -19.22 31.79 17.46
CA SER B 1208 -20.13 32.00 18.57
C SER B 1208 -20.85 30.72 18.98
N ASN B 1209 -21.60 30.80 20.08
CA ASN B 1209 -22.66 29.83 20.35
C ASN B 1209 -23.87 30.23 19.49
N MET B 1210 -25.04 29.67 19.78
CA MET B 1210 -26.24 30.02 19.04
C MET B 1210 -26.58 31.50 19.16
N ALA B 1211 -26.39 32.24 18.07
CA ALA B 1211 -26.61 33.68 18.08
C ALA B 1211 -28.02 34.02 17.63
N LEU B 1212 -28.57 35.09 18.21
CA LEU B 1212 -29.88 35.60 17.81
C LEU B 1212 -29.74 37.04 17.32
N ILE B 1213 -30.66 37.47 16.46
CA ILE B 1213 -30.75 38.87 16.08
C ILE B 1213 -32.21 39.34 16.22
N GLU B 1214 -32.49 40.06 17.30
CA GLU B 1214 -33.79 40.70 17.45
C GLU B 1214 -33.76 42.04 16.75
N VAL B 1215 -34.76 42.26 15.90
CA VAL B 1215 -34.91 43.54 15.23
C VAL B 1215 -36.11 44.25 15.86
N THR B 1216 -35.86 45.44 16.40
CA THR B 1216 -36.94 46.28 16.89
C THR B 1216 -37.23 47.36 15.87
N LEU B 1217 -38.52 47.64 15.67
CA LEU B 1217 -38.97 48.61 14.68
C LEU B 1217 -39.49 49.86 15.37
N PRO B 1218 -39.31 51.03 14.74
CA PRO B 1218 -39.82 52.28 15.29
C PRO B 1218 -41.34 52.21 15.46
N SER B 1219 -41.84 52.78 16.56
CA SER B 1219 -43.25 52.72 16.91
C SER B 1219 -44.17 52.96 15.72
N GLY B 1220 -45.19 52.12 15.60
CA GLY B 1220 -46.14 52.23 14.49
C GLY B 1220 -45.83 51.26 13.37
N TYR B 1221 -44.54 51.08 13.07
CA TYR B 1221 -44.11 50.15 12.02
C TYR B 1221 -44.44 48.71 12.37
N VAL B 1222 -44.93 47.97 11.38
CA VAL B 1222 -45.28 46.56 11.57
C VAL B 1222 -44.82 45.73 10.37
N VAL B 1223 -44.18 44.60 10.67
CA VAL B 1223 -43.67 43.67 9.66
C VAL B 1223 -44.77 42.86 8.98
N ASP B 1224 -44.49 42.43 7.74
CA ASP B 1224 -45.43 41.66 6.91
C ASP B 1224 -45.59 40.22 7.43
N ARG B 1225 -46.20 39.35 6.61
CA ARG B 1225 -46.31 37.92 6.94
C ARG B 1225 -44.92 37.27 6.97
N ASN B 1226 -44.20 37.38 5.85
CA ASN B 1226 -42.83 36.91 5.75
C ASN B 1226 -41.91 38.09 5.38
N PRO B 1227 -41.33 38.74 6.40
CA PRO B 1227 -40.63 40.01 6.22
C PRO B 1227 -39.13 39.94 5.93
N ILE B 1228 -38.56 38.73 5.93
CA ILE B 1228 -37.10 38.54 5.77
C ILE B 1228 -36.70 37.95 4.42
N SER B 1229 -35.81 38.66 3.72
CA SER B 1229 -35.26 38.22 2.43
C SER B 1229 -33.74 38.49 2.39
N GLU B 1230 -33.10 38.17 1.27
CA GLU B 1230 -31.65 38.40 1.10
C GLU B 1230 -30.78 37.61 2.12
N GLN B 1231 -31.31 36.51 2.62
CA GLN B 1231 -30.55 35.65 3.54
C GLN B 1231 -29.31 35.09 2.85
N THR B 1232 -28.14 35.31 3.45
CA THR B 1232 -26.89 34.75 2.92
C THR B 1232 -26.87 33.23 3.11
N THR B 1233 -26.24 32.51 2.17
CA THR B 1233 -26.14 31.05 2.25
C THR B 1233 -24.97 30.60 3.13
N VAL B 1234 -24.10 31.55 3.46
CA VAL B 1234 -22.89 31.27 4.25
C VAL B 1234 -23.22 30.74 5.66
N ASN B 1235 -24.30 31.27 6.25
CA ASN B 1235 -24.93 30.66 7.42
C ASN B 1235 -26.44 30.98 7.51
N PRO B 1236 -27.28 29.97 7.22
CA PRO B 1236 -28.72 30.17 7.07
C PRO B 1236 -29.43 30.50 8.37
N ILE B 1237 -30.43 31.38 8.27
CA ILE B 1237 -31.34 31.69 9.38
C ILE B 1237 -32.19 30.46 9.64
N GLN B 1238 -31.88 29.75 10.72
CA GLN B 1238 -32.47 28.45 10.96
C GLN B 1238 -33.75 28.47 11.80
N ASN B 1239 -34.31 29.68 11.99
CA ASN B 1239 -35.59 29.90 12.68
C ASN B 1239 -36.01 31.37 12.65
N MET B 1240 -37.25 31.64 12.23
CA MET B 1240 -37.81 33.00 12.26
C MET B 1240 -38.90 33.09 13.32
N GLU B 1241 -39.04 34.29 13.89
CA GLU B 1241 -39.95 34.50 15.01
C GLU B 1241 -40.44 35.95 15.09
N ILE B 1242 -41.73 36.15 14.81
CA ILE B 1242 -42.37 37.46 14.99
C ILE B 1242 -43.22 37.43 16.25
N ARG B 1243 -43.15 38.53 16.99
CA ARG B 1243 -43.83 38.67 18.27
C ARG B 1243 -44.11 40.15 18.52
N TYR B 1244 -44.64 40.46 19.70
CA TYR B 1244 -44.99 41.84 20.08
C TYR B 1244 -45.66 42.60 18.93
N GLY B 1245 -46.81 42.09 18.49
CA GLY B 1245 -47.59 42.68 17.41
C GLY B 1245 -46.85 43.11 16.16
N GLY B 1246 -45.83 42.34 15.77
CA GLY B 1246 -45.03 42.68 14.61
C GLY B 1246 -44.09 43.85 14.86
N THR B 1247 -43.72 44.03 16.13
CA THR B 1247 -42.72 45.01 16.54
C THR B 1247 -41.35 44.38 16.77
N SER B 1248 -41.36 43.09 17.12
CA SER B 1248 -40.14 42.33 17.36
C SER B 1248 -40.05 41.14 16.41
N VAL B 1249 -38.95 41.08 15.66
CA VAL B 1249 -38.59 39.89 14.89
C VAL B 1249 -37.30 39.34 15.45
N VAL B 1250 -37.29 38.05 15.78
CA VAL B 1250 -36.08 37.39 16.25
C VAL B 1250 -35.60 36.42 15.18
N LEU B 1251 -34.29 36.38 14.96
CA LEU B 1251 -33.71 35.47 13.99
C LEU B 1251 -32.66 34.56 14.63
N TYR B 1252 -32.88 33.25 14.50
CA TYR B 1252 -32.00 32.26 15.10
C TYR B 1252 -30.95 31.79 14.11
N TYR B 1253 -29.69 31.81 14.56
CA TYR B 1253 -28.59 31.27 13.79
C TYR B 1253 -27.87 30.22 14.64
N TYR B 1254 -27.40 29.17 13.97
CA TYR B 1254 -26.61 28.11 14.63
C TYR B 1254 -25.39 28.68 15.32
N LYS B 1255 -24.68 29.55 14.62
CA LYS B 1255 -23.46 30.20 15.11
C LYS B 1255 -23.11 31.39 14.22
N MET B 1256 -22.01 32.06 14.53
CA MET B 1256 -21.51 33.14 13.69
C MET B 1256 -19.99 33.08 13.56
N GLY B 1257 -19.49 33.29 12.34
CA GLY B 1257 -18.05 33.27 12.06
C GLY B 1257 -17.54 34.66 11.69
N THR B 1258 -16.38 34.72 11.04
CA THR B 1258 -15.86 35.99 10.52
C THR B 1258 -16.66 36.43 9.28
N GLU B 1259 -17.04 35.46 8.45
CA GLU B 1259 -17.87 35.70 7.26
C GLU B 1259 -19.25 36.24 7.66
N ARG B 1260 -19.64 37.37 7.06
CA ARG B 1260 -20.85 38.11 7.45
C ARG B 1260 -22.17 37.46 7.06
N ASN B 1261 -23.10 37.41 8.00
CA ASN B 1261 -24.45 36.88 7.78
C ASN B 1261 -25.48 38.01 7.73
N CYS B 1262 -26.15 38.15 6.60
CA CYS B 1262 -27.03 39.30 6.38
C CYS B 1262 -28.46 38.91 6.07
N PHE B 1263 -29.32 39.93 6.03
CA PHE B 1263 -30.73 39.82 5.63
C PHE B 1263 -31.33 41.21 5.49
N THR B 1264 -32.50 41.30 4.85
CA THR B 1264 -33.22 42.56 4.71
C THR B 1264 -34.65 42.46 5.25
N VAL B 1265 -35.02 43.40 6.14
CA VAL B 1265 -36.32 43.39 6.81
C VAL B 1265 -37.33 44.28 6.09
N THR B 1266 -38.58 43.84 6.02
CA THR B 1266 -39.66 44.62 5.39
C THR B 1266 -40.80 44.94 6.37
N ALA B 1267 -40.90 46.21 6.75
CA ALA B 1267 -41.95 46.67 7.63
C ALA B 1267 -42.74 47.82 7.01
N TYR B 1268 -44.02 47.91 7.36
CA TYR B 1268 -44.90 48.96 6.86
C TYR B 1268 -45.38 49.88 7.96
N ARG B 1269 -45.49 51.17 7.65
CA ARG B 1269 -46.04 52.16 8.59
C ARG B 1269 -47.55 51.97 8.70
N ARG B 1270 -47.95 51.02 9.55
CA ARG B 1270 -49.35 50.65 9.69
C ARG B 1270 -50.12 51.62 10.60
N PHE B 1271 -49.41 52.38 11.44
CA PHE B 1271 -50.04 53.37 12.32
C PHE B 1271 -49.49 54.78 12.11
N LYS B 1272 -50.07 55.75 12.83
CA LYS B 1272 -49.64 57.15 12.72
C LYS B 1272 -48.98 57.62 14.03
N VAL B 1273 -47.65 57.73 14.01
CA VAL B 1273 -46.89 58.18 15.19
C VAL B 1273 -45.89 59.29 14.84
N ALA B 1274 -45.99 60.39 15.57
CA ALA B 1274 -45.12 61.55 15.37
C ALA B 1274 -44.06 61.64 16.46
N LEU B 1275 -42.92 62.25 16.10
CA LEU B 1275 -41.78 62.51 17.02
C LEU B 1275 -41.19 61.22 17.56
N LYS B 1276 -40.95 60.27 16.66
CA LYS B 1276 -40.55 58.92 17.04
C LYS B 1276 -39.11 58.85 17.54
N ARG B 1277 -38.95 58.40 18.78
CA ARG B 1277 -37.63 58.12 19.37
C ARG B 1277 -37.05 56.88 18.66
N PRO B 1278 -35.71 56.80 18.52
CA PRO B 1278 -35.09 55.77 17.66
C PRO B 1278 -35.13 54.34 18.21
N ALA B 1279 -35.16 53.38 17.29
CA ALA B 1279 -35.12 51.96 17.61
C ALA B 1279 -33.73 51.38 17.32
N TYR B 1280 -33.59 50.07 17.50
CA TYR B 1280 -32.28 49.42 17.46
C TYR B 1280 -32.36 47.99 16.95
N VAL B 1281 -31.19 47.37 16.76
CA VAL B 1281 -31.06 45.95 16.44
C VAL B 1281 -29.94 45.37 17.28
N VAL B 1282 -30.19 44.22 17.89
CA VAL B 1282 -29.16 43.54 18.68
C VAL B 1282 -28.79 42.15 18.13
N VAL B 1283 -27.49 41.85 18.14
CA VAL B 1283 -26.97 40.52 17.84
C VAL B 1283 -26.24 40.08 19.08
N TYR B 1284 -26.42 38.82 19.47
CA TYR B 1284 -25.81 38.34 20.69
C TYR B 1284 -25.72 36.83 20.75
N ASP B 1285 -24.63 36.36 21.36
CA ASP B 1285 -24.46 34.98 21.72
C ASP B 1285 -25.51 34.62 22.77
N TYR B 1286 -26.13 33.46 22.61
CA TYR B 1286 -27.18 33.05 23.54
C TYR B 1286 -26.60 32.67 24.89
N TYR B 1287 -25.70 31.70 24.91
CA TYR B 1287 -25.27 31.06 26.14
C TYR B 1287 -24.27 31.86 26.93
N ASN B 1288 -23.47 32.66 26.22
CA ASN B 1288 -22.57 33.63 26.86
C ASN B 1288 -23.16 35.03 26.91
N THR B 1289 -23.35 35.53 28.13
CA THR B 1289 -23.91 36.86 28.38
C THR B 1289 -23.12 37.96 27.66
N ASN B 1290 -21.82 37.97 27.87
CA ASN B 1290 -20.95 39.10 27.53
C ASN B 1290 -20.83 39.50 26.06
N LEU B 1291 -20.96 38.55 25.14
CA LEU B 1291 -20.80 38.84 23.71
C LEU B 1291 -22.10 39.34 23.09
N ASN B 1292 -22.19 40.65 22.89
CA ASN B 1292 -23.37 41.25 22.26
C ASN B 1292 -23.03 42.52 21.50
N ALA B 1293 -23.83 42.82 20.48
CA ALA B 1293 -23.66 44.01 19.66
C ALA B 1293 -25.00 44.61 19.29
N ILE B 1294 -25.19 45.87 19.67
CA ILE B 1294 -26.46 46.58 19.52
C ILE B 1294 -26.26 47.90 18.77
N LYS B 1295 -26.95 48.05 17.64
CA LYS B 1295 -26.85 49.27 16.83
C LYS B 1295 -28.18 50.00 16.67
N VAL B 1296 -28.13 51.33 16.73
CA VAL B 1296 -29.34 52.17 16.67
C VAL B 1296 -29.63 52.67 15.27
N TYR B 1297 -30.89 53.02 15.04
CA TYR B 1297 -31.30 53.63 13.79
C TYR B 1297 -32.59 54.43 13.98
N GLU B 1298 -32.66 55.59 13.32
CA GLU B 1298 -33.82 56.47 13.41
C GLU B 1298 -34.50 56.60 12.06
N VAL B 1299 -35.77 56.19 12.01
CA VAL B 1299 -36.62 56.41 10.86
C VAL B 1299 -37.04 57.88 10.83
N ASP B 1300 -37.24 58.42 9.63
CA ASP B 1300 -37.83 59.74 9.44
C ASP B 1300 -38.96 59.98 10.45
N LYS B 1301 -38.62 60.65 11.55
CA LYS B 1301 -39.57 60.95 12.63
C LYS B 1301 -40.48 62.10 12.21
N GLN B 1302 -41.78 61.86 12.23
CA GLN B 1302 -42.76 62.84 11.76
C GLN B 1302 -43.08 63.89 12.83
N ASN B 1303 -43.56 65.05 12.39
CA ASN B 1303 -43.95 66.13 13.31
C ASN B 1303 -45.46 66.16 13.59
N VAL B 1304 -45.85 66.82 14.68
CA VAL B 1304 -47.25 66.87 15.11
C VAL B 1304 -48.23 67.39 14.04
N CYS B 1305 -47.72 68.21 13.11
CA CYS B 1305 -48.54 68.83 12.07
C CYS B 1305 -48.95 67.86 10.96
N GLU B 1306 -48.19 66.77 10.84
CA GLU B 1306 -48.36 65.81 9.77
C GLU B 1306 -49.27 64.65 10.19
N ILE B 1307 -49.75 64.69 11.42
CA ILE B 1307 -50.36 63.52 12.07
C ILE B 1307 -51.77 63.77 12.63
N CYS B 1308 -52.02 64.99 13.09
CA CYS B 1308 -53.26 65.30 13.83
C CYS B 1308 -54.53 65.32 12.97
N GLU B 1309 -55.67 65.03 13.62
CA GLU B 1309 -56.98 65.29 13.06
C GLU B 1309 -57.34 66.74 13.38
N GLU B 1310 -57.72 67.50 12.35
CA GLU B 1310 -57.89 68.96 12.41
C GLU B 1310 -58.36 69.57 13.75
N GLU B 1311 -59.21 68.83 14.47
CA GLU B 1311 -59.71 69.25 15.78
C GLU B 1311 -58.59 69.45 16.80
N ASP B 1312 -57.74 68.43 16.96
CA ASP B 1312 -56.71 68.41 18.02
C ASP B 1312 -55.41 69.17 17.70
N CYS B 1313 -55.33 69.74 16.49
CA CYS B 1313 -54.08 70.33 15.98
C CYS B 1313 -53.62 71.58 16.71
N PRO B 1314 -52.30 71.68 17.00
CA PRO B 1314 -51.71 72.79 17.75
C PRO B 1314 -51.74 74.12 17.00
N ALA B 1315 -51.54 75.22 17.74
CA ALA B 1315 -51.55 76.57 17.18
C ALA B 1315 -50.32 76.88 16.33
N GLU B 1316 -49.31 76.03 16.43
CA GLU B 1316 -48.09 76.15 15.64
C GLU B 1316 -48.34 75.94 14.13
N CYS B 1317 -49.45 75.28 13.80
CA CYS B 1317 -49.85 75.06 12.41
C CYS B 1317 -51.36 74.94 12.29
N LEU C 1 30.83 -46.90 -39.46
CA LEU C 1 31.41 -46.67 -38.11
C LEU C 1 31.87 -45.24 -37.86
N LEU C 2 31.67 -44.77 -36.64
CA LEU C 2 32.26 -43.52 -36.17
C LEU C 2 33.09 -43.79 -34.91
N VAL C 3 34.41 -43.70 -35.06
CA VAL C 3 35.35 -43.99 -33.99
C VAL C 3 35.89 -42.69 -33.42
N VAL C 4 35.65 -42.45 -32.13
CA VAL C 4 36.02 -41.20 -31.47
C VAL C 4 36.59 -41.45 -30.07
N GLY C 5 37.76 -40.89 -29.81
CA GLY C 5 38.41 -40.95 -28.50
C GLY C 5 39.34 -39.76 -28.28
N PRO C 6 39.98 -39.68 -27.11
CA PRO C 6 40.93 -38.57 -26.84
C PRO C 6 42.16 -38.67 -27.73
N LYS C 7 42.81 -37.53 -27.99
CA LYS C 7 44.07 -37.52 -28.75
C LYS C 7 45.30 -37.42 -27.82
N PHE C 8 45.03 -37.36 -26.52
CA PHE C 8 46.09 -37.28 -25.52
C PHE C 8 46.04 -38.41 -24.50
N ILE C 9 47.22 -38.85 -24.06
CA ILE C 9 47.34 -39.87 -23.02
C ILE C 9 48.12 -39.31 -21.83
N ARG C 10 47.81 -39.80 -20.63
CA ARG C 10 48.55 -39.39 -19.44
C ARG C 10 48.99 -40.61 -18.65
N ALA C 11 50.04 -40.43 -17.84
CA ALA C 11 50.61 -41.49 -17.01
C ALA C 11 49.54 -42.41 -16.40
N ASN C 12 48.75 -41.89 -15.47
CA ASN C 12 47.69 -42.67 -14.85
C ASN C 12 46.30 -42.21 -15.24
N GLN C 13 46.09 -42.02 -16.55
CA GLN C 13 44.80 -41.61 -17.09
C GLN C 13 44.07 -42.79 -17.75
N GLU C 14 42.77 -42.87 -17.51
CA GLU C 14 41.92 -43.78 -18.27
C GLU C 14 41.76 -43.23 -19.68
N TYR C 15 41.54 -44.13 -20.63
CA TYR C 15 41.34 -43.78 -22.02
C TYR C 15 40.10 -44.50 -22.53
N THR C 16 39.00 -43.77 -22.61
CA THR C 16 37.73 -44.34 -23.04
C THR C 16 37.42 -43.99 -24.50
N LEU C 17 37.56 -44.97 -25.38
CA LEU C 17 37.31 -44.80 -26.81
C LEU C 17 35.92 -45.30 -27.14
N VAL C 18 35.14 -44.46 -27.79
CA VAL C 18 33.73 -44.76 -28.07
C VAL C 18 33.48 -45.03 -29.56
N ILE C 19 32.99 -46.23 -29.86
CA ILE C 19 32.69 -46.66 -31.23
C ILE C 19 31.16 -46.73 -31.44
N SER C 20 30.70 -46.16 -32.56
CA SER C 20 29.28 -46.14 -32.90
C SER C 20 29.02 -46.81 -34.25
N ASN C 21 28.22 -47.89 -34.26
CA ASN C 21 27.89 -48.57 -35.52
C ASN C 21 26.51 -48.23 -36.06
N PHE C 22 26.53 -47.38 -37.08
CA PHE C 22 25.34 -47.00 -37.82
C PHE C 22 25.31 -47.69 -39.19
N ASN C 23 26.40 -48.39 -39.52
CA ASN C 23 26.48 -49.18 -40.75
C ASN C 23 25.48 -50.34 -40.70
N SER C 24 24.47 -50.28 -41.58
CA SER C 24 23.32 -51.18 -41.53
C SER C 24 23.40 -52.35 -42.52
N GLN C 25 24.50 -52.45 -43.24
CA GLN C 25 24.77 -53.61 -44.12
C GLN C 25 24.84 -54.89 -43.28
N LEU C 26 25.64 -54.87 -42.23
CA LEU C 26 25.79 -56.00 -41.31
C LEU C 26 25.01 -55.79 -40.00
N SER C 27 24.68 -56.91 -39.33
CA SER C 27 23.94 -56.90 -38.08
C SER C 27 24.84 -56.75 -36.85
N LYS C 28 26.15 -56.82 -37.08
CA LYS C 28 27.16 -56.56 -36.05
C LYS C 28 28.46 -56.19 -36.75
N VAL C 29 29.40 -55.60 -36.01
CA VAL C 29 30.75 -55.35 -36.54
C VAL C 29 31.81 -55.81 -35.55
N ASP C 30 32.68 -56.71 -35.99
CA ASP C 30 33.78 -57.20 -35.17
C ASP C 30 35.05 -56.38 -35.39
N LEU C 31 35.67 -55.95 -34.28
CA LEU C 31 36.81 -55.04 -34.33
C LEU C 31 37.98 -55.50 -33.46
N LEU C 32 39.19 -55.25 -33.97
CA LEU C 32 40.42 -55.47 -33.23
C LEU C 32 41.10 -54.11 -32.99
N LEU C 33 41.45 -53.86 -31.74
CA LEU C 33 42.06 -52.59 -31.34
C LEU C 33 43.45 -52.83 -30.76
N LYS C 34 44.43 -52.07 -31.27
CA LYS C 34 45.80 -52.10 -30.77
C LYS C 34 46.26 -50.68 -30.44
N LEU C 35 46.74 -50.49 -29.22
CA LEU C 35 47.19 -49.17 -28.78
C LEU C 35 48.68 -49.22 -28.40
N GLU C 36 49.54 -49.18 -29.42
CA GLU C 36 50.99 -49.38 -29.23
C GLU C 36 51.76 -48.11 -28.88
N GLY C 37 52.88 -48.28 -28.20
CA GLY C 37 53.72 -47.16 -27.76
C GLY C 37 55.20 -47.49 -27.66
N GLU C 38 56.03 -46.50 -27.96
CA GLU C 38 57.49 -46.66 -27.91
C GLU C 38 58.17 -45.37 -27.46
N THR C 39 59.07 -45.48 -26.46
CA THR C 39 59.82 -44.32 -25.96
C THR C 39 60.76 -43.71 -27.02
N ASP C 40 61.36 -42.57 -26.67
CA ASP C 40 62.33 -41.91 -27.54
C ASP C 40 63.64 -42.71 -27.66
N ASN C 41 63.93 -43.51 -26.63
CA ASN C 41 65.03 -44.48 -26.67
C ASN C 41 64.83 -45.46 -27.81
N GLY C 42 63.67 -46.11 -27.82
CA GLY C 42 63.35 -47.18 -28.77
C GLY C 42 62.70 -48.37 -28.08
N LEU C 43 62.51 -48.25 -26.77
CA LEU C 43 61.87 -49.27 -25.95
C LEU C 43 60.37 -49.32 -26.18
N SER C 44 59.84 -50.53 -26.38
CA SER C 44 58.41 -50.73 -26.50
C SER C 44 57.73 -50.56 -25.13
N VAL C 45 56.70 -49.72 -25.08
CA VAL C 45 56.00 -49.41 -23.83
C VAL C 45 54.57 -49.98 -23.80
N LEU C 46 53.87 -49.87 -24.92
CA LEU C 46 52.46 -50.27 -24.99
C LEU C 46 52.15 -51.30 -26.06
N ASN C 47 51.38 -52.33 -25.66
CA ASN C 47 50.88 -53.37 -26.57
C ASN C 47 49.51 -53.88 -26.11
N VAL C 48 48.68 -52.96 -25.61
CA VAL C 48 47.32 -53.30 -25.20
C VAL C 48 46.43 -53.53 -26.42
N THR C 49 46.22 -54.82 -26.73
CA THR C 49 45.38 -55.24 -27.85
C THR C 49 44.07 -55.86 -27.37
N LYS C 50 42.95 -55.27 -27.78
CA LYS C 50 41.62 -55.76 -27.40
C LYS C 50 40.74 -56.06 -28.61
N MET C 51 39.81 -57.01 -28.45
CA MET C 51 38.84 -57.36 -29.50
C MET C 51 37.42 -57.21 -28.97
N VAL C 52 36.59 -56.51 -29.73
CA VAL C 52 35.17 -56.30 -29.38
C VAL C 52 34.23 -56.29 -30.58
N ASP C 53 32.97 -56.61 -30.31
CA ASP C 53 31.90 -56.51 -31.31
C ASP C 53 30.95 -55.35 -31.01
N VAL C 54 30.71 -54.52 -32.02
CA VAL C 54 29.78 -53.40 -31.90
C VAL C 54 28.56 -53.69 -32.77
N ARG C 55 27.45 -54.00 -32.09
CA ARG C 55 26.21 -54.35 -32.77
C ARG C 55 25.70 -53.18 -33.58
N ARG C 56 24.70 -53.44 -34.42
CA ARG C 56 24.08 -52.38 -35.21
C ARG C 56 23.33 -51.41 -34.31
N ASN C 57 23.34 -50.14 -34.70
CA ASN C 57 22.59 -49.08 -34.00
C ASN C 57 22.80 -49.01 -32.49
N MET C 58 24.05 -49.17 -32.05
CA MET C 58 24.44 -48.94 -30.66
C MET C 58 25.90 -48.52 -30.51
N ASN C 59 26.25 -48.07 -29.30
CA ASN C 59 27.60 -47.67 -28.95
C ASN C 59 28.30 -48.74 -28.13
N ARG C 60 29.63 -48.84 -28.25
CA ARG C 60 30.40 -49.52 -27.23
C ARG C 60 31.55 -48.64 -26.73
N MET C 61 31.61 -48.48 -25.42
CA MET C 61 32.63 -47.69 -24.76
C MET C 61 33.74 -48.60 -24.28
N ILE C 62 34.96 -48.33 -24.75
CA ILE C 62 36.11 -49.16 -24.46
C ILE C 62 37.06 -48.40 -23.53
N ASN C 63 37.51 -49.06 -22.47
CA ASN C 63 38.49 -48.48 -21.55
C ASN C 63 39.87 -49.08 -21.73
N PHE C 64 40.85 -48.21 -21.91
CA PHE C 64 42.26 -48.59 -21.88
C PHE C 64 42.92 -47.95 -20.66
N ASN C 65 43.27 -48.77 -19.68
CA ASN C 65 43.97 -48.27 -18.50
C ASN C 65 45.46 -48.15 -18.79
N MET C 66 46.01 -46.96 -18.55
CA MET C 66 47.40 -46.66 -18.91
C MET C 66 48.39 -47.00 -17.80
N PRO C 67 49.52 -47.64 -18.17
CA PRO C 67 50.57 -47.98 -17.20
C PRO C 67 51.22 -46.73 -16.60
N GLU C 68 51.32 -46.71 -15.27
CA GLU C 68 51.91 -45.59 -14.53
C GLU C 68 53.26 -45.18 -15.12
N GLU C 69 53.91 -46.15 -15.78
CA GLU C 69 55.24 -45.99 -16.35
C GLU C 69 55.25 -45.61 -17.84
N LEU C 70 54.57 -44.51 -18.17
CA LEU C 70 54.61 -43.98 -19.54
C LEU C 70 55.62 -42.84 -19.64
N THR C 71 56.49 -42.91 -20.65
CA THR C 71 57.40 -41.81 -20.96
C THR C 71 57.31 -41.43 -22.44
N ALA C 72 57.58 -40.16 -22.73
CA ALA C 72 57.34 -39.58 -24.05
C ALA C 72 58.00 -40.35 -25.18
N GLY C 73 57.29 -40.46 -26.29
CA GLY C 73 57.81 -41.15 -27.46
C GLY C 73 56.87 -41.12 -28.63
N ASN C 74 56.31 -42.28 -28.96
CA ASN C 74 55.48 -42.44 -30.15
C ASN C 74 54.32 -43.41 -29.89
N TYR C 75 53.11 -42.88 -29.89
CA TYR C 75 51.91 -43.64 -29.53
C TYR C 75 50.85 -43.54 -30.64
N LYS C 76 50.11 -44.63 -30.89
CA LYS C 76 48.91 -44.56 -31.75
C LYS C 76 47.88 -45.68 -31.54
N ILE C 77 46.60 -45.34 -31.70
CA ILE C 77 45.49 -46.29 -31.66
C ILE C 77 45.17 -46.76 -33.08
N THR C 78 44.94 -48.07 -33.23
CA THR C 78 44.61 -48.65 -34.51
C THR C 78 43.36 -49.53 -34.44
N ILE C 79 42.29 -49.06 -35.07
CA ILE C 79 41.04 -49.83 -35.18
C ILE C 79 40.99 -50.55 -36.53
N ASP C 80 41.39 -51.82 -36.54
CA ASP C 80 41.31 -52.66 -37.72
C ASP C 80 40.12 -53.60 -37.58
N GLY C 81 39.39 -53.80 -38.69
CA GLY C 81 38.16 -54.59 -38.68
C GLY C 81 38.33 -56.04 -39.09
N GLN C 82 38.02 -56.95 -38.16
CA GLN C 82 38.13 -58.39 -38.40
C GLN C 82 36.84 -58.97 -39.04
N ARG C 83 36.74 -60.32 -39.06
CA ARG C 83 35.63 -61.04 -39.71
C ARG C 83 35.34 -60.55 -41.13
N GLY C 84 34.06 -60.39 -41.46
CA GLY C 84 33.66 -59.99 -42.83
C GLY C 84 33.70 -58.51 -43.17
N PHE C 85 34.25 -57.68 -42.28
CA PHE C 85 34.21 -56.23 -42.46
C PHE C 85 35.58 -55.62 -42.79
N SER C 86 35.69 -55.07 -44.00
CA SER C 86 36.90 -54.39 -44.45
C SER C 86 36.91 -52.96 -43.93
N PHE C 87 37.71 -52.75 -42.88
CA PHE C 87 37.87 -51.45 -42.25
C PHE C 87 39.20 -51.39 -41.50
N HIS C 88 39.94 -50.30 -41.70
CA HIS C 88 41.21 -50.08 -41.04
C HIS C 88 41.61 -48.63 -41.07
N LYS C 89 41.44 -47.95 -39.94
CA LYS C 89 41.88 -46.56 -39.78
C LYS C 89 42.64 -46.39 -38.46
N GLU C 90 43.61 -45.49 -38.45
CA GLU C 90 44.50 -45.30 -37.31
C GLU C 90 44.71 -43.81 -37.01
N ALA C 91 45.06 -43.51 -35.76
CA ALA C 91 45.25 -42.14 -35.31
C ALA C 91 46.33 -42.01 -34.25
N GLU C 92 47.25 -41.08 -34.48
CA GLU C 92 48.40 -40.88 -33.62
C GLU C 92 48.07 -40.08 -32.36
N LEU C 93 48.59 -40.54 -31.22
CA LEU C 93 48.31 -39.92 -29.92
C LEU C 93 49.52 -39.24 -29.28
N VAL C 94 49.27 -38.10 -28.63
CA VAL C 94 50.32 -37.35 -27.96
C VAL C 94 50.38 -37.65 -26.47
N TYR C 95 51.56 -37.49 -25.88
CA TYR C 95 51.77 -37.64 -24.43
C TYR C 95 51.77 -36.26 -23.75
N LEU C 96 50.98 -36.13 -22.69
CA LEU C 96 51.03 -34.95 -21.83
C LEU C 96 51.67 -35.32 -20.49
N SER C 97 52.90 -34.87 -20.29
CA SER C 97 53.68 -35.20 -19.09
C SER C 97 53.03 -34.65 -17.81
N LYS C 98 52.67 -33.37 -17.83
CA LYS C 98 52.10 -32.72 -16.65
C LYS C 98 50.57 -32.72 -16.64
N SER C 99 50.00 -32.80 -15.45
CA SER C 99 48.57 -32.57 -15.26
C SER C 99 48.31 -31.10 -14.96
N ILE C 100 49.36 -30.28 -15.09
CA ILE C 100 49.29 -28.84 -14.85
C ILE C 100 49.84 -28.06 -16.05
N SER C 101 49.27 -26.87 -16.29
CA SER C 101 49.83 -25.92 -17.25
C SER C 101 50.08 -24.55 -16.58
N GLY C 102 51.00 -23.78 -17.17
CA GLY C 102 51.45 -22.53 -16.57
C GLY C 102 51.44 -21.32 -17.48
N LEU C 103 51.38 -20.15 -16.87
CA LEU C 103 51.32 -18.88 -17.60
C LEU C 103 52.28 -17.87 -17.02
N ILE C 104 53.02 -17.19 -17.89
CA ILE C 104 53.91 -16.11 -17.47
C ILE C 104 53.38 -14.77 -17.97
N GLN C 105 52.95 -13.93 -17.04
CA GLN C 105 52.48 -12.57 -17.37
C GLN C 105 53.61 -11.57 -17.15
N VAL C 106 53.86 -10.70 -18.12
CA VAL C 106 54.88 -9.68 -18.01
C VAL C 106 54.27 -8.31 -18.31
N ASP C 107 54.60 -7.30 -17.50
CA ASP C 107 53.92 -6.00 -17.57
C ASP C 107 54.14 -5.22 -18.87
N LYS C 108 55.27 -5.46 -19.52
CA LYS C 108 55.53 -4.87 -20.84
C LYS C 108 56.06 -5.95 -21.78
N PRO C 109 56.14 -5.64 -23.09
CA PRO C 109 56.82 -6.54 -24.01
C PRO C 109 58.29 -6.15 -24.23
N VAL C 110 58.59 -4.87 -24.14
CA VAL C 110 59.95 -4.35 -24.34
C VAL C 110 60.34 -3.37 -23.23
N PHE C 111 61.64 -3.32 -22.91
CA PHE C 111 62.14 -2.49 -21.81
C PHE C 111 63.30 -1.57 -22.17
N LYS C 112 63.19 -0.31 -21.74
CA LYS C 112 64.29 0.66 -21.80
C LYS C 112 65.29 0.31 -20.68
N PRO C 113 66.58 0.68 -20.87
CA PRO C 113 67.65 0.35 -19.92
C PRO C 113 67.25 0.33 -18.44
N GLY C 114 66.98 1.48 -17.83
CA GLY C 114 66.79 1.54 -16.38
C GLY C 114 65.45 1.04 -15.84
N ASP C 115 64.83 0.06 -16.51
CA ASP C 115 63.49 -0.41 -16.15
C ASP C 115 63.47 -1.57 -15.14
N THR C 116 62.28 -1.86 -14.63
CA THR C 116 62.03 -3.03 -13.78
C THR C 116 61.00 -3.96 -14.41
N VAL C 117 61.48 -5.08 -14.94
CA VAL C 117 60.64 -6.12 -15.52
C VAL C 117 59.76 -6.74 -14.43
N ASN C 118 58.44 -6.68 -14.63
CA ASN C 118 57.51 -7.28 -13.68
C ASN C 118 56.81 -8.50 -14.26
N PHE C 119 56.86 -9.60 -13.52
CA PHE C 119 56.27 -10.83 -13.99
C PHE C 119 55.47 -11.58 -12.94
N ARG C 120 54.37 -12.18 -13.38
CA ARG C 120 53.60 -13.11 -12.58
C ARG C 120 53.70 -14.50 -13.20
N VAL C 121 53.77 -15.52 -12.36
CA VAL C 121 53.72 -16.91 -12.83
C VAL C 121 52.46 -17.54 -12.26
N ILE C 122 51.65 -18.13 -13.14
CA ILE C 122 50.36 -18.70 -12.76
C ILE C 122 50.30 -20.19 -13.09
N LEU C 123 50.18 -21.02 -12.05
CA LEU C 123 50.01 -22.46 -12.23
C LEU C 123 48.56 -22.89 -12.10
N LEU C 124 48.10 -23.68 -13.07
CA LEU C 124 46.72 -24.18 -13.07
C LEU C 124 46.68 -25.67 -13.41
N ASP C 125 45.90 -26.42 -12.63
CA ASP C 125 45.68 -27.84 -12.90
C ASP C 125 44.57 -28.05 -13.93
N THR C 126 44.19 -29.31 -14.14
CA THR C 126 43.20 -29.65 -15.17
C THR C 126 41.76 -29.20 -14.84
N GLU C 127 41.53 -28.72 -13.62
CA GLU C 127 40.22 -28.20 -13.22
C GLU C 127 40.21 -26.66 -13.13
N LEU C 128 41.32 -26.04 -13.53
CA LEU C 128 41.52 -24.59 -13.45
C LEU C 128 41.62 -24.01 -12.02
N LYS C 129 41.86 -24.90 -11.05
CA LYS C 129 42.19 -24.52 -9.67
C LYS C 129 43.72 -24.46 -9.51
N PRO C 130 44.21 -23.88 -8.39
CA PRO C 130 45.65 -23.97 -8.13
C PRO C 130 46.04 -25.39 -7.69
N PRO C 131 47.08 -25.97 -8.31
CA PRO C 131 47.43 -27.39 -8.11
C PRO C 131 47.73 -27.69 -6.65
N ALA C 132 47.01 -28.65 -6.08
CA ALA C 132 47.21 -29.06 -4.69
C ALA C 132 48.51 -29.83 -4.48
N ARG C 133 49.07 -30.36 -5.56
CA ARG C 133 50.36 -31.04 -5.54
C ARG C 133 51.51 -30.04 -5.39
N VAL C 134 51.58 -29.07 -6.30
CA VAL C 134 52.69 -28.10 -6.37
C VAL C 134 52.55 -26.96 -5.37
N LYS C 135 53.61 -26.72 -4.60
CA LYS C 135 53.65 -25.66 -3.61
C LYS C 135 54.58 -24.50 -4.02
N SER C 136 55.62 -24.82 -4.78
CA SER C 136 56.57 -23.82 -5.28
C SER C 136 57.12 -24.20 -6.65
N VAL C 137 57.85 -23.28 -7.29
CA VAL C 137 58.42 -23.51 -8.62
C VAL C 137 59.91 -23.18 -8.69
N TYR C 138 60.44 -23.03 -9.91
CA TYR C 138 61.87 -22.75 -10.10
C TYR C 138 62.09 -21.80 -11.29
N VAL C 139 61.96 -20.50 -11.01
CA VAL C 139 62.00 -19.46 -12.03
C VAL C 139 63.43 -18.92 -12.23
N THR C 140 63.93 -19.00 -13.46
CA THR C 140 65.18 -18.36 -13.82
C THR C 140 65.00 -17.41 -14.99
N ILE C 141 65.73 -16.30 -14.98
CA ILE C 141 65.73 -15.36 -16.09
C ILE C 141 67.14 -15.32 -16.67
N ARG C 142 67.25 -15.45 -17.99
CA ARG C 142 68.53 -15.42 -18.69
C ARG C 142 68.63 -14.23 -19.63
N ASP C 143 69.83 -13.67 -19.74
CA ASP C 143 70.08 -12.55 -20.65
C ASP C 143 70.32 -13.04 -22.10
N PRO C 144 70.40 -12.12 -23.07
CA PRO C 144 70.51 -12.51 -24.49
C PRO C 144 71.71 -13.40 -24.82
N GLN C 145 72.56 -13.69 -23.84
CA GLN C 145 73.66 -14.63 -24.03
C GLN C 145 73.47 -15.90 -23.20
N ARG C 146 72.25 -16.08 -22.69
CA ARG C 146 71.86 -17.27 -21.91
C ARG C 146 72.43 -17.34 -20.47
N ASN C 147 73.08 -16.28 -20.02
CA ASN C 147 73.61 -16.19 -18.64
C ASN C 147 72.49 -16.12 -17.62
N VAL C 148 72.63 -16.83 -16.50
CA VAL C 148 71.58 -16.84 -15.47
C VAL C 148 71.66 -15.59 -14.60
N ILE C 149 70.89 -14.57 -14.98
CA ILE C 149 70.97 -13.28 -14.30
C ILE C 149 70.21 -13.29 -12.98
N ARG C 150 69.02 -13.87 -12.95
CA ARG C 150 68.37 -14.12 -11.67
C ARG C 150 67.85 -15.54 -11.54
N LYS C 151 67.45 -15.90 -10.32
CA LYS C 151 67.06 -17.28 -10.01
C LYS C 151 66.22 -17.30 -8.76
N TRP C 152 65.11 -18.04 -8.82
CA TRP C 152 64.29 -18.28 -7.64
C TRP C 152 64.21 -19.76 -7.43
N SER C 153 65.19 -20.27 -6.69
CA SER C 153 65.34 -21.72 -6.47
C SER C 153 64.08 -22.37 -5.88
N THR C 154 63.41 -21.64 -4.99
CA THR C 154 62.19 -22.13 -4.36
C THR C 154 61.15 -21.03 -4.23
N ALA C 155 60.51 -20.72 -5.35
CA ALA C 155 59.54 -19.63 -5.44
C ALA C 155 58.15 -20.08 -5.00
N LYS C 156 57.80 -19.78 -3.74
CA LYS C 156 56.53 -20.23 -3.17
C LYS C 156 55.33 -19.63 -3.89
N LEU C 157 54.34 -20.47 -4.19
CA LEU C 157 53.11 -20.02 -4.83
C LEU C 157 52.08 -19.63 -3.78
N TYR C 158 51.34 -18.57 -4.06
CA TYR C 158 50.13 -18.24 -3.31
C TYR C 158 48.94 -18.22 -4.26
N ALA C 159 47.92 -19.03 -3.96
CA ALA C 159 46.79 -19.27 -4.86
C ALA C 159 47.27 -19.59 -6.28
N GLY C 160 48.34 -20.38 -6.35
CA GLY C 160 48.95 -20.76 -7.62
C GLY C 160 49.63 -19.63 -8.37
N VAL C 161 49.94 -18.55 -7.67
CA VAL C 161 50.56 -17.39 -8.29
C VAL C 161 51.91 -17.09 -7.64
N PHE C 162 52.91 -16.77 -8.47
CA PHE C 162 54.17 -16.25 -7.96
C PHE C 162 54.45 -14.89 -8.61
N GLU C 163 54.59 -13.87 -7.77
CA GLU C 163 54.83 -12.51 -8.24
C GLU C 163 56.24 -12.08 -7.89
N SER C 164 56.94 -11.47 -8.84
CA SER C 164 58.29 -10.98 -8.60
C SER C 164 58.74 -9.91 -9.59
N ASP C 165 60.01 -9.51 -9.52
CA ASP C 165 60.55 -8.43 -10.34
C ASP C 165 62.04 -8.61 -10.64
N LEU C 166 62.52 -7.88 -11.65
CA LEU C 166 63.92 -7.86 -12.02
C LEU C 166 64.29 -6.50 -12.59
N GLN C 167 65.30 -5.87 -12.00
CA GLN C 167 65.77 -4.56 -12.47
C GLN C 167 66.83 -4.73 -13.56
N ILE C 168 66.60 -4.04 -14.68
CA ILE C 168 67.57 -4.01 -15.75
C ILE C 168 68.52 -2.85 -15.45
N VAL C 169 69.82 -3.13 -15.46
CA VAL C 169 70.83 -2.15 -15.04
C VAL C 169 71.04 -1.00 -16.04
N PRO C 170 71.51 0.17 -15.54
CA PRO C 170 71.85 1.37 -16.30
C PRO C 170 72.41 1.15 -17.72
N THR C 171 73.39 0.26 -17.84
CA THR C 171 73.96 -0.10 -19.16
C THR C 171 73.96 -1.62 -19.36
N PRO C 172 72.85 -2.17 -19.87
CA PRO C 172 72.59 -3.59 -19.83
C PRO C 172 72.87 -4.29 -21.14
N MET C 173 72.72 -5.61 -21.12
CA MET C 173 72.85 -6.42 -22.32
C MET C 173 71.53 -6.35 -23.09
N LEU C 174 71.62 -5.87 -24.34
CA LEU C 174 70.43 -5.68 -25.18
C LEU C 174 70.06 -6.94 -25.98
N GLY C 175 68.78 -7.10 -26.24
CA GLY C 175 68.28 -8.25 -27.00
C GLY C 175 67.11 -8.97 -26.33
N VAL C 176 67.04 -10.27 -26.56
CA VAL C 176 65.92 -11.07 -26.08
C VAL C 176 66.29 -11.80 -24.79
N TRP C 177 65.50 -11.57 -23.74
CA TRP C 177 65.68 -12.26 -22.47
C TRP C 177 64.68 -13.37 -22.33
N ASN C 178 64.92 -14.30 -21.40
CA ASN C 178 64.10 -15.50 -21.31
C ASN C 178 63.69 -15.91 -19.89
N ILE C 179 62.51 -15.49 -19.46
CA ILE C 179 61.90 -16.03 -18.25
C ILE C 179 61.50 -17.48 -18.52
N SER C 180 61.88 -18.41 -17.64
CA SER C 180 61.46 -19.79 -17.76
C SER C 180 61.19 -20.43 -16.41
N VAL C 181 60.00 -21.02 -16.28
CA VAL C 181 59.59 -21.67 -15.05
C VAL C 181 59.82 -23.17 -15.19
N GLU C 182 60.12 -23.82 -14.07
CA GLU C 182 60.33 -25.27 -14.03
C GLU C 182 59.61 -25.88 -12.82
N VAL C 183 58.90 -26.98 -13.05
CA VAL C 183 58.23 -27.72 -11.97
C VAL C 183 58.76 -29.15 -11.89
N GLU C 184 59.05 -29.59 -10.67
CA GLU C 184 59.52 -30.96 -10.39
C GLU C 184 60.68 -31.39 -11.31
N GLY C 185 61.41 -30.40 -11.85
CA GLY C 185 62.53 -30.66 -12.74
C GLY C 185 62.23 -30.53 -14.23
N GLU C 186 60.95 -30.45 -14.57
CA GLU C 186 60.51 -30.34 -15.97
C GLU C 186 60.01 -28.93 -16.24
N GLU C 187 60.45 -28.35 -17.36
CA GLU C 187 60.05 -26.99 -17.72
C GLU C 187 58.57 -26.92 -18.06
N LEU C 188 57.85 -26.03 -17.36
CA LEU C 188 56.40 -25.89 -17.52
C LEU C 188 56.00 -24.79 -18.51
N VAL C 189 56.70 -23.66 -18.48
CA VAL C 189 56.35 -22.51 -19.32
C VAL C 189 57.54 -21.57 -19.48
N SER C 190 57.56 -20.83 -20.59
CA SER C 190 58.66 -19.92 -20.91
C SER C 190 58.21 -18.72 -21.73
N LYS C 191 58.53 -17.52 -21.25
CA LYS C 191 58.21 -16.29 -21.98
C LYS C 191 59.44 -15.42 -22.23
N THR C 192 59.47 -14.76 -23.37
CA THR C 192 60.57 -13.85 -23.70
C THR C 192 60.17 -12.39 -23.46
N PHE C 193 61.16 -11.55 -23.18
CA PHE C 193 60.97 -10.09 -23.13
C PHE C 193 62.22 -9.43 -23.71
N GLU C 194 62.03 -8.26 -24.33
CA GLU C 194 63.12 -7.62 -25.04
C GLU C 194 63.62 -6.35 -24.33
N VAL C 195 64.90 -6.05 -24.55
CA VAL C 195 65.53 -4.84 -24.02
C VAL C 195 66.22 -4.10 -25.15
N LYS C 196 65.72 -2.91 -25.47
CA LYS C 196 66.29 -2.07 -26.53
C LYS C 196 66.64 -0.67 -26.01
N GLU C 197 67.72 -0.11 -26.54
CA GLU C 197 68.13 1.25 -26.20
C GLU C 197 67.57 2.20 -27.25
N TYR C 198 66.74 3.14 -26.81
CA TYR C 198 66.07 4.08 -27.71
C TYR C 198 66.78 5.44 -27.77
N VAL C 199 68.05 5.42 -28.18
CA VAL C 199 68.86 6.63 -28.32
C VAL C 199 68.88 7.15 -29.77
N LEU C 200 69.97 7.84 -30.14
CA LEU C 200 70.17 8.44 -31.47
C LEU C 200 69.38 9.74 -31.66
N SER C 201 69.86 10.58 -32.60
CA SER C 201 69.22 11.84 -32.95
C SER C 201 68.13 11.61 -34.01
N THR C 202 67.57 10.41 -34.01
CA THR C 202 66.60 9.96 -35.02
C THR C 202 65.14 10.28 -34.64
N PHE C 203 64.43 10.95 -35.55
CA PHE C 203 63.05 11.38 -35.30
C PHE C 203 62.04 10.93 -36.34
N ASP C 204 60.77 10.86 -35.93
CA ASP C 204 59.65 10.42 -36.76
C ASP C 204 58.67 11.57 -37.07
N VAL C 205 58.16 11.59 -38.29
CA VAL C 205 57.16 12.57 -38.71
C VAL C 205 55.85 11.87 -39.06
N GLN C 206 54.74 12.51 -38.70
CA GLN C 206 53.40 12.04 -39.11
C GLN C 206 52.55 13.17 -39.65
N VAL C 207 51.77 12.86 -40.69
CA VAL C 207 50.91 13.83 -41.36
C VAL C 207 49.51 13.24 -41.44
N MET C 208 48.53 14.01 -40.99
CA MET C 208 47.13 13.57 -41.04
C MET C 208 46.20 14.77 -41.20
N PRO C 209 45.05 14.55 -41.87
CA PRO C 209 44.07 15.62 -42.04
C PRO C 209 43.42 15.99 -40.70
N SER C 210 43.59 17.25 -40.29
CA SER C 210 42.99 17.72 -39.03
C SER C 210 41.47 17.63 -39.07
N VAL C 211 40.91 17.66 -40.28
CA VAL C 211 39.50 17.35 -40.51
C VAL C 211 39.38 16.66 -41.86
N ILE C 212 38.63 15.55 -41.90
CA ILE C 212 38.47 14.79 -43.14
C ILE C 212 37.93 15.74 -44.21
N PRO C 213 38.67 15.85 -45.34
CA PRO C 213 38.37 16.85 -46.36
C PRO C 213 37.16 16.49 -47.22
N LEU C 214 36.31 17.48 -47.47
CA LEU C 214 35.22 17.35 -48.42
C LEU C 214 35.55 18.00 -49.75
N GLU C 215 34.91 17.51 -50.81
CA GLU C 215 34.99 18.13 -52.12
C GLU C 215 34.51 19.57 -51.99
N GLU C 216 33.43 19.74 -51.23
CA GLU C 216 32.83 21.05 -50.94
C GLU C 216 33.80 22.06 -50.31
N HIS C 217 34.80 21.55 -49.59
CA HIS C 217 35.78 22.42 -48.92
C HIS C 217 36.68 23.13 -49.88
N GLN C 218 37.05 22.45 -50.97
CA GLN C 218 38.06 22.94 -51.90
C GLN C 218 39.36 23.32 -51.17
N ALA C 219 39.68 22.54 -50.14
CA ALA C 219 40.83 22.79 -49.26
C ALA C 219 41.18 21.57 -48.42
N VAL C 220 42.47 21.44 -48.09
CA VAL C 220 42.93 20.39 -47.20
C VAL C 220 43.60 21.00 -45.97
N ASN C 221 43.12 20.59 -44.79
CA ASN C 221 43.68 21.03 -43.51
C ASN C 221 44.53 19.92 -42.91
N LEU C 222 45.73 20.26 -42.44
CA LEU C 222 46.65 19.23 -41.96
C LEU C 222 47.23 19.48 -40.57
N THR C 223 47.45 18.38 -39.85
CA THR C 223 48.21 18.36 -38.61
C THR C 223 49.58 17.74 -38.92
N ILE C 224 50.64 18.51 -38.72
CA ILE C 224 52.00 17.98 -38.87
C ILE C 224 52.60 17.81 -37.48
N GLU C 225 53.21 16.64 -37.25
CA GLU C 225 53.69 16.28 -35.92
C GLU C 225 55.02 15.52 -36.00
N ALA C 226 56.06 16.09 -35.40
CA ALA C 226 57.38 15.47 -35.40
C ALA C 226 57.95 15.33 -34.00
N ASN C 227 58.12 14.07 -33.58
CA ASN C 227 58.71 13.76 -32.28
C ASN C 227 59.94 12.86 -32.37
N TYR C 228 60.87 13.03 -31.43
CA TYR C 228 62.03 12.15 -31.32
C TYR C 228 61.63 10.82 -30.69
N HIS C 229 62.42 9.78 -30.97
CA HIS C 229 62.22 8.45 -30.38
C HIS C 229 62.27 8.49 -28.87
N PHE C 230 62.94 9.51 -28.34
CA PHE C 230 62.95 9.81 -26.90
C PHE C 230 61.55 10.13 -26.37
N GLY C 231 60.79 10.90 -27.15
CA GLY C 231 59.45 11.32 -26.75
C GLY C 231 59.27 12.83 -26.83
N LYS C 232 60.39 13.56 -26.88
CA LYS C 232 60.38 15.02 -26.94
C LYS C 232 60.04 15.54 -28.35
N PRO C 233 59.27 16.64 -28.43
CA PRO C 233 58.90 17.24 -29.71
C PRO C 233 60.11 17.81 -30.46
N VAL C 234 60.07 17.72 -31.80
CA VAL C 234 61.14 18.24 -32.66
C VAL C 234 60.84 19.65 -33.13
N GLN C 235 61.82 20.54 -33.02
CA GLN C 235 61.71 21.85 -33.64
C GLN C 235 62.32 21.77 -35.02
N GLY C 236 61.70 22.44 -35.98
CA GLY C 236 62.21 22.50 -37.34
C GLY C 236 61.29 23.23 -38.29
N VAL C 237 61.57 23.12 -39.58
CA VAL C 237 60.73 23.72 -40.61
C VAL C 237 60.13 22.62 -41.49
N ALA C 238 58.83 22.70 -41.70
CA ALA C 238 58.10 21.72 -42.51
C ALA C 238 57.85 22.27 -43.91
N LYS C 239 58.39 21.56 -44.91
CA LYS C 239 58.20 21.93 -46.31
C LYS C 239 57.04 21.09 -46.88
N VAL C 240 55.91 21.75 -47.10
CA VAL C 240 54.70 21.08 -47.56
C VAL C 240 54.54 21.16 -49.08
N GLU C 241 54.26 20.02 -49.71
CA GLU C 241 53.98 19.94 -51.14
C GLU C 241 52.70 19.14 -51.37
N LEU C 242 51.73 19.77 -52.03
CA LEU C 242 50.44 19.13 -52.33
C LEU C 242 50.32 18.79 -53.81
N TYR C 243 49.87 17.57 -54.09
CA TYR C 243 49.67 17.10 -55.46
C TYR C 243 48.22 16.71 -55.73
N LEU C 244 47.49 17.60 -56.41
CA LEU C 244 46.08 17.37 -56.75
C LEU C 244 45.93 16.45 -57.96
N ASP C 245 46.67 16.73 -59.02
CA ASP C 245 46.62 15.91 -60.24
C ASP C 245 47.96 15.21 -60.50
N ASP C 246 48.00 13.92 -60.19
CA ASP C 246 49.18 13.08 -60.32
C ASP C 246 50.46 13.73 -59.77
N ASP C 247 51.55 13.64 -60.51
CA ASP C 247 52.85 14.14 -60.07
C ASP C 247 53.08 15.60 -60.45
N LYS C 248 51.99 16.35 -60.62
CA LYS C 248 52.06 17.78 -60.94
C LYS C 248 51.88 18.67 -59.70
N LEU C 249 52.87 19.52 -59.45
CA LEU C 249 52.93 20.34 -58.23
C LEU C 249 51.88 21.45 -58.19
N ASN C 250 50.99 21.36 -57.20
CA ASN C 250 49.85 22.26 -57.06
C ASN C 250 50.10 23.43 -56.11
N GLN C 251 50.93 23.21 -55.09
CA GLN C 251 51.13 24.20 -54.03
C GLN C 251 52.36 23.89 -53.17
N LYS C 252 52.93 24.93 -52.55
CA LYS C 252 54.02 24.79 -51.59
C LYS C 252 53.93 25.79 -50.44
N LYS C 253 53.63 25.29 -49.25
CA LYS C 253 53.64 26.10 -48.03
C LYS C 253 54.76 25.63 -47.11
N GLU C 254 55.29 26.56 -46.30
CA GLU C 254 56.34 26.25 -45.33
C GLU C 254 56.00 26.84 -43.98
N LEU C 255 56.21 26.07 -42.93
CA LEU C 255 55.89 26.52 -41.59
C LEU C 255 56.86 26.00 -40.56
N THR C 256 57.20 26.86 -39.60
CA THR C 256 58.01 26.45 -38.46
C THR C 256 57.11 25.65 -37.51
N VAL C 257 57.51 24.41 -37.24
CA VAL C 257 56.73 23.53 -36.37
C VAL C 257 57.48 23.24 -35.08
N TYR C 258 56.78 23.38 -33.96
CA TYR C 258 57.33 23.07 -32.65
C TYR C 258 56.74 21.79 -32.11
N GLY C 259 56.88 20.71 -32.87
CA GLY C 259 56.36 19.41 -32.49
C GLY C 259 55.02 19.12 -33.14
N LYS C 260 54.12 20.11 -33.09
CA LYS C 260 52.78 19.96 -33.65
C LYS C 260 52.39 21.26 -34.34
N GLY C 261 51.91 21.16 -35.57
CA GLY C 261 51.56 22.33 -36.36
C GLY C 261 50.34 22.15 -37.24
N GLN C 262 49.67 23.27 -37.51
CA GLN C 262 48.52 23.28 -38.42
C GLN C 262 48.86 23.97 -39.73
N VAL C 263 48.38 23.41 -40.82
CA VAL C 263 48.54 24.03 -42.13
C VAL C 263 47.26 23.90 -42.95
N GLU C 264 46.91 24.98 -43.63
CA GLU C 264 45.77 25.02 -44.53
C GLU C 264 46.28 25.10 -45.97
N LEU C 265 45.76 24.22 -46.82
CA LEU C 265 46.12 24.20 -48.23
C LEU C 265 44.87 24.35 -49.10
N ARG C 266 44.66 25.56 -49.61
CA ARG C 266 43.47 25.89 -50.41
C ARG C 266 43.63 25.49 -51.86
N PHE C 267 42.52 25.14 -52.50
CA PHE C 267 42.53 24.83 -53.94
C PHE C 267 41.88 25.93 -54.76
N ASP C 268 42.11 25.86 -56.07
CA ASP C 268 41.41 26.67 -57.05
C ASP C 268 40.14 25.93 -57.44
N ASN C 269 40.30 24.92 -58.29
CA ASN C 269 39.19 24.07 -58.71
C ASN C 269 39.56 22.60 -58.64
N PHE C 270 38.76 21.84 -57.90
CA PHE C 270 38.93 20.40 -57.78
C PHE C 270 37.60 19.70 -57.92
N ALA C 271 37.29 19.28 -59.15
CA ALA C 271 36.11 18.46 -59.43
C ALA C 271 36.56 17.00 -59.58
N MET C 272 36.01 16.13 -58.74
CA MET C 272 36.39 14.72 -58.71
C MET C 272 35.65 13.93 -59.79
N ASP C 273 36.23 12.80 -60.19
CA ASP C 273 35.60 11.89 -61.14
C ASP C 273 34.58 11.00 -60.42
N ALA C 274 35.04 10.33 -59.35
CA ALA C 274 34.18 9.51 -58.51
C ALA C 274 33.71 10.32 -57.29
N ASP C 275 33.28 9.63 -56.23
CA ASP C 275 32.91 10.29 -54.98
C ASP C 275 34.07 10.32 -53.98
N GLN C 276 35.17 9.65 -54.33
CA GLN C 276 36.40 9.67 -53.54
C GLN C 276 37.59 9.83 -54.46
N GLN C 277 38.43 10.82 -54.17
CA GLN C 277 39.68 11.00 -54.90
C GLN C 277 40.82 11.23 -53.92
N ASP C 278 41.93 10.53 -54.15
CA ASP C 278 43.13 10.65 -53.32
C ASP C 278 43.97 11.89 -53.67
N VAL C 279 44.68 12.40 -52.67
CA VAL C 279 45.62 13.51 -52.87
C VAL C 279 46.93 13.15 -52.19
N ARG C 280 48.02 13.18 -52.96
CA ARG C 280 49.34 12.94 -52.40
C ARG C 280 49.87 14.24 -51.80
N VAL C 281 50.28 14.17 -50.54
CA VAL C 281 50.92 15.29 -49.87
C VAL C 281 52.28 14.85 -49.32
N LYS C 282 53.32 15.54 -49.79
CA LYS C 282 54.68 15.32 -49.30
C LYS C 282 55.00 16.38 -48.26
N VAL C 283 55.53 15.93 -47.12
CA VAL C 283 56.06 16.84 -46.11
C VAL C 283 57.54 16.52 -45.88
N SER C 284 58.35 17.59 -45.87
CA SER C 284 59.78 17.46 -45.58
C SER C 284 60.08 18.25 -44.32
N PHE C 285 60.51 17.54 -43.28
CA PHE C 285 60.80 18.16 -41.99
C PHE C 285 62.30 18.34 -41.81
N ILE C 286 62.72 19.59 -41.62
CA ILE C 286 64.15 19.92 -41.48
C ILE C 286 64.49 20.30 -40.03
N GLU C 287 65.12 19.36 -39.32
CA GLU C 287 65.51 19.54 -37.91
C GLU C 287 66.25 20.86 -37.68
N GLN C 288 65.85 21.57 -36.62
CA GLN C 288 66.19 22.98 -36.44
C GLN C 288 67.64 23.39 -36.74
N TYR C 289 68.61 22.81 -36.03
CA TYR C 289 69.99 23.26 -36.16
C TYR C 289 70.87 22.41 -37.06
N THR C 290 70.65 21.10 -37.05
CA THR C 290 71.44 20.18 -37.85
C THR C 290 71.13 20.29 -39.33
N ASN C 291 69.85 20.49 -39.65
CA ASN C 291 69.32 20.45 -41.01
C ASN C 291 68.98 19.02 -41.48
N ARG C 292 69.17 18.06 -40.59
CA ARG C 292 68.77 16.67 -40.83
C ARG C 292 67.31 16.63 -41.25
N THR C 293 67.04 16.05 -42.41
CA THR C 293 65.68 16.07 -42.97
C THR C 293 65.05 14.68 -43.00
N VAL C 294 63.77 14.61 -42.67
CA VAL C 294 62.98 13.39 -42.84
C VAL C 294 61.75 13.73 -43.68
N VAL C 295 61.59 12.97 -44.77
CA VAL C 295 60.49 13.19 -45.71
C VAL C 295 59.38 12.18 -45.46
N LYS C 296 58.15 12.66 -45.39
CA LYS C 296 56.99 11.78 -45.21
C LYS C 296 55.93 12.08 -46.26
N GLN C 297 55.47 11.02 -46.92
CA GLN C 297 54.45 11.12 -47.95
C GLN C 297 53.24 10.31 -47.57
N SER C 298 52.06 10.81 -47.92
CA SER C 298 50.80 10.16 -47.59
C SER C 298 49.71 10.52 -48.59
N GLN C 299 48.78 9.59 -48.81
CA GLN C 299 47.63 9.82 -49.68
C GLN C 299 46.42 10.20 -48.80
N ILE C 300 46.01 11.46 -48.89
CA ILE C 300 44.91 11.99 -48.09
C ILE C 300 43.61 11.99 -48.91
N THR C 301 42.64 11.18 -48.48
CA THR C 301 41.41 10.98 -49.26
C THR C 301 40.42 12.12 -49.08
N VAL C 302 39.88 12.59 -50.21
CA VAL C 302 38.83 13.61 -50.24
C VAL C 302 37.51 12.95 -50.62
N TYR C 303 36.42 13.40 -50.00
CA TYR C 303 35.12 12.77 -50.18
C TYR C 303 34.07 13.75 -50.69
N ARG C 304 33.13 13.21 -51.47
CA ARG C 304 31.97 13.97 -51.97
C ARG C 304 31.01 14.24 -50.83
N TYR C 305 30.52 13.16 -50.22
CA TYR C 305 29.48 13.20 -49.21
C TYR C 305 30.01 13.36 -47.79
N ALA C 306 29.15 13.89 -46.91
CA ALA C 306 29.50 14.11 -45.50
C ALA C 306 29.33 12.86 -44.63
N TYR C 307 29.05 11.72 -45.26
CA TYR C 307 28.91 10.45 -44.54
C TYR C 307 29.51 9.26 -45.30
N ARG C 308 29.82 8.20 -44.55
CA ARG C 308 30.26 6.92 -45.11
C ARG C 308 29.33 5.82 -44.58
N VAL C 309 29.28 4.68 -45.26
CA VAL C 309 28.37 3.58 -44.87
C VAL C 309 29.06 2.23 -44.87
N GLU C 310 28.87 1.48 -43.78
CA GLU C 310 29.36 0.10 -43.67
C GLU C 310 28.20 -0.85 -43.35
N LEU C 311 28.42 -2.14 -43.60
CA LEU C 311 27.39 -3.15 -43.39
C LEU C 311 27.67 -4.00 -42.14
N ILE C 312 26.85 -3.81 -41.11
CA ILE C 312 26.96 -4.57 -39.87
C ILE C 312 26.24 -5.92 -39.99
N LYS C 313 26.95 -6.93 -40.49
CA LYS C 313 26.42 -8.29 -40.64
C LYS C 313 26.39 -8.99 -39.29
N GLU C 314 25.32 -9.74 -39.02
CA GLU C 314 25.23 -10.55 -37.79
C GLU C 314 26.31 -11.64 -37.79
N SER C 315 26.64 -12.14 -38.97
CA SER C 315 27.70 -13.12 -39.18
C SER C 315 28.33 -12.87 -40.55
N PRO C 316 29.64 -13.16 -40.70
CA PRO C 316 30.36 -12.89 -41.96
C PRO C 316 29.77 -13.59 -43.19
N GLN C 317 29.04 -14.68 -42.96
CA GLN C 317 28.38 -15.41 -44.05
C GLN C 317 26.96 -15.79 -43.63
N PHE C 318 26.06 -15.86 -44.59
CA PHE C 318 24.68 -16.26 -44.32
C PHE C 318 24.44 -17.76 -44.56
N ARG C 319 23.61 -18.36 -43.70
CA ARG C 319 23.19 -19.75 -43.87
C ARG C 319 21.90 -19.79 -44.71
N PRO C 320 21.97 -20.36 -45.93
CA PRO C 320 20.88 -20.27 -46.91
C PRO C 320 19.63 -21.04 -46.47
N GLY C 321 18.55 -20.33 -46.19
CA GLY C 321 17.30 -20.94 -45.71
C GLY C 321 16.90 -20.39 -44.36
N LEU C 322 17.89 -20.00 -43.58
CA LEU C 322 17.67 -19.39 -42.26
C LEU C 322 17.80 -17.86 -42.33
N PRO C 323 16.87 -17.14 -41.67
CA PRO C 323 16.90 -15.68 -41.61
C PRO C 323 18.29 -15.11 -41.32
N PHE C 324 18.74 -14.21 -42.19
CA PHE C 324 20.00 -13.51 -42.00
C PHE C 324 19.75 -12.03 -41.75
N LYS C 325 19.93 -11.62 -40.50
CA LYS C 325 19.74 -10.22 -40.12
C LYS C 325 21.04 -9.42 -40.31
N CYS C 326 20.90 -8.13 -40.61
CA CYS C 326 22.03 -7.21 -40.77
C CYS C 326 21.54 -5.76 -40.75
N ALA C 327 22.45 -4.81 -40.90
CA ALA C 327 22.10 -3.39 -40.92
C ALA C 327 23.13 -2.53 -41.64
N LEU C 328 22.74 -1.30 -41.98
CA LEU C 328 23.64 -0.33 -42.57
C LEU C 328 23.98 0.73 -41.53
N GLN C 329 25.28 0.89 -41.24
CA GLN C 329 25.75 1.88 -40.27
C GLN C 329 26.22 3.15 -40.96
N PHE C 330 25.51 4.24 -40.70
CA PHE C 330 25.81 5.53 -41.32
C PHE C 330 26.67 6.35 -40.37
N THR C 331 27.97 6.42 -40.69
CA THR C 331 28.91 7.18 -39.89
C THR C 331 29.21 8.53 -40.51
N HIS C 332 29.04 9.61 -39.75
CA HIS C 332 29.53 10.93 -40.14
C HIS C 332 31.02 10.87 -40.26
N HIS C 333 31.59 11.73 -41.12
CA HIS C 333 33.05 11.78 -41.27
C HIS C 333 33.71 12.19 -40.00
N ASP C 334 34.38 11.24 -39.36
CA ASP C 334 34.89 11.37 -38.00
C ASP C 334 33.80 11.76 -36.99
N GLY C 335 33.16 10.74 -36.41
CA GLY C 335 32.25 10.98 -35.30
C GLY C 335 30.90 10.29 -35.37
N THR C 336 29.86 11.10 -35.17
CA THR C 336 28.49 10.65 -34.90
C THR C 336 27.89 9.66 -35.92
N PRO C 337 26.74 9.05 -35.57
CA PRO C 337 25.94 8.37 -36.58
C PRO C 337 25.12 9.37 -37.40
N ALA C 338 25.05 9.17 -38.72
CA ALA C 338 24.28 10.05 -39.59
C ALA C 338 22.78 9.83 -39.38
N LYS C 339 22.19 10.69 -38.56
CA LYS C 339 20.81 10.54 -38.13
C LYS C 339 19.83 11.16 -39.12
N GLY C 340 19.47 10.38 -40.14
CA GLY C 340 18.42 10.77 -41.08
C GLY C 340 18.81 10.86 -42.53
N ILE C 341 19.52 9.85 -43.02
CA ILE C 341 19.81 9.76 -44.45
C ILE C 341 18.76 8.89 -45.14
N THR C 342 18.00 9.50 -46.06
CA THR C 342 16.95 8.81 -46.80
C THR C 342 17.52 8.11 -48.04
N GLY C 343 17.08 6.88 -48.27
CA GLY C 343 17.50 6.11 -49.44
C GLY C 343 16.69 4.84 -49.62
N LYS C 344 16.99 4.12 -50.70
CA LYS C 344 16.32 2.84 -50.97
C LYS C 344 17.35 1.72 -50.97
N VAL C 345 17.09 0.70 -50.16
CA VAL C 345 17.93 -0.49 -50.10
C VAL C 345 17.29 -1.58 -50.94
N GLU C 346 18.06 -2.17 -51.84
CA GLU C 346 17.56 -3.20 -52.75
C GLU C 346 18.39 -4.49 -52.71
N VAL C 347 17.75 -5.59 -52.31
CA VAL C 347 18.33 -6.92 -52.38
C VAL C 347 17.51 -7.74 -53.37
N SER C 348 17.99 -7.83 -54.60
CA SER C 348 17.27 -8.47 -55.70
C SER C 348 17.12 -9.98 -55.48
N ASP C 349 18.14 -10.58 -54.89
CA ASP C 349 18.22 -12.03 -54.72
C ASP C 349 17.17 -12.61 -53.78
N VAL C 350 16.54 -11.74 -52.98
CA VAL C 350 15.41 -12.14 -52.14
C VAL C 350 14.17 -11.36 -52.61
N GLY C 351 14.41 -10.38 -53.49
CA GLY C 351 13.36 -9.50 -53.97
C GLY C 351 12.90 -8.56 -52.88
N PHE C 352 13.86 -8.03 -52.13
CA PHE C 352 13.58 -7.12 -51.03
C PHE C 352 13.94 -5.69 -51.40
N GLU C 353 12.96 -4.80 -51.28
CA GLU C 353 13.15 -3.39 -51.60
C GLU C 353 12.47 -2.52 -50.54
N THR C 354 13.27 -1.75 -49.83
CA THR C 354 12.76 -0.82 -48.83
C THR C 354 13.31 0.60 -49.02
N THR C 355 12.41 1.58 -48.92
CA THR C 355 12.80 2.99 -48.94
C THR C 355 12.55 3.56 -47.55
N THR C 356 13.63 3.82 -46.82
CA THR C 356 13.56 4.30 -45.45
C THR C 356 14.62 5.36 -45.19
N THR C 357 14.64 5.90 -43.98
CA THR C 357 15.68 6.84 -43.56
C THR C 357 16.45 6.25 -42.38
N SER C 358 17.75 6.55 -42.30
CA SER C 358 18.55 6.11 -41.16
C SER C 358 17.99 6.71 -39.86
N ASP C 359 17.95 5.90 -38.81
CA ASP C 359 17.32 6.28 -37.53
C ASP C 359 18.23 7.15 -36.65
N ASN C 360 17.80 7.35 -35.40
CA ASN C 360 18.58 8.11 -34.41
C ASN C 360 20.00 7.56 -34.25
N ASP C 361 20.10 6.24 -34.17
CA ASP C 361 21.39 5.55 -34.04
C ASP C 361 22.14 5.44 -35.38
N GLY C 362 21.54 5.98 -36.44
CA GLY C 362 22.17 6.03 -37.76
C GLY C 362 22.29 4.67 -38.43
N LEU C 363 21.15 3.98 -38.52
CA LEU C 363 21.15 2.63 -39.03
C LEU C 363 19.88 2.35 -39.85
N ILE C 364 20.03 1.51 -40.87
CA ILE C 364 18.91 0.92 -41.58
C ILE C 364 19.03 -0.59 -41.43
N LYS C 365 18.05 -1.21 -40.77
CA LYS C 365 18.11 -2.63 -40.44
C LYS C 365 17.45 -3.52 -41.49
N LEU C 366 18.22 -4.48 -41.99
CA LEU C 366 17.70 -5.46 -42.94
C LEU C 366 17.56 -6.83 -42.29
N GLU C 367 16.37 -7.43 -42.39
CA GLU C 367 16.13 -8.76 -41.85
C GLU C 367 15.74 -9.72 -42.98
N LEU C 368 16.69 -9.91 -43.89
CA LEU C 368 16.50 -10.67 -45.12
C LEU C 368 16.13 -12.14 -44.85
N GLN C 369 15.54 -12.77 -45.86
CA GLN C 369 15.22 -14.19 -45.79
C GLN C 369 15.59 -14.91 -47.09
N PRO C 370 16.88 -15.29 -47.24
CA PRO C 370 17.32 -16.06 -48.41
C PRO C 370 16.75 -17.48 -48.38
N SER C 371 16.39 -18.01 -49.54
CA SER C 371 15.79 -19.34 -49.64
C SER C 371 16.85 -20.44 -49.78
N GLU C 372 16.39 -21.69 -49.89
CA GLU C 372 17.28 -22.85 -50.05
C GLU C 372 18.33 -22.63 -51.15
N GLY C 373 17.90 -22.10 -52.29
CA GLY C 373 18.81 -21.79 -53.39
C GLY C 373 19.10 -20.31 -53.55
N THR C 374 20.08 -19.81 -52.80
CA THR C 374 20.52 -18.42 -52.90
C THR C 374 22.05 -18.37 -52.85
N GLU C 375 22.66 -17.93 -53.94
CA GLU C 375 24.12 -17.92 -54.08
C GLU C 375 24.77 -16.75 -53.32
N GLN C 376 24.51 -15.53 -53.77
CA GLN C 376 25.02 -14.33 -53.14
C GLN C 376 23.86 -13.40 -52.79
N LEU C 377 24.09 -12.48 -51.85
CA LEU C 377 23.13 -11.44 -51.51
C LEU C 377 23.67 -10.07 -51.91
N GLY C 378 22.99 -9.45 -52.88
CA GLY C 378 23.39 -8.15 -53.38
C GLY C 378 22.69 -7.03 -52.64
N ILE C 379 23.26 -6.62 -51.51
CA ILE C 379 22.71 -5.50 -50.73
C ILE C 379 23.10 -4.19 -51.40
N ASN C 380 22.15 -3.63 -52.14
CA ASN C 380 22.36 -2.41 -52.92
C ASN C 380 21.58 -1.24 -52.33
N PHE C 381 22.29 -0.15 -52.05
CA PHE C 381 21.69 1.05 -51.47
C PHE C 381 21.97 2.28 -52.33
N ASN C 382 20.90 2.93 -52.78
CA ASN C 382 20.99 4.19 -53.53
C ASN C 382 20.22 5.29 -52.81
N ALA C 383 20.89 6.41 -52.57
CA ALA C 383 20.32 7.48 -51.75
C ALA C 383 19.70 8.61 -52.58
N VAL C 384 18.85 9.41 -51.93
CA VAL C 384 18.18 10.53 -52.58
C VAL C 384 19.15 11.64 -53.02
N ASP C 385 20.29 11.74 -52.34
CA ASP C 385 21.34 12.68 -52.76
C ASP C 385 22.38 12.05 -53.70
N GLY C 386 22.10 10.83 -54.15
CA GLY C 386 22.92 10.14 -55.14
C GLY C 386 23.97 9.19 -54.60
N PHE C 387 24.11 9.15 -53.27
CA PHE C 387 25.06 8.25 -52.61
C PHE C 387 24.82 6.79 -53.02
N PHE C 388 25.90 6.08 -53.33
CA PHE C 388 25.83 4.70 -53.80
C PHE C 388 26.65 3.76 -52.92
N PHE C 389 26.07 2.60 -52.59
CA PHE C 389 26.76 1.57 -51.81
C PHE C 389 26.24 0.16 -52.09
N TYR C 390 27.16 -0.74 -52.46
CA TYR C 390 26.85 -2.15 -52.65
C TYR C 390 27.98 -3.05 -52.13
N GLU C 391 27.64 -3.92 -51.17
CA GLU C 391 28.55 -4.95 -50.67
C GLU C 391 27.83 -6.31 -50.71
N ASP C 392 28.51 -7.32 -51.25
CA ASP C 392 27.93 -8.65 -51.42
C ASP C 392 28.15 -9.54 -50.19
N VAL C 393 27.12 -10.30 -49.82
CA VAL C 393 27.19 -11.27 -48.73
C VAL C 393 27.09 -12.70 -49.30
N ASN C 394 28.01 -13.56 -48.88
CA ASN C 394 28.07 -14.92 -49.43
C ASN C 394 27.62 -16.00 -48.46
N LYS C 395 27.23 -17.15 -49.01
CA LYS C 395 26.75 -18.29 -48.21
C LYS C 395 27.86 -18.98 -47.43
N VAL C 396 27.49 -19.67 -46.35
CA VAL C 396 28.44 -20.47 -45.55
C VAL C 396 29.08 -21.52 -46.45
N GLU C 397 30.39 -21.76 -46.27
CA GLU C 397 31.12 -22.75 -47.06
C GLU C 397 30.55 -24.18 -46.88
N THR C 398 29.52 -24.46 -47.67
CA THR C 398 28.71 -25.66 -47.53
C THR C 398 29.50 -26.93 -47.85
N VAL C 399 29.95 -27.62 -46.81
CA VAL C 399 30.57 -28.93 -46.98
C VAL C 399 29.46 -29.98 -47.09
N THR C 400 28.28 -29.64 -46.57
CA THR C 400 27.08 -30.51 -46.62
C THR C 400 25.81 -29.72 -46.97
N ASP C 401 25.68 -28.53 -46.40
CA ASP C 401 24.44 -27.71 -46.43
C ASP C 401 23.26 -28.40 -45.74
N ALA C 402 23.57 -29.32 -44.82
CA ALA C 402 22.59 -30.00 -44.01
C ALA C 402 23.17 -30.18 -42.60
N TYR C 403 22.65 -29.42 -41.65
CA TYR C 403 23.28 -29.26 -40.34
C TYR C 403 22.57 -29.99 -39.20
N ILE C 404 23.18 -29.89 -38.01
CA ILE C 404 22.54 -30.30 -36.74
C ILE C 404 22.89 -29.28 -35.65
N LYS C 405 21.87 -28.71 -35.03
CA LYS C 405 22.06 -27.67 -34.01
C LYS C 405 21.68 -28.16 -32.62
N LEU C 406 22.59 -27.99 -31.67
CA LEU C 406 22.35 -28.33 -30.27
C LEU C 406 22.15 -27.06 -29.45
N GLU C 407 21.09 -27.03 -28.65
CA GLU C 407 20.76 -25.86 -27.82
C GLU C 407 20.42 -26.24 -26.39
N LEU C 408 21.29 -25.86 -25.45
CA LEU C 408 21.10 -26.12 -24.02
C LEU C 408 19.89 -25.36 -23.49
N LYS C 409 18.85 -26.11 -23.12
CA LYS C 409 17.53 -25.54 -22.84
C LYS C 409 17.29 -25.04 -21.41
N SER C 410 18.26 -25.25 -20.52
CA SER C 410 18.15 -24.78 -19.12
C SER C 410 19.54 -24.68 -18.45
N PRO C 411 19.63 -23.98 -17.29
CA PRO C 411 20.93 -23.80 -16.62
C PRO C 411 21.48 -25.12 -16.06
N ILE C 412 22.78 -25.31 -16.21
CA ILE C 412 23.45 -26.56 -15.85
C ILE C 412 23.78 -26.62 -14.36
N LYS C 413 22.84 -27.09 -13.56
CA LYS C 413 23.09 -27.30 -12.13
C LYS C 413 23.67 -28.70 -11.91
N ARG C 414 24.56 -28.81 -10.93
CA ARG C 414 25.13 -30.10 -10.51
C ARG C 414 24.05 -31.03 -9.98
N ASN C 415 24.17 -32.32 -10.31
CA ASN C 415 23.19 -33.36 -9.95
C ASN C 415 21.85 -33.27 -10.65
N LYS C 416 21.32 -32.04 -10.80
CA LYS C 416 20.06 -31.80 -11.51
C LYS C 416 20.14 -32.24 -12.98
N LEU C 417 18.97 -32.41 -13.59
CA LEU C 417 18.88 -32.83 -14.99
C LEU C 417 19.39 -31.75 -15.94
N MET C 418 20.02 -32.18 -17.03
CA MET C 418 20.44 -31.29 -18.10
C MET C 418 19.53 -31.51 -19.29
N ARG C 419 18.90 -30.43 -19.76
CA ARG C 419 18.00 -30.50 -20.91
C ARG C 419 18.59 -29.80 -22.12
N PHE C 420 18.47 -30.46 -23.28
CA PHE C 420 19.03 -29.98 -24.53
C PHE C 420 17.98 -30.05 -25.64
N MET C 421 18.10 -29.18 -26.64
CA MET C 421 17.21 -29.19 -27.78
C MET C 421 18.00 -29.40 -29.07
N VAL C 422 17.82 -30.56 -29.67
CA VAL C 422 18.52 -30.93 -30.90
C VAL C 422 17.65 -30.63 -32.11
N THR C 423 18.16 -29.83 -33.03
CA THR C 423 17.45 -29.52 -34.26
C THR C 423 18.31 -29.93 -35.46
N CYS C 424 17.69 -30.63 -36.39
CA CYS C 424 18.41 -31.24 -37.50
C CYS C 424 17.64 -31.12 -38.82
N THR C 425 18.38 -30.87 -39.90
CA THR C 425 17.79 -30.73 -41.25
C THR C 425 16.99 -31.97 -41.66
N GLU C 426 17.61 -33.15 -41.57
CA GLU C 426 16.95 -34.42 -41.92
C GLU C 426 16.10 -34.98 -40.77
N ARG C 427 15.14 -35.83 -41.11
CA ARG C 427 14.37 -36.59 -40.14
C ARG C 427 15.25 -37.74 -39.61
N MET C 428 15.70 -37.61 -38.38
CA MET C 428 16.80 -38.44 -37.84
C MET C 428 16.42 -39.87 -37.47
N THR C 429 17.26 -40.82 -37.89
CA THR C 429 17.19 -42.20 -37.43
C THR C 429 17.97 -42.34 -36.12
N PHE C 430 19.06 -41.57 -36.01
CA PHE C 430 20.01 -41.68 -34.89
C PHE C 430 20.84 -40.41 -34.70
N PHE C 431 21.28 -40.19 -33.46
CA PHE C 431 22.40 -39.28 -33.18
C PHE C 431 23.28 -39.79 -32.03
N VAL C 432 24.55 -39.43 -32.08
CA VAL C 432 25.49 -39.76 -31.02
C VAL C 432 25.77 -38.53 -30.18
N TYR C 433 26.05 -38.73 -28.89
CA TYR C 433 26.58 -37.66 -28.06
C TYR C 433 27.82 -38.13 -27.31
N TYR C 434 28.71 -37.19 -27.02
CA TYR C 434 29.91 -37.45 -26.24
C TYR C 434 30.11 -36.33 -25.21
N VAL C 435 30.60 -36.66 -24.03
CA VAL C 435 30.82 -35.65 -22.99
C VAL C 435 32.28 -35.66 -22.48
N MET C 436 33.00 -34.58 -22.76
CA MET C 436 34.40 -34.44 -22.33
C MET C 436 34.53 -33.63 -21.05
N SER C 437 35.34 -34.15 -20.13
CA SER C 437 35.80 -33.39 -18.96
C SER C 437 37.19 -33.87 -18.56
N LYS C 438 38.06 -32.91 -18.23
CA LYS C 438 39.46 -33.18 -17.85
C LYS C 438 40.24 -33.97 -18.93
N GLY C 439 39.86 -33.78 -20.20
CA GLY C 439 40.59 -34.33 -21.32
C GLY C 439 40.26 -35.76 -21.73
N ASN C 440 39.22 -36.33 -21.11
CA ASN C 440 38.75 -37.67 -21.45
C ASN C 440 37.24 -37.69 -21.65
N ILE C 441 36.75 -38.68 -22.41
CA ILE C 441 35.32 -38.89 -22.60
C ILE C 441 34.68 -39.47 -21.32
N ILE C 442 33.78 -38.70 -20.73
CA ILE C 442 33.12 -39.06 -19.48
C ILE C 442 31.86 -39.88 -19.72
N ASP C 443 31.10 -39.50 -20.75
CA ASP C 443 29.84 -40.16 -21.06
C ASP C 443 29.53 -40.07 -22.55
N ALA C 444 28.94 -41.13 -23.09
CA ALA C 444 28.49 -41.17 -24.48
C ALA C 444 27.14 -41.89 -24.58
N GLY C 445 26.56 -41.90 -25.78
CA GLY C 445 25.28 -42.56 -26.00
C GLY C 445 24.77 -42.56 -27.43
N PHE C 446 24.09 -43.63 -27.81
CA PHE C 446 23.50 -43.76 -29.13
C PHE C 446 22.00 -43.50 -29.01
N MET C 447 21.59 -42.28 -29.32
CA MET C 447 20.19 -41.88 -29.24
C MET C 447 19.49 -42.14 -30.55
N ARG C 448 18.26 -42.67 -30.48
CA ARG C 448 17.47 -42.98 -31.67
C ARG C 448 16.13 -42.23 -31.73
N PRO C 449 16.08 -41.12 -32.49
CA PRO C 449 14.85 -40.39 -32.73
C PRO C 449 13.95 -41.15 -33.70
N ASN C 450 12.64 -41.03 -33.51
CA ASN C 450 11.66 -41.73 -34.34
C ASN C 450 11.38 -40.98 -35.64
N LYS C 451 12.36 -41.00 -36.55
CA LYS C 451 12.34 -40.20 -37.79
C LYS C 451 11.94 -38.72 -37.55
N GLN C 452 12.51 -38.13 -36.50
CA GLN C 452 12.20 -36.76 -36.07
C GLN C 452 13.27 -35.77 -36.53
N THR C 453 12.95 -34.49 -36.53
CA THR C 453 13.94 -33.43 -36.74
C THR C 453 14.31 -32.76 -35.41
N LYS C 454 13.44 -32.96 -34.42
CA LYS C 454 13.64 -32.43 -33.08
C LYS C 454 13.71 -33.54 -32.02
N TYR C 455 14.53 -33.33 -31.00
CA TYR C 455 14.70 -34.28 -29.90
C TYR C 455 15.06 -33.53 -28.63
N LEU C 456 14.37 -33.84 -27.52
CA LEU C 456 14.71 -33.28 -26.22
C LEU C 456 15.61 -34.22 -25.41
N LEU C 457 16.91 -34.01 -25.53
CA LEU C 457 17.93 -34.85 -24.90
C LEU C 457 18.11 -34.53 -23.41
N GLN C 458 17.88 -35.53 -22.57
CA GLN C 458 17.94 -35.35 -21.10
C GLN C 458 19.05 -36.19 -20.48
N LEU C 459 19.98 -35.55 -19.78
CA LEU C 459 21.10 -36.26 -19.16
C LEU C 459 21.33 -35.81 -17.72
N ASN C 460 21.80 -36.74 -16.88
CA ASN C 460 22.15 -36.43 -15.49
C ASN C 460 23.56 -35.86 -15.37
N ALA C 461 23.66 -34.69 -14.72
CA ALA C 461 24.95 -34.07 -14.49
C ALA C 461 25.72 -34.84 -13.42
N THR C 462 26.66 -35.68 -13.85
CA THR C 462 27.44 -36.52 -12.95
C THR C 462 28.63 -35.75 -12.35
N GLU C 463 29.21 -36.31 -11.30
CA GLU C 463 30.33 -35.69 -10.58
C GLU C 463 31.61 -35.62 -11.42
N LYS C 464 31.74 -36.51 -12.40
CA LYS C 464 32.91 -36.53 -13.28
C LYS C 464 32.87 -35.40 -14.33
N MET C 465 31.82 -34.59 -14.30
CA MET C 465 31.66 -33.46 -15.22
C MET C 465 32.01 -32.11 -14.57
N ILE C 466 32.13 -32.10 -13.24
CA ILE C 466 32.45 -30.90 -12.46
C ILE C 466 33.91 -30.46 -12.69
N PRO C 467 34.15 -29.14 -12.87
CA PRO C 467 33.19 -28.05 -12.99
C PRO C 467 33.04 -27.53 -14.42
N LYS C 468 34.00 -27.85 -15.27
CA LYS C 468 33.93 -27.48 -16.68
C LYS C 468 33.89 -28.74 -17.55
N ALA C 469 32.81 -28.88 -18.32
CA ALA C 469 32.66 -30.01 -19.24
C ALA C 469 32.21 -29.51 -20.61
N LYS C 470 32.34 -30.35 -21.63
CA LYS C 470 31.91 -30.00 -22.98
C LYS C 470 31.25 -31.19 -23.69
N ILE C 471 30.03 -30.98 -24.20
CA ILE C 471 29.27 -32.01 -24.91
C ILE C 471 29.29 -31.83 -26.42
N LEU C 472 29.32 -32.95 -27.13
CA LEU C 472 29.42 -32.95 -28.59
C LEU C 472 28.41 -33.91 -29.21
N ILE C 473 27.67 -33.40 -30.18
CA ILE C 473 26.64 -34.17 -30.88
C ILE C 473 27.05 -34.41 -32.32
N ALA C 474 26.73 -35.58 -32.84
CA ALA C 474 27.01 -35.93 -34.23
C ALA C 474 25.97 -36.86 -34.85
N THR C 475 25.81 -36.77 -36.16
CA THR C 475 24.96 -37.67 -36.94
C THR C 475 25.40 -37.69 -38.40
N VAL C 476 24.71 -38.49 -39.21
CA VAL C 476 25.02 -38.57 -40.64
C VAL C 476 23.83 -38.11 -41.48
N ALA C 477 24.12 -37.22 -42.42
CA ALA C 477 23.21 -36.90 -43.51
C ALA C 477 23.96 -37.09 -44.82
N GLY C 478 23.40 -37.92 -45.70
CA GLY C 478 24.08 -38.33 -46.93
C GLY C 478 25.24 -39.25 -46.59
N ARG C 479 26.42 -38.93 -47.12
CA ARG C 479 27.65 -39.62 -46.74
C ARG C 479 28.62 -38.62 -46.12
N THR C 480 28.09 -37.71 -45.31
CA THR C 480 28.87 -36.72 -44.57
C THR C 480 28.40 -36.60 -43.11
N VAL C 481 29.36 -36.38 -42.21
CA VAL C 481 29.10 -36.29 -40.77
C VAL C 481 28.91 -34.83 -40.35
N VAL C 482 27.81 -34.58 -39.65
CA VAL C 482 27.51 -33.24 -39.12
C VAL C 482 27.54 -33.27 -37.59
N TYR C 483 27.98 -32.17 -36.99
CA TYR C 483 28.23 -32.14 -35.55
C TYR C 483 27.99 -30.76 -34.92
N ASP C 484 27.80 -30.73 -33.61
CA ASP C 484 27.72 -29.48 -32.85
C ASP C 484 28.18 -29.61 -31.41
N TYR C 485 28.86 -28.58 -30.90
CA TYR C 485 29.38 -28.52 -29.54
C TYR C 485 28.52 -27.64 -28.64
N ALA C 486 28.65 -27.84 -27.33
CA ALA C 486 28.00 -26.98 -26.34
C ALA C 486 28.78 -26.97 -25.03
N ASP C 487 28.91 -25.78 -24.44
CA ASP C 487 29.63 -25.61 -23.19
C ASP C 487 28.82 -26.01 -21.96
N LEU C 488 29.41 -26.85 -21.13
CA LEU C 488 28.79 -27.27 -19.88
C LEU C 488 29.60 -26.79 -18.69
N ASP C 489 29.35 -25.55 -18.29
CA ASP C 489 30.09 -24.93 -17.19
C ASP C 489 29.19 -24.68 -15.99
N PHE C 490 29.47 -25.38 -14.89
CA PHE C 490 28.72 -25.21 -13.66
C PHE C 490 29.08 -23.90 -12.99
N GLN C 491 28.38 -22.83 -13.37
CA GLN C 491 28.62 -21.48 -12.83
C GLN C 491 28.61 -21.45 -11.30
N GLU C 492 27.63 -22.16 -10.72
CA GLU C 492 27.49 -22.31 -9.26
C GLU C 492 28.74 -22.89 -8.57
N LEU C 493 29.66 -23.42 -9.36
CA LEU C 493 30.89 -24.01 -8.84
C LEU C 493 32.15 -23.49 -9.55
N ARG C 494 32.11 -22.22 -9.96
CA ARG C 494 33.27 -21.60 -10.62
C ARG C 494 33.46 -20.14 -10.22
N ASN C 495 34.67 -19.64 -10.41
CA ASN C 495 35.04 -18.27 -10.06
C ASN C 495 34.37 -17.22 -10.96
N ASN C 496 33.38 -16.53 -10.39
CA ASN C 496 32.55 -15.58 -11.13
C ASN C 496 33.06 -14.13 -11.05
N PHE C 497 34.36 -13.96 -11.27
CA PHE C 497 35.03 -12.66 -11.13
C PHE C 497 34.57 -11.65 -12.19
N ASP C 498 34.35 -10.41 -11.76
CA ASP C 498 34.03 -9.32 -12.68
C ASP C 498 34.61 -7.97 -12.22
N LEU C 499 35.02 -7.16 -13.18
CA LEU C 499 35.67 -5.87 -12.92
C LEU C 499 34.97 -4.75 -13.70
N SER C 500 34.78 -3.60 -13.05
CA SER C 500 34.02 -2.50 -13.63
C SER C 500 34.62 -1.12 -13.37
N ILE C 501 34.23 -0.16 -14.22
CA ILE C 501 34.57 1.25 -14.04
C ILE C 501 33.32 2.02 -13.61
N ASP C 502 33.52 3.11 -12.87
CA ASP C 502 32.45 3.98 -12.39
C ASP C 502 31.59 4.57 -13.52
N GLU C 503 30.44 5.14 -13.15
CA GLU C 503 29.54 5.79 -14.11
C GLU C 503 30.02 7.19 -14.54
N GLN C 504 31.26 7.53 -14.18
CA GLN C 504 31.86 8.83 -14.50
C GLN C 504 32.93 8.75 -15.61
N GLU C 505 33.19 9.88 -16.27
CA GLU C 505 34.23 9.98 -17.31
C GLU C 505 35.63 10.06 -16.70
N ILE C 506 36.62 9.58 -17.44
CA ILE C 506 37.98 9.37 -16.92
C ILE C 506 38.92 10.52 -17.28
N LYS C 507 39.28 11.31 -16.27
CA LYS C 507 40.15 12.48 -16.45
C LYS C 507 41.58 12.21 -16.01
N PRO C 508 42.55 12.43 -16.92
CA PRO C 508 43.97 12.13 -16.68
C PRO C 508 44.58 13.00 -15.58
N GLY C 509 45.03 12.37 -14.50
CA GLY C 509 45.50 13.08 -13.32
C GLY C 509 44.53 12.93 -12.16
N ARG C 510 43.24 12.82 -12.47
CA ARG C 510 42.21 12.59 -11.46
C ARG C 510 42.15 11.10 -11.07
N GLN C 511 41.37 10.76 -10.06
CA GLN C 511 41.26 9.38 -9.59
C GLN C 511 39.97 8.68 -10.06
N ILE C 512 40.05 7.36 -10.26
CA ILE C 512 38.89 6.56 -10.68
C ILE C 512 38.59 5.44 -9.68
N GLU C 513 37.31 5.09 -9.58
CA GLU C 513 36.90 4.00 -8.70
C GLU C 513 36.76 2.69 -9.48
N LEU C 514 37.57 1.70 -9.10
CA LEU C 514 37.50 0.36 -9.67
C LEU C 514 36.61 -0.52 -8.80
N SER C 515 35.50 -0.97 -9.38
CA SER C 515 34.57 -1.85 -8.69
C SER C 515 34.69 -3.26 -9.23
N MET C 516 35.10 -4.18 -8.38
CA MET C 516 35.22 -5.56 -8.78
C MET C 516 34.52 -6.50 -7.80
N SER C 517 33.93 -7.56 -8.34
CA SER C 517 33.21 -8.56 -7.53
C SER C 517 33.60 -9.97 -7.95
N GLY C 518 33.52 -10.90 -7.00
CA GLY C 518 33.85 -12.30 -7.24
C GLY C 518 33.91 -13.13 -5.98
N ARG C 519 34.72 -14.19 -6.00
CA ARG C 519 34.83 -15.10 -4.86
C ARG C 519 35.56 -14.49 -3.67
N PRO C 520 34.91 -14.50 -2.50
CA PRO C 520 35.51 -13.98 -1.27
C PRO C 520 36.87 -14.63 -0.96
N GLY C 521 37.87 -13.81 -0.70
CA GLY C 521 39.21 -14.30 -0.35
C GLY C 521 40.06 -14.76 -1.52
N ALA C 522 39.52 -14.60 -2.73
CA ALA C 522 40.25 -14.96 -3.95
C ALA C 522 41.36 -13.96 -4.28
N TYR C 523 42.38 -14.43 -4.99
CA TYR C 523 43.44 -13.58 -5.51
C TYR C 523 42.94 -12.87 -6.77
N VAL C 524 43.32 -11.61 -6.92
CA VAL C 524 43.01 -10.81 -8.12
C VAL C 524 44.33 -10.24 -8.65
N GLY C 525 44.52 -10.28 -9.97
CA GLY C 525 45.74 -9.80 -10.60
C GLY C 525 45.49 -8.77 -11.68
N LEU C 526 45.57 -7.50 -11.29
CA LEU C 526 45.28 -6.39 -12.20
C LEU C 526 46.53 -5.96 -12.96
N ALA C 527 46.34 -5.49 -14.18
CA ALA C 527 47.41 -4.94 -15.00
C ALA C 527 46.84 -3.98 -16.04
N ALA C 528 47.53 -2.88 -16.30
CA ALA C 528 47.09 -1.95 -17.33
C ALA C 528 48.21 -1.60 -18.31
N TYR C 529 47.99 -1.94 -19.57
CA TYR C 529 48.96 -1.68 -20.63
C TYR C 529 48.55 -0.47 -21.44
N ASP C 530 49.56 0.24 -21.94
CA ASP C 530 49.39 1.25 -22.98
C ASP C 530 49.01 0.48 -24.25
N LYS C 531 47.88 0.85 -24.87
CA LYS C 531 47.42 0.19 -26.09
C LYS C 531 48.45 0.30 -27.22
N ALA C 532 49.16 1.43 -27.25
CA ALA C 532 50.25 1.65 -28.20
C ALA C 532 51.47 0.77 -27.89
N LEU C 533 51.61 0.37 -26.64
CA LEU C 533 52.67 -0.55 -26.23
C LEU C 533 52.41 -1.96 -26.74
N LEU C 534 51.14 -2.33 -26.84
CA LEU C 534 50.73 -3.59 -27.46
C LEU C 534 50.69 -3.44 -28.98
N LEU C 535 51.69 -2.74 -29.53
CA LEU C 535 51.78 -2.52 -30.96
C LEU C 535 52.55 -3.65 -31.62
N PHE C 536 53.67 -3.32 -32.26
CA PHE C 536 54.46 -4.28 -33.03
C PHE C 536 55.00 -5.46 -32.22
N ASN C 537 54.92 -5.34 -30.89
CA ASN C 537 55.52 -6.31 -29.97
C ASN C 537 54.60 -7.48 -29.60
N LYS C 538 53.39 -7.17 -29.15
CA LYS C 538 52.37 -8.20 -28.89
C LYS C 538 51.69 -8.63 -30.19
N ASN C 539 51.18 -7.65 -30.93
CA ASN C 539 50.50 -7.91 -32.22
C ASN C 539 51.46 -8.27 -33.34
N LEU C 542 50.86 -10.97 -26.70
CA LEU C 542 49.83 -10.63 -25.72
C LEU C 542 49.40 -11.85 -24.89
N PHE C 543 49.58 -11.72 -23.58
CA PHE C 543 49.28 -12.77 -22.61
C PHE C 543 47.79 -13.10 -22.50
N TRP C 544 46.95 -12.09 -22.68
CA TRP C 544 45.51 -12.20 -22.40
C TRP C 544 44.79 -13.27 -23.19
N GLU C 545 45.21 -13.47 -24.44
CA GLU C 545 44.61 -14.47 -25.30
C GLU C 545 44.90 -15.89 -24.81
N ASP C 546 46.10 -16.08 -24.24
CA ASP C 546 46.55 -17.38 -23.72
C ASP C 546 45.71 -17.83 -22.53
N ILE C 547 45.44 -16.89 -21.63
CA ILE C 547 44.61 -17.18 -20.45
C ILE C 547 43.13 -17.21 -20.83
N GLY C 548 42.78 -16.48 -21.90
CA GLY C 548 41.43 -16.52 -22.48
C GLY C 548 41.18 -17.89 -23.08
N GLN C 549 42.16 -18.38 -23.83
CA GLN C 549 42.14 -19.74 -24.38
C GLN C 549 42.11 -20.80 -23.28
N VAL C 550 42.81 -20.53 -22.17
CA VAL C 550 42.89 -21.49 -21.05
C VAL C 550 41.61 -21.53 -20.21
N PHE C 551 40.78 -20.49 -20.31
CA PHE C 551 39.50 -20.46 -19.61
C PHE C 551 38.57 -21.59 -20.08
N ASP C 552 38.63 -21.91 -21.38
CA ASP C 552 37.88 -23.04 -21.95
C ASP C 552 38.51 -23.63 -23.22
N GLY C 553 38.84 -24.91 -23.18
CA GLY C 553 39.33 -25.65 -24.36
C GLY C 553 40.64 -25.16 -24.93
N PHE C 562 39.90 -25.66 -39.12
CA PHE C 562 39.02 -25.69 -37.95
C PHE C 562 38.49 -27.09 -37.69
N ASP C 563 39.11 -27.78 -36.73
CA ASP C 563 38.71 -29.13 -36.34
C ASP C 563 38.10 -29.12 -34.94
N ILE C 564 36.77 -29.18 -34.89
CA ILE C 564 36.04 -29.10 -33.61
C ILE C 564 36.24 -30.32 -32.71
N PHE C 565 36.94 -31.34 -33.24
CA PHE C 565 37.34 -32.50 -32.45
C PHE C 565 38.69 -32.27 -31.79
N HIS C 566 39.70 -31.93 -32.60
CA HIS C 566 41.05 -31.64 -32.11
C HIS C 566 41.07 -30.45 -31.21
N SER C 567 39.99 -29.66 -31.23
CA SER C 567 39.81 -28.55 -30.30
C SER C 567 39.13 -29.01 -29.01
N LEU C 568 38.24 -30.00 -29.14
CA LEU C 568 37.59 -30.61 -27.98
C LEU C 568 38.49 -31.67 -27.33
N GLY C 569 39.67 -31.87 -27.92
CA GLY C 569 40.68 -32.79 -27.38
C GLY C 569 40.51 -34.22 -27.83
N LEU C 570 39.94 -34.41 -29.02
CA LEU C 570 39.58 -35.73 -29.50
C LEU C 570 40.20 -36.02 -30.86
N PHE C 571 40.02 -37.25 -31.34
CA PHE C 571 40.28 -37.61 -32.73
C PHE C 571 39.07 -38.35 -33.27
N ALA C 572 38.82 -38.23 -34.56
CA ALA C 572 37.64 -38.85 -35.18
C ALA C 572 37.98 -39.56 -36.48
N ARG C 573 37.52 -40.79 -36.60
CA ARG C 573 37.69 -41.53 -37.84
C ARG C 573 36.35 -42.09 -38.30
N THR C 574 36.22 -42.22 -39.63
CA THR C 574 35.03 -42.77 -40.25
C THR C 574 35.39 -43.56 -41.52
N LEU C 575 34.37 -44.13 -42.17
CA LEU C 575 34.54 -44.94 -43.38
C LEU C 575 35.18 -44.13 -44.53
N ASP C 576 35.72 -44.86 -45.52
CA ASP C 576 36.47 -44.26 -46.62
C ASP C 576 35.65 -43.30 -47.50
N ASP C 577 34.34 -43.50 -47.55
CA ASP C 577 33.46 -42.68 -48.40
C ASP C 577 32.74 -41.57 -47.63
N ILE C 578 32.73 -41.67 -46.30
CA ILE C 578 32.12 -40.66 -45.44
C ILE C 578 33.09 -39.48 -45.25
N LEU C 579 32.57 -38.26 -45.32
CA LEU C 579 33.38 -37.05 -45.12
C LEU C 579 32.92 -36.26 -43.90
N PHE C 580 33.70 -35.27 -43.48
CA PHE C 580 33.35 -34.42 -42.34
C PHE C 580 32.91 -33.02 -42.75
N ASP C 581 32.10 -32.39 -41.90
CA ASP C 581 31.60 -31.04 -42.13
C ASP C 581 32.52 -30.01 -41.46
N SER C 582 32.31 -28.72 -41.76
CA SER C 582 32.94 -27.62 -41.03
C SER C 582 32.10 -26.35 -41.18
N ALA C 583 31.38 -25.99 -40.11
CA ALA C 583 30.42 -24.88 -40.15
C ALA C 583 30.93 -23.55 -39.56
N ASN C 584 32.23 -23.52 -39.23
CA ASN C 584 32.92 -22.34 -38.66
C ASN C 584 32.23 -21.75 -37.43
N PHE C 608 56.19 10.06 -25.17
CA PHE C 608 56.32 9.36 -23.89
C PHE C 608 55.27 8.26 -23.75
N GLN C 609 55.60 7.22 -22.98
CA GLN C 609 54.69 6.10 -22.68
C GLN C 609 54.89 5.61 -21.24
N GLU C 610 54.22 4.49 -20.88
CA GLU C 610 54.29 3.98 -19.51
C GLU C 610 53.68 2.57 -19.33
N SER C 611 53.70 2.10 -18.08
CA SER C 611 52.95 0.92 -17.64
C SER C 611 52.51 1.11 -16.19
N TRP C 612 51.22 0.95 -15.95
CA TRP C 612 50.56 1.37 -14.70
C TRP C 612 49.63 0.30 -14.18
N LEU C 613 49.26 0.42 -12.91
CA LEU C 613 48.29 -0.48 -12.24
C LEU C 613 48.67 -1.96 -12.17
N TRP C 614 49.91 -2.23 -11.77
CA TRP C 614 50.36 -3.60 -11.53
C TRP C 614 50.04 -3.98 -10.11
N LYS C 615 48.75 -3.93 -9.77
CA LYS C 615 48.29 -4.28 -8.42
C LYS C 615 47.84 -5.74 -8.36
N ASN C 616 47.76 -6.26 -7.13
CA ASN C 616 47.09 -7.53 -6.87
C ASN C 616 46.34 -7.46 -5.54
N VAL C 617 45.02 -7.66 -5.60
CA VAL C 617 44.16 -7.44 -4.45
C VAL C 617 43.35 -8.68 -4.11
N SER C 618 42.74 -8.69 -2.92
CA SER C 618 41.83 -9.77 -2.53
C SER C 618 40.39 -9.26 -2.47
N ILE C 619 39.44 -10.14 -2.80
CA ILE C 619 38.02 -9.79 -2.81
C ILE C 619 37.45 -9.64 -1.39
N GLY C 620 38.06 -10.35 -0.44
CA GLY C 620 37.90 -10.11 1.00
C GLY C 620 36.49 -10.08 1.57
N ARG C 621 36.28 -9.15 2.50
CA ARG C 621 35.03 -8.98 3.27
C ARG C 621 33.83 -9.81 2.79
N SER C 622 33.01 -9.24 1.91
CA SER C 622 31.85 -9.94 1.36
C SER C 622 32.15 -10.45 -0.05
N GLY C 623 31.41 -9.97 -1.04
CA GLY C 623 31.56 -10.43 -2.41
C GLY C 623 32.15 -9.43 -3.40
N SER C 624 32.68 -8.32 -2.89
CA SER C 624 33.30 -7.28 -3.75
C SER C 624 34.26 -6.34 -3.01
N ARG C 625 35.41 -6.06 -3.64
CA ARG C 625 36.39 -5.10 -3.11
C ARG C 625 36.58 -3.97 -4.11
N LYS C 626 36.31 -2.74 -3.70
CA LYS C 626 36.45 -1.58 -4.57
C LYS C 626 37.74 -0.83 -4.29
N LEU C 627 38.74 -1.02 -5.15
CA LEU C 627 40.02 -0.32 -5.05
C LEU C 627 39.95 1.02 -5.79
N ILE C 628 40.59 2.05 -5.23
CA ILE C 628 40.59 3.39 -5.84
C ILE C 628 42.01 3.76 -6.29
N GLU C 629 42.11 4.32 -7.49
CA GLU C 629 43.41 4.53 -8.14
C GLU C 629 43.49 5.85 -8.92
N VAL C 630 44.72 6.37 -9.05
CA VAL C 630 44.99 7.63 -9.75
C VAL C 630 45.42 7.38 -11.21
N VAL C 631 44.68 7.98 -12.15
CA VAL C 631 44.99 7.87 -13.59
C VAL C 631 46.21 8.74 -13.91
N PRO C 632 47.19 8.17 -14.66
CA PRO C 632 48.37 8.91 -15.08
C PRO C 632 48.03 10.16 -15.89
N ASP C 633 48.72 11.25 -15.59
CA ASP C 633 48.53 12.53 -16.27
C ASP C 633 49.28 12.49 -17.60
N THR C 634 48.62 11.93 -18.61
CA THR C 634 49.24 11.71 -19.91
C THR C 634 48.23 11.35 -21.02
N THR C 635 48.52 11.81 -22.23
CA THR C 635 47.72 11.52 -23.42
C THR C 635 48.05 10.11 -23.92
N THR C 636 47.18 9.15 -23.62
CA THR C 636 47.44 7.74 -23.91
C THR C 636 46.16 6.90 -23.93
N SER C 637 46.15 5.87 -24.78
CA SER C 637 45.05 4.92 -24.85
C SER C 637 45.32 3.73 -23.93
N TRP C 638 44.42 3.48 -22.99
CA TRP C 638 44.64 2.45 -21.97
C TRP C 638 43.97 1.14 -22.27
N TYR C 639 44.37 0.10 -21.54
CA TYR C 639 43.93 -1.27 -21.78
C TYR C 639 44.04 -2.04 -20.48
N LEU C 640 42.92 -2.20 -19.78
CA LEU C 640 42.91 -2.69 -18.39
C LEU C 640 42.40 -4.12 -18.22
N THR C 641 43.31 -5.03 -17.89
CA THR C 641 42.98 -6.46 -17.68
C THR C 641 42.88 -6.81 -16.20
N GLY C 642 42.43 -8.02 -15.91
CA GLY C 642 42.38 -8.52 -14.54
C GLY C 642 41.82 -9.92 -14.46
N PHE C 643 42.57 -10.82 -13.83
CA PHE C 643 42.12 -12.19 -13.60
C PHE C 643 42.00 -12.46 -12.10
N SER C 644 41.45 -13.61 -11.75
CA SER C 644 41.23 -13.99 -10.36
C SER C 644 41.39 -15.49 -10.15
N ILE C 645 42.07 -15.87 -9.07
CA ILE C 645 42.25 -17.29 -8.75
C ILE C 645 41.89 -17.61 -7.30
N ASP C 646 40.81 -18.37 -7.12
CA ASP C 646 40.43 -18.87 -5.80
C ASP C 646 40.98 -20.29 -5.62
N PRO C 647 41.51 -20.59 -4.40
CA PRO C 647 42.03 -21.94 -4.11
C PRO C 647 40.99 -23.05 -4.30
N VAL C 648 39.73 -22.75 -3.99
CA VAL C 648 38.63 -23.71 -4.12
C VAL C 648 37.97 -23.62 -5.51
N TYR C 649 37.57 -22.41 -5.90
CA TYR C 649 36.73 -22.20 -7.08
C TYR C 649 37.49 -22.10 -8.40
N GLY C 650 38.81 -21.96 -8.32
CA GLY C 650 39.64 -21.92 -9.51
C GLY C 650 39.69 -20.56 -10.19
N LEU C 651 39.93 -20.58 -11.49
CA LEU C 651 40.19 -19.36 -12.27
C LEU C 651 38.93 -18.57 -12.60
N GLY C 652 39.08 -17.25 -12.58
CA GLY C 652 38.07 -16.30 -13.07
C GLY C 652 38.72 -15.29 -13.99
N ILE C 653 37.93 -14.71 -14.89
CA ILE C 653 38.42 -13.77 -15.90
C ILE C 653 37.35 -12.79 -16.37
N ILE C 654 37.75 -11.58 -16.71
CA ILE C 654 36.85 -10.62 -17.35
C ILE C 654 36.84 -10.84 -18.86
N LYS C 655 35.68 -10.62 -19.48
CA LYS C 655 35.47 -10.88 -20.91
C LYS C 655 36.43 -10.07 -21.82
N LYS C 656 36.06 -8.82 -22.09
CA LYS C 656 36.91 -7.90 -22.83
C LYS C 656 37.63 -6.99 -21.85
N PRO C 657 38.95 -6.77 -22.07
CA PRO C 657 39.68 -5.83 -21.22
C PRO C 657 39.08 -4.43 -21.32
N ILE C 658 38.85 -3.80 -20.17
CA ILE C 658 38.35 -2.42 -20.11
C ILE C 658 39.30 -1.49 -20.85
N GLN C 659 38.74 -0.72 -21.77
CA GLN C 659 39.53 0.10 -22.68
C GLN C 659 39.01 1.53 -22.72
N PHE C 660 39.91 2.48 -22.52
CA PHE C 660 39.59 3.91 -22.63
C PHE C 660 40.83 4.65 -23.11
N THR C 661 40.71 5.96 -23.31
CA THR C 661 41.86 6.80 -23.63
C THR C 661 41.82 8.07 -22.79
N THR C 662 42.98 8.65 -22.54
CA THR C 662 43.07 9.90 -21.79
C THR C 662 43.82 10.92 -22.63
N VAL C 663 43.25 12.12 -22.74
CA VAL C 663 43.93 13.24 -23.40
C VAL C 663 44.18 14.35 -22.38
N GLN C 664 45.45 14.54 -21.99
CA GLN C 664 45.79 15.60 -21.05
C GLN C 664 45.53 16.96 -21.67
N PRO C 665 44.78 17.81 -20.96
CA PRO C 665 44.29 19.08 -21.49
C PRO C 665 45.42 20.03 -21.88
N PHE C 666 46.46 20.07 -21.06
CA PHE C 666 47.52 21.05 -21.21
C PHE C 666 48.79 20.55 -20.54
N TYR C 667 49.92 20.75 -21.22
CA TYR C 667 51.23 20.37 -20.68
C TYR C 667 52.38 21.16 -21.29
N ILE C 668 53.45 21.34 -20.53
CA ILE C 668 54.67 22.02 -20.96
C ILE C 668 55.79 20.99 -21.12
N VAL C 669 56.68 21.19 -22.11
CA VAL C 669 57.79 20.27 -22.35
C VAL C 669 59.12 21.00 -22.44
N GLU C 670 60.10 20.59 -21.65
CA GLU C 670 61.40 21.26 -21.62
C GLU C 670 62.36 20.87 -22.76
N ASN C 671 63.33 21.74 -23.00
CA ASN C 671 64.42 21.49 -23.93
C ASN C 671 65.66 22.20 -23.37
N LEU C 672 66.39 21.48 -22.51
CA LEU C 672 67.46 22.06 -21.70
C LEU C 672 68.79 21.39 -21.96
N PRO C 673 69.89 22.16 -21.90
CA PRO C 673 71.22 21.56 -21.94
C PRO C 673 71.42 20.74 -20.69
N TYR C 674 72.22 19.67 -20.77
CA TYR C 674 72.50 18.88 -19.57
C TYR C 674 73.42 19.63 -18.60
N SER C 675 74.41 20.33 -19.13
CA SER C 675 75.35 21.08 -18.31
C SER C 675 75.62 22.49 -18.81
N ILE C 676 75.68 23.43 -17.87
CA ILE C 676 76.10 24.79 -18.16
C ILE C 676 77.16 25.20 -17.13
N LYS C 677 77.93 26.23 -17.45
CA LYS C 677 78.96 26.70 -16.53
C LYS C 677 78.53 28.01 -15.86
N ARG C 678 79.22 28.37 -14.78
CA ARG C 678 78.96 29.63 -14.07
C ARG C 678 79.18 30.79 -15.01
N GLY C 679 78.25 31.74 -15.00
CA GLY C 679 78.42 33.00 -15.73
C GLY C 679 78.18 32.99 -17.24
N GLU C 680 77.78 31.84 -17.77
CA GLU C 680 77.31 31.72 -19.14
C GLU C 680 75.83 32.07 -19.16
N ALA C 681 75.39 32.77 -20.22
CA ALA C 681 73.98 33.11 -20.38
C ALA C 681 73.27 32.02 -21.16
N VAL C 682 72.23 31.43 -20.57
CA VAL C 682 71.57 30.26 -21.15
C VAL C 682 70.08 30.49 -21.45
N VAL C 683 69.67 30.07 -22.65
CA VAL C 683 68.26 30.11 -23.02
C VAL C 683 67.59 28.78 -22.69
N LEU C 684 66.65 28.84 -21.76
CA LEU C 684 65.88 27.66 -21.41
C LEU C 684 64.61 27.69 -22.21
N GLN C 685 64.54 26.82 -23.22
CA GLN C 685 63.39 26.74 -24.12
C GLN C 685 62.35 25.77 -23.57
N PHE C 686 61.08 26.09 -23.84
CA PHE C 686 59.95 25.23 -23.44
C PHE C 686 58.92 25.20 -24.56
N THR C 687 57.97 24.25 -24.47
CA THR C 687 56.89 24.15 -25.45
C THR C 687 55.54 23.83 -24.79
N LEU C 688 54.58 24.73 -24.98
CA LEU C 688 53.24 24.54 -24.44
C LEU C 688 52.36 23.86 -25.46
N PHE C 689 51.57 22.90 -25.00
CA PHE C 689 50.56 22.26 -25.83
C PHE C 689 49.19 22.42 -25.20
N ASN C 690 48.26 23.01 -25.95
CA ASN C 690 46.90 23.18 -25.49
C ASN C 690 45.97 22.28 -26.27
N ASN C 691 45.29 21.38 -25.56
CA ASN C 691 44.37 20.44 -26.19
C ASN C 691 42.91 20.78 -25.94
N LEU C 692 42.66 21.94 -25.35
CA LEU C 692 41.29 22.39 -25.10
C LEU C 692 40.60 22.84 -26.38
N GLY C 693 39.29 23.08 -26.28
CA GLY C 693 38.48 23.54 -27.41
C GLY C 693 38.95 24.85 -28.03
N ALA C 694 39.35 25.79 -27.18
CA ALA C 694 39.69 27.14 -27.64
C ALA C 694 41.15 27.52 -27.45
N GLU C 695 41.49 28.73 -27.90
CA GLU C 695 42.80 29.32 -27.69
C GLU C 695 42.80 30.13 -26.39
N TYR C 696 43.69 29.78 -25.46
CA TYR C 696 43.77 30.46 -24.18
C TYR C 696 45.19 30.90 -23.86
N ILE C 697 45.31 32.03 -23.18
CA ILE C 697 46.61 32.55 -22.76
C ILE C 697 47.18 31.68 -21.66
N ALA C 698 48.45 31.31 -21.81
CA ALA C 698 49.14 30.50 -20.82
C ALA C 698 50.14 31.34 -20.05
N ASP C 699 50.25 31.08 -18.75
CA ASP C 699 51.28 31.69 -17.94
C ASP C 699 52.28 30.61 -17.61
N VAL C 700 53.56 30.89 -17.86
CA VAL C 700 54.64 29.99 -17.48
C VAL C 700 55.50 30.77 -16.51
N THR C 701 55.84 30.16 -15.38
CA THR C 701 56.62 30.83 -14.36
C THR C 701 57.87 30.04 -13.97
N LEU C 702 59.04 30.60 -14.27
CA LEU C 702 60.31 30.00 -13.90
C LEU C 702 60.75 30.52 -12.54
N TYR C 703 61.00 29.59 -11.62
CA TYR C 703 61.25 29.90 -10.21
C TYR C 703 62.74 29.92 -9.88
N ASN C 704 63.12 30.88 -9.05
CA ASN C 704 64.48 30.95 -8.51
C ASN C 704 64.58 30.16 -7.21
N VAL C 705 65.01 28.91 -7.32
CA VAL C 705 65.14 28.03 -6.17
C VAL C 705 66.49 28.25 -5.52
N ALA C 706 66.47 28.53 -4.23
CA ALA C 706 67.69 28.68 -3.43
C ALA C 706 68.81 29.43 -4.16
N ASN C 707 68.53 30.67 -4.56
CA ASN C 707 69.52 31.59 -5.13
C ASN C 707 70.28 31.05 -6.36
N GLN C 708 69.83 29.90 -6.89
CA GLN C 708 70.48 29.22 -8.02
C GLN C 708 70.45 30.06 -9.29
N THR C 709 69.30 30.67 -9.56
CA THR C 709 69.00 31.20 -10.86
C THR C 709 68.96 32.72 -10.86
N GLU C 710 69.75 33.33 -11.75
CA GLU C 710 69.67 34.76 -12.01
C GLU C 710 69.02 35.00 -13.36
N PHE C 711 67.86 35.65 -13.37
CA PHE C 711 67.21 36.02 -14.61
C PHE C 711 67.92 37.23 -15.19
N VAL C 712 68.37 37.11 -16.44
CA VAL C 712 69.12 38.16 -17.09
C VAL C 712 68.28 39.43 -17.21
N GLY C 713 68.83 40.53 -16.69
CA GLY C 713 68.21 41.84 -16.79
C GLY C 713 67.20 42.16 -15.70
N ARG C 714 67.04 41.27 -14.73
CA ARG C 714 66.11 41.46 -13.62
C ARG C 714 66.88 41.59 -12.31
N PRO C 715 66.25 42.21 -11.28
CA PRO C 715 66.87 42.28 -9.95
C PRO C 715 67.23 40.89 -9.39
N ASP C 716 68.43 40.76 -8.83
CA ASP C 716 68.93 39.48 -8.31
C ASP C 716 68.06 38.87 -7.21
N THR C 717 67.28 39.73 -6.56
CA THR C 717 66.44 39.31 -5.45
C THR C 717 65.11 38.74 -5.94
N ASP C 718 64.91 38.73 -7.25
CA ASP C 718 63.69 38.18 -7.85
C ASP C 718 63.57 36.67 -7.61
N LEU C 719 62.43 36.27 -7.04
CA LEU C 719 62.18 34.87 -6.67
C LEU C 719 61.56 34.07 -7.81
N SER C 720 60.90 34.76 -8.74
CA SER C 720 60.30 34.10 -9.88
C SER C 720 60.38 35.00 -11.12
N TYR C 721 59.74 34.56 -12.19
CA TYR C 721 59.64 35.32 -13.44
C TYR C 721 58.57 34.66 -14.30
N THR C 722 57.53 35.43 -14.62
CA THR C 722 56.39 34.91 -15.38
C THR C 722 56.31 35.54 -16.75
N LYS C 723 56.12 34.70 -17.77
CA LYS C 723 55.79 35.19 -19.10
C LYS C 723 54.46 34.56 -19.53
N SER C 724 53.76 35.23 -20.43
CA SER C 724 52.46 34.77 -20.86
C SER C 724 52.38 34.73 -22.38
N VAL C 725 51.87 33.62 -22.91
CA VAL C 725 51.78 33.42 -24.37
C VAL C 725 50.44 32.85 -24.75
N SER C 726 49.89 33.33 -25.88
CA SER C 726 48.66 32.77 -26.41
C SER C 726 48.95 31.41 -27.05
N VAL C 727 48.15 30.41 -26.69
CA VAL C 727 48.35 29.04 -27.18
C VAL C 727 47.10 28.49 -27.91
N PRO C 728 47.20 28.34 -29.25
CA PRO C 728 46.11 27.76 -30.02
C PRO C 728 45.98 26.27 -29.77
N PRO C 729 44.77 25.71 -29.99
CA PRO C 729 44.58 24.27 -29.85
C PRO C 729 45.47 23.47 -30.81
N LYS C 730 45.88 22.29 -30.37
CA LYS C 730 46.62 21.32 -31.18
C LYS C 730 47.85 21.92 -31.89
N VAL C 731 48.39 23.00 -31.32
CA VAL C 731 49.61 23.62 -31.85
C VAL C 731 50.63 23.86 -30.74
N GLY C 732 51.90 23.58 -31.06
CA GLY C 732 53.00 23.79 -30.14
C GLY C 732 53.53 25.20 -30.21
N VAL C 733 53.62 25.85 -29.06
CA VAL C 733 54.05 27.23 -28.99
C VAL C 733 55.24 27.32 -28.05
N PRO C 734 56.36 27.90 -28.52
CA PRO C 734 57.55 28.06 -27.70
C PRO C 734 57.45 29.19 -26.68
N ILE C 735 58.13 28.99 -25.55
CA ILE C 735 58.31 30.02 -24.53
C ILE C 735 59.67 29.79 -23.86
N SER C 736 60.43 30.87 -23.73
CA SER C 736 61.81 30.77 -23.24
C SER C 736 62.12 31.75 -22.12
N PHE C 737 63.16 31.45 -21.35
CA PHE C 737 63.69 32.35 -20.33
C PHE C 737 65.21 32.44 -20.47
N LEU C 738 65.75 33.63 -20.20
CA LEU C 738 67.19 33.83 -20.29
C LEU C 738 67.77 33.92 -18.89
N ILE C 739 68.67 32.99 -18.57
CA ILE C 739 69.25 32.91 -17.24
C ILE C 739 70.78 32.73 -17.26
N LYS C 740 71.40 32.96 -16.10
CA LYS C 740 72.78 32.59 -15.85
C LYS C 740 72.80 31.89 -14.50
N ALA C 741 73.63 30.85 -14.37
CA ALA C 741 73.72 30.08 -13.13
C ALA C 741 74.62 30.76 -12.10
N ARG C 742 74.22 30.66 -10.83
CA ARG C 742 74.98 31.28 -9.74
C ARG C 742 75.84 30.27 -8.98
N LYS C 743 75.19 29.35 -8.26
CA LYS C 743 75.91 28.33 -7.49
C LYS C 743 76.20 27.10 -8.34
N LEU C 744 77.36 26.47 -8.10
CA LEU C 744 77.73 25.21 -8.75
C LEU C 744 76.79 24.07 -8.31
N GLY C 745 77.03 22.87 -8.83
CA GLY C 745 76.25 21.70 -8.42
C GLY C 745 75.04 21.46 -9.30
N GLU C 746 73.89 21.25 -8.69
CA GLU C 746 72.66 21.01 -9.45
C GLU C 746 71.72 22.20 -9.40
N MET C 747 71.43 22.79 -10.55
CA MET C 747 70.40 23.82 -10.65
C MET C 747 69.05 23.18 -10.87
N ALA C 748 68.13 23.42 -9.94
CA ALA C 748 66.76 22.99 -10.12
C ALA C 748 66.02 23.96 -11.04
N VAL C 749 65.49 23.42 -12.13
CA VAL C 749 64.77 24.20 -13.09
C VAL C 749 63.29 23.98 -12.79
N ARG C 750 62.71 24.88 -12.00
CA ARG C 750 61.33 24.71 -11.55
C ARG C 750 60.36 25.65 -12.25
N VAL C 751 59.39 25.05 -12.96
CA VAL C 751 58.45 25.79 -13.78
C VAL C 751 57.03 25.34 -13.49
N LYS C 752 56.16 26.31 -13.22
CA LYS C 752 54.72 26.05 -13.15
C LYS C 752 54.04 26.73 -14.34
N ALA C 753 53.02 26.08 -14.90
CA ALA C 753 52.32 26.60 -16.07
C ALA C 753 50.80 26.44 -15.90
N SER C 754 50.03 27.25 -16.62
CA SER C 754 48.57 27.17 -16.58
C SER C 754 47.89 27.95 -17.70
N ILE C 755 46.90 27.34 -18.34
CA ILE C 755 46.06 28.06 -19.27
C ILE C 755 44.67 28.23 -18.68
N MET C 756 43.78 28.86 -19.44
CA MET C 756 42.37 29.00 -19.12
C MET C 756 42.11 29.46 -17.68
N LEU C 757 42.75 30.58 -17.31
CA LEU C 757 42.60 31.23 -15.99
C LEU C 757 43.12 30.42 -14.79
N GLY C 758 43.77 29.29 -15.06
CA GLY C 758 44.28 28.42 -14.01
C GLY C 758 43.57 27.09 -13.91
N HIS C 759 42.52 26.90 -14.72
CA HIS C 759 41.76 25.65 -14.78
C HIS C 759 42.61 24.46 -15.12
N GLU C 760 43.58 24.66 -16.00
CA GLU C 760 44.49 23.60 -16.39
C GLU C 760 45.90 24.01 -16.07
N THR C 761 46.54 23.23 -15.21
CA THR C 761 47.91 23.51 -14.81
C THR C 761 48.83 22.36 -15.17
N ASP C 762 50.11 22.67 -15.25
CA ASP C 762 51.17 21.68 -15.46
C ASP C 762 52.45 22.26 -14.89
N ALA C 763 53.28 21.40 -14.30
CA ALA C 763 54.57 21.83 -13.77
C ALA C 763 55.62 20.77 -14.04
N LEU C 764 56.88 21.20 -14.12
CA LEU C 764 57.99 20.26 -14.26
C LEU C 764 59.18 20.62 -13.36
N GLU C 765 59.84 19.59 -12.85
CA GLU C 765 60.97 19.75 -11.97
C GLU C 765 62.19 19.11 -12.64
N LYS C 766 62.78 19.81 -13.60
CA LYS C 766 63.97 19.32 -14.30
C LYS C 766 65.26 19.87 -13.67
N VAL C 767 66.41 19.36 -14.11
CA VAL C 767 67.70 19.74 -13.53
C VAL C 767 68.84 19.89 -14.57
N ILE C 768 69.43 21.08 -14.61
CA ILE C 768 70.65 21.30 -15.36
C ILE C 768 71.81 21.25 -14.36
N ARG C 769 72.90 20.60 -14.73
CA ARG C 769 74.05 20.49 -13.82
C ARG C 769 75.08 21.58 -14.10
N VAL C 770 75.42 22.36 -13.07
CA VAL C 770 76.35 23.46 -13.19
C VAL C 770 77.78 22.98 -12.93
N MET C 771 78.59 22.94 -13.99
CA MET C 771 79.96 22.45 -13.92
C MET C 771 80.95 23.58 -13.63
N PRO C 772 82.07 23.26 -12.94
CA PRO C 772 83.16 24.24 -12.79
C PRO C 772 83.87 24.42 -14.13
N GLU C 773 84.73 25.44 -14.24
CA GLU C 773 85.44 25.71 -15.49
C GLU C 773 86.55 24.70 -15.76
N SER C 774 87.26 24.32 -14.69
CA SER C 774 88.39 23.38 -14.78
C SER C 774 88.01 21.99 -14.28
N LEU C 775 88.81 20.99 -14.70
CA LEU C 775 88.70 19.64 -14.18
C LEU C 775 89.16 19.63 -12.73
N ALA C 776 88.20 19.64 -11.81
CA ALA C 776 88.49 19.73 -10.38
C ALA C 776 88.79 18.36 -9.78
N GLN C 777 89.77 18.29 -8.88
CA GLN C 777 90.12 17.06 -8.19
C GLN C 777 90.39 17.33 -6.71
N PRO C 778 89.58 16.77 -5.81
CA PRO C 778 89.73 17.03 -4.38
C PRO C 778 90.80 16.16 -3.73
N LYS C 779 91.59 16.72 -2.83
CA LYS C 779 92.57 15.96 -2.05
C LYS C 779 92.03 15.70 -0.63
N MET C 780 92.44 14.59 -0.02
CA MET C 780 91.97 14.26 1.32
C MET C 780 93.08 13.71 2.22
N ASP C 781 93.44 14.48 3.24
CA ASP C 781 94.39 14.02 4.24
C ASP C 781 93.66 13.28 5.36
N THR C 782 94.20 12.14 5.76
CA THR C 782 93.54 11.30 6.75
C THR C 782 94.46 10.90 7.89
N SER C 783 93.89 10.85 9.09
CA SER C 783 94.57 10.28 10.24
C SER C 783 93.64 9.27 10.86
N PHE C 784 94.20 8.18 11.38
CA PHE C 784 93.40 7.22 12.13
C PHE C 784 93.98 6.96 13.49
N PHE C 785 93.11 6.73 14.46
CA PHE C 785 93.53 6.38 15.81
C PHE C 785 92.93 5.05 16.22
N CYS C 786 93.69 4.29 17.01
CA CYS C 786 93.17 3.06 17.58
C CYS C 786 93.61 2.98 19.03
N PHE C 787 92.69 3.29 19.95
CA PHE C 787 93.00 3.27 21.37
C PHE C 787 92.25 2.16 22.09
N ASP C 788 92.99 1.20 22.65
CA ASP C 788 92.39 0.16 23.48
C ASP C 788 92.25 0.57 24.94
N ASP C 789 93.19 1.39 25.42
CA ASP C 789 93.14 1.96 26.76
C ASP C 789 93.02 3.46 26.65
N TYR C 790 92.30 4.07 27.58
CA TYR C 790 92.01 5.50 27.56
C TYR C 790 93.28 6.28 27.23
N LYS C 791 93.26 7.00 26.11
CA LYS C 791 94.41 7.77 25.68
C LYS C 791 94.00 9.12 25.11
N ASN C 792 94.63 10.16 25.65
CA ASN C 792 94.58 11.51 25.09
C ASN C 792 95.63 11.62 24.01
N GLN C 793 95.34 12.37 22.95
CA GLN C 793 96.35 12.68 21.92
C GLN C 793 95.91 13.88 21.10
N THR C 794 96.88 14.58 20.53
CA THR C 794 96.59 15.76 19.73
C THR C 794 97.11 15.64 18.30
N PHE C 795 96.18 15.55 17.35
CA PHE C 795 96.51 15.46 15.94
C PHE C 795 96.49 16.86 15.32
N PRO C 796 97.63 17.32 14.82
CA PRO C 796 97.65 18.60 14.12
C PRO C 796 97.27 18.44 12.65
N PHE C 797 96.81 19.52 12.05
CA PHE C 797 96.43 19.52 10.64
C PHE C 797 96.77 20.86 10.00
N ASN C 798 97.94 20.92 9.38
CA ASN C 798 98.33 22.10 8.63
C ASN C 798 97.52 22.17 7.34
N LEU C 799 96.67 23.19 7.24
CA LEU C 799 95.82 23.37 6.06
C LEU C 799 96.52 24.18 4.97
N ASP C 800 97.57 24.91 5.36
CA ASP C 800 98.50 25.54 4.42
C ASP C 800 97.79 26.37 3.34
N SER C 809 90.27 29.93 -5.30
CA SER C 809 90.77 29.27 -4.08
C SER C 809 89.85 28.14 -3.58
N LYS C 810 90.29 27.49 -2.50
CA LYS C 810 89.71 26.24 -2.03
C LYS C 810 88.59 26.41 -1.01
N LYS C 811 87.88 25.31 -0.76
CA LYS C 811 86.94 25.15 0.36
C LYS C 811 87.34 23.89 1.12
N ILE C 812 87.23 23.92 2.44
CA ILE C 812 87.58 22.75 3.26
C ILE C 812 86.35 22.17 3.98
N GLU C 813 86.38 20.86 4.22
CA GLU C 813 85.41 20.18 5.05
C GLU C 813 86.14 19.20 5.97
N PHE C 814 85.77 19.17 7.25
CA PHE C 814 86.33 18.17 8.18
C PHE C 814 85.33 17.05 8.42
N ARG C 815 85.82 15.81 8.36
CA ARG C 815 85.00 14.65 8.65
C ARG C 815 85.64 13.76 9.69
N LEU C 816 84.85 13.36 10.68
CA LEU C 816 85.19 12.24 11.55
C LEU C 816 84.28 11.07 11.18
N ASN C 817 84.89 9.89 11.03
CA ASN C 817 84.15 8.70 10.62
C ASN C 817 84.56 7.51 11.45
N PRO C 818 83.59 6.88 12.13
CA PRO C 818 83.89 5.84 13.11
C PRO C 818 84.22 4.48 12.52
N ASN C 819 84.10 4.35 11.19
CA ASN C 819 84.47 3.12 10.49
C ASN C 819 85.01 3.39 9.09
N LEU C 820 85.99 2.58 8.70
CA LEU C 820 86.56 2.59 7.35
C LEU C 820 85.52 2.61 6.24
N LEU C 821 84.37 2.00 6.52
CA LEU C 821 83.38 1.73 5.51
C LEU C 821 82.20 2.66 5.51
N THR C 822 82.07 3.51 6.52
CA THR C 822 80.91 4.42 6.61
C THR C 822 80.87 5.35 5.40
N MET C 823 82.00 5.95 5.06
CA MET C 823 82.10 6.74 3.84
C MET C 823 81.90 5.87 2.59
N VAL C 824 82.47 4.66 2.61
CA VAL C 824 82.39 3.71 1.49
C VAL C 824 80.95 3.28 1.21
N ILE C 825 80.22 2.84 2.23
CA ILE C 825 78.86 2.36 2.02
C ILE C 825 77.91 3.50 1.63
N LYS C 826 78.07 4.66 2.26
CA LYS C 826 77.27 5.83 1.90
C LYS C 826 77.74 6.41 0.57
N ASN C 827 78.42 5.59 -0.23
CA ASN C 827 78.87 5.96 -1.57
C ASN C 827 78.85 4.80 -2.56
N LEU C 828 78.64 3.58 -2.06
CA LEU C 828 78.80 2.35 -2.84
C LEU C 828 78.48 2.49 -4.33
N ASP C 829 77.23 2.88 -4.64
CA ASP C 829 76.76 2.96 -6.02
C ASP C 829 77.64 3.80 -6.96
N ASN C 830 78.51 4.64 -6.39
CA ASN C 830 79.47 5.43 -7.16
C ASN C 830 80.69 5.82 -6.32
N LEU C 831 81.81 5.14 -6.55
CA LEU C 831 82.99 5.31 -5.70
C LEU C 831 84.19 5.98 -6.37
N LEU C 832 84.19 6.04 -7.68
CA LEU C 832 85.36 6.55 -8.38
C LEU C 832 85.07 7.78 -9.20
N ALA C 833 86.06 8.67 -9.27
CA ALA C 833 85.98 9.90 -10.07
C ALA C 833 86.24 9.63 -11.55
N VAL C 834 86.57 8.39 -11.88
CA VAL C 834 86.94 8.02 -13.24
C VAL C 834 85.82 7.15 -13.86
N PRO C 835 85.68 7.19 -15.21
CA PRO C 835 84.81 6.23 -15.90
C PRO C 835 85.23 4.79 -15.65
N THR C 836 84.29 3.85 -15.78
CA THR C 836 84.58 2.43 -15.55
C THR C 836 83.98 1.48 -16.61
N GLY C 837 84.09 1.86 -17.87
CA GLY C 837 83.53 1.09 -18.98
C GLY C 837 84.49 0.06 -19.56
N CYS C 838 85.07 -0.75 -18.69
CA CYS C 838 85.89 -1.88 -19.12
C CYS C 838 85.73 -3.02 -18.14
N GLY C 839 86.05 -4.23 -18.60
CA GLY C 839 85.88 -5.45 -17.82
C GLY C 839 86.44 -5.42 -16.42
N GLU C 840 87.62 -4.81 -16.27
CA GLU C 840 88.27 -4.71 -14.97
C GLU C 840 87.63 -3.61 -14.14
N GLN C 841 87.47 -2.44 -14.75
CA GLN C 841 86.91 -1.28 -14.05
C GLN C 841 85.46 -1.50 -13.58
N ASN C 842 84.65 -2.08 -14.44
CA ASN C 842 83.23 -2.32 -14.17
C ASN C 842 82.99 -3.21 -12.94
N MET C 843 84.08 -3.65 -12.31
CA MET C 843 83.98 -4.47 -11.11
C MET C 843 83.82 -3.64 -9.84
N VAL C 844 83.96 -2.32 -9.97
CA VAL C 844 83.67 -1.40 -8.87
C VAL C 844 82.21 -1.49 -8.48
N LYS C 845 81.36 -1.94 -9.41
CA LYS C 845 79.94 -2.13 -9.14
C LYS C 845 79.71 -3.45 -8.43
N PHE C 846 80.74 -4.29 -8.42
CA PHE C 846 80.65 -5.65 -7.89
C PHE C 846 81.48 -5.89 -6.62
N VAL C 847 82.81 -5.82 -6.76
CA VAL C 847 83.76 -6.17 -5.69
C VAL C 847 83.58 -5.42 -4.36
N PRO C 848 83.54 -4.06 -4.38
CA PRO C 848 83.36 -3.30 -3.15
C PRO C 848 82.19 -3.79 -2.33
N ASN C 849 81.18 -4.33 -3.01
CA ASN C 849 80.01 -4.87 -2.33
C ASN C 849 80.28 -6.17 -1.60
N ILE C 850 81.12 -7.04 -2.18
CA ILE C 850 81.51 -8.29 -1.52
C ILE C 850 82.27 -7.99 -0.23
N LEU C 851 83.23 -7.08 -0.32
CA LEU C 851 84.07 -6.68 0.81
C LEU C 851 83.28 -6.01 1.93
N VAL C 852 82.29 -5.20 1.56
CA VAL C 852 81.39 -4.57 2.53
C VAL C 852 80.49 -5.62 3.17
N LEU C 853 80.06 -6.61 2.38
CA LEU C 853 79.29 -7.74 2.91
C LEU C 853 80.17 -8.63 3.78
N ASP C 854 81.39 -8.87 3.31
CA ASP C 854 82.39 -9.62 4.06
C ASP C 854 82.43 -9.09 5.49
N TYR C 855 82.76 -7.81 5.62
CA TYR C 855 83.00 -7.15 6.90
C TYR C 855 81.80 -7.15 7.83
N LEU C 856 80.62 -6.81 7.28
CA LEU C 856 79.42 -6.67 8.08
C LEU C 856 79.03 -7.99 8.73
N TYR C 857 79.19 -9.10 8.01
CA TYR C 857 78.89 -10.40 8.58
C TYR C 857 79.93 -10.82 9.60
N ALA C 858 81.20 -10.64 9.26
CA ALA C 858 82.30 -10.94 10.17
C ALA C 858 82.08 -10.31 11.55
N THR C 859 81.93 -8.98 11.59
CA THR C 859 81.74 -8.26 12.85
C THR C 859 80.35 -8.53 13.43
N GLY C 860 79.50 -9.21 12.66
CA GLY C 860 78.12 -9.51 13.07
C GLY C 860 77.30 -8.25 13.25
N SER C 861 77.24 -7.44 12.20
CA SER C 861 76.51 -6.17 12.23
C SER C 861 75.02 -6.37 12.44
N LYS C 862 74.46 -5.59 13.36
CA LYS C 862 73.04 -5.60 13.61
C LYS C 862 72.36 -4.52 12.73
N GLU C 863 73.13 -3.96 11.81
CA GLU C 863 72.59 -3.00 10.86
C GLU C 863 72.18 -3.68 9.57
N GLN C 864 71.11 -4.47 9.65
CA GLN C 864 70.57 -5.17 8.49
C GLN C 864 70.33 -4.20 7.33
N HIS C 865 69.97 -2.97 7.71
CA HIS C 865 69.72 -1.85 6.80
C HIS C 865 70.81 -1.62 5.77
N LEU C 866 72.07 -1.80 6.17
CA LEU C 866 73.20 -1.69 5.26
C LEU C 866 73.35 -2.94 4.42
N ILE C 867 73.38 -4.09 5.09
CA ILE C 867 73.50 -5.38 4.43
C ILE C 867 72.56 -5.46 3.23
N ASP C 868 71.33 -4.97 3.41
CA ASP C 868 70.34 -4.94 2.34
C ASP C 868 70.85 -4.16 1.12
N LYS C 869 71.30 -2.92 1.33
CA LYS C 869 71.84 -2.10 0.24
C LYS C 869 72.95 -2.83 -0.49
N ALA C 870 73.90 -3.34 0.27
CA ALA C 870 75.07 -4.03 -0.27
C ALA C 870 74.70 -5.30 -1.03
N THR C 871 73.76 -6.07 -0.49
CA THR C 871 73.32 -7.32 -1.13
C THR C 871 72.57 -7.03 -2.43
N ASN C 872 71.74 -5.99 -2.41
CA ASN C 872 71.01 -5.56 -3.59
C ASN C 872 71.97 -5.11 -4.71
N LEU C 873 72.95 -4.29 -4.34
CA LEU C 873 73.96 -3.82 -5.28
C LEU C 873 74.88 -4.92 -5.80
N LEU C 874 75.05 -5.97 -5.00
CA LEU C 874 75.85 -7.13 -5.39
C LEU C 874 75.21 -7.87 -6.57
N ARG C 875 73.89 -8.03 -6.51
CA ARG C 875 73.14 -8.69 -7.56
C ARG C 875 73.18 -7.88 -8.86
N GLN C 876 72.84 -6.60 -8.77
CA GLN C 876 72.88 -5.70 -9.91
C GLN C 876 74.30 -5.57 -10.45
N GLY C 877 75.29 -5.77 -9.58
CA GLY C 877 76.69 -5.77 -10.00
C GLY C 877 77.04 -7.02 -10.79
N TYR C 878 76.40 -8.13 -10.42
CA TYR C 878 76.59 -9.40 -11.10
C TYR C 878 76.06 -9.36 -12.54
N GLN C 879 74.83 -8.88 -12.70
CA GLN C 879 74.21 -8.70 -14.01
C GLN C 879 75.04 -7.81 -14.91
N ASN C 880 75.44 -6.65 -14.40
CA ASN C 880 76.26 -5.71 -15.17
C ASN C 880 77.52 -6.37 -15.72
N GLN C 881 78.15 -7.23 -14.92
CA GLN C 881 79.43 -7.83 -15.26
C GLN C 881 79.33 -8.99 -16.28
N MET C 882 78.15 -9.59 -16.40
CA MET C 882 77.95 -10.68 -17.35
C MET C 882 78.12 -10.25 -18.81
N ARG C 883 78.16 -8.94 -19.02
CA ARG C 883 78.32 -8.36 -20.34
C ARG C 883 79.73 -8.59 -20.87
N TYR C 884 80.66 -8.87 -19.96
CA TYR C 884 82.07 -9.10 -20.30
C TYR C 884 82.44 -10.59 -20.38
N ARG C 885 81.44 -11.46 -20.31
CA ARG C 885 81.65 -12.88 -20.54
C ARG C 885 81.80 -13.13 -22.04
N GLN C 886 82.83 -13.90 -22.39
CA GLN C 886 83.07 -14.26 -23.78
C GLN C 886 82.47 -15.63 -24.09
N THR C 887 82.51 -16.02 -25.36
CA THR C 887 81.90 -17.27 -25.81
C THR C 887 82.55 -18.50 -25.16
N ASP C 888 83.87 -18.47 -25.05
CA ASP C 888 84.64 -19.62 -24.54
C ASP C 888 84.61 -19.78 -23.02
N GLY C 889 83.78 -18.99 -22.34
CA GLY C 889 83.62 -19.09 -20.88
C GLY C 889 84.48 -18.14 -20.08
N SER C 890 85.45 -17.51 -20.75
CA SER C 890 86.35 -16.54 -20.14
C SER C 890 85.73 -15.14 -20.08
N PHE C 891 86.43 -14.21 -19.41
CA PHE C 891 86.01 -12.83 -19.37
C PHE C 891 86.99 -11.92 -20.09
N GLY C 892 86.47 -10.87 -20.73
CA GLY C 892 87.30 -9.94 -21.47
C GLY C 892 87.14 -8.51 -21.03
N VAL C 893 88.14 -7.69 -21.32
CA VAL C 893 88.15 -6.26 -20.99
C VAL C 893 87.03 -5.53 -21.72
N TRP C 894 86.67 -6.02 -22.90
CA TRP C 894 85.60 -5.41 -23.68
C TRP C 894 84.41 -6.31 -23.83
N GLU C 895 83.27 -5.70 -24.17
CA GLU C 895 82.00 -6.40 -24.26
C GLU C 895 82.05 -7.50 -25.33
N LYS C 896 82.49 -7.14 -26.53
CA LYS C 896 82.56 -8.07 -27.66
C LYS C 896 83.85 -8.89 -27.66
N SER C 897 84.99 -8.23 -27.53
CA SER C 897 86.30 -8.88 -27.66
C SER C 897 87.16 -8.79 -26.41
N GLY C 898 88.48 -8.80 -26.60
CA GLY C 898 89.46 -8.54 -25.55
C GLY C 898 89.55 -9.49 -24.37
N SER C 899 89.46 -10.80 -24.63
CA SER C 899 89.57 -11.82 -23.59
C SER C 899 90.87 -11.66 -22.80
N SER C 900 90.84 -12.00 -21.51
CA SER C 900 91.98 -11.78 -20.61
C SER C 900 92.13 -12.85 -19.53
N VAL C 901 93.37 -13.19 -19.21
CA VAL C 901 93.68 -14.16 -18.16
C VAL C 901 93.53 -13.51 -16.77
N PHE C 902 94.14 -12.33 -16.62
CA PHE C 902 94.06 -11.55 -15.39
C PHE C 902 92.61 -11.42 -14.97
N LEU C 903 91.80 -10.87 -15.87
CA LEU C 903 90.39 -10.61 -15.62
C LEU C 903 89.61 -11.87 -15.32
N THR C 904 89.82 -12.91 -16.13
CA THR C 904 89.09 -14.17 -15.96
C THR C 904 89.34 -14.78 -14.58
N ALA C 905 90.58 -14.74 -14.13
CA ALA C 905 90.90 -15.18 -12.78
C ALA C 905 90.10 -14.36 -11.77
N PHE C 906 90.13 -13.04 -11.94
CA PHE C 906 89.51 -12.07 -11.05
C PHE C 906 87.99 -12.23 -10.98
N VAL C 907 87.33 -12.09 -12.13
CA VAL C 907 85.86 -12.15 -12.21
C VAL C 907 85.32 -13.51 -11.76
N ALA C 908 86.00 -14.57 -12.16
CA ALA C 908 85.59 -15.94 -11.84
C ALA C 908 85.54 -16.17 -10.34
N THR C 909 86.68 -15.94 -9.69
CA THR C 909 86.83 -16.19 -8.26
C THR C 909 86.07 -15.17 -7.45
N SER C 910 85.98 -13.95 -8.01
CA SER C 910 85.20 -12.87 -7.42
C SER C 910 83.75 -13.30 -7.20
N MET C 911 83.17 -13.92 -8.22
CA MET C 911 81.80 -14.45 -8.17
C MET C 911 81.65 -15.62 -7.22
N GLN C 912 82.64 -16.51 -7.24
CA GLN C 912 82.67 -17.69 -6.36
C GLN C 912 82.51 -17.31 -4.89
N THR C 913 83.09 -16.16 -4.51
CA THR C 913 82.96 -15.61 -3.16
C THR C 913 81.55 -15.07 -2.92
N ALA C 914 81.08 -14.23 -3.85
CA ALA C 914 79.78 -13.58 -3.75
C ALA C 914 78.62 -14.56 -3.63
N SER C 915 78.88 -15.81 -3.99
CA SER C 915 77.88 -16.87 -3.97
C SER C 915 77.24 -17.03 -2.59
N LYS C 916 78.01 -16.83 -1.53
CA LYS C 916 77.49 -16.95 -0.17
C LYS C 916 76.56 -15.79 0.21
N TYR C 917 76.46 -14.79 -0.66
CA TYR C 917 75.59 -13.62 -0.42
C TYR C 917 74.40 -13.50 -1.38
N MET C 918 74.42 -14.27 -2.47
CA MET C 918 73.31 -14.29 -3.43
C MET C 918 73.10 -15.65 -4.07
N ASN C 919 71.83 -16.07 -4.13
CA ASN C 919 71.41 -17.31 -4.78
C ASN C 919 71.68 -17.33 -6.30
N ASP C 920 71.51 -16.17 -6.94
CA ASP C 920 71.38 -16.06 -8.39
C ASP C 920 72.62 -16.39 -9.24
N ILE C 921 73.74 -16.72 -8.60
CA ILE C 921 74.99 -16.95 -9.35
C ILE C 921 74.99 -18.28 -10.11
N ASP C 922 75.31 -18.19 -11.39
CA ASP C 922 75.40 -19.33 -12.29
C ASP C 922 76.59 -20.22 -11.91
N ALA C 923 76.34 -21.15 -11.00
CA ALA C 923 77.39 -22.00 -10.39
C ALA C 923 78.30 -22.75 -11.36
N ALA C 924 77.73 -23.20 -12.48
CA ALA C 924 78.49 -23.91 -13.50
C ALA C 924 79.28 -22.94 -14.37
N MET C 925 78.74 -21.74 -14.57
CA MET C 925 79.35 -20.70 -15.39
C MET C 925 80.69 -20.27 -14.81
N VAL C 926 80.77 -20.27 -13.48
CA VAL C 926 82.01 -20.02 -12.75
C VAL C 926 83.01 -21.15 -13.02
N GLU C 927 82.55 -22.39 -12.81
CA GLU C 927 83.36 -23.59 -13.03
C GLU C 927 83.98 -23.63 -14.43
N LYS C 928 83.16 -23.31 -15.44
CA LYS C 928 83.59 -23.26 -16.84
C LYS C 928 84.58 -22.13 -17.10
N ALA C 929 84.54 -21.09 -16.28
CA ALA C 929 85.47 -19.99 -16.36
C ALA C 929 86.81 -20.35 -15.71
N LEU C 930 86.73 -21.07 -14.60
CA LEU C 930 87.92 -21.58 -13.91
C LEU C 930 88.64 -22.64 -14.73
N ASP C 931 87.89 -23.36 -15.54
CA ASP C 931 88.44 -24.41 -16.39
C ASP C 931 89.17 -23.84 -17.61
N TRP C 932 88.65 -22.74 -18.16
CA TRP C 932 89.33 -21.99 -19.21
C TRP C 932 90.66 -21.51 -18.70
N LEU C 933 90.64 -21.08 -17.44
CA LEU C 933 91.82 -20.58 -16.75
C LEU C 933 92.86 -21.68 -16.58
N ALA C 934 92.43 -22.80 -15.99
CA ALA C 934 93.31 -23.94 -15.70
C ALA C 934 94.10 -24.44 -16.91
N SER C 935 93.46 -24.45 -18.08
CA SER C 935 94.07 -24.91 -19.32
C SER C 935 95.14 -23.95 -19.86
N LYS C 936 95.05 -22.68 -19.47
CA LYS C 936 95.97 -21.65 -19.96
C LYS C 936 97.34 -21.64 -19.27
N GLN C 937 97.48 -22.45 -18.21
CA GLN C 937 98.76 -22.60 -17.47
C GLN C 937 99.83 -23.25 -18.35
N HIS C 938 101.09 -22.88 -18.10
CA HIS C 938 102.24 -23.53 -18.73
C HIS C 938 102.63 -24.75 -17.97
N SER C 939 103.56 -25.52 -18.53
CA SER C 939 104.06 -26.75 -17.88
C SER C 939 104.86 -26.46 -16.61
N SER C 940 105.49 -25.28 -16.57
CA SER C 940 106.25 -24.83 -15.41
C SER C 940 105.36 -24.49 -14.19
N GLY C 941 104.09 -24.20 -14.46
CA GLY C 941 103.15 -23.72 -13.43
C GLY C 941 102.91 -22.24 -13.60
N ARG C 942 103.53 -21.69 -14.64
CA ARG C 942 103.52 -20.26 -14.96
C ARG C 942 102.25 -19.88 -15.72
N PHE C 943 101.87 -18.60 -15.64
CA PHE C 943 100.75 -18.06 -16.42
C PHE C 943 101.20 -16.82 -17.19
N ASP C 944 100.81 -16.73 -18.46
CA ASP C 944 101.10 -15.55 -19.28
C ASP C 944 99.79 -14.88 -19.67
N GLU C 945 99.82 -13.59 -19.99
CA GLU C 945 98.60 -12.92 -20.46
C GLU C 945 98.45 -13.07 -21.97
N THR C 946 97.42 -13.82 -22.35
CA THR C 946 97.06 -13.98 -23.75
C THR C 946 96.10 -12.84 -24.16
N GLY C 947 96.62 -11.90 -24.96
CA GLY C 947 95.89 -10.68 -25.31
C GLY C 947 96.64 -9.45 -24.82
N LYS C 948 96.32 -8.30 -25.40
CA LYS C 948 97.07 -7.03 -25.17
C LYS C 948 97.35 -6.67 -23.71
N VAL C 949 98.37 -5.83 -23.50
CA VAL C 949 98.75 -5.37 -22.16
C VAL C 949 98.16 -3.98 -21.84
N TRP C 950 97.28 -3.95 -20.84
CA TRP C 950 96.61 -2.73 -20.39
C TRP C 950 96.90 -2.44 -18.93
N HIS C 951 97.33 -3.46 -18.19
CA HIS C 951 97.85 -3.30 -16.83
C HIS C 951 99.22 -3.90 -16.82
N LYS C 952 100.23 -3.04 -16.91
CA LYS C 952 101.62 -3.47 -17.15
C LYS C 952 102.23 -4.34 -16.07
N ASP C 953 102.25 -3.85 -14.84
CA ASP C 953 102.86 -4.57 -13.71
C ASP C 953 102.29 -5.98 -13.55
N MET C 954 101.00 -6.13 -13.85
CA MET C 954 100.30 -7.39 -13.70
C MET C 954 100.51 -8.32 -14.91
N GLN C 955 100.33 -7.76 -16.11
CA GLN C 955 100.33 -8.54 -17.35
C GLN C 955 101.69 -8.56 -18.06
N GLY C 956 102.70 -7.94 -17.44
CA GLY C 956 104.04 -7.92 -17.99
C GLY C 956 104.72 -9.27 -17.88
N GLY C 957 105.26 -9.74 -18.99
CA GLY C 957 106.01 -11.00 -19.02
C GLY C 957 107.50 -10.75 -18.92
N LEU C 958 107.88 -9.47 -18.90
CA LEU C 958 109.27 -9.06 -18.83
C LEU C 958 109.95 -9.44 -17.51
N ARG C 959 109.19 -10.02 -16.58
CA ARG C 959 109.73 -10.48 -15.30
C ARG C 959 109.15 -11.84 -14.94
N ASN C 960 109.52 -12.86 -15.74
CA ASN C 960 109.13 -14.27 -15.50
C ASN C 960 107.64 -14.53 -15.29
N GLY C 961 106.81 -13.55 -15.61
CA GLY C 961 105.37 -13.62 -15.35
C GLY C 961 105.07 -13.98 -13.90
N VAL C 962 105.89 -13.45 -12.99
CA VAL C 962 105.74 -13.70 -11.54
C VAL C 962 104.43 -13.07 -11.04
N ALA C 963 104.13 -11.87 -11.49
CA ALA C 963 102.92 -11.17 -11.12
C ALA C 963 101.69 -12.02 -11.42
N LEU C 964 101.43 -12.26 -12.70
CA LEU C 964 100.21 -12.95 -13.11
C LEU C 964 100.06 -14.33 -12.48
N THR C 965 101.17 -15.07 -12.40
CA THR C 965 101.17 -16.41 -11.81
C THR C 965 100.71 -16.36 -10.36
N SER C 966 101.30 -15.43 -9.61
CA SER C 966 100.97 -15.24 -8.20
C SER C 966 99.52 -14.84 -8.02
N TYR C 967 99.02 -13.98 -8.92
CA TYR C 967 97.63 -13.53 -8.86
C TYR C 967 96.65 -14.67 -9.08
N VAL C 968 96.84 -15.41 -10.17
CA VAL C 968 95.97 -16.54 -10.52
C VAL C 968 95.95 -17.57 -9.39
N LEU C 969 97.10 -17.83 -8.81
CA LEU C 969 97.21 -18.72 -7.65
C LEU C 969 96.48 -18.17 -6.44
N THR C 970 96.48 -16.85 -6.30
CA THR C 970 95.77 -16.16 -5.23
C THR C 970 94.27 -16.38 -5.37
N ALA C 971 93.79 -16.24 -6.61
CA ALA C 971 92.37 -16.33 -6.93
C ALA C 971 91.82 -17.72 -6.64
N LEU C 972 92.58 -18.73 -7.04
CA LEU C 972 92.19 -20.12 -6.85
C LEU C 972 92.12 -20.47 -5.37
N LEU C 973 93.10 -19.97 -4.59
CA LEU C 973 93.26 -20.34 -3.19
C LEU C 973 92.16 -19.85 -2.23
N GLU C 974 91.45 -18.80 -2.64
CA GLU C 974 90.46 -18.17 -1.75
C GLU C 974 89.06 -18.81 -1.76
N ASN C 975 88.86 -19.83 -2.59
CA ASN C 975 87.58 -20.53 -2.67
C ASN C 975 87.71 -22.03 -2.41
N ASP C 976 87.02 -22.51 -1.37
CA ASP C 976 87.12 -23.91 -0.91
C ASP C 976 86.79 -24.95 -1.98
N ILE C 977 85.76 -24.68 -2.79
CA ILE C 977 85.44 -25.52 -3.93
C ILE C 977 86.59 -25.48 -4.95
N ALA C 978 86.97 -24.27 -5.34
CA ALA C 978 88.03 -24.06 -6.33
C ALA C 978 89.39 -24.62 -5.90
N LYS C 979 89.68 -24.56 -4.60
CA LYS C 979 90.95 -25.05 -4.04
C LYS C 979 91.11 -26.56 -4.17
N VAL C 980 90.01 -27.29 -4.00
CA VAL C 980 90.02 -28.76 -4.11
C VAL C 980 89.92 -29.22 -5.57
N LYS C 981 88.97 -28.65 -6.31
CA LYS C 981 88.71 -29.03 -7.70
C LYS C 981 89.89 -28.78 -8.64
N HIS C 982 90.70 -27.76 -8.33
CA HIS C 982 91.82 -27.37 -9.19
C HIS C 982 93.17 -27.52 -8.53
N ALA C 983 93.23 -28.28 -7.44
CA ALA C 983 94.43 -28.43 -6.61
C ALA C 983 95.73 -28.77 -7.36
N VAL C 984 95.60 -29.50 -8.47
CA VAL C 984 96.76 -29.90 -9.27
C VAL C 984 97.37 -28.70 -10.00
N VAL C 985 96.50 -27.81 -10.50
CA VAL C 985 96.92 -26.58 -11.20
C VAL C 985 97.65 -25.64 -10.24
N ILE C 986 97.09 -25.51 -9.04
CA ILE C 986 97.68 -24.73 -7.94
C ILE C 986 99.08 -25.25 -7.61
N GLN C 987 99.18 -26.56 -7.39
CA GLN C 987 100.43 -27.19 -6.98
C GLN C 987 101.59 -26.92 -7.93
N ASN C 988 101.28 -26.88 -9.23
CA ASN C 988 102.25 -26.50 -10.25
C ASN C 988 102.71 -25.05 -10.15
N GLY C 989 101.75 -24.17 -9.86
CA GLY C 989 102.03 -22.74 -9.72
C GLY C 989 102.88 -22.42 -8.51
N MET C 990 102.49 -22.93 -7.34
CA MET C 990 103.21 -22.71 -6.08
C MET C 990 104.66 -23.17 -6.15
N ASN C 991 104.91 -24.21 -6.94
CA ASN C 991 106.26 -24.69 -7.20
C ASN C 991 107.05 -23.72 -8.08
N TYR C 992 106.37 -23.17 -9.09
CA TYR C 992 107.01 -22.19 -9.98
C TYR C 992 107.47 -20.97 -9.21
N LEU C 993 106.65 -20.53 -8.25
CA LEU C 993 107.03 -19.45 -7.35
C LEU C 993 108.21 -19.85 -6.48
N SER C 994 108.14 -21.05 -5.91
CA SER C 994 109.19 -21.55 -5.02
C SER C 994 110.56 -21.51 -5.71
N ASN C 995 110.59 -22.00 -6.95
CA ASN C 995 111.80 -21.98 -7.77
C ASN C 995 112.21 -20.57 -8.15
N GLN C 996 111.25 -19.66 -8.12
CA GLN C 996 111.48 -18.27 -8.51
C GLN C 996 111.80 -17.33 -7.35
N LEU C 997 111.58 -17.79 -6.12
CA LEU C 997 111.53 -16.89 -4.95
C LEU C 997 112.76 -16.02 -4.74
N ALA C 998 113.95 -16.63 -4.81
CA ALA C 998 115.19 -15.89 -4.64
C ALA C 998 115.45 -14.98 -5.85
N PHE C 999 114.74 -15.22 -6.94
CA PHE C 999 114.90 -14.46 -8.18
C PHE C 999 114.01 -13.23 -8.30
N ILE C 1000 112.91 -13.18 -7.55
CA ILE C 1000 111.98 -12.04 -7.60
C ILE C 1000 112.61 -10.81 -6.95
N ASN C 1001 112.74 -9.73 -7.72
CA ASN C 1001 113.35 -8.50 -7.22
C ASN C 1001 112.50 -7.25 -7.39
N ASN C 1002 111.29 -7.43 -7.90
CA ASN C 1002 110.34 -6.34 -8.05
C ASN C 1002 109.30 -6.38 -6.91
N PRO C 1003 109.10 -5.25 -6.22
CA PRO C 1003 108.21 -5.22 -5.05
C PRO C 1003 106.77 -5.63 -5.36
N TYR C 1004 106.22 -5.15 -6.48
CA TYR C 1004 104.88 -5.52 -6.93
C TYR C 1004 104.76 -7.04 -6.97
N ASP C 1005 105.59 -7.68 -7.80
CA ASP C 1005 105.55 -9.12 -8.01
C ASP C 1005 105.63 -9.87 -6.68
N LEU C 1006 106.64 -9.54 -5.89
CA LEU C 1006 106.89 -10.22 -4.61
C LEU C 1006 105.73 -10.12 -3.63
N SER C 1007 105.06 -8.97 -3.59
CA SER C 1007 103.96 -8.74 -2.67
C SER C 1007 102.85 -9.76 -2.84
N ILE C 1008 102.58 -10.12 -4.10
CA ILE C 1008 101.54 -11.10 -4.45
C ILE C 1008 102.05 -12.53 -4.25
N ALA C 1009 103.27 -12.79 -4.71
CA ALA C 1009 103.92 -14.08 -4.52
C ALA C 1009 103.90 -14.47 -3.05
N THR C 1010 104.14 -13.48 -2.20
CA THR C 1010 104.08 -13.63 -0.75
C THR C 1010 102.64 -13.92 -0.29
N TYR C 1011 101.69 -13.15 -0.82
CA TYR C 1011 100.28 -13.33 -0.51
C TYR C 1011 99.79 -14.72 -0.93
N ALA C 1012 100.23 -15.16 -2.10
CA ALA C 1012 99.95 -16.51 -2.59
C ALA C 1012 100.42 -17.55 -1.56
N MET C 1013 101.72 -17.48 -1.22
CA MET C 1013 102.32 -18.41 -0.26
C MET C 1013 101.67 -18.34 1.11
N MET C 1014 101.29 -17.13 1.52
CA MET C 1014 100.64 -16.94 2.81
C MET C 1014 99.28 -17.64 2.85
N LEU C 1015 98.53 -17.55 1.76
CA LEU C 1015 97.25 -18.21 1.59
C LEU C 1015 97.44 -19.72 1.43
N ASN C 1016 98.48 -20.07 0.67
CA ASN C 1016 98.82 -21.47 0.38
C ASN C 1016 99.26 -22.25 1.62
N GLY C 1017 99.96 -21.58 2.53
CA GLY C 1017 100.56 -22.23 3.68
C GLY C 1017 101.88 -22.88 3.30
N HIS C 1018 102.54 -22.28 2.31
CA HIS C 1018 103.81 -22.77 1.76
C HIS C 1018 104.90 -22.84 2.79
N THR C 1019 105.95 -23.60 2.52
CA THR C 1019 107.09 -23.69 3.42
C THR C 1019 107.91 -22.40 3.40
N MET C 1020 108.12 -21.88 2.19
CA MET C 1020 108.90 -20.66 1.98
C MET C 1020 108.08 -19.39 2.13
N LYS C 1021 107.00 -19.45 2.92
CA LYS C 1021 106.13 -18.29 3.14
C LYS C 1021 106.84 -17.22 3.96
N LYS C 1022 107.40 -17.63 5.10
CA LYS C 1022 108.12 -16.72 5.98
C LYS C 1022 109.27 -16.04 5.24
N GLU C 1023 110.04 -16.83 4.50
CA GLU C 1023 111.12 -16.30 3.69
C GLU C 1023 110.63 -15.19 2.75
N ALA C 1024 109.55 -15.48 2.03
CA ALA C 1024 108.97 -14.57 1.04
C ALA C 1024 108.59 -13.23 1.66
N LEU C 1025 107.95 -13.29 2.82
CA LEU C 1025 107.46 -12.11 3.54
C LEU C 1025 108.60 -11.22 4.05
N ASP C 1026 109.66 -11.85 4.54
CA ASP C 1026 110.84 -11.14 5.03
C ASP C 1026 111.54 -10.42 3.89
N LYS C 1027 111.63 -11.09 2.74
CA LYS C 1027 112.21 -10.49 1.54
C LYS C 1027 111.33 -9.35 0.99
N LEU C 1028 110.05 -9.38 1.34
CA LEU C 1028 109.15 -8.27 1.05
C LEU C 1028 109.40 -7.13 2.04
N ILE C 1029 109.41 -7.46 3.34
CA ILE C 1029 109.67 -6.47 4.39
C ILE C 1029 110.96 -5.70 4.11
N ASP C 1030 111.98 -6.42 3.66
CA ASP C 1030 113.30 -5.85 3.40
C ASP C 1030 113.29 -4.77 2.32
N MET C 1031 112.22 -4.73 1.52
CA MET C 1031 112.08 -3.77 0.42
C MET C 1031 111.30 -2.53 0.82
N SER C 1032 110.77 -2.52 2.05
CA SER C 1032 109.82 -1.49 2.50
C SER C 1032 110.42 -0.13 2.77
N ILE C 1033 109.77 0.91 2.25
CA ILE C 1033 110.16 2.28 2.51
C ILE C 1033 109.58 2.70 3.87
N SER C 1034 110.46 3.12 4.77
CA SER C 1034 110.04 3.52 6.11
C SER C 1034 110.22 5.02 6.35
N ASP C 1035 109.21 5.61 6.98
CA ASP C 1035 109.25 7.00 7.41
C ASP C 1035 108.82 7.05 8.86
N ASN C 1036 109.81 6.97 9.76
CA ASN C 1036 109.56 6.91 11.20
C ASN C 1036 109.12 8.26 11.79
N ASN C 1037 109.49 9.34 11.12
CA ASN C 1037 109.01 10.68 11.47
C ASN C 1037 107.58 10.94 10.93
N LYS C 1038 106.82 9.85 10.72
CA LYS C 1038 105.44 9.90 10.23
C LYS C 1038 104.65 8.64 10.59
N LYS C 1039 105.34 7.63 11.13
CA LYS C 1039 104.78 6.30 11.40
C LYS C 1039 104.11 5.65 10.16
N GLU C 1040 104.84 5.66 9.04
CA GLU C 1040 104.34 5.18 7.75
C GLU C 1040 105.29 4.17 7.13
N ARG C 1041 104.73 3.09 6.58
CA ARG C 1041 105.51 2.09 5.82
C ARG C 1041 104.78 1.67 4.55
N TYR C 1042 105.41 1.90 3.39
CA TYR C 1042 104.84 1.51 2.10
C TYR C 1042 105.80 0.73 1.20
N TRP C 1043 105.29 0.26 0.06
CA TRP C 1043 106.11 -0.45 -0.92
C TRP C 1043 105.97 0.24 -2.26
N GLY C 1044 107.11 0.51 -2.89
CA GLY C 1044 107.24 1.64 -3.81
C GLY C 1044 107.16 1.45 -5.31
N THR C 1045 107.83 2.37 -6.01
CA THR C 1045 107.75 2.57 -7.49
C THR C 1045 106.36 2.88 -8.06
N THR C 1046 105.94 2.10 -9.05
CA THR C 1046 104.77 2.44 -9.86
C THR C 1046 103.41 2.24 -9.16
N ASN C 1047 103.07 1.00 -8.84
CA ASN C 1047 101.74 0.70 -8.30
C ASN C 1047 101.68 0.57 -6.78
N GLN C 1048 102.02 1.67 -6.11
CA GLN C 1048 102.25 1.68 -4.66
C GLN C 1048 101.05 1.19 -3.85
N ILE C 1049 99.91 1.80 -4.11
CA ILE C 1049 98.67 1.51 -3.39
C ILE C 1049 98.32 0.02 -3.43
N GLU C 1050 98.52 -0.61 -4.59
CA GLU C 1050 98.32 -2.04 -4.76
C GLU C 1050 99.34 -2.85 -3.98
N THR C 1051 100.61 -2.65 -4.31
CA THR C 1051 101.70 -3.40 -3.69
C THR C 1051 101.57 -3.42 -2.16
N THR C 1052 101.33 -2.23 -1.60
CA THR C 1052 101.24 -2.04 -0.15
C THR C 1052 100.04 -2.80 0.42
N ALA C 1053 98.95 -2.84 -0.34
CA ALA C 1053 97.76 -3.56 0.08
C ALA C 1053 98.04 -5.05 0.17
N TYR C 1054 98.62 -5.62 -0.89
CA TYR C 1054 99.00 -7.03 -0.89
C TYR C 1054 99.89 -7.30 0.32
N ALA C 1055 100.88 -6.43 0.51
CA ALA C 1055 101.82 -6.52 1.62
C ALA C 1055 101.10 -6.61 2.97
N LEU C 1056 100.21 -5.66 3.23
CA LEU C 1056 99.47 -5.64 4.48
C LEU C 1056 98.65 -6.92 4.67
N LEU C 1057 98.04 -7.40 3.58
CA LEU C 1057 97.24 -8.62 3.63
C LEU C 1057 98.06 -9.78 4.19
N SER C 1058 99.28 -9.92 3.67
CA SER C 1058 100.23 -10.92 4.13
C SER C 1058 100.61 -10.70 5.60
N PHE C 1059 100.73 -9.43 6.01
CA PHE C 1059 100.99 -9.10 7.41
C PHE C 1059 99.89 -9.66 8.29
N VAL C 1060 98.66 -9.27 7.99
CA VAL C 1060 97.50 -9.65 8.80
C VAL C 1060 97.35 -11.16 8.83
N MET C 1061 97.72 -11.78 7.71
CA MET C 1061 97.78 -13.24 7.61
C MET C 1061 98.76 -13.78 8.64
N ALA C 1062 99.97 -13.23 8.64
CA ALA C 1062 101.04 -13.67 9.53
C ALA C 1062 100.95 -13.03 10.93
N GLU C 1063 99.77 -12.49 11.24
CA GLU C 1063 99.48 -11.91 12.56
C GLU C 1063 100.40 -10.75 13.00
N LYS C 1064 101.13 -10.16 12.05
CA LYS C 1064 101.95 -8.99 12.33
C LYS C 1064 101.08 -7.74 12.36
N TYR C 1065 100.11 -7.73 13.29
CA TYR C 1065 99.13 -6.64 13.41
C TYR C 1065 99.77 -5.32 13.80
N LEU C 1066 100.56 -5.34 14.88
CA LEU C 1066 101.21 -4.12 15.36
C LEU C 1066 102.09 -3.51 14.29
N ASP C 1067 102.90 -4.32 13.63
CA ASP C 1067 103.75 -3.83 12.56
C ASP C 1067 102.96 -3.39 11.34
N GLY C 1068 101.68 -3.77 11.30
CA GLY C 1068 100.78 -3.37 10.21
C GLY C 1068 100.23 -1.96 10.37
N ILE C 1069 100.27 -1.44 11.59
CA ILE C 1069 99.73 -0.11 11.90
C ILE C 1069 100.43 1.03 11.14
N PRO C 1070 101.77 1.06 11.12
CA PRO C 1070 102.39 2.06 10.26
C PRO C 1070 102.06 1.88 8.77
N VAL C 1071 101.82 0.62 8.36
CA VAL C 1071 101.42 0.31 6.98
C VAL C 1071 100.07 0.96 6.69
N MET C 1072 99.09 0.67 7.54
CA MET C 1072 97.74 1.24 7.41
C MET C 1072 97.78 2.77 7.34
N ASN C 1073 98.54 3.38 8.24
CA ASN C 1073 98.69 4.84 8.30
C ASN C 1073 98.96 5.48 6.97
N TRP C 1074 99.76 4.79 6.14
CA TRP C 1074 100.06 5.25 4.81
C TRP C 1074 98.87 5.03 3.91
N LEU C 1075 98.32 3.81 3.97
CA LEU C 1075 97.23 3.44 3.06
C LEU C 1075 96.01 4.35 3.23
N VAL C 1076 95.63 4.57 4.48
CA VAL C 1076 94.46 5.39 4.83
C VAL C 1076 94.63 6.81 4.28
N ASN C 1077 95.86 7.28 4.27
CA ASN C 1077 96.16 8.61 3.78
C ASN C 1077 96.19 8.73 2.26
N GLN C 1078 96.09 7.59 1.57
CA GLN C 1078 96.05 7.57 0.11
C GLN C 1078 94.63 7.48 -0.44
N ARG C 1079 93.66 7.36 0.46
CA ARG C 1079 92.26 7.19 0.09
C ARG C 1079 91.71 8.38 -0.69
N TYR C 1080 90.80 8.07 -1.60
CA TYR C 1080 90.01 9.07 -2.30
C TYR C 1080 88.87 9.51 -1.37
N VAL C 1081 88.31 10.69 -1.64
CA VAL C 1081 87.28 11.32 -0.79
C VAL C 1081 86.06 10.43 -0.48
N THR C 1082 85.73 9.51 -1.37
CA THR C 1082 84.58 8.61 -1.20
C THR C 1082 84.76 7.54 -0.12
N GLY C 1083 86.00 7.30 0.30
CA GLY C 1083 86.30 6.23 1.25
C GLY C 1083 87.04 5.11 0.56
N SER C 1084 86.93 5.09 -0.77
CA SER C 1084 87.65 4.17 -1.64
C SER C 1084 89.02 4.74 -2.01
N PHE C 1085 89.73 4.03 -2.89
CA PHE C 1085 90.98 4.52 -3.46
C PHE C 1085 90.74 5.12 -4.86
N PRO C 1086 91.72 5.88 -5.38
CA PRO C 1086 91.57 6.63 -6.63
C PRO C 1086 91.16 5.79 -7.84
N ARG C 1087 91.60 4.54 -7.90
CA ARG C 1087 91.28 3.69 -9.05
C ARG C 1087 90.61 2.38 -8.67
N THR C 1088 90.55 1.45 -9.63
CA THR C 1088 89.82 0.21 -9.48
C THR C 1088 90.54 -0.81 -8.60
N GLN C 1089 91.67 -1.34 -9.08
CA GLN C 1089 92.38 -2.43 -8.41
C GLN C 1089 92.84 -2.08 -7.01
N ASP C 1090 93.47 -0.91 -6.86
CA ASP C 1090 93.88 -0.38 -5.54
C ASP C 1090 92.73 -0.37 -4.53
N THR C 1091 91.58 0.16 -4.93
CA THR C 1091 90.36 0.03 -4.12
C THR C 1091 90.15 -1.43 -3.74
N PHE C 1092 90.16 -2.32 -4.73
CA PHE C 1092 89.81 -3.73 -4.51
C PHE C 1092 90.74 -4.43 -3.51
N VAL C 1093 92.05 -4.29 -3.71
CA VAL C 1093 93.01 -4.92 -2.79
C VAL C 1093 93.15 -4.08 -1.52
N GLY C 1094 93.04 -2.75 -1.67
CA GLY C 1094 93.24 -1.82 -0.58
C GLY C 1094 92.20 -1.92 0.52
N LEU C 1095 90.94 -1.70 0.16
CA LEU C 1095 89.84 -1.85 1.10
C LEU C 1095 89.89 -3.20 1.77
N LYS C 1096 90.20 -4.24 0.99
CA LYS C 1096 90.34 -5.58 1.53
C LYS C 1096 91.37 -5.62 2.65
N ALA C 1097 92.56 -5.08 2.37
CA ALA C 1097 93.64 -5.04 3.34
C ALA C 1097 93.23 -4.26 4.60
N LEU C 1098 92.67 -3.08 4.41
CA LEU C 1098 92.30 -2.20 5.53
C LEU C 1098 91.28 -2.84 6.48
N THR C 1099 90.18 -3.35 5.92
CA THR C 1099 89.16 -4.02 6.73
C THR C 1099 89.72 -5.23 7.48
N LYS C 1100 90.65 -5.92 6.83
CA LYS C 1100 91.24 -7.14 7.38
C LYS C 1100 92.06 -6.86 8.64
N LEU C 1101 92.85 -5.80 8.61
CA LEU C 1101 93.65 -5.39 9.77
C LEU C 1101 92.77 -4.78 10.85
N ALA C 1102 91.85 -3.91 10.43
CA ALA C 1102 90.94 -3.22 11.34
C ALA C 1102 89.96 -4.14 12.04
N GLU C 1103 89.76 -5.34 11.48
CA GLU C 1103 89.02 -6.41 12.14
C GLU C 1103 89.76 -6.86 13.41
N LYS C 1104 91.09 -6.90 13.31
CA LYS C 1104 91.92 -7.49 14.33
C LYS C 1104 92.57 -6.46 15.26
N ILE C 1105 92.40 -5.17 14.97
CA ILE C 1105 92.99 -4.12 15.81
C ILE C 1105 91.98 -3.19 16.52
N SER C 1106 90.81 -2.98 15.93
CA SER C 1106 89.78 -2.11 16.52
C SER C 1106 89.18 -2.69 17.80
N PRO C 1107 89.07 -1.86 18.85
CA PRO C 1107 88.54 -2.27 20.15
C PRO C 1107 87.08 -2.72 20.08
N SER C 1108 86.66 -3.54 21.03
CA SER C 1108 85.30 -4.07 21.04
C SER C 1108 84.25 -2.98 21.21
N ARG C 1109 84.61 -1.89 21.87
CA ARG C 1109 83.67 -0.79 22.11
C ARG C 1109 84.31 0.58 21.89
N ASN C 1110 83.61 1.44 21.16
CA ASN C 1110 84.00 2.82 20.98
C ASN C 1110 83.37 3.72 22.04
N ASP C 1111 84.22 4.41 22.81
CA ASP C 1111 83.77 5.41 23.76
C ASP C 1111 84.82 6.50 23.83
N TYR C 1112 84.63 7.57 23.06
CA TYR C 1112 85.61 8.65 23.01
C TYR C 1112 84.99 9.97 22.58
N THR C 1113 85.74 11.05 22.79
CA THR C 1113 85.31 12.39 22.40
C THR C 1113 86.37 13.04 21.55
N VAL C 1114 85.92 13.67 20.48
CA VAL C 1114 86.82 14.37 19.56
C VAL C 1114 86.61 15.87 19.70
N GLN C 1115 87.65 16.57 20.15
CA GLN C 1115 87.63 18.03 20.28
C GLN C 1115 88.33 18.69 19.09
N LEU C 1116 87.64 19.63 18.47
CA LEU C 1116 88.13 20.30 17.27
C LEU C 1116 88.37 21.79 17.53
N LYS C 1117 89.62 22.18 17.71
CA LYS C 1117 89.98 23.58 17.94
C LYS C 1117 90.50 24.23 16.67
N TYR C 1118 89.92 25.39 16.30
CA TYR C 1118 90.34 26.15 15.11
C TYR C 1118 89.90 27.62 15.21
N LYS C 1119 90.62 28.50 14.51
CA LYS C 1119 90.35 29.95 14.44
C LYS C 1119 89.94 30.57 15.79
N LYS C 1120 88.64 30.53 16.10
CA LYS C 1120 88.14 30.95 17.41
C LYS C 1120 87.36 29.82 18.09
N ASN C 1121 86.60 29.06 17.28
CA ASN C 1121 85.66 28.07 17.79
C ASN C 1121 86.29 26.76 18.22
N THR C 1122 85.57 26.01 19.05
CA THR C 1122 85.90 24.63 19.35
C THR C 1122 84.63 23.78 19.25
N LYS C 1123 84.62 22.82 18.33
CA LYS C 1123 83.47 21.91 18.13
C LYS C 1123 83.72 20.54 18.78
N TYR C 1124 82.64 19.89 19.19
CA TYR C 1124 82.73 18.63 19.94
C TYR C 1124 81.96 17.50 19.27
N PHE C 1125 82.61 16.35 19.11
CA PHE C 1125 81.96 15.15 18.59
C PHE C 1125 82.05 13.99 19.55
N ASN C 1126 80.95 13.25 19.69
CA ASN C 1126 80.90 12.12 20.61
C ASN C 1126 80.53 10.79 19.95
N ILE C 1127 81.36 9.78 20.19
CA ILE C 1127 81.10 8.43 19.73
C ILE C 1127 81.01 7.52 20.94
N ASN C 1128 79.89 6.83 21.08
CA ASN C 1128 79.67 5.90 22.18
C ASN C 1128 79.09 4.57 21.75
N SER C 1129 78.64 4.48 20.51
CA SER C 1129 78.19 3.22 19.96
C SER C 1129 79.06 2.81 18.77
N GLU C 1130 80.03 1.94 19.05
CA GLU C 1130 80.88 1.34 18.04
C GLU C 1130 80.02 0.65 16.99
N GLN C 1131 78.82 0.26 17.41
CA GLN C 1131 77.87 -0.45 16.57
C GLN C 1131 77.61 0.34 15.27
N ILE C 1132 76.94 1.47 15.42
CA ILE C 1132 76.39 2.23 14.29
C ILE C 1132 77.45 2.60 13.22
N ASP C 1133 77.07 2.39 11.95
CA ASP C 1133 77.88 2.75 10.79
C ASP C 1133 77.41 4.02 10.09
N VAL C 1134 76.17 4.03 9.58
CA VAL C 1134 75.59 5.24 8.98
C VAL C 1134 75.49 6.26 10.11
N GLN C 1135 76.48 7.14 10.17
CA GLN C 1135 76.66 8.04 11.28
C GLN C 1135 77.57 9.16 10.82
N ASN C 1136 76.97 10.30 10.47
CA ASN C 1136 77.70 11.36 9.80
C ASN C 1136 78.13 12.49 10.72
N PHE C 1137 79.40 12.91 10.59
CA PHE C 1137 79.94 14.04 11.35
C PHE C 1137 80.73 15.01 10.47
N LEU C 1138 80.04 16.04 10.01
CA LEU C 1138 80.65 17.09 9.18
C LEU C 1138 81.10 18.24 10.06
N GLU C 1139 81.37 19.37 9.40
CA GLU C 1139 81.79 20.64 9.99
C GLU C 1139 82.60 21.28 8.88
N ILE C 1140 82.21 22.48 8.47
CA ILE C 1140 82.90 23.15 7.37
C ILE C 1140 83.86 24.23 7.92
N PRO C 1141 85.16 23.90 8.07
CA PRO C 1141 86.09 24.95 8.44
C PRO C 1141 86.20 25.98 7.32
N GLU C 1142 86.12 27.25 7.67
CA GLU C 1142 86.35 28.32 6.71
C GLU C 1142 87.84 28.31 6.37
N ASP C 1143 88.24 29.03 5.31
CA ASP C 1143 89.64 29.12 4.90
C ASP C 1143 90.55 29.66 6.02
N THR C 1144 90.98 28.74 6.89
CA THR C 1144 91.75 29.07 8.09
C THR C 1144 93.24 28.75 7.90
N LYS C 1145 93.90 28.35 8.98
CA LYS C 1145 95.35 28.12 8.96
C LYS C 1145 95.72 26.74 9.50
N LYS C 1146 95.93 26.65 10.81
CA LYS C 1146 96.20 25.39 11.48
C LYS C 1146 94.87 24.79 11.94
N LEU C 1147 94.92 23.52 12.34
CA LEU C 1147 93.74 22.81 12.80
C LEU C 1147 94.21 21.76 13.81
N GLU C 1148 93.56 21.72 14.96
CA GLU C 1148 94.03 20.93 16.09
C GLU C 1148 92.94 20.05 16.70
N ILE C 1149 93.12 18.74 16.56
CA ILE C 1149 92.10 17.78 16.98
C ILE C 1149 92.57 16.97 18.17
N ASN C 1150 91.72 16.89 19.19
CA ASN C 1150 92.05 16.20 20.44
C ASN C 1150 91.12 15.02 20.70
N VAL C 1151 91.67 13.83 20.55
CA VAL C 1151 90.91 12.59 20.74
C VAL C 1151 91.20 12.02 22.11
N GLY C 1152 90.15 11.77 22.88
CA GLY C 1152 90.31 11.22 24.22
C GLY C 1152 89.38 10.06 24.47
N GLY C 1153 89.95 8.89 24.76
CA GLY C 1153 89.16 7.73 25.13
C GLY C 1153 89.60 6.41 24.51
N ILE C 1154 88.63 5.52 24.31
CA ILE C 1154 88.87 4.19 23.75
C ILE C 1154 88.07 4.02 22.45
N GLY C 1155 88.72 3.51 21.41
CA GLY C 1155 88.02 3.18 20.17
C GLY C 1155 88.76 3.34 18.86
N PHE C 1156 88.01 3.22 17.77
CA PHE C 1156 88.54 3.38 16.42
C PHE C 1156 87.94 4.62 15.77
N GLY C 1157 88.70 5.26 14.89
CA GLY C 1157 88.22 6.43 14.18
C GLY C 1157 89.15 6.91 13.08
N LEU C 1158 88.57 7.63 12.12
CA LEU C 1158 89.32 8.27 11.06
C LEU C 1158 89.02 9.76 11.08
N LEU C 1159 90.07 10.57 11.09
CA LEU C 1159 89.93 12.03 11.03
C LEU C 1159 90.30 12.54 9.63
N GLU C 1160 89.28 12.74 8.81
CA GLU C 1160 89.46 13.17 7.42
C GLU C 1160 89.34 14.69 7.28
N VAL C 1161 90.19 15.28 6.46
CA VAL C 1161 90.12 16.70 6.13
C VAL C 1161 90.14 16.84 4.60
N ILE C 1162 89.02 17.24 4.03
CA ILE C 1162 88.83 17.22 2.58
C ILE C 1162 88.94 18.59 1.91
N TYR C 1163 90.06 18.83 1.23
CA TYR C 1163 90.24 20.07 0.46
C TYR C 1163 89.64 19.90 -0.92
N GLN C 1164 88.74 20.82 -1.28
CA GLN C 1164 88.15 20.81 -2.61
C GLN C 1164 88.58 22.04 -3.38
N PHE C 1165 88.91 21.84 -4.66
CA PHE C 1165 89.52 22.89 -5.46
C PHE C 1165 88.70 23.33 -6.66
N ASP C 1166 88.50 24.64 -6.75
CA ASP C 1166 88.12 25.29 -7.99
C ASP C 1166 89.37 26.04 -8.43
N LEU C 1167 90.03 25.53 -9.46
CA LEU C 1167 91.26 26.14 -9.98
C LEU C 1167 91.02 26.73 -11.37
N ASN C 1168 92.00 27.46 -11.87
CA ASN C 1168 91.94 27.98 -13.23
C ASN C 1168 92.25 26.87 -14.23
N LEU C 1169 91.45 26.81 -15.29
CA LEU C 1169 91.64 25.83 -16.34
C LEU C 1169 92.80 26.25 -17.24
N VAL C 1170 93.85 25.44 -17.24
CA VAL C 1170 95.07 25.75 -17.99
C VAL C 1170 95.70 24.47 -18.55
N ASN C 1171 96.44 24.61 -19.65
CA ASN C 1171 97.10 23.47 -20.30
C ASN C 1171 98.18 22.84 -19.44
N PHE C 1172 98.23 21.51 -19.46
CA PHE C 1172 99.23 20.77 -18.73
C PHE C 1172 99.58 19.50 -19.49
N GLU C 1173 100.86 19.17 -19.52
CA GLU C 1173 101.32 17.91 -20.12
C GLU C 1173 102.32 17.21 -19.21
N HIS C 1174 102.11 15.93 -18.98
CA HIS C 1174 103.06 15.12 -18.23
C HIS C 1174 103.06 13.72 -18.74
N ARG C 1175 104.08 13.43 -19.55
CA ARG C 1175 104.31 12.09 -20.14
C ARG C 1175 103.23 11.65 -21.15
N PHE C 1176 102.35 12.57 -21.50
CA PHE C 1176 101.44 12.42 -22.64
C PHE C 1176 101.54 13.70 -23.44
N LYS C 1177 101.45 13.58 -24.77
CA LYS C 1177 101.39 14.77 -25.60
C LYS C 1177 100.07 14.80 -26.35
N LEU C 1178 99.23 15.77 -25.99
CA LEU C 1178 97.90 15.91 -26.55
C LEU C 1178 97.83 17.21 -27.34
N ASP C 1179 97.15 17.17 -28.48
CA ASP C 1179 96.99 18.35 -29.33
C ASP C 1179 95.59 18.44 -29.92
N LEU C 1180 95.09 19.67 -30.02
CA LEU C 1180 93.74 19.93 -30.49
C LEU C 1180 93.73 20.84 -31.73
N GLU C 1181 92.84 20.53 -32.67
CA GLU C 1181 92.66 21.37 -33.85
C GLU C 1181 91.21 21.37 -34.35
N LYS C 1182 90.55 22.52 -34.22
CA LYS C 1182 89.17 22.68 -34.66
C LYS C 1182 89.12 22.93 -36.17
N GLN C 1183 88.88 21.88 -36.94
CA GLN C 1183 88.77 21.95 -38.40
C GLN C 1183 87.57 22.78 -38.82
N ASN C 1184 87.61 23.36 -40.02
CA ASN C 1184 86.49 24.13 -40.56
C ASN C 1184 85.35 23.25 -41.06
N THR C 1185 84.12 23.62 -40.75
CA THR C 1185 82.94 22.88 -41.23
C THR C 1185 82.11 23.70 -42.21
N GLY C 1186 82.18 25.03 -42.07
CA GLY C 1186 81.36 25.93 -42.87
C GLY C 1186 79.94 26.07 -42.33
N SER C 1187 79.80 25.87 -41.01
CA SER C 1187 78.54 26.05 -40.30
C SER C 1187 78.79 26.37 -38.83
N ASP C 1188 78.17 27.44 -38.35
CA ASP C 1188 78.28 27.87 -36.95
C ASP C 1188 77.78 26.79 -35.99
N TYR C 1189 76.84 25.98 -36.48
CA TYR C 1189 76.11 25.01 -35.67
C TYR C 1189 76.72 23.61 -35.73
N GLU C 1190 78.01 23.55 -36.05
CA GLU C 1190 78.73 22.28 -36.12
C GLU C 1190 80.19 22.47 -35.71
N LEU C 1191 80.60 21.75 -34.68
CA LEU C 1191 82.00 21.71 -34.26
C LEU C 1191 82.59 20.34 -34.58
N ARG C 1192 83.71 20.36 -35.28
CA ARG C 1192 84.51 19.16 -35.48
C ARG C 1192 85.89 19.42 -34.91
N LEU C 1193 86.31 18.57 -33.98
CA LEU C 1193 87.57 18.75 -33.30
C LEU C 1193 88.51 17.57 -33.60
N ARG C 1194 89.69 17.88 -34.15
CA ARG C 1194 90.74 16.87 -34.34
C ARG C 1194 91.62 16.79 -33.10
N VAL C 1195 91.71 15.59 -32.55
CA VAL C 1195 92.42 15.35 -31.29
C VAL C 1195 93.59 14.42 -31.58
N CYS C 1196 94.76 14.73 -31.03
CA CYS C 1196 95.94 13.90 -31.22
C CYS C 1196 96.72 13.64 -29.93
N ALA C 1197 96.83 12.36 -29.58
CA ALA C 1197 97.44 11.96 -28.31
C ALA C 1197 98.43 10.80 -28.44
N ASN C 1198 99.61 10.99 -27.86
CA ASN C 1198 100.66 9.98 -27.82
C ASN C 1198 101.47 10.01 -26.53
N TYR C 1199 101.98 8.85 -26.14
CA TYR C 1199 102.73 8.69 -24.91
C TYR C 1199 104.16 9.19 -25.08
N ILE C 1200 104.65 9.95 -24.09
CA ILE C 1200 106.06 10.34 -24.04
C ILE C 1200 106.85 9.30 -23.23
N PRO C 1201 107.63 8.45 -23.93
CA PRO C 1201 108.33 7.35 -23.28
C PRO C 1201 109.49 7.84 -22.42
N GLU C 1202 109.95 6.98 -21.51
CA GLU C 1202 111.12 7.25 -20.68
C GLU C 1202 111.85 5.98 -20.30
N LEU C 1203 113.09 5.86 -20.79
CA LEU C 1203 113.98 4.73 -20.46
C LEU C 1203 113.36 3.40 -20.89
N THR C 1204 113.17 2.48 -19.95
CA THR C 1204 112.50 1.20 -20.21
C THR C 1204 111.00 1.33 -20.49
N ASP C 1205 110.39 2.38 -19.94
CA ASP C 1205 108.95 2.63 -20.03
C ASP C 1205 108.59 3.42 -21.29
N SER C 1206 108.28 2.70 -22.37
CA SER C 1206 108.03 3.34 -23.66
C SER C 1206 106.58 3.22 -24.11
N GLN C 1207 105.73 2.73 -23.20
CA GLN C 1207 104.34 2.41 -23.48
C GLN C 1207 103.52 2.57 -22.20
N SER C 1208 102.30 3.11 -22.32
CA SER C 1208 101.43 3.33 -21.14
C SER C 1208 100.54 2.14 -20.80
N ASN C 1209 99.80 2.26 -19.70
CA ASN C 1209 98.72 1.33 -19.34
C ASN C 1209 97.47 1.65 -20.14
N MET C 1210 96.35 0.99 -19.83
CA MET C 1210 95.07 1.27 -20.48
C MET C 1210 94.73 2.76 -20.40
N ALA C 1211 94.82 3.45 -21.53
CA ALA C 1211 94.65 4.91 -21.55
C ALA C 1211 93.27 5.33 -22.04
N LEU C 1212 92.71 6.37 -21.41
CA LEU C 1212 91.43 6.92 -21.84
C LEU C 1212 91.56 8.35 -22.29
N ILE C 1213 90.68 8.78 -23.18
CA ILE C 1213 90.57 10.18 -23.56
C ILE C 1213 89.12 10.64 -23.31
N GLU C 1214 88.97 11.71 -22.55
CA GLU C 1214 87.66 12.33 -22.39
C GLU C 1214 87.59 13.62 -23.19
N VAL C 1215 86.47 13.81 -23.88
CA VAL C 1215 86.23 15.03 -24.61
C VAL C 1215 85.03 15.74 -23.99
N THR C 1216 85.28 16.95 -23.49
CA THR C 1216 84.20 17.79 -22.98
C THR C 1216 83.84 18.82 -24.02
N LEU C 1217 82.54 19.08 -24.18
CA LEU C 1217 82.08 20.04 -25.16
C LEU C 1217 81.70 21.36 -24.51
N PRO C 1218 81.83 22.49 -25.24
CA PRO C 1218 81.40 23.79 -24.73
C PRO C 1218 79.91 23.79 -24.49
N SER C 1219 79.47 24.44 -23.42
CA SER C 1219 78.06 24.42 -23.04
C SER C 1219 77.13 24.67 -24.22
N GLY C 1220 76.12 23.81 -24.36
CA GLY C 1220 75.14 23.94 -25.44
C GLY C 1220 75.33 22.93 -26.58
N TYR C 1221 76.57 22.51 -26.78
CA TYR C 1221 76.88 21.55 -27.84
C TYR C 1221 76.48 20.14 -27.44
N VAL C 1222 76.18 19.31 -28.41
CA VAL C 1222 75.77 17.92 -28.17
C VAL C 1222 76.33 17.02 -29.28
N VAL C 1223 76.92 15.89 -28.91
CA VAL C 1223 77.40 14.91 -29.89
C VAL C 1223 76.26 14.05 -30.43
N ASP C 1224 76.35 13.72 -31.72
CA ASP C 1224 75.34 12.92 -32.40
C ASP C 1224 75.41 11.44 -31.98
N ARG C 1225 74.92 10.55 -32.84
CA ARG C 1225 74.95 9.10 -32.58
C ARG C 1225 76.38 8.54 -32.54
N ASN C 1226 77.08 8.57 -33.68
CA ASN C 1226 78.47 8.12 -33.79
C ASN C 1226 79.36 9.30 -34.18
N PRO C 1227 79.77 10.12 -33.19
CA PRO C 1227 80.43 11.40 -33.46
C PRO C 1227 81.90 11.30 -33.85
N ILE C 1228 82.48 10.10 -33.76
CA ILE C 1228 83.91 9.86 -34.01
C ILE C 1228 84.19 9.46 -35.46
N SER C 1229 85.25 10.05 -36.02
CA SER C 1229 85.73 9.77 -37.38
C SER C 1229 87.24 9.99 -37.47
N GLU C 1230 87.83 9.73 -38.65
CA GLU C 1230 89.27 9.88 -38.91
C GLU C 1230 90.14 8.97 -38.01
N GLN C 1231 89.51 7.98 -37.38
CA GLN C 1231 90.18 7.16 -36.37
C GLN C 1231 91.44 6.49 -36.94
N THR C 1232 92.57 6.66 -36.25
CA THR C 1232 93.83 6.01 -36.64
C THR C 1232 93.78 4.51 -36.31
N THR C 1233 94.48 3.70 -37.11
CA THR C 1233 94.52 2.26 -36.91
C THR C 1233 95.83 1.79 -36.27
N VAL C 1234 96.67 2.75 -35.88
CA VAL C 1234 97.88 2.50 -35.10
C VAL C 1234 97.50 1.86 -33.75
N ASN C 1235 96.77 2.61 -32.93
CA ASN C 1235 96.05 2.07 -31.76
C ASN C 1235 94.56 2.38 -31.82
N PRO C 1236 93.72 1.34 -32.00
CA PRO C 1236 92.28 1.50 -32.20
C PRO C 1236 91.50 1.70 -30.90
N ILE C 1237 90.53 2.60 -30.94
CA ILE C 1237 89.60 2.83 -29.83
C ILE C 1237 88.79 1.55 -29.54
N GLN C 1238 89.14 0.88 -28.46
CA GLN C 1238 88.50 -0.38 -28.07
C GLN C 1238 87.09 -0.20 -27.57
N ASN C 1239 86.77 1.01 -27.11
CA ASN C 1239 85.47 1.31 -26.54
C ASN C 1239 85.14 2.79 -26.52
N MET C 1240 83.87 3.08 -26.78
CA MET C 1240 83.35 4.44 -26.77
C MET C 1240 82.26 4.56 -25.72
N GLU C 1241 82.19 5.72 -25.09
CA GLU C 1241 81.16 6.00 -24.11
C GLU C 1241 80.72 7.43 -24.32
N ILE C 1242 79.46 7.59 -24.72
CA ILE C 1242 78.82 8.90 -24.77
C ILE C 1242 77.94 9.00 -23.53
N ARG C 1243 78.36 9.85 -22.61
CA ARG C 1243 77.68 10.01 -21.34
C ARG C 1243 77.31 11.48 -21.14
N TYR C 1244 76.57 11.75 -20.06
CA TYR C 1244 76.19 13.11 -19.69
C TYR C 1244 75.41 13.83 -20.80
N GLY C 1245 74.32 13.20 -21.24
CA GLY C 1245 73.51 13.75 -22.34
C GLY C 1245 74.32 14.39 -23.45
N GLY C 1246 75.27 13.64 -23.99
CA GLY C 1246 76.13 14.11 -25.06
C GLY C 1246 76.96 15.35 -24.75
N THR C 1247 77.48 15.45 -23.53
CA THR C 1247 78.42 16.50 -23.19
C THR C 1247 79.84 15.94 -23.25
N SER C 1248 79.94 14.64 -22.95
CA SER C 1248 81.21 14.00 -22.73
C SER C 1248 81.32 12.73 -23.55
N VAL C 1249 82.45 12.58 -24.25
CA VAL C 1249 82.77 11.34 -24.92
C VAL C 1249 84.03 10.74 -24.29
N VAL C 1250 83.92 9.50 -23.85
CA VAL C 1250 85.04 8.78 -23.25
C VAL C 1250 85.53 7.71 -24.22
N LEU C 1251 86.85 7.59 -24.36
CA LEU C 1251 87.44 6.71 -25.38
C LEU C 1251 88.54 5.81 -24.83
N TYR C 1252 88.20 4.54 -24.65
CA TYR C 1252 89.10 3.57 -24.06
C TYR C 1252 90.09 3.00 -25.08
N TYR C 1253 91.38 3.20 -24.86
CA TYR C 1253 92.44 2.55 -25.64
C TYR C 1253 93.08 1.40 -24.86
N TYR C 1254 93.82 0.54 -25.56
CA TYR C 1254 94.58 -0.55 -24.94
C TYR C 1254 95.82 -0.05 -24.22
N LYS C 1255 96.46 0.95 -24.83
CA LYS C 1255 97.76 1.49 -24.41
C LYS C 1255 98.14 2.57 -25.42
N MET C 1256 99.16 3.37 -25.09
CA MET C 1256 99.67 4.36 -26.05
C MET C 1256 101.20 4.35 -26.12
N GLY C 1257 101.71 4.39 -27.35
CA GLY C 1257 103.15 4.49 -27.60
C GLY C 1257 103.50 5.90 -28.06
N THR C 1258 104.62 6.01 -28.76
CA THR C 1258 105.05 7.30 -29.31
C THR C 1258 104.24 7.63 -30.56
N GLU C 1259 103.77 6.58 -31.25
CA GLU C 1259 102.96 6.71 -32.44
C GLU C 1259 101.66 7.43 -32.08
N ARG C 1260 101.38 8.53 -32.81
CA ARG C 1260 100.22 9.39 -32.56
C ARG C 1260 98.90 8.64 -32.76
N ASN C 1261 98.06 8.67 -31.73
CA ASN C 1261 96.70 8.13 -31.81
C ASN C 1261 95.70 9.27 -31.91
N CYS C 1262 94.97 9.32 -33.03
CA CYS C 1262 94.09 10.45 -33.31
C CYS C 1262 92.66 10.05 -33.69
N PHE C 1263 91.79 11.06 -33.74
CA PHE C 1263 90.38 10.93 -34.11
C PHE C 1263 89.76 12.32 -34.33
N THR C 1264 88.49 12.35 -34.73
CA THR C 1264 87.78 13.61 -34.93
C THR C 1264 86.33 13.53 -34.42
N VAL C 1265 85.97 14.46 -33.54
CA VAL C 1265 84.63 14.50 -32.93
C VAL C 1265 83.73 15.43 -33.73
N THR C 1266 82.46 15.07 -33.84
CA THR C 1266 81.47 15.91 -34.51
C THR C 1266 80.32 16.26 -33.56
N ALA C 1267 80.30 17.52 -33.12
CA ALA C 1267 79.26 18.01 -32.22
C ALA C 1267 78.41 19.09 -32.90
N TYR C 1268 77.20 19.32 -32.38
CA TYR C 1268 76.31 20.34 -32.91
C TYR C 1268 75.84 21.27 -31.82
N ARG C 1269 75.91 22.58 -32.07
CA ARG C 1269 75.35 23.58 -31.16
C ARG C 1269 73.82 23.49 -31.16
N ARG C 1270 73.26 22.94 -30.08
CA ARG C 1270 71.82 22.65 -30.01
C ARG C 1270 71.06 23.51 -29.01
N PHE C 1271 71.78 24.29 -28.22
CA PHE C 1271 71.15 25.20 -27.26
C PHE C 1271 71.80 26.57 -27.34
N LYS C 1272 71.00 27.61 -27.14
CA LYS C 1272 71.50 28.97 -27.19
C LYS C 1272 72.19 29.31 -25.88
N VAL C 1273 73.52 29.31 -25.90
CA VAL C 1273 74.33 29.69 -24.73
C VAL C 1273 75.34 30.79 -25.09
N ALA C 1274 75.30 31.88 -24.34
CA ALA C 1274 76.13 33.06 -24.59
C ALA C 1274 77.17 33.30 -23.49
N LEU C 1275 78.26 33.99 -23.87
CA LEU C 1275 79.43 34.24 -23.00
C LEU C 1275 80.10 32.93 -22.58
N LYS C 1276 80.20 32.01 -23.55
CA LYS C 1276 80.65 30.65 -23.29
C LYS C 1276 82.08 30.56 -22.76
N ARG C 1277 82.25 29.90 -21.63
CA ARG C 1277 83.57 29.61 -21.09
C ARG C 1277 84.17 28.38 -21.77
N PRO C 1278 85.52 28.34 -21.93
CA PRO C 1278 86.21 27.31 -22.70
C PRO C 1278 86.04 25.89 -22.17
N ALA C 1279 86.12 24.92 -23.08
CA ALA C 1279 86.08 23.50 -22.73
C ALA C 1279 87.50 22.92 -22.78
N TYR C 1280 87.61 21.61 -22.54
CA TYR C 1280 88.92 20.91 -22.53
C TYR C 1280 88.84 19.47 -23.01
N VAL C 1281 90.01 18.92 -23.34
CA VAL C 1281 90.14 17.49 -23.64
C VAL C 1281 91.23 16.93 -22.72
N VAL C 1282 91.04 15.70 -22.25
CA VAL C 1282 92.02 15.07 -21.36
C VAL C 1282 92.42 13.68 -21.81
N VAL C 1283 93.71 13.37 -21.67
CA VAL C 1283 94.25 12.03 -21.89
C VAL C 1283 94.88 11.61 -20.60
N TYR C 1284 94.74 10.34 -20.25
CA TYR C 1284 95.41 9.82 -19.06
C TYR C 1284 95.66 8.33 -19.10
N ASP C 1285 96.71 7.92 -18.40
CA ASP C 1285 96.89 6.54 -18.03
C ASP C 1285 95.82 6.26 -16.99
N TYR C 1286 95.27 5.05 -17.01
CA TYR C 1286 94.24 4.69 -16.04
C TYR C 1286 94.81 4.43 -14.65
N TYR C 1287 95.76 3.50 -14.58
CA TYR C 1287 96.30 3.01 -13.30
C TYR C 1287 97.49 3.82 -12.78
N ASN C 1288 97.84 4.90 -13.48
CA ASN C 1288 98.88 5.81 -13.01
C ASN C 1288 98.35 7.24 -12.99
N THR C 1289 98.08 7.74 -11.78
CA THR C 1289 97.53 9.08 -11.60
C THR C 1289 98.37 10.16 -12.29
N ASN C 1290 99.68 10.13 -12.06
CA ASN C 1290 100.60 11.20 -12.47
C ASN C 1290 100.72 11.45 -13.97
N LEU C 1291 100.46 10.43 -14.79
CA LEU C 1291 100.61 10.55 -16.23
C LEU C 1291 99.31 10.98 -16.89
N ASN C 1292 99.24 12.26 -17.28
CA ASN C 1292 98.06 12.83 -17.91
C ASN C 1292 98.34 14.15 -18.63
N ALA C 1293 97.44 14.51 -19.53
CA ALA C 1293 97.56 15.75 -20.31
C ALA C 1293 96.19 16.37 -20.52
N ILE C 1294 96.10 17.67 -20.27
CA ILE C 1294 94.87 18.43 -20.47
C ILE C 1294 95.11 19.62 -21.41
N LYS C 1295 94.18 19.82 -22.34
CA LYS C 1295 94.29 20.88 -23.35
C LYS C 1295 92.98 21.65 -23.53
N VAL C 1296 93.04 22.97 -23.39
CA VAL C 1296 91.83 23.82 -23.49
C VAL C 1296 91.54 24.23 -24.92
N TYR C 1297 90.25 24.43 -25.23
CA TYR C 1297 89.85 24.91 -26.55
C TYR C 1297 88.60 25.78 -26.47
N GLU C 1298 88.59 26.85 -27.27
CA GLU C 1298 87.50 27.81 -27.27
C GLU C 1298 86.67 27.73 -28.54
N VAL C 1299 85.36 27.76 -28.38
CA VAL C 1299 84.44 27.94 -29.49
C VAL C 1299 83.99 29.40 -29.46
N ASP C 1300 83.42 29.88 -30.56
CA ASP C 1300 82.87 31.22 -30.66
C ASP C 1300 81.97 31.54 -29.46
N LYS C 1301 82.54 32.21 -28.46
CA LYS C 1301 81.80 32.63 -27.26
C LYS C 1301 80.80 33.72 -27.64
N GLN C 1302 79.54 33.33 -27.77
CA GLN C 1302 78.50 34.24 -28.27
C GLN C 1302 78.10 35.34 -27.27
N ASN C 1303 77.46 36.39 -27.76
CA ASN C 1303 77.02 37.51 -26.93
C ASN C 1303 75.52 37.49 -26.60
N VAL C 1304 75.15 38.21 -25.54
CA VAL C 1304 73.76 38.22 -25.05
C VAL C 1304 72.73 38.67 -26.09
N CYS C 1305 73.10 39.63 -26.94
CA CYS C 1305 72.19 40.17 -27.95
C CYS C 1305 71.95 39.17 -29.08
N GLU C 1306 72.89 38.25 -29.26
CA GLU C 1306 72.83 37.25 -30.30
C GLU C 1306 71.84 36.14 -29.96
N ILE C 1307 71.19 36.27 -28.80
CA ILE C 1307 70.50 35.14 -28.18
C ILE C 1307 69.16 35.47 -27.52
N CYS C 1308 69.04 36.66 -26.93
CA CYS C 1308 67.87 37.03 -26.14
C CYS C 1308 66.61 37.29 -26.96
N GLU C 1309 65.46 36.99 -26.36
CA GLU C 1309 64.17 37.40 -26.92
C GLU C 1309 63.93 38.85 -26.52
N GLU C 1310 63.35 39.64 -27.43
CA GLU C 1310 63.21 41.10 -27.28
C GLU C 1310 62.91 41.62 -25.86
N GLU C 1311 62.03 40.93 -25.14
CA GLU C 1311 61.65 41.31 -23.78
C GLU C 1311 62.83 41.29 -22.79
N ASP C 1312 63.65 40.24 -22.87
CA ASP C 1312 64.74 40.01 -21.92
C ASP C 1312 66.05 40.72 -22.27
N CYS C 1313 66.09 41.38 -23.42
CA CYS C 1313 67.32 41.96 -23.94
C CYS C 1313 67.79 43.20 -23.17
N PRO C 1314 69.12 43.31 -22.93
CA PRO C 1314 69.68 44.53 -22.35
C PRO C 1314 69.57 45.71 -23.32
N ALA C 1315 69.75 46.92 -22.79
CA ALA C 1315 69.65 48.15 -23.59
C ALA C 1315 70.64 48.17 -24.76
N GLU C 1316 71.84 47.63 -24.53
CA GLU C 1316 72.92 47.62 -25.52
C GLU C 1316 72.59 46.91 -26.84
N CYS C 1317 71.40 46.35 -26.95
CA CYS C 1317 70.93 45.72 -28.19
C CYS C 1317 69.93 46.63 -28.90
#